data_5SWZ
#
_entry.id   5SWZ
#
_cell.length_a   92.231
_cell.length_b   100.185
_cell.length_c   469.456
_cell.angle_alpha   90.00
_cell.angle_beta   90.00
_cell.angle_gamma   90.00
#
_symmetry.space_group_name_H-M   'P 21 21 21'
#
loop_
_entity.id
_entity.type
_entity.pdbx_description
1 polymer 'H-2 class I histocompatibility antigen, D-B alpha chain'
2 polymer Beta-2-microglobulin
3 polymer 'influenza NP366 epitope'
4 polymer 'NP1-B17 TCR alpha chain'
5 polymer 'NP1-B17 TCR beta chain'
6 non-polymer 'SULFATE ION'
7 non-polymer 'SODIUM ION'
8 water water
#
loop_
_entity_poly.entity_id
_entity_poly.type
_entity_poly.pdbx_seq_one_letter_code
_entity_poly.pdbx_strand_id
1 'polypeptide(L)'
;GPHSMRYFETAVSRPGLEEPRYISVGYVDNKEFVRFDSDAENPRYEPRAPWMEQEGPEYWERETQKAKGQEQWFRVSLRN
LLGYYNQSAGGSHTLQQMSGCDLGSDWRLLRGYLQFAYEGRDYIALNEDLKTWTAADMAAQITRRKWEQSGAAEHYKAYL
EGECVEWLHRYLKNGNATLLRTDSPKAHVTHHPRSKGEVTLRCWALGFYPADITLTWQLNGEELTQDMELVETRPAGDGT
FQKWASVVVPLGKEQNYTCRVYHEGLPEPLTLRWEPPPST
;
A,F,K,P
2 'polypeptide(L)'
;IQKTPQIQVYSRHPPENGKPNILNCYVTQFHPPHIEIQMLKNGKKIPKVEMSDMSFSKDWSFYILAHTEFTPTETDTYAC
RVKHASMAEPKTVYWDRDM
;
B,G,L,Q
3 'polypeptide(L)' ASNENMETM C,H,M,R
4 'polypeptide(L)'
;QQQVRQSPQSLTVWEGETAILNCSYEDSTFNYFPWYQQFPGEGPALLISIRSVSDKKEDGRFTIFFNKREKKLSLHITDS
QPGDSATYFCAASETSGSWQLIFGSGTTVSVSPNIQNPDPAVYQLRDSKSSDKSVCLFTDFDSQTNVSQSKDSDVYITDK
CVLDMRSMDFKSNSAVAWSNKSDFACANAFNNSIIPEDTFFPSPESS
;
D,I,N,S
5 'polypeptide(L)'
;DTTVKQNPRYKLARVGKPVNLICSQTMNHDTMYWYQKKPNQAPKLLLFYYDKILNREADTFEKFQSSRPNNSFCSLYIGS
AGLEYSAMYLCASSRDLGRDTQYFGPGTRLTVLEDLKNVFPPEVAVFEPSEAEISHTQKATLVCLATGFYPDHVELSWWV
NGKEVHSGVCTDPQPLKEQPALNDSRYALSSRLRVSATFWQNPRNHFRCQVQFYGLSENDEWTQDRAKPVTQIVSAEAWG
RAD
;
E,J,O,T
#
# COMPACT_ATOMS: atom_id res chain seq x y z
N GLY A 1 0.11 6.22 67.87
CA GLY A 1 0.07 6.14 66.42
C GLY A 1 0.08 4.72 65.89
N PRO A 2 -0.78 4.36 64.91
CA PRO A 2 -0.76 2.98 64.39
C PRO A 2 0.35 2.75 63.37
N HIS A 3 1.48 2.20 63.85
CA HIS A 3 2.66 1.88 63.03
C HIS A 3 2.64 0.41 62.65
N SER A 4 3.16 0.09 61.43
CA SER A 4 3.16 -1.29 60.95
C SER A 4 4.34 -1.62 60.05
N MET A 5 4.72 -2.92 60.04
CA MET A 5 5.75 -3.49 59.17
C MET A 5 5.15 -4.74 58.56
N ARG A 6 5.21 -4.84 57.22
CA ARG A 6 4.67 -5.98 56.48
C ARG A 6 5.61 -6.51 55.42
N TYR A 7 5.47 -7.81 55.10
CA TYR A 7 6.23 -8.49 54.06
C TYR A 7 5.27 -9.25 53.18
N PHE A 8 5.17 -8.80 51.92
CA PHE A 8 4.30 -9.35 50.90
C PHE A 8 5.13 -10.21 49.94
N GLU A 9 4.97 -11.54 50.07
CA GLU A 9 5.69 -12.53 49.26
C GLU A 9 4.79 -13.17 48.21
N THR A 10 5.34 -13.37 47.01
CA THR A 10 4.65 -13.97 45.86
C THR A 10 5.53 -15.02 45.21
N ALA A 11 4.94 -16.17 44.85
CA ALA A 11 5.63 -17.26 44.17
C ALA A 11 4.75 -17.81 43.05
N VAL A 12 5.15 -17.56 41.80
CA VAL A 12 4.42 -18.00 40.62
C VAL A 12 5.22 -19.11 39.95
N SER A 13 4.64 -20.33 39.90
CA SER A 13 5.29 -21.50 39.29
C SER A 13 5.46 -21.31 37.79
N ARG A 14 6.64 -21.69 37.28
N ARG A 14 6.64 -21.69 37.28
CA ARG A 14 7.00 -21.59 35.87
CA ARG A 14 7.00 -21.58 35.87
C ARG A 14 7.09 -23.00 35.26
C ARG A 14 7.09 -22.99 35.25
N PRO A 15 6.14 -23.39 34.37
CA PRO A 15 6.17 -24.74 33.79
C PRO A 15 7.38 -24.99 32.88
N GLY A 16 8.13 -26.03 33.20
CA GLY A 16 9.34 -26.42 32.49
C GLY A 16 10.62 -25.96 33.16
N LEU A 17 10.48 -25.15 34.23
CA LEU A 17 11.61 -24.62 35.02
C LEU A 17 11.55 -25.08 36.46
N GLU A 18 12.72 -25.35 37.07
CA GLU A 18 12.86 -25.83 38.45
C GLU A 18 12.42 -24.81 39.50
N GLU A 19 12.90 -23.57 39.39
CA GLU A 19 12.60 -22.48 40.33
C GLU A 19 11.43 -21.60 39.89
N PRO A 20 10.52 -21.22 40.81
CA PRO A 20 9.43 -20.33 40.42
C PRO A 20 9.88 -18.87 40.48
N ARG A 21 9.03 -17.94 40.03
CA ARG A 21 9.33 -16.51 40.12
C ARG A 21 9.00 -16.08 41.55
N TYR A 22 10.02 -15.64 42.29
CA TYR A 22 9.85 -15.20 43.67
C TYR A 22 10.02 -13.69 43.81
N ILE A 23 8.99 -13.05 44.38
CA ILE A 23 8.98 -11.61 44.63
C ILE A 23 8.69 -11.41 46.11
N SER A 24 9.54 -10.63 46.81
CA SER A 24 9.35 -10.31 48.22
C SER A 24 9.42 -8.80 48.38
N VAL A 25 8.31 -8.20 48.84
CA VAL A 25 8.18 -6.75 49.01
C VAL A 25 7.98 -6.39 50.48
N GLY A 26 8.83 -5.52 50.99
CA GLY A 26 8.76 -5.04 52.37
C GLY A 26 8.11 -3.69 52.47
N TYR A 27 7.23 -3.52 53.48
CA TYR A 27 6.51 -2.27 53.74
C TYR A 27 6.63 -1.81 55.18
N VAL A 28 6.79 -0.48 55.38
CA VAL A 28 6.81 0.18 56.68
C VAL A 28 5.80 1.33 56.58
N ASP A 29 4.67 1.22 57.32
CA ASP A 29 3.55 2.18 57.32
C ASP A 29 3.01 2.43 55.90
N ASN A 30 2.72 1.30 55.20
CA ASN A 30 2.19 1.20 53.83
C ASN A 30 3.13 1.84 52.77
N LYS A 31 4.44 1.93 53.08
CA LYS A 31 5.46 2.46 52.19
C LYS A 31 6.53 1.42 51.93
N GLU A 32 6.78 1.13 50.65
CA GLU A 32 7.78 0.18 50.17
C GLU A 32 9.18 0.67 50.55
N PHE A 33 9.95 -0.19 51.25
CA PHE A 33 11.31 0.15 51.68
C PHE A 33 12.36 -0.83 51.14
N VAL A 34 11.98 -2.12 51.00
CA VAL A 34 12.85 -3.18 50.47
C VAL A 34 12.12 -4.01 49.41
N ARG A 35 12.88 -4.56 48.45
CA ARG A 35 12.31 -5.38 47.38
C ARG A 35 13.29 -6.42 46.83
N PHE A 36 12.78 -7.63 46.58
CA PHE A 36 13.51 -8.75 46.00
C PHE A 36 12.72 -9.28 44.80
N ASP A 37 13.43 -9.55 43.70
CA ASP A 37 12.83 -10.11 42.49
C ASP A 37 13.81 -11.08 41.83
N SER A 38 13.35 -12.31 41.58
CA SER A 38 14.15 -13.35 40.94
C SER A 38 14.34 -13.10 39.44
N ASP A 39 13.41 -12.37 38.80
CA ASP A 39 13.44 -12.04 37.38
C ASP A 39 14.52 -11.00 37.01
N ALA A 40 15.06 -10.29 38.02
CA ALA A 40 16.11 -9.27 37.86
C ALA A 40 17.44 -9.90 37.43
N GLU A 41 18.31 -9.10 36.78
CA GLU A 41 19.64 -9.51 36.28
C GLU A 41 20.51 -10.04 37.42
N ASN A 42 20.49 -9.37 38.59
CA ASN A 42 21.20 -9.79 39.78
C ASN A 42 20.20 -9.87 40.94
N PRO A 43 19.69 -11.08 41.25
CA PRO A 43 18.66 -11.19 42.31
C PRO A 43 19.22 -10.97 43.72
N ARG A 44 18.84 -9.81 44.29
CA ARG A 44 19.24 -9.38 45.63
C ARG A 44 18.26 -8.36 46.18
N TYR A 45 18.28 -8.16 47.51
CA TYR A 45 17.39 -7.20 48.17
C TYR A 45 17.89 -5.79 47.87
N GLU A 46 17.01 -4.97 47.26
CA GLU A 46 17.34 -3.60 46.86
C GLU A 46 16.58 -2.56 47.69
N PRO A 47 17.21 -1.41 48.03
CA PRO A 47 16.49 -0.38 48.80
C PRO A 47 15.52 0.41 47.91
N ARG A 48 14.27 0.54 48.34
CA ARG A 48 13.23 1.26 47.60
C ARG A 48 12.87 2.59 48.25
N ALA A 49 13.35 2.81 49.49
CA ALA A 49 13.16 4.04 50.25
C ALA A 49 14.53 4.72 50.41
N PRO A 50 14.61 6.08 50.41
CA PRO A 50 15.93 6.73 50.54
C PRO A 50 16.66 6.48 51.86
N TRP A 51 15.92 6.45 52.99
CA TRP A 51 16.46 6.22 54.34
C TRP A 51 17.03 4.82 54.57
N MET A 52 16.77 3.88 53.63
CA MET A 52 17.25 2.49 53.70
C MET A 52 18.73 2.31 53.35
N GLU A 53 19.39 3.39 52.91
CA GLU A 53 20.81 3.39 52.55
C GLU A 53 21.73 3.35 53.77
N GLN A 54 21.18 3.67 54.97
CA GLN A 54 21.87 3.68 56.26
C GLN A 54 22.32 2.28 56.72
N GLU A 55 21.82 1.22 56.05
CA GLU A 55 22.14 -0.17 56.34
C GLU A 55 23.46 -0.62 55.74
N GLY A 56 24.24 -1.37 56.52
CA GLY A 56 25.54 -1.89 56.12
C GLY A 56 25.50 -3.04 55.14
N PRO A 57 26.68 -3.45 54.58
CA PRO A 57 26.71 -4.56 53.61
C PRO A 57 26.29 -5.92 54.18
N GLU A 58 26.54 -6.12 55.49
CA GLU A 58 26.22 -7.34 56.25
C GLU A 58 24.72 -7.61 56.30
N TYR A 59 23.91 -6.53 56.37
CA TYR A 59 22.46 -6.57 56.42
C TYR A 59 21.86 -7.08 55.10
N TRP A 60 22.28 -6.48 53.97
CA TRP A 60 21.80 -6.82 52.63
C TRP A 60 22.12 -8.25 52.21
N GLU A 61 23.32 -8.75 52.55
CA GLU A 61 23.77 -10.12 52.26
C GLU A 61 22.91 -11.13 53.05
N ARG A 62 22.62 -10.82 54.33
N ARG A 62 22.62 -10.82 54.33
CA ARG A 62 21.82 -11.66 55.24
CA ARG A 62 21.81 -11.64 55.24
C ARG A 62 20.36 -11.75 54.75
C ARG A 62 20.37 -11.75 54.75
N GLU A 63 19.81 -10.63 54.25
CA GLU A 63 18.43 -10.56 53.73
C GLU A 63 18.29 -11.29 52.39
N THR A 64 19.33 -11.23 51.53
CA THR A 64 19.37 -11.90 50.22
C THR A 64 19.37 -13.43 50.42
N GLN A 65 20.13 -13.92 51.42
CA GLN A 65 20.20 -15.35 51.76
C GLN A 65 18.85 -15.87 52.28
N LYS A 66 18.09 -15.00 52.99
CA LYS A 66 16.75 -15.31 53.49
C LYS A 66 15.81 -15.51 52.30
N ALA A 67 15.91 -14.62 51.29
CA ALA A 67 15.11 -14.65 50.06
C ALA A 67 15.43 -15.87 49.19
N LYS A 68 16.72 -16.26 49.13
CA LYS A 68 17.18 -17.44 48.37
C LYS A 68 16.64 -18.73 49.00
N GLY A 69 16.52 -18.73 50.33
CA GLY A 69 15.97 -19.84 51.10
C GLY A 69 14.47 -19.93 50.93
N GLN A 70 13.78 -18.76 51.00
CA GLN A 70 12.33 -18.63 50.81
C GLN A 70 11.92 -19.05 49.41
N GLU A 71 12.77 -18.77 48.40
CA GLU A 71 12.60 -19.13 47.00
C GLU A 71 12.47 -20.65 46.87
N GLN A 72 13.27 -21.39 47.68
CA GLN A 72 13.25 -22.85 47.71
C GLN A 72 12.08 -23.40 48.52
N TRP A 73 11.66 -22.69 49.60
CA TRP A 73 10.52 -23.07 50.46
C TRP A 73 9.24 -23.06 49.63
N PHE A 74 9.03 -21.97 48.87
CA PHE A 74 7.87 -21.78 48.00
C PHE A 74 7.86 -22.77 46.84
N ARG A 75 9.06 -23.15 46.34
CA ARG A 75 9.27 -24.12 45.25
C ARG A 75 8.74 -25.51 45.66
N VAL A 76 9.16 -26.00 46.84
CA VAL A 76 8.77 -27.31 47.36
C VAL A 76 7.29 -27.30 47.80
N SER A 77 6.83 -26.22 48.48
CA SER A 77 5.43 -26.06 48.92
C SER A 77 4.45 -26.08 47.74
N LEU A 78 4.85 -25.45 46.60
CA LEU A 78 4.10 -25.39 45.35
C LEU A 78 3.88 -26.81 44.79
N ARG A 79 4.93 -27.65 44.84
CA ARG A 79 4.91 -29.05 44.38
C ARG A 79 4.00 -29.92 45.27
N ASN A 80 3.97 -29.64 46.59
CA ASN A 80 3.14 -30.37 47.54
C ASN A 80 1.67 -30.02 47.34
N LEU A 81 1.39 -28.76 46.98
CA LEU A 81 0.04 -28.24 46.73
C LEU A 81 -0.59 -28.87 45.49
N LEU A 82 0.23 -29.25 44.49
CA LEU A 82 -0.22 -29.92 43.26
C LEU A 82 -0.84 -31.28 43.62
N GLY A 83 -0.21 -32.00 44.55
CA GLY A 83 -0.66 -33.31 45.03
C GLY A 83 -1.93 -33.24 45.85
N TYR A 84 -2.10 -32.15 46.62
CA TYR A 84 -3.26 -31.91 47.49
C TYR A 84 -4.54 -31.63 46.68
N TYR A 85 -4.41 -30.95 45.53
CA TYR A 85 -5.52 -30.56 44.69
C TYR A 85 -5.66 -31.36 43.39
N ASN A 86 -4.71 -32.29 43.13
CA ASN A 86 -4.62 -33.11 41.91
C ASN A 86 -4.47 -32.21 40.67
N GLN A 87 -3.48 -31.30 40.74
CA GLN A 87 -3.15 -30.32 39.70
C GLN A 87 -1.92 -30.75 38.90
N SER A 88 -1.71 -30.10 37.73
CA SER A 88 -0.60 -30.39 36.83
C SER A 88 0.49 -29.33 36.90
N ALA A 89 1.74 -29.76 36.63
CA ALA A 89 2.93 -28.92 36.61
C ALA A 89 2.99 -28.05 35.35
N GLY A 90 2.29 -28.48 34.30
CA GLY A 90 2.20 -27.79 33.02
C GLY A 90 1.48 -26.46 33.08
N GLY A 91 0.72 -26.24 34.15
CA GLY A 91 -0.01 -25.00 34.41
C GLY A 91 0.68 -24.14 35.43
N SER A 92 0.37 -22.83 35.42
CA SER A 92 0.97 -21.86 36.34
C SER A 92 0.10 -21.71 37.60
N HIS A 93 0.74 -21.83 38.77
CA HIS A 93 0.08 -21.73 40.07
C HIS A 93 0.73 -20.65 40.93
N THR A 94 -0.08 -19.87 41.66
N THR A 94 -0.08 -19.87 41.67
CA THR A 94 0.39 -18.75 42.50
CA THR A 94 0.37 -18.76 42.51
C THR A 94 0.21 -19.03 43.99
C THR A 94 0.21 -19.05 44.00
N LEU A 95 1.27 -18.76 44.78
CA LEU A 95 1.29 -18.92 46.24
C LEU A 95 1.72 -17.57 46.83
N GLN A 96 0.87 -16.99 47.69
CA GLN A 96 1.12 -15.68 48.30
C GLN A 96 1.18 -15.74 49.81
N GLN A 97 2.01 -14.87 50.40
CA GLN A 97 2.21 -14.77 51.84
C GLN A 97 2.22 -13.32 52.32
N MET A 98 1.54 -13.06 53.44
CA MET A 98 1.47 -11.78 54.12
C MET A 98 1.88 -12.00 55.58
N SER A 99 2.98 -11.36 56.00
CA SER A 99 3.50 -11.50 57.36
C SER A 99 3.97 -10.16 57.91
N GLY A 100 3.64 -9.89 59.16
CA GLY A 100 4.02 -8.65 59.83
C GLY A 100 3.48 -8.45 61.23
N CYS A 101 3.61 -7.22 61.76
CA CYS A 101 3.14 -6.85 63.10
C CYS A 101 2.59 -5.43 63.16
N ASP A 102 1.68 -5.18 64.12
CA ASP A 102 1.07 -3.88 64.39
C ASP A 102 1.58 -3.30 65.70
N LEU A 103 1.80 -1.97 65.73
CA LEU A 103 2.28 -1.25 66.90
C LEU A 103 1.14 -0.44 67.54
N GLY A 104 1.05 -0.50 68.86
CA GLY A 104 0.01 0.15 69.67
C GLY A 104 0.13 1.64 69.84
N SER A 105 0.01 2.09 71.11
CA SER A 105 0.07 3.51 71.51
C SER A 105 1.43 4.14 71.17
N ASP A 106 2.53 3.57 71.70
CA ASP A 106 3.89 4.07 71.45
C ASP A 106 4.96 2.97 71.49
N TRP A 107 5.29 2.44 70.29
CA TRP A 107 6.33 1.45 70.00
C TRP A 107 6.26 0.15 70.84
N ARG A 108 5.08 -0.49 70.86
N ARG A 108 5.07 -0.49 70.87
CA ARG A 108 4.82 -1.73 71.59
CA ARG A 108 4.81 -1.74 71.58
C ARG A 108 3.88 -2.63 70.78
C ARG A 108 3.88 -2.63 70.76
N LEU A 109 4.14 -3.96 70.76
CA LEU A 109 3.37 -4.96 70.01
C LEU A 109 1.87 -5.00 70.33
N LEU A 110 1.03 -4.98 69.28
CA LEU A 110 -0.43 -5.02 69.38
C LEU A 110 -0.97 -6.36 68.86
N ARG A 111 -0.68 -6.69 67.58
CA ARG A 111 -1.16 -7.92 66.92
C ARG A 111 -0.16 -8.44 65.88
N GLY A 112 0.03 -9.77 65.88
CA GLY A 112 0.91 -10.46 64.93
C GLY A 112 0.13 -11.01 63.75
N TYR A 113 0.71 -10.91 62.55
CA TYR A 113 0.10 -11.36 61.31
C TYR A 113 0.95 -12.36 60.54
N LEU A 114 0.31 -13.44 60.05
CA LEU A 114 0.91 -14.50 59.23
C LEU A 114 -0.19 -15.23 58.47
N GLN A 115 -0.39 -14.84 57.21
CA GLN A 115 -1.41 -15.39 56.32
C GLN A 115 -0.80 -15.96 55.05
N PHE A 116 -1.48 -16.96 54.47
CA PHE A 116 -1.06 -17.62 53.23
C PHE A 116 -2.27 -17.78 52.30
N ALA A 117 -2.02 -17.69 50.99
CA ALA A 117 -3.07 -17.84 49.97
C ALA A 117 -2.58 -18.63 48.77
N TYR A 118 -3.44 -19.52 48.27
CA TYR A 118 -3.17 -20.32 47.10
C TYR A 118 -4.24 -20.02 46.07
N GLU A 119 -3.81 -19.58 44.86
CA GLU A 119 -4.64 -19.22 43.71
C GLU A 119 -5.60 -18.03 44.01
N GLY A 120 -5.14 -17.10 44.84
CA GLY A 120 -5.88 -15.90 45.22
C GLY A 120 -6.79 -16.03 46.42
N ARG A 121 -7.20 -17.26 46.77
CA ARG A 121 -8.08 -17.52 47.91
C ARG A 121 -7.31 -17.98 49.16
N ASP A 122 -7.84 -17.65 50.35
CA ASP A 122 -7.25 -17.98 51.66
C ASP A 122 -6.98 -19.47 51.82
N TYR A 123 -5.75 -19.82 52.21
CA TYR A 123 -5.32 -21.20 52.41
C TYR A 123 -5.17 -21.49 53.91
N ILE A 124 -4.13 -20.93 54.54
CA ILE A 124 -3.86 -21.10 55.97
C ILE A 124 -3.46 -19.76 56.61
N ALA A 125 -3.89 -19.52 57.85
CA ALA A 125 -3.58 -18.30 58.59
C ALA A 125 -3.35 -18.56 60.06
N LEU A 126 -2.41 -17.80 60.66
CA LEU A 126 -2.08 -17.88 62.07
C LEU A 126 -2.99 -16.92 62.83
N ASN A 127 -3.63 -17.42 63.91
CA ASN A 127 -4.57 -16.65 64.74
C ASN A 127 -3.88 -15.62 65.64
N GLU A 128 -4.69 -14.77 66.33
CA GLU A 128 -4.22 -13.70 67.23
C GLU A 128 -3.33 -14.21 68.36
N ASP A 129 -3.63 -15.41 68.91
CA ASP A 129 -2.85 -16.06 69.97
C ASP A 129 -1.45 -16.49 69.52
N LEU A 130 -1.26 -16.61 68.17
CA LEU A 130 -0.03 -17.00 67.47
C LEU A 130 0.41 -18.43 67.83
N LYS A 131 -0.56 -19.31 68.14
CA LYS A 131 -0.34 -20.71 68.53
C LYS A 131 -1.23 -21.66 67.72
N THR A 132 -2.44 -21.20 67.35
CA THR A 132 -3.42 -21.97 66.59
C THR A 132 -3.52 -21.50 65.13
N TRP A 133 -3.82 -22.43 64.22
CA TRP A 133 -3.96 -22.16 62.78
C TRP A 133 -5.40 -22.34 62.34
N THR A 134 -5.84 -21.51 61.38
CA THR A 134 -7.19 -21.60 60.80
C THR A 134 -7.07 -22.05 59.34
N ALA A 135 -7.56 -23.26 59.05
CA ALA A 135 -7.55 -23.86 57.72
C ALA A 135 -8.89 -23.65 57.03
N ALA A 136 -8.86 -23.04 55.83
CA ALA A 136 -10.04 -22.72 55.04
C ALA A 136 -10.61 -23.90 54.25
N ASP A 137 -9.74 -24.84 53.83
CA ASP A 137 -10.13 -26.00 53.03
C ASP A 137 -9.48 -27.32 53.54
N MET A 138 -9.94 -28.47 53.01
CA MET A 138 -9.47 -29.82 53.35
C MET A 138 -7.96 -30.02 53.09
N ALA A 139 -7.41 -29.39 52.05
CA ALA A 139 -5.99 -29.47 51.70
C ALA A 139 -5.13 -28.72 52.74
N ALA A 140 -5.66 -27.62 53.28
CA ALA A 140 -5.01 -26.79 54.29
C ALA A 140 -4.99 -27.49 55.66
N GLN A 141 -5.93 -28.43 55.88
CA GLN A 141 -6.03 -29.24 57.11
C GLN A 141 -4.79 -30.11 57.27
N ILE A 142 -4.23 -30.61 56.13
CA ILE A 142 -3.02 -31.43 56.06
C ILE A 142 -1.82 -30.56 56.50
N THR A 143 -1.76 -29.31 55.99
CA THR A 143 -0.73 -28.32 56.29
C THR A 143 -0.76 -27.96 57.79
N ARG A 144 -1.97 -27.76 58.34
CA ARG A 144 -2.21 -27.45 59.76
C ARG A 144 -1.72 -28.60 60.63
N ARG A 145 -2.03 -29.84 60.25
CA ARG A 145 -1.66 -31.07 60.95
C ARG A 145 -0.13 -31.26 60.97
N LYS A 146 0.56 -30.84 59.89
CA LYS A 146 2.01 -30.89 59.76
C LYS A 146 2.66 -29.86 60.68
N TRP A 147 2.24 -28.59 60.55
CA TRP A 147 2.78 -27.43 61.28
C TRP A 147 2.50 -27.45 62.79
N GLU A 148 1.42 -28.13 63.23
CA GLU A 148 1.09 -28.27 64.65
C GLU A 148 2.02 -29.31 65.29
N GLN A 149 2.38 -30.36 64.51
CA GLN A 149 3.27 -31.43 64.93
C GLN A 149 4.72 -30.95 65.03
N SER A 150 5.19 -30.21 63.99
CA SER A 150 6.55 -29.67 63.92
C SER A 150 6.74 -28.41 64.78
N GLY A 151 5.64 -27.80 65.21
CA GLY A 151 5.63 -26.60 66.04
C GLY A 151 6.12 -25.37 65.31
N ALA A 152 5.56 -25.11 64.12
CA ALA A 152 5.93 -23.96 63.27
C ALA A 152 5.51 -22.64 63.90
N ALA A 153 4.30 -22.58 64.51
CA ALA A 153 3.71 -21.41 65.16
C ALA A 153 4.62 -20.76 66.21
N GLU A 154 5.37 -21.56 66.98
CA GLU A 154 6.32 -21.13 68.02
C GLU A 154 7.45 -20.28 67.40
N HIS A 155 7.96 -20.71 66.23
CA HIS A 155 9.03 -20.03 65.49
C HIS A 155 8.56 -18.71 64.89
N TYR A 156 7.31 -18.69 64.37
CA TYR A 156 6.70 -17.49 63.79
C TYR A 156 6.38 -16.46 64.89
N LYS A 157 5.95 -16.95 66.08
CA LYS A 157 5.63 -16.13 67.26
C LYS A 157 6.91 -15.43 67.75
N ALA A 158 8.04 -16.16 67.77
CA ALA A 158 9.35 -15.67 68.19
C ALA A 158 9.83 -14.51 67.31
N TYR A 159 9.55 -14.58 65.99
CA TYR A 159 9.91 -13.54 65.03
C TYR A 159 8.98 -12.32 65.20
N LEU A 160 7.65 -12.56 65.16
CA LEU A 160 6.59 -11.56 65.28
C LEU A 160 6.66 -10.73 66.57
N GLU A 161 7.05 -11.34 67.70
CA GLU A 161 7.17 -10.68 69.01
C GLU A 161 8.57 -10.11 69.24
N GLY A 162 9.58 -10.75 68.66
CA GLY A 162 10.98 -10.35 68.79
C GLY A 162 11.49 -9.50 67.65
N GLU A 163 12.17 -10.16 66.69
CA GLU A 163 12.81 -9.60 65.50
C GLU A 163 11.97 -8.56 64.73
N CYS A 164 10.66 -8.83 64.53
CA CYS A 164 9.73 -7.95 63.83
C CYS A 164 9.55 -6.60 64.54
N VAL A 165 9.39 -6.63 65.88
CA VAL A 165 9.22 -5.45 66.73
C VAL A 165 10.54 -4.67 66.82
N GLU A 166 11.66 -5.39 67.02
CA GLU A 166 13.02 -4.87 67.14
C GLU A 166 13.45 -4.09 65.89
N TRP A 167 13.23 -4.67 64.69
CA TRP A 167 13.61 -4.05 63.43
C TRP A 167 12.72 -2.88 63.04
N LEU A 168 11.41 -2.94 63.37
CA LEU A 168 10.45 -1.86 63.09
C LEU A 168 10.79 -0.60 63.89
N HIS A 169 11.29 -0.77 65.13
CA HIS A 169 11.73 0.34 66.00
C HIS A 169 12.94 1.03 65.38
N ARG A 170 13.85 0.25 64.77
CA ARG A 170 15.05 0.74 64.10
C ARG A 170 14.70 1.53 62.84
N TYR A 171 13.76 1.01 62.02
CA TYR A 171 13.31 1.63 60.77
C TYR A 171 12.54 2.93 60.98
N LEU A 172 11.69 2.98 62.03
CA LEU A 172 10.90 4.17 62.36
C LEU A 172 11.77 5.32 62.87
N LYS A 173 12.91 4.98 63.50
CA LYS A 173 13.88 5.96 64.02
C LYS A 173 14.80 6.45 62.89
N ASN A 174 15.24 5.53 62.01
CA ASN A 174 16.12 5.82 60.87
C ASN A 174 15.41 6.58 59.77
N GLY A 175 14.14 6.24 59.54
CA GLY A 175 13.29 6.84 58.52
C GLY A 175 12.32 7.84 59.08
N ASN A 176 12.69 9.12 59.02
CA ASN A 176 11.86 10.22 59.52
C ASN A 176 11.37 11.11 58.36
N ALA A 177 12.08 11.08 57.22
CA ALA A 177 11.78 11.89 56.04
C ALA A 177 10.50 11.47 55.29
N THR A 178 10.61 10.46 54.40
CA THR A 178 9.51 9.96 53.57
C THR A 178 8.42 9.21 54.35
N LEU A 179 8.79 8.68 55.53
CA LEU A 179 7.90 7.90 56.39
C LEU A 179 6.80 8.71 57.09
N LEU A 180 7.12 9.93 57.55
CA LEU A 180 6.17 10.80 58.25
C LEU A 180 5.40 11.73 57.31
N ARG A 181 5.86 11.86 56.05
CA ARG A 181 5.31 12.71 54.98
C ARG A 181 3.80 12.52 54.75
N THR A 182 3.04 13.62 54.92
CA THR A 182 1.59 13.69 54.72
C THR A 182 1.32 14.81 53.71
N ASP A 183 0.41 14.56 52.76
CA ASP A 183 0.03 15.54 51.73
C ASP A 183 -1.45 15.88 51.76
N SER A 184 -1.76 17.18 51.90
N SER A 184 -1.76 17.18 51.90
CA SER A 184 -3.12 17.70 51.93
CA SER A 184 -3.13 17.69 51.92
C SER A 184 -3.70 17.77 50.50
C SER A 184 -3.70 17.77 50.50
N PRO A 185 -5.00 17.45 50.29
CA PRO A 185 -5.55 17.50 48.92
C PRO A 185 -5.84 18.91 48.41
N LYS A 186 -5.70 19.09 47.09
CA LYS A 186 -5.99 20.32 46.36
C LYS A 186 -7.31 20.07 45.64
N ALA A 187 -8.34 20.84 45.99
CA ALA A 187 -9.66 20.63 45.41
C ALA A 187 -10.17 21.77 44.53
N HIS A 188 -10.92 21.41 43.47
CA HIS A 188 -11.53 22.31 42.50
C HIS A 188 -12.77 21.65 41.87
N VAL A 189 -13.77 22.47 41.48
CA VAL A 189 -15.01 21.98 40.86
C VAL A 189 -15.04 22.33 39.36
N THR A 190 -15.28 21.32 38.50
CA THR A 190 -15.38 21.51 37.04
C THR A 190 -16.84 21.42 36.56
N HIS A 191 -17.16 22.17 35.50
CA HIS A 191 -18.49 22.26 34.90
C HIS A 191 -18.60 21.42 33.62
N HIS A 192 -19.67 20.60 33.50
CA HIS A 192 -19.91 19.74 32.34
C HIS A 192 -21.42 19.63 32.02
N PRO A 193 -21.92 20.20 30.89
CA PRO A 193 -23.35 20.06 30.57
C PRO A 193 -23.70 18.62 30.20
N ARG A 194 -24.65 18.02 30.92
CA ARG A 194 -25.07 16.63 30.73
C ARG A 194 -26.06 16.47 29.56
N SER A 195 -27.34 16.91 29.73
CA SER A 195 -28.37 16.80 28.70
C SER A 195 -29.51 17.81 28.84
N LYS A 196 -29.58 18.78 27.91
CA LYS A 196 -30.58 19.84 27.78
C LYS A 196 -30.75 20.72 29.04
N GLY A 197 -31.45 20.22 30.05
CA GLY A 197 -31.73 20.95 31.29
C GLY A 197 -30.85 20.57 32.48
N GLU A 198 -30.23 19.38 32.44
CA GLU A 198 -29.36 18.89 33.51
C GLU A 198 -27.88 19.18 33.25
N VAL A 199 -27.10 19.36 34.34
CA VAL A 199 -25.67 19.66 34.29
C VAL A 199 -24.92 18.85 35.38
N THR A 200 -23.65 18.44 35.09
CA THR A 200 -22.84 17.66 36.02
C THR A 200 -21.66 18.46 36.59
N LEU A 201 -21.60 18.56 37.94
CA LEU A 201 -20.53 19.24 38.66
C LEU A 201 -19.59 18.18 39.23
N ARG A 202 -18.31 18.22 38.81
CA ARG A 202 -17.31 17.25 39.24
C ARG A 202 -16.31 17.87 40.23
N CYS A 203 -16.28 17.33 41.46
CA CYS A 203 -15.39 17.78 42.52
C CYS A 203 -14.12 16.93 42.55
N TRP A 204 -13.00 17.52 42.10
CA TRP A 204 -11.70 16.87 42.04
C TRP A 204 -10.89 17.02 43.32
N ALA A 205 -10.03 16.02 43.61
CA ALA A 205 -9.12 16.00 44.75
C ALA A 205 -7.77 15.52 44.22
N LEU A 206 -6.75 16.39 44.27
CA LEU A 206 -5.42 16.08 43.73
C LEU A 206 -4.27 16.33 44.69
N GLY A 207 -3.22 15.52 44.55
CA GLY A 207 -1.99 15.61 45.32
C GLY A 207 -2.13 15.34 46.81
N PHE A 208 -2.67 14.16 47.18
CA PHE A 208 -2.85 13.78 48.58
C PHE A 208 -2.30 12.41 48.95
N TYR A 209 -1.71 12.32 50.16
CA TYR A 209 -1.17 11.10 50.75
C TYR A 209 -1.43 11.11 52.28
N PRO A 210 -1.97 10.02 52.89
CA PRO A 210 -2.37 8.73 52.30
C PRO A 210 -3.65 8.78 51.45
N ALA A 211 -3.99 7.64 50.82
CA ALA A 211 -5.15 7.46 49.95
C ALA A 211 -6.52 7.59 50.63
N ASP A 212 -6.59 7.36 51.96
CA ASP A 212 -7.84 7.43 52.74
C ASP A 212 -8.42 8.85 52.77
N ILE A 213 -9.44 9.08 51.92
CA ILE A 213 -10.14 10.35 51.74
C ILE A 213 -11.67 10.18 51.67
N THR A 214 -12.42 11.25 51.99
CA THR A 214 -13.88 11.28 51.96
C THR A 214 -14.37 12.54 51.24
N LEU A 215 -15.21 12.35 50.21
CA LEU A 215 -15.79 13.43 49.41
C LEU A 215 -17.31 13.35 49.51
N THR A 216 -17.93 14.43 50.00
CA THR A 216 -19.38 14.49 50.17
C THR A 216 -19.95 15.76 49.53
N TRP A 217 -20.99 15.57 48.71
CA TRP A 217 -21.74 16.65 48.06
C TRP A 217 -22.99 16.93 48.89
N GLN A 218 -23.31 18.21 49.12
CA GLN A 218 -24.47 18.58 49.92
C GLN A 218 -25.24 19.81 49.40
N LEU A 219 -26.56 19.83 49.67
CA LEU A 219 -27.48 20.92 49.32
C LEU A 219 -27.98 21.53 50.64
N ASN A 220 -27.19 22.47 51.20
CA ASN A 220 -27.41 23.20 52.45
C ASN A 220 -27.66 22.24 53.64
N GLY A 221 -26.61 21.50 54.01
CA GLY A 221 -26.65 20.54 55.10
C GLY A 221 -27.00 19.13 54.68
N GLU A 222 -28.08 18.97 53.89
CA GLU A 222 -28.58 17.67 53.40
C GLU A 222 -27.66 17.11 52.31
N GLU A 223 -27.05 15.93 52.57
CA GLU A 223 -26.14 15.26 51.63
C GLU A 223 -26.88 14.42 50.58
N LEU A 224 -26.22 14.17 49.42
CA LEU A 224 -26.78 13.38 48.32
C LEU A 224 -26.21 11.97 48.28
N THR A 225 -27.09 10.96 48.20
CA THR A 225 -26.73 9.53 48.16
C THR A 225 -27.20 8.86 46.88
N GLN A 226 -26.41 7.87 46.38
CA GLN A 226 -26.61 7.05 45.17
C GLN A 226 -26.52 7.85 43.86
N ASP A 227 -27.17 9.03 43.79
CA ASP A 227 -27.14 9.89 42.60
C ASP A 227 -25.79 10.62 42.45
N MET A 228 -24.89 10.47 43.44
CA MET A 228 -23.56 11.08 43.48
C MET A 228 -22.64 10.47 42.40
N GLU A 229 -22.34 9.16 42.50
CA GLU A 229 -21.45 8.42 41.57
C GLU A 229 -19.99 8.92 41.70
N LEU A 230 -19.18 8.17 42.46
CA LEU A 230 -17.77 8.48 42.71
C LEU A 230 -16.81 7.50 42.02
N VAL A 231 -15.54 7.91 41.84
CA VAL A 231 -14.50 7.10 41.21
C VAL A 231 -13.54 6.53 42.28
N GLU A 232 -12.87 5.40 41.99
CA GLU A 232 -11.93 4.76 42.91
C GLU A 232 -10.64 5.56 43.05
N THR A 233 -10.03 5.57 44.27
CA THR A 233 -8.79 6.31 44.55
C THR A 233 -7.63 5.74 43.71
N ARG A 234 -7.11 6.57 42.80
CA ARG A 234 -6.05 6.20 41.87
C ARG A 234 -4.71 6.92 42.12
N PRO A 235 -3.55 6.25 41.96
CA PRO A 235 -2.27 6.97 42.18
C PRO A 235 -1.87 7.84 40.98
N ALA A 236 -1.39 9.06 41.25
CA ALA A 236 -0.96 10.00 40.20
C ALA A 236 0.30 9.53 39.48
N GLY A 237 1.23 8.93 40.23
CA GLY A 237 2.50 8.42 39.70
C GLY A 237 3.73 9.01 40.34
N ASP A 238 3.56 10.13 41.08
CA ASP A 238 4.64 10.83 41.78
C ASP A 238 4.54 10.67 43.31
N GLY A 239 4.00 9.52 43.75
CA GLY A 239 3.83 9.16 45.15
C GLY A 239 2.65 9.82 45.84
N THR A 240 1.63 10.23 45.05
CA THR A 240 0.43 10.89 45.54
C THR A 240 -0.84 10.29 44.87
N PHE A 241 -2.04 10.66 45.36
CA PHE A 241 -3.30 10.09 44.85
C PHE A 241 -4.30 11.12 44.27
N GLN A 242 -5.29 10.61 43.51
CA GLN A 242 -6.37 11.36 42.85
C GLN A 242 -7.72 10.71 43.12
N LYS A 243 -8.81 11.52 43.12
CA LYS A 243 -10.21 11.08 43.31
C LYS A 243 -11.19 12.20 42.96
N TRP A 244 -12.37 11.81 42.43
CA TRP A 244 -13.45 12.76 42.11
C TRP A 244 -14.84 12.20 42.38
N ALA A 245 -15.78 13.10 42.69
CA ALA A 245 -17.19 12.77 42.96
C ALA A 245 -18.06 13.73 42.17
N SER A 246 -18.84 13.20 41.21
CA SER A 246 -19.75 13.99 40.38
C SER A 246 -21.11 14.12 41.06
N VAL A 247 -22.05 14.86 40.43
CA VAL A 247 -23.42 15.09 40.92
C VAL A 247 -24.31 15.63 39.77
N VAL A 248 -25.52 15.08 39.62
CA VAL A 248 -26.48 15.50 38.60
C VAL A 248 -27.31 16.65 39.20
N VAL A 249 -27.11 17.88 38.70
CA VAL A 249 -27.78 19.09 39.21
C VAL A 249 -28.51 19.89 38.09
N PRO A 250 -29.56 20.71 38.40
CA PRO A 250 -30.22 21.47 37.32
C PRO A 250 -29.43 22.71 36.89
N LEU A 251 -29.60 23.13 35.61
CA LEU A 251 -28.93 24.31 35.04
C LEU A 251 -29.47 25.60 35.66
N GLY A 252 -28.56 26.45 36.10
CA GLY A 252 -28.87 27.73 36.74
C GLY A 252 -28.88 27.69 38.25
N LYS A 253 -29.08 26.49 38.84
CA LYS A 253 -29.13 26.27 40.29
C LYS A 253 -27.89 25.50 40.81
N GLU A 254 -26.78 25.54 40.05
CA GLU A 254 -25.53 24.86 40.38
C GLU A 254 -24.79 25.46 41.59
N GLN A 255 -24.98 26.77 41.86
CA GLN A 255 -24.36 27.49 42.98
C GLN A 255 -24.84 27.02 44.37
N ASN A 256 -26.06 26.45 44.45
CA ASN A 256 -26.67 25.95 45.69
C ASN A 256 -26.00 24.66 46.22
N TYR A 257 -25.20 23.98 45.38
CA TYR A 257 -24.51 22.73 45.72
C TYR A 257 -23.05 22.97 46.12
N THR A 258 -22.64 22.39 47.27
CA THR A 258 -21.28 22.51 47.82
C THR A 258 -20.61 21.15 48.06
N CYS A 259 -19.32 21.06 47.71
CA CYS A 259 -18.50 19.86 47.88
C CYS A 259 -17.61 19.99 49.12
N ARG A 260 -17.56 18.94 49.94
CA ARG A 260 -16.75 18.89 51.16
C ARG A 260 -15.72 17.77 51.11
N VAL A 261 -14.46 18.12 51.40
CA VAL A 261 -13.32 17.20 51.37
C VAL A 261 -12.80 16.95 52.79
N TYR A 262 -12.75 15.66 53.18
CA TYR A 262 -12.26 15.22 54.49
C TYR A 262 -11.01 14.35 54.32
N HIS A 263 -9.89 14.82 54.90
CA HIS A 263 -8.59 14.15 54.85
C HIS A 263 -7.74 14.52 56.06
N GLU A 264 -6.97 13.57 56.60
CA GLU A 264 -6.07 13.84 57.74
C GLU A 264 -4.81 14.52 57.23
N GLY A 265 -4.42 15.60 57.89
CA GLY A 265 -3.29 16.43 57.49
C GLY A 265 -3.78 17.81 57.11
N LEU A 266 -5.08 17.90 56.80
CA LEU A 266 -5.83 19.10 56.46
C LEU A 266 -6.32 19.67 57.82
N PRO A 267 -5.95 20.92 58.20
CA PRO A 267 -6.37 21.43 59.53
C PRO A 267 -7.87 21.64 59.66
N GLU A 268 -8.51 22.09 58.56
CA GLU A 268 -9.95 22.33 58.49
C GLU A 268 -10.50 21.66 57.23
N PRO A 269 -11.69 20.99 57.27
CA PRO A 269 -12.21 20.36 56.04
C PRO A 269 -12.51 21.38 54.95
N LEU A 270 -12.11 21.08 53.70
CA LEU A 270 -12.28 21.96 52.56
C LEU A 270 -13.74 22.09 52.13
N THR A 271 -14.21 23.34 51.98
CA THR A 271 -15.55 23.69 51.54
C THR A 271 -15.43 24.50 50.24
N LEU A 272 -16.07 24.00 49.15
CA LEU A 272 -15.97 24.64 47.84
C LEU A 272 -17.15 24.34 46.90
N ARG A 273 -17.32 25.20 45.88
CA ARG A 273 -18.37 25.13 44.85
C ARG A 273 -17.80 25.61 43.48
N TRP A 274 -18.66 25.81 42.47
CA TRP A 274 -18.26 26.30 41.15
C TRP A 274 -17.84 27.78 41.22
N GLU A 275 -16.91 28.22 40.34
CA GLU A 275 -16.32 29.57 40.31
C GLU A 275 -17.39 30.70 40.10
N PRO A 276 -17.94 31.05 38.90
CA PRO A 276 -17.73 30.55 37.53
C PRO A 276 -16.65 31.33 36.74
N PRO A 277 -16.11 30.82 35.60
CA PRO A 277 -15.09 31.60 34.87
C PRO A 277 -15.69 32.71 34.01
N ILE B 1 -10.63 -19.77 39.80
CA ILE B 1 -11.14 -18.40 39.83
C ILE B 1 -10.22 -17.52 40.72
N GLN B 2 -9.57 -16.42 40.20
CA GLN B 2 -9.53 -15.76 38.87
C GLN B 2 -10.43 -14.51 38.84
N LYS B 3 -9.80 -13.34 39.06
CA LYS B 3 -10.41 -12.01 39.15
C LYS B 3 -10.09 -11.14 37.93
N THR B 4 -11.12 -10.49 37.37
CA THR B 4 -10.99 -9.61 36.20
C THR B 4 -10.37 -8.24 36.59
N PRO B 5 -9.44 -7.68 35.79
CA PRO B 5 -8.83 -6.39 36.16
C PRO B 5 -9.76 -5.18 36.02
N GLN B 6 -9.54 -4.19 36.91
CA GLN B 6 -10.25 -2.90 36.94
C GLN B 6 -9.31 -1.88 36.32
N ILE B 7 -9.66 -1.37 35.13
CA ILE B 7 -8.85 -0.44 34.36
C ILE B 7 -9.33 1.01 34.50
N GLN B 8 -8.37 1.94 34.69
CA GLN B 8 -8.60 3.39 34.81
C GLN B 8 -7.55 4.15 34.02
N VAL B 9 -7.99 4.97 33.05
CA VAL B 9 -7.12 5.80 32.20
C VAL B 9 -7.33 7.26 32.58
N TYR B 10 -6.23 7.95 32.96
CA TYR B 10 -6.25 9.34 33.43
C TYR B 10 -4.91 10.05 33.25
N SER B 11 -4.88 11.35 33.59
CA SER B 11 -3.70 12.21 33.51
C SER B 11 -3.15 12.48 34.92
N ARG B 12 -1.83 12.78 35.05
CA ARG B 12 -1.20 13.07 36.33
C ARG B 12 -1.70 14.41 36.92
N HIS B 13 -1.75 15.46 36.08
CA HIS B 13 -2.24 16.80 36.47
C HIS B 13 -3.44 17.16 35.57
N PRO B 14 -4.31 18.16 35.93
CA PRO B 14 -5.44 18.50 35.05
C PRO B 14 -5.01 18.77 33.60
N PRO B 15 -5.67 18.14 32.60
CA PRO B 15 -5.24 18.29 31.20
C PRO B 15 -5.28 19.70 30.64
N GLU B 16 -4.19 20.09 29.95
CA GLU B 16 -3.98 21.39 29.32
C GLU B 16 -3.27 21.17 27.98
N ASN B 17 -3.82 21.73 26.89
CA ASN B 17 -3.28 21.60 25.53
C ASN B 17 -1.94 22.34 25.39
N GLY B 18 -0.90 21.59 25.00
CA GLY B 18 0.45 22.12 24.82
C GLY B 18 1.37 21.86 26.00
N LYS B 19 0.82 21.88 27.23
CA LYS B 19 1.56 21.66 28.47
C LYS B 19 1.96 20.17 28.59
N PRO B 20 3.25 19.84 28.92
CA PRO B 20 3.63 18.42 29.04
C PRO B 20 3.05 17.75 30.29
N ASN B 21 2.41 16.59 30.10
CA ASN B 21 1.77 15.82 31.18
C ASN B 21 2.18 14.33 31.12
N ILE B 22 1.63 13.51 32.03
CA ILE B 22 1.88 12.08 32.12
C ILE B 22 0.55 11.32 32.10
N LEU B 23 0.40 10.39 31.13
CA LEU B 23 -0.79 9.56 30.98
C LEU B 23 -0.61 8.27 31.80
N ASN B 24 -1.62 7.92 32.63
CA ASN B 24 -1.59 6.74 33.48
C ASN B 24 -2.65 5.70 33.11
N CYS B 25 -2.35 4.42 33.41
CA CYS B 25 -3.24 3.28 33.19
C CYS B 25 -3.19 2.42 34.46
N TYR B 26 -4.09 2.69 35.42
CA TYR B 26 -4.14 1.95 36.69
C TYR B 26 -4.94 0.67 36.54
N VAL B 27 -4.23 -0.46 36.58
CA VAL B 27 -4.78 -1.81 36.48
C VAL B 27 -4.70 -2.44 37.87
N THR B 28 -5.86 -2.78 38.45
CA THR B 28 -5.96 -3.35 39.80
C THR B 28 -7.01 -4.48 39.91
N GLN B 29 -7.07 -5.16 41.09
CA GLN B 29 -8.04 -6.20 41.45
C GLN B 29 -8.01 -7.44 40.49
N PHE B 30 -6.82 -7.84 40.03
CA PHE B 30 -6.70 -8.99 39.13
C PHE B 30 -5.90 -10.16 39.72
N HIS B 31 -6.18 -11.38 39.21
CA HIS B 31 -5.53 -12.64 39.56
C HIS B 31 -5.79 -13.68 38.44
N PRO B 32 -4.78 -14.40 37.87
CA PRO B 32 -3.34 -14.44 38.18
C PRO B 32 -2.56 -13.14 37.86
N PRO B 33 -1.26 -13.01 38.23
CA PRO B 33 -0.56 -11.74 37.95
C PRO B 33 -0.17 -11.49 36.49
N HIS B 34 -0.22 -12.52 35.61
CA HIS B 34 0.13 -12.40 34.20
C HIS B 34 -0.84 -11.46 33.48
N ILE B 35 -0.32 -10.30 33.03
CA ILE B 35 -1.10 -9.25 32.36
C ILE B 35 -0.27 -8.55 31.27
N GLU B 36 -0.95 -8.10 30.19
CA GLU B 36 -0.35 -7.38 29.07
C GLU B 36 -0.96 -5.99 29.00
N ILE B 37 -0.14 -4.93 29.17
CA ILE B 37 -0.59 -3.53 29.16
C ILE B 37 0.14 -2.75 28.07
N GLN B 38 -0.62 -2.06 27.22
CA GLN B 38 -0.08 -1.24 26.14
C GLN B 38 -0.79 0.11 26.08
N MET B 39 -0.02 1.19 25.84
CA MET B 39 -0.54 2.55 25.72
C MET B 39 -0.73 2.90 24.25
N LEU B 40 -1.89 3.46 23.91
CA LEU B 40 -2.23 3.80 22.53
C LEU B 40 -2.38 5.28 22.25
N LYS B 41 -1.86 5.72 21.09
CA LYS B 41 -1.96 7.09 20.58
C LYS B 41 -2.51 6.97 19.15
N ASN B 42 -3.81 7.31 18.98
CA ASN B 42 -4.57 7.26 17.73
C ASN B 42 -4.58 5.85 17.10
N GLY B 43 -4.59 4.82 17.97
CA GLY B 43 -4.59 3.42 17.58
C GLY B 43 -3.22 2.77 17.57
N LYS B 44 -2.15 3.57 17.38
CA LYS B 44 -0.76 3.11 17.36
C LYS B 44 -0.20 2.95 18.77
N LYS B 45 0.60 1.89 18.98
CA LYS B 45 1.23 1.56 20.26
C LYS B 45 2.41 2.47 20.58
N ILE B 46 2.44 3.04 21.80
CA ILE B 46 3.52 3.92 22.26
C ILE B 46 4.67 3.02 22.78
N PRO B 47 5.90 3.12 22.21
CA PRO B 47 6.98 2.23 22.68
C PRO B 47 7.64 2.63 24.00
N LYS B 48 7.95 3.92 24.20
CA LYS B 48 8.58 4.41 25.43
C LYS B 48 7.54 4.56 26.54
N VAL B 49 7.21 3.45 27.20
CA VAL B 49 6.24 3.37 28.29
C VAL B 49 6.88 2.76 29.55
N GLU B 50 6.88 3.53 30.65
CA GLU B 50 7.40 3.09 31.94
C GLU B 50 6.31 2.33 32.68
N MET B 51 6.70 1.41 33.57
CA MET B 51 5.75 0.63 34.38
C MET B 51 6.25 0.39 35.80
N SER B 52 5.34 0.46 36.77
CA SER B 52 5.59 0.23 38.19
C SER B 52 5.84 -1.25 38.42
N ASP B 53 6.54 -1.60 39.51
CA ASP B 53 6.83 -2.98 39.82
C ASP B 53 5.63 -3.71 40.44
N MET B 54 5.63 -5.05 40.32
CA MET B 54 4.59 -5.98 40.80
C MET B 54 4.24 -5.81 42.28
N SER B 55 2.96 -5.55 42.57
CA SER B 55 2.48 -5.41 43.95
C SER B 55 1.08 -5.98 44.10
N PHE B 56 0.72 -6.42 45.32
CA PHE B 56 -0.61 -6.95 45.60
C PHE B 56 -1.21 -6.36 46.89
N SER B 57 -2.55 -6.32 46.95
CA SER B 57 -3.34 -5.79 48.06
C SER B 57 -3.65 -6.86 49.14
N LYS B 58 -4.29 -6.45 50.26
CA LYS B 58 -4.66 -7.31 51.41
C LYS B 58 -5.59 -8.47 51.03
N ASP B 59 -6.43 -8.26 49.99
CA ASP B 59 -7.38 -9.27 49.49
C ASP B 59 -6.72 -10.17 48.42
N TRP B 60 -5.36 -10.18 48.38
CA TRP B 60 -4.48 -10.98 47.52
C TRP B 60 -4.48 -10.57 46.03
N SER B 61 -5.33 -9.61 45.64
CA SER B 61 -5.44 -9.12 44.26
C SER B 61 -4.23 -8.26 43.89
N PHE B 62 -3.74 -8.40 42.64
CA PHE B 62 -2.58 -7.66 42.13
C PHE B 62 -2.94 -6.29 41.55
N TYR B 63 -1.97 -5.36 41.61
CA TYR B 63 -2.11 -4.01 41.08
C TYR B 63 -0.82 -3.50 40.48
N ILE B 64 -0.93 -2.84 39.31
CA ILE B 64 0.20 -2.29 38.56
C ILE B 64 -0.18 -0.88 38.01
N LEU B 65 0.84 -0.05 37.71
CA LEU B 65 0.63 1.28 37.11
C LEU B 65 1.58 1.52 35.93
N ALA B 66 1.00 1.80 34.76
CA ALA B 66 1.72 2.08 33.51
C ALA B 66 1.63 3.58 33.23
N HIS B 67 2.79 4.21 32.97
CA HIS B 67 2.88 5.64 32.74
C HIS B 67 3.83 6.02 31.62
N THR B 68 3.49 7.11 30.89
CA THR B 68 4.28 7.66 29.78
C THR B 68 4.11 9.17 29.68
N GLU B 69 5.19 9.89 29.29
CA GLU B 69 5.17 11.34 29.11
C GLU B 69 4.49 11.65 27.77
N PHE B 70 3.54 12.61 27.78
CA PHE B 70 2.77 12.99 26.59
C PHE B 70 2.35 14.45 26.59
N THR B 71 2.07 14.99 25.39
CA THR B 71 1.61 16.36 25.20
C THR B 71 0.15 16.29 24.70
N PRO B 72 -0.85 16.63 25.55
CA PRO B 72 -2.25 16.54 25.11
C PRO B 72 -2.66 17.60 24.10
N THR B 73 -3.48 17.18 23.13
CA THR B 73 -4.05 18.01 22.05
C THR B 73 -5.51 17.60 21.82
N GLU B 74 -6.32 18.51 21.26
CA GLU B 74 -7.75 18.28 20.98
C GLU B 74 -8.00 17.26 19.85
N THR B 75 -7.00 17.03 18.98
CA THR B 75 -7.10 16.11 17.83
C THR B 75 -6.67 14.67 18.19
N ASP B 76 -5.59 14.51 18.98
CA ASP B 76 -5.06 13.19 19.37
C ASP B 76 -5.94 12.45 20.38
N THR B 77 -6.24 11.18 20.08
CA THR B 77 -7.06 10.31 20.92
C THR B 77 -6.18 9.24 21.60
N TYR B 78 -6.32 9.13 22.93
CA TYR B 78 -5.54 8.19 23.75
C TYR B 78 -6.40 7.10 24.37
N ALA B 79 -5.83 5.90 24.51
CA ALA B 79 -6.50 4.73 25.08
C ALA B 79 -5.49 3.79 25.75
N CYS B 80 -5.98 2.71 26.38
CA CYS B 80 -5.13 1.72 27.03
C CYS B 80 -5.64 0.32 26.72
N ARG B 81 -4.73 -0.54 26.25
CA ARG B 81 -5.02 -1.92 25.88
C ARG B 81 -4.56 -2.86 26.99
N VAL B 82 -5.51 -3.53 27.66
CA VAL B 82 -5.25 -4.45 28.78
C VAL B 82 -5.70 -5.86 28.40
N LYS B 83 -4.79 -6.85 28.53
CA LYS B 83 -5.09 -8.26 28.24
C LYS B 83 -4.82 -9.12 29.47
N HIS B 84 -5.79 -9.98 29.80
CA HIS B 84 -5.74 -10.87 30.96
C HIS B 84 -6.61 -12.11 30.70
N ALA B 85 -6.50 -13.14 31.56
CA ALA B 85 -7.32 -14.34 31.52
C ALA B 85 -8.76 -13.93 31.91
N SER B 86 -9.76 -14.83 31.70
CA SER B 86 -11.19 -14.60 31.95
C SER B 86 -11.76 -13.48 31.04
N MET B 87 -10.98 -13.10 30.02
CA MET B 87 -11.30 -12.10 28.99
C MET B 87 -11.01 -12.69 27.62
N ALA B 88 -11.98 -12.63 26.70
CA ALA B 88 -11.83 -13.16 25.35
C ALA B 88 -10.89 -12.33 24.45
N GLU B 89 -10.96 -10.99 24.54
CA GLU B 89 -10.16 -10.06 23.72
C GLU B 89 -9.48 -9.03 24.63
N PRO B 90 -8.34 -8.40 24.23
CA PRO B 90 -7.78 -7.32 25.07
C PRO B 90 -8.70 -6.10 25.14
N LYS B 91 -9.09 -5.70 26.35
CA LYS B 91 -10.00 -4.57 26.61
C LYS B 91 -9.33 -3.23 26.30
N THR B 92 -10.08 -2.33 25.63
CA THR B 92 -9.62 -0.99 25.27
C THR B 92 -10.48 0.04 26.01
N VAL B 93 -9.84 0.85 26.87
CA VAL B 93 -10.51 1.90 27.65
C VAL B 93 -10.05 3.26 27.14
N TYR B 94 -10.97 4.05 26.58
CA TYR B 94 -10.71 5.38 26.03
C TYR B 94 -10.38 6.39 27.13
N TRP B 95 -9.41 7.29 26.85
CA TRP B 95 -9.03 8.32 27.81
C TRP B 95 -9.96 9.54 27.70
N ASP B 96 -10.54 9.96 28.83
CA ASP B 96 -11.42 11.12 28.92
C ASP B 96 -10.73 12.14 29.83
N ARG B 97 -10.42 13.33 29.29
CA ARG B 97 -9.77 14.41 30.04
C ARG B 97 -10.62 14.95 31.20
N ASP B 98 -11.96 14.93 31.03
CA ASP B 98 -12.95 15.38 32.02
C ASP B 98 -13.21 14.35 33.14
N MET B 99 -12.73 13.11 32.96
CA MET B 99 -12.92 12.01 33.92
C MET B 99 -11.61 11.39 34.43
CA ALA C 1 13.87 -7.61 58.47
C ALA C 1 12.88 -8.74 58.16
N SER C 2 13.11 -9.45 57.04
CA SER C 2 12.26 -10.55 56.58
C SER C 2 12.42 -11.81 57.43
N ASN C 3 11.43 -12.71 57.36
CA ASN C 3 11.42 -13.98 58.08
C ASN C 3 11.60 -15.16 57.14
N GLU C 4 12.24 -16.23 57.65
CA GLU C 4 12.46 -17.47 56.93
C GLU C 4 11.44 -18.50 57.44
N ASN C 5 10.66 -19.09 56.53
CA ASN C 5 9.65 -20.10 56.89
C ASN C 5 10.30 -21.42 57.27
N MET C 6 9.67 -22.12 58.22
CA MET C 6 10.17 -23.41 58.72
C MET C 6 9.74 -24.56 57.80
N GLU C 7 8.82 -25.43 58.27
CA GLU C 7 8.33 -26.57 57.51
C GLU C 7 7.47 -26.11 56.33
N THR C 8 7.58 -26.83 55.21
CA THR C 8 6.82 -26.57 53.99
C THR C 8 5.36 -27.00 54.16
N MET C 9 4.50 -26.57 53.23
CA MET C 9 3.07 -26.89 53.23
C MET C 9 2.80 -28.36 52.95
N GLN D 1 0.13 -44.01 37.77
CA GLN D 1 1.36 -44.78 37.84
C GLN D 1 2.59 -43.95 37.49
N GLN D 2 3.71 -44.23 38.18
CA GLN D 2 4.99 -43.53 37.97
C GLN D 2 6.12 -44.48 37.48
N GLN D 3 6.51 -45.57 38.21
CA GLN D 3 6.04 -46.05 39.51
C GLN D 3 7.16 -46.41 40.53
N VAL D 4 8.33 -47.00 40.13
CA VAL D 4 8.83 -47.34 38.78
C VAL D 4 8.92 -48.89 38.65
N ARG D 5 8.59 -49.41 37.45
CA ARG D 5 8.62 -50.85 37.15
C ARG D 5 10.01 -51.31 36.68
N GLN D 6 10.54 -52.37 37.32
CA GLN D 6 11.84 -52.98 36.99
C GLN D 6 11.67 -54.47 36.75
N SER D 7 12.20 -54.96 35.61
CA SER D 7 12.10 -56.36 35.21
C SER D 7 13.47 -56.96 34.82
N PRO D 8 13.83 -58.16 35.32
CA PRO D 8 13.08 -59.03 36.24
C PRO D 8 13.36 -58.70 37.71
N GLN D 9 12.76 -59.47 38.65
CA GLN D 9 12.97 -59.27 40.09
C GLN D 9 14.36 -59.73 40.52
N SER D 10 14.87 -60.82 39.90
CA SER D 10 16.18 -61.41 40.15
C SER D 10 16.74 -61.96 38.84
N LEU D 11 18.08 -61.87 38.66
CA LEU D 11 18.74 -62.36 37.46
C LEU D 11 20.07 -63.04 37.78
N THR D 12 20.30 -64.23 37.20
CA THR D 12 21.53 -65.00 37.37
C THR D 12 22.20 -65.18 36.01
N VAL D 13 23.45 -64.69 35.89
CA VAL D 13 24.23 -64.77 34.66
C VAL D 13 25.63 -65.36 34.94
N TRP D 14 26.26 -65.95 33.91
CA TRP D 14 27.60 -66.52 34.02
C TRP D 14 28.67 -65.44 33.85
N GLU D 15 29.90 -65.69 34.34
CA GLU D 15 31.03 -64.78 34.25
C GLU D 15 31.43 -64.60 32.78
N GLY D 16 31.45 -63.35 32.33
CA GLY D 16 31.81 -62.96 30.97
C GLY D 16 30.63 -62.64 30.07
N GLU D 17 29.41 -63.07 30.48
CA GLU D 17 28.17 -62.83 29.72
C GLU D 17 27.67 -61.39 29.88
N THR D 18 26.67 -61.00 29.06
CA THR D 18 26.07 -59.67 29.12
C THR D 18 24.78 -59.72 29.95
N ALA D 19 24.69 -58.88 30.99
CA ALA D 19 23.53 -58.82 31.87
C ALA D 19 22.60 -57.67 31.44
N ILE D 20 21.37 -58.01 31.04
CA ILE D 20 20.36 -57.05 30.61
C ILE D 20 19.35 -56.80 31.74
N LEU D 21 19.32 -55.56 32.25
CA LEU D 21 18.43 -55.15 33.35
C LEU D 21 17.43 -54.12 32.83
N ASN D 22 16.21 -54.60 32.53
CA ASN D 22 15.14 -53.77 31.97
C ASN D 22 14.40 -52.94 33.03
N CYS D 23 13.83 -51.81 32.60
CA CYS D 23 13.08 -50.85 33.40
C CYS D 23 12.05 -50.11 32.55
N SER D 24 10.87 -49.82 33.12
CA SER D 24 9.80 -49.11 32.42
C SER D 24 9.07 -48.08 33.27
N TYR D 25 8.62 -46.99 32.64
CA TYR D 25 7.89 -45.89 33.28
C TYR D 25 6.61 -45.53 32.51
N GLU D 26 5.71 -44.75 33.13
CA GLU D 26 4.45 -44.34 32.50
C GLU D 26 4.35 -42.83 32.26
N ASP D 27 4.79 -42.01 33.24
CA ASP D 27 4.75 -40.55 33.16
C ASP D 27 5.77 -39.97 32.18
N SER D 28 5.28 -39.25 31.15
CA SER D 28 6.07 -38.59 30.11
C SER D 28 6.96 -37.46 30.65
N THR D 29 6.58 -36.90 31.81
CA THR D 29 7.25 -35.80 32.49
C THR D 29 8.68 -36.14 32.96
N PHE D 30 8.98 -37.44 33.20
CA PHE D 30 10.30 -37.92 33.64
C PHE D 30 11.38 -37.67 32.58
N ASN D 31 12.47 -36.99 32.97
CA ASN D 31 13.58 -36.63 32.09
C ASN D 31 14.93 -37.21 32.51
N TYR D 32 15.20 -37.31 33.83
CA TYR D 32 16.47 -37.82 34.37
C TYR D 32 16.31 -39.25 34.88
N PHE D 33 17.24 -40.15 34.49
CA PHE D 33 17.19 -41.56 34.87
C PHE D 33 18.52 -42.10 35.45
N PRO D 34 18.78 -41.90 36.76
CA PRO D 34 20.02 -42.45 37.35
C PRO D 34 19.86 -43.90 37.84
N TRP D 35 20.95 -44.68 37.72
CA TRP D 35 21.01 -46.07 38.17
C TRP D 35 21.90 -46.15 39.40
N TYR D 36 21.36 -46.71 40.49
CA TYR D 36 22.05 -46.87 41.77
C TYR D 36 22.36 -48.34 42.04
N GLN D 37 23.61 -48.61 42.44
CA GLN D 37 24.12 -49.95 42.75
C GLN D 37 24.27 -50.09 44.27
N GLN D 38 23.66 -51.15 44.85
CA GLN D 38 23.74 -51.38 46.29
C GLN D 38 24.31 -52.77 46.62
N PHE D 39 25.38 -52.78 47.41
CA PHE D 39 26.05 -54.00 47.88
C PHE D 39 25.57 -54.34 49.29
N PRO D 40 25.46 -55.63 49.70
CA PRO D 40 24.98 -55.94 51.06
C PRO D 40 25.84 -55.33 52.18
N GLY D 41 25.18 -54.62 53.09
CA GLY D 41 25.82 -53.93 54.21
C GLY D 41 26.13 -52.47 53.93
N GLU D 42 26.05 -52.08 52.64
CA GLU D 42 26.33 -50.74 52.12
C GLU D 42 25.06 -50.13 51.52
N GLY D 43 24.98 -48.79 51.52
CA GLY D 43 23.86 -48.05 50.94
C GLY D 43 24.01 -47.92 49.43
N PRO D 44 22.95 -47.51 48.69
CA PRO D 44 23.08 -47.40 47.22
C PRO D 44 24.01 -46.29 46.78
N ALA D 45 24.78 -46.54 45.70
CA ALA D 45 25.73 -45.57 45.15
C ALA D 45 25.49 -45.40 43.65
N LEU D 46 25.58 -44.14 43.17
CA LEU D 46 25.39 -43.79 41.76
C LEU D 46 26.40 -44.51 40.87
N LEU D 47 25.89 -45.19 39.84
CA LEU D 47 26.69 -45.95 38.89
C LEU D 47 26.77 -45.23 37.54
N ILE D 48 25.60 -44.98 36.90
CA ILE D 48 25.47 -44.33 35.60
C ILE D 48 24.08 -43.66 35.49
N SER D 49 24.01 -42.51 34.78
CA SER D 49 22.76 -41.76 34.58
C SER D 49 22.57 -41.35 33.12
N ILE D 50 21.30 -41.12 32.72
CA ILE D 50 20.92 -40.71 31.37
C ILE D 50 19.80 -39.66 31.39
N ARG D 51 19.80 -38.77 30.38
CA ARG D 51 18.78 -37.74 30.18
C ARG D 51 17.81 -38.18 29.08
N SER D 52 16.64 -37.52 28.99
CA SER D 52 15.61 -37.81 27.98
C SER D 52 16.06 -37.49 26.54
N VAL D 53 16.99 -36.53 26.38
CA VAL D 53 17.55 -36.12 25.10
C VAL D 53 18.50 -37.19 24.53
N SER D 54 19.31 -37.84 25.39
CA SER D 54 20.25 -38.89 25.01
C SER D 54 19.54 -40.23 24.79
N ASP D 55 20.25 -41.21 24.17
CA ASP D 55 19.69 -42.53 23.88
C ASP D 55 20.64 -43.70 24.21
N LYS D 56 21.91 -43.42 24.60
CA LYS D 56 22.89 -44.47 24.93
C LYS D 56 23.61 -44.24 26.27
N LYS D 57 24.66 -43.39 26.29
CA LYS D 57 25.52 -43.09 27.46
C LYS D 57 26.31 -44.35 27.91
N GLU D 58 27.61 -44.38 27.54
CA GLU D 58 28.53 -45.48 27.86
C GLU D 58 29.53 -45.08 28.94
N ASP D 59 29.85 -46.01 29.86
CA ASP D 59 30.83 -45.83 30.92
C ASP D 59 31.55 -47.16 31.17
N GLY D 60 32.49 -47.49 30.29
CA GLY D 60 33.25 -48.73 30.33
C GLY D 60 32.43 -49.93 29.94
N ARG D 61 32.12 -50.80 30.92
CA ARG D 61 31.32 -52.00 30.72
C ARG D 61 29.82 -51.75 30.89
N PHE D 62 29.46 -50.63 31.55
CA PHE D 62 28.08 -50.25 31.80
C PHE D 62 27.54 -49.30 30.73
N THR D 63 26.42 -49.68 30.09
CA THR D 63 25.76 -48.91 29.02
C THR D 63 24.25 -48.98 29.21
N ILE D 64 23.57 -47.82 29.12
CA ILE D 64 22.11 -47.74 29.21
C ILE D 64 21.54 -47.63 27.78
N PHE D 65 20.26 -47.98 27.60
CA PHE D 65 19.59 -47.89 26.30
C PHE D 65 18.20 -47.30 26.53
N PHE D 66 18.07 -45.99 26.26
CA PHE D 66 16.84 -45.23 26.45
C PHE D 66 15.99 -45.14 25.19
N ASN D 67 14.67 -45.35 25.35
CA ASN D 67 13.66 -45.26 24.30
C ASN D 67 12.49 -44.44 24.82
N LYS D 68 12.35 -43.20 24.34
CA LYS D 68 11.29 -42.27 24.75
C LYS D 68 9.91 -42.65 24.23
N ARG D 69 9.84 -43.23 23.02
CA ARG D 69 8.60 -43.66 22.35
C ARG D 69 7.88 -44.79 23.12
N GLU D 70 8.63 -45.85 23.47
CA GLU D 70 8.08 -47.01 24.20
C GLU D 70 8.19 -46.89 25.72
N LYS D 71 8.82 -45.79 26.20
CA LYS D 71 9.02 -45.45 27.63
C LYS D 71 9.75 -46.57 28.40
N LYS D 72 10.77 -47.15 27.76
CA LYS D 72 11.57 -48.24 28.31
C LYS D 72 13.07 -47.90 28.40
N LEU D 73 13.73 -48.48 29.39
CA LEU D 73 15.16 -48.33 29.67
C LEU D 73 15.76 -49.70 29.92
N SER D 74 17.03 -49.89 29.52
CA SER D 74 17.73 -51.16 29.77
C SER D 74 19.19 -50.93 30.10
N LEU D 75 19.68 -51.59 31.16
CA LEU D 75 21.07 -51.50 31.59
C LEU D 75 21.83 -52.75 31.17
N HIS D 76 22.83 -52.57 30.31
CA HIS D 76 23.69 -53.62 29.79
C HIS D 76 25.05 -53.61 30.47
N ILE D 77 25.50 -54.78 30.98
CA ILE D 77 26.81 -54.95 31.62
C ILE D 77 27.61 -55.86 30.68
N THR D 78 28.36 -55.22 29.75
CA THR D 78 29.15 -55.82 28.66
C THR D 78 29.91 -57.11 29.06
N ASP D 79 30.71 -57.05 30.14
CA ASP D 79 31.48 -58.21 30.61
C ASP D 79 31.26 -58.42 32.10
N SER D 80 30.32 -59.32 32.45
CA SER D 80 29.94 -59.62 33.82
C SER D 80 31.05 -60.29 34.62
N GLN D 81 31.26 -59.79 35.84
CA GLN D 81 32.25 -60.29 36.79
C GLN D 81 31.57 -60.50 38.15
N PRO D 82 32.03 -61.44 39.01
CA PRO D 82 31.36 -61.64 40.31
C PRO D 82 31.30 -60.39 41.22
N GLY D 83 32.16 -59.42 40.95
CA GLY D 83 32.21 -58.15 41.66
C GLY D 83 31.03 -57.24 41.37
N ASP D 84 30.28 -57.54 40.29
CA ASP D 84 29.09 -56.80 39.86
C ASP D 84 27.81 -57.33 40.53
N SER D 85 27.89 -58.47 41.24
CA SER D 85 26.77 -59.11 41.93
C SER D 85 26.23 -58.20 43.05
N ALA D 86 25.22 -57.38 42.70
CA ALA D 86 24.59 -56.40 43.60
C ALA D 86 23.14 -56.15 43.19
N THR D 87 22.39 -55.39 44.03
CA THR D 87 21.02 -55.01 43.74
C THR D 87 21.06 -53.66 43.02
N TYR D 88 20.49 -53.61 41.81
CA TYR D 88 20.46 -52.41 40.97
C TYR D 88 19.09 -51.75 40.99
N PHE D 89 19.06 -50.47 41.37
CA PHE D 89 17.83 -49.67 41.44
C PHE D 89 17.84 -48.60 40.36
N CYS D 90 16.74 -48.50 39.61
CA CYS D 90 16.61 -47.46 38.60
C CYS D 90 15.70 -46.36 39.13
N ALA D 91 16.20 -45.13 39.14
CA ALA D 91 15.47 -43.97 39.63
C ALA D 91 14.97 -43.09 38.48
N ALA D 92 14.00 -42.22 38.76
CA ALA D 92 13.42 -41.31 37.78
C ALA D 92 13.14 -39.94 38.39
N SER D 93 13.36 -38.87 37.61
CA SER D 93 13.15 -37.49 38.04
C SER D 93 12.50 -36.63 36.95
N GLU D 94 11.66 -35.68 37.39
CA GLU D 94 10.96 -34.72 36.53
C GLU D 94 11.42 -33.31 36.93
N THR D 95 11.20 -32.30 36.05
CA THR D 95 11.58 -30.90 36.29
C THR D 95 10.88 -30.32 37.53
N SER D 96 9.59 -30.65 37.72
CA SER D 96 8.77 -30.20 38.85
C SER D 96 8.95 -31.14 40.05
N GLY D 97 10.19 -31.28 40.50
CA GLY D 97 10.56 -32.16 41.62
C GLY D 97 11.82 -32.90 41.28
N SER D 98 12.87 -32.15 40.85
CA SER D 98 14.17 -32.69 40.47
C SER D 98 14.93 -33.27 41.66
N TRP D 99 14.66 -32.76 42.87
CA TRP D 99 15.27 -33.21 44.13
C TRP D 99 14.81 -34.62 44.50
N GLN D 100 13.56 -34.98 44.14
CA GLN D 100 12.95 -36.26 44.46
C GLN D 100 13.23 -37.33 43.42
N LEU D 101 13.71 -38.49 43.89
CA LEU D 101 14.00 -39.65 43.06
C LEU D 101 12.94 -40.72 43.31
N ILE D 102 12.30 -41.20 42.24
CA ILE D 102 11.30 -42.25 42.33
C ILE D 102 11.99 -43.55 41.93
N PHE D 103 12.35 -44.37 42.92
CA PHE D 103 13.06 -45.62 42.75
C PHE D 103 12.15 -46.78 42.36
N GLY D 104 12.73 -47.72 41.61
CA GLY D 104 12.08 -48.95 41.19
C GLY D 104 12.35 -50.04 42.20
N SER D 105 11.55 -51.13 42.18
CA SER D 105 11.66 -52.28 43.10
C SER D 105 13.08 -52.82 43.29
N GLY D 106 13.87 -52.84 42.21
CA GLY D 106 15.25 -53.28 42.23
C GLY D 106 15.46 -54.68 41.68
N THR D 107 16.52 -54.86 40.88
CA THR D 107 16.89 -56.14 40.29
C THR D 107 18.15 -56.67 41.00
N THR D 108 18.06 -57.89 41.57
CA THR D 108 19.17 -58.52 42.27
C THR D 108 19.97 -59.37 41.26
N VAL D 109 21.19 -58.93 40.91
CA VAL D 109 21.99 -59.70 39.97
C VAL D 109 22.98 -60.60 40.73
N SER D 110 23.20 -61.81 40.20
CA SER D 110 24.12 -62.79 40.77
C SER D 110 24.97 -63.37 39.65
N VAL D 111 26.22 -62.89 39.54
CA VAL D 111 27.16 -63.34 38.53
C VAL D 111 27.90 -64.59 39.02
N SER D 112 27.60 -65.75 38.39
CA SER D 112 28.20 -67.05 38.71
C SER D 112 29.66 -67.06 38.20
N PRO D 113 30.66 -67.40 39.05
CA PRO D 113 32.05 -67.37 38.59
C PRO D 113 32.43 -68.52 37.66
N ASN D 114 33.41 -68.26 36.77
CA ASN D 114 33.93 -69.24 35.85
C ASN D 114 35.08 -69.97 36.53
N ILE D 115 34.85 -71.22 36.94
CA ILE D 115 35.85 -72.06 37.60
C ILE D 115 36.60 -72.82 36.51
N GLN D 116 37.88 -72.47 36.29
CA GLN D 116 38.74 -73.07 35.26
C GLN D 116 39.05 -74.53 35.53
N ASN D 117 39.53 -74.83 36.76
CA ASN D 117 39.87 -76.20 37.17
C ASN D 117 39.13 -76.60 38.46
N PRO D 118 37.91 -77.19 38.36
CA PRO D 118 37.18 -77.56 39.59
C PRO D 118 37.57 -78.90 40.19
N ASP D 119 37.83 -78.91 41.52
CA ASP D 119 38.17 -80.11 42.29
C ASP D 119 37.14 -80.32 43.42
N PRO D 120 35.94 -80.89 43.12
CA PRO D 120 34.94 -81.08 44.18
C PRO D 120 35.37 -82.07 45.24
N ALA D 121 35.50 -81.57 46.49
CA ALA D 121 35.94 -82.35 47.64
C ALA D 121 35.29 -81.89 48.94
N VAL D 122 35.05 -82.85 49.85
CA VAL D 122 34.47 -82.60 51.18
C VAL D 122 35.58 -82.85 52.20
N TYR D 123 36.05 -81.78 52.86
CA TYR D 123 37.12 -81.86 53.84
C TYR D 123 36.62 -81.76 55.27
N GLN D 124 37.14 -82.62 56.16
CA GLN D 124 36.80 -82.63 57.58
C GLN D 124 37.72 -81.64 58.30
N LEU D 125 37.21 -80.42 58.52
CA LEU D 125 37.95 -79.35 59.20
C LEU D 125 38.10 -79.68 60.68
N ARG D 126 39.19 -80.38 61.00
CA ARG D 126 39.51 -80.86 62.33
C ARG D 126 40.77 -80.19 62.93
N ASP D 127 40.86 -79.98 64.27
CA ASP D 127 39.86 -80.29 65.32
C ASP D 127 40.03 -79.34 66.49
N SER D 128 38.93 -78.69 66.90
CA SER D 128 38.93 -77.78 68.04
C SER D 128 38.34 -78.48 69.25
N LYS D 129 39.10 -78.50 70.36
CA LYS D 129 38.64 -79.14 71.60
C LYS D 129 37.82 -78.17 72.47
N SER D 130 37.72 -76.89 72.04
CA SER D 130 36.96 -75.84 72.70
C SER D 130 35.46 -75.94 72.39
N SER D 131 35.09 -76.65 71.31
CA SER D 131 33.69 -76.83 70.88
C SER D 131 33.32 -78.29 70.64
N ASP D 132 32.01 -78.60 70.73
CA ASP D 132 31.43 -79.94 70.54
C ASP D 132 31.08 -80.21 69.08
N LYS D 133 31.02 -79.15 68.25
CA LYS D 133 30.67 -79.20 66.83
C LYS D 133 31.77 -79.82 65.96
N SER D 134 31.38 -80.39 64.80
CA SER D 134 32.26 -81.01 63.82
C SER D 134 32.03 -80.30 62.47
N VAL D 135 33.04 -79.57 61.94
CA VAL D 135 32.85 -78.78 60.71
C VAL D 135 33.37 -79.50 59.44
N CYS D 136 32.44 -79.74 58.50
CA CYS D 136 32.67 -80.32 57.18
C CYS D 136 32.62 -79.20 56.14
N LEU D 137 33.59 -79.17 55.22
CA LEU D 137 33.65 -78.14 54.18
C LEU D 137 33.68 -78.69 52.73
N PHE D 138 32.67 -78.31 51.94
CA PHE D 138 32.53 -78.67 50.51
C PHE D 138 33.02 -77.48 49.71
N THR D 139 34.17 -77.63 49.01
CA THR D 139 34.76 -76.52 48.24
C THR D 139 35.29 -76.95 46.84
N ASP D 140 35.72 -75.95 46.03
CA ASP D 140 36.28 -76.05 44.68
C ASP D 140 35.33 -76.75 43.67
N PHE D 141 34.01 -76.57 43.87
CA PHE D 141 32.98 -77.12 43.00
C PHE D 141 32.46 -76.06 42.02
N ASP D 142 31.98 -76.49 40.85
CA ASP D 142 31.47 -75.59 39.82
C ASP D 142 30.17 -74.89 40.26
N SER D 143 29.92 -73.69 39.70
CA SER D 143 28.75 -72.84 39.96
C SER D 143 27.42 -73.52 39.60
N GLN D 144 27.47 -74.55 38.71
CA GLN D 144 26.32 -75.34 38.26
C GLN D 144 25.72 -76.15 39.42
N THR D 145 26.57 -76.64 40.35
CA THR D 145 26.19 -77.43 41.51
C THR D 145 25.32 -76.62 42.48
N ASN D 146 24.10 -77.12 42.75
CA ASN D 146 23.14 -76.50 43.66
C ASN D 146 23.19 -77.17 45.02
N VAL D 147 23.31 -76.36 46.10
CA VAL D 147 23.39 -76.85 47.48
C VAL D 147 22.00 -76.84 48.13
N SER D 148 21.54 -78.01 48.59
CA SER D 148 20.25 -78.20 49.25
C SER D 148 20.38 -78.08 50.77
N GLN D 149 19.26 -77.81 51.46
CA GLN D 149 19.19 -77.64 52.92
C GLN D 149 19.32 -78.94 53.73
N SER D 150 19.38 -80.12 53.05
CA SER D 150 19.51 -81.48 53.62
C SER D 150 18.28 -81.94 54.43
N LYS D 151 17.53 -80.99 55.04
CA LYS D 151 16.32 -81.19 55.84
C LYS D 151 16.55 -82.11 57.06
N ASP D 152 17.30 -81.59 58.05
CA ASP D 152 17.62 -82.30 59.30
C ASP D 152 17.64 -81.33 60.47
N SER D 153 17.05 -81.74 61.61
CA SER D 153 17.01 -80.95 62.84
C SER D 153 18.37 -80.94 63.55
N ASP D 154 19.14 -82.04 63.38
CA ASP D 154 20.46 -82.23 63.99
C ASP D 154 21.58 -81.49 63.26
N VAL D 155 21.62 -81.57 61.91
CA VAL D 155 22.69 -80.93 61.13
C VAL D 155 22.21 -79.65 60.42
N TYR D 156 23.06 -78.62 60.43
CA TYR D 156 22.86 -77.31 59.81
C TYR D 156 23.80 -77.21 58.62
N ILE D 157 23.28 -76.75 57.47
CA ILE D 157 24.10 -76.60 56.26
C ILE D 157 23.87 -75.20 55.65
N THR D 158 24.98 -74.48 55.39
CA THR D 158 24.94 -73.13 54.84
C THR D 158 24.89 -73.13 53.31
N ASP D 159 24.28 -72.08 52.72
CA ASP D 159 24.19 -71.95 51.26
C ASP D 159 25.56 -71.58 50.67
N LYS D 160 25.75 -71.85 49.37
CA LYS D 160 27.01 -71.58 48.66
C LYS D 160 27.38 -70.09 48.61
N CYS D 161 28.60 -69.77 49.06
CA CYS D 161 29.19 -68.44 49.08
C CYS D 161 30.37 -68.42 48.10
N VAL D 162 30.46 -67.33 47.32
CA VAL D 162 31.48 -67.10 46.30
C VAL D 162 32.73 -66.41 46.85
N LEU D 163 33.89 -66.76 46.28
CA LEU D 163 35.18 -66.18 46.65
C LEU D 163 35.75 -65.41 45.47
N ASP D 164 35.38 -64.11 45.35
CA ASP D 164 35.82 -63.22 44.28
C ASP D 164 37.32 -62.90 44.41
N MET D 165 38.15 -63.76 43.79
CA MET D 165 39.61 -63.66 43.81
C MET D 165 40.19 -63.63 42.40
N ARG D 166 41.29 -62.91 42.20
CA ARG D 166 41.97 -62.85 40.90
C ARG D 166 42.91 -64.05 40.73
N SER D 167 43.65 -64.39 41.81
CA SER D 167 44.61 -65.49 41.86
C SER D 167 43.95 -66.88 41.80
N MET D 168 44.69 -67.86 41.25
CA MET D 168 44.26 -69.26 41.09
C MET D 168 45.05 -70.17 42.08
N ASP D 169 44.40 -71.17 42.71
CA ASP D 169 42.98 -71.53 42.58
C ASP D 169 42.12 -71.02 43.75
N PHE D 170 42.38 -69.76 44.19
CA PHE D 170 41.68 -69.09 45.28
C PHE D 170 40.20 -68.85 44.97
N LYS D 171 39.87 -68.50 43.72
CA LYS D 171 38.49 -68.26 43.29
C LYS D 171 37.73 -69.59 43.21
N SER D 172 36.74 -69.76 44.09
CA SER D 172 35.91 -70.98 44.20
C SER D 172 34.60 -70.74 44.96
N ASN D 173 33.77 -71.79 45.05
CA ASN D 173 32.50 -71.81 45.76
C ASN D 173 32.65 -72.73 46.98
N SER D 174 32.10 -72.33 48.14
CA SER D 174 32.19 -73.11 49.38
C SER D 174 30.88 -73.21 50.16
N ALA D 175 30.71 -74.33 50.89
CA ALA D 175 29.56 -74.66 51.74
C ALA D 175 30.02 -75.33 53.03
N VAL D 176 29.49 -74.87 54.17
CA VAL D 176 29.84 -75.36 55.51
C VAL D 176 28.72 -76.22 56.11
N ALA D 177 29.10 -77.36 56.70
CA ALA D 177 28.19 -78.31 57.35
C ALA D 177 28.63 -78.66 58.76
N TRP D 178 27.68 -78.67 59.72
CA TRP D 178 27.86 -79.02 61.14
C TRP D 178 26.45 -79.33 61.73
N SER D 179 26.19 -80.50 62.40
CA SER D 179 26.97 -81.66 62.86
C SER D 179 27.53 -81.41 64.26
N ASN D 180 26.71 -81.79 65.27
CA ASN D 180 26.96 -81.65 66.71
C ASN D 180 26.95 -83.03 67.39
N LYS D 181 26.10 -83.96 66.88
CA LYS D 181 25.96 -85.31 67.40
C LYS D 181 27.12 -86.21 66.96
N CYS D 186 27.55 -88.19 60.42
CA CYS D 186 28.42 -87.20 61.05
C CYS D 186 29.38 -86.54 60.06
N ALA D 187 29.91 -87.33 59.10
CA ALA D 187 30.86 -86.86 58.09
C ALA D 187 30.28 -86.82 56.66
N ASN D 188 29.11 -87.47 56.45
CA ASN D 188 28.42 -87.53 55.15
C ASN D 188 27.89 -86.16 54.72
N ALA D 189 26.95 -85.57 55.51
CA ALA D 189 26.30 -84.27 55.36
C ALA D 189 25.46 -84.09 54.07
N PHE D 190 26.05 -84.31 52.88
CA PHE D 190 25.36 -84.13 51.59
C PHE D 190 25.53 -85.33 50.64
N ASN D 191 24.57 -86.30 50.52
CA ASN D 191 23.27 -86.52 51.20
C ASN D 191 22.22 -85.43 50.95
N ASN D 192 21.12 -85.79 50.25
CA ASN D 192 19.97 -84.95 49.87
C ASN D 192 20.31 -83.87 48.82
N SER D 193 21.55 -83.34 48.84
CA SER D 193 22.02 -82.33 47.89
C SER D 193 22.60 -83.01 46.65
N ILE D 194 22.44 -82.38 45.47
CA ILE D 194 22.95 -82.89 44.19
C ILE D 194 24.49 -82.75 44.14
N ILE D 195 25.17 -83.75 44.74
CA ILE D 195 26.63 -83.83 44.85
C ILE D 195 27.25 -84.59 43.65
N PRO D 196 28.31 -84.07 42.98
CA PRO D 196 28.90 -84.81 41.85
C PRO D 196 29.64 -86.06 42.32
N GLU D 197 29.13 -87.24 41.91
CA GLU D 197 29.69 -88.56 42.25
C GLU D 197 31.11 -88.72 41.72
N ASP D 198 31.34 -88.33 40.45
CA ASP D 198 32.64 -88.37 39.79
C ASP D 198 33.52 -87.21 40.29
N THR D 199 34.86 -87.35 40.16
CA THR D 199 35.93 -86.42 40.58
C THR D 199 35.70 -85.89 42.03
N PHE D 200 35.16 -86.78 42.91
CA PHE D 200 34.88 -86.51 44.31
C PHE D 200 35.99 -87.05 45.21
N PHE D 201 36.41 -86.25 46.20
CA PHE D 201 37.44 -86.61 47.17
C PHE D 201 36.87 -86.54 48.60
N PRO D 202 37.06 -87.56 49.47
CA PRO D 202 37.83 -88.80 49.26
C PRO D 202 37.01 -89.90 48.58
N THR E 3 30.58 -39.72 51.47
CA THR E 3 31.14 -39.92 52.80
C THR E 3 30.08 -39.64 53.88
N VAL E 4 28.94 -40.35 53.82
CA VAL E 4 27.85 -40.16 54.78
C VAL E 4 27.95 -41.21 55.89
N LYS E 5 28.05 -40.75 57.15
CA LYS E 5 28.18 -41.63 58.32
C LYS E 5 26.85 -41.84 59.03
N GLN E 6 26.55 -43.10 59.36
CA GLN E 6 25.33 -43.52 60.06
C GLN E 6 25.68 -44.51 61.16
N ASN E 7 25.42 -44.13 62.42
CA ASN E 7 25.68 -44.98 63.58
C ASN E 7 24.48 -45.06 64.52
N PRO E 8 24.09 -46.26 65.01
CA PRO E 8 24.68 -47.58 64.75
C PRO E 8 24.18 -48.24 63.47
N ARG E 9 24.85 -49.32 63.05
CA ARG E 9 24.50 -50.09 61.86
C ARG E 9 23.20 -50.87 62.07
N TYR E 10 22.97 -51.32 63.32
CA TYR E 10 21.78 -52.06 63.72
C TYR E 10 21.23 -51.44 65.01
N LYS E 11 19.90 -51.44 65.15
CA LYS E 11 19.24 -50.89 66.33
C LYS E 11 18.01 -51.69 66.71
N LEU E 12 17.81 -51.90 68.00
CA LEU E 12 16.69 -52.65 68.55
C LEU E 12 15.97 -51.81 69.59
N ALA E 13 14.64 -51.79 69.53
CA ALA E 13 13.79 -51.01 70.42
C ALA E 13 12.54 -51.76 70.86
N ARG E 14 11.98 -51.34 72.01
CA ARG E 14 10.75 -51.90 72.60
C ARG E 14 9.56 -51.05 72.12
N VAL E 15 8.37 -51.68 72.03
CA VAL E 15 7.12 -51.01 71.60
C VAL E 15 6.71 -49.92 72.60
N GLY E 16 6.60 -48.69 72.10
CA GLY E 16 6.22 -47.53 72.91
C GLY E 16 7.37 -46.67 73.37
N LYS E 17 8.62 -47.08 73.03
CA LYS E 17 9.85 -46.36 73.41
C LYS E 17 10.34 -45.41 72.30
N PRO E 18 10.91 -44.24 72.64
CA PRO E 18 11.40 -43.32 71.59
C PRO E 18 12.69 -43.79 70.92
N VAL E 19 12.77 -43.62 69.59
CA VAL E 19 13.93 -44.01 68.77
C VAL E 19 14.48 -42.76 68.07
N ASN E 20 15.80 -42.55 68.15
CA ASN E 20 16.47 -41.41 67.51
C ASN E 20 17.68 -41.89 66.69
N LEU E 21 17.65 -41.64 65.37
CA LEU E 21 18.72 -42.03 64.44
C LEU E 21 19.48 -40.80 63.98
N ILE E 22 20.82 -40.82 64.08
CA ILE E 22 21.71 -39.71 63.71
C ILE E 22 22.38 -39.95 62.32
N CYS E 23 22.70 -38.84 61.61
CA CYS E 23 23.32 -38.85 60.27
C CYS E 23 24.38 -37.73 60.15
N SER E 24 25.62 -38.07 59.74
CA SER E 24 26.75 -37.12 59.61
C SER E 24 27.04 -36.69 58.15
N GLN E 25 27.62 -35.47 57.97
CA GLN E 25 27.90 -34.86 56.67
C GLN E 25 29.39 -34.74 56.28
N THR E 26 30.06 -33.62 56.69
CA THR E 26 31.45 -33.17 56.42
C THR E 26 31.62 -32.58 54.99
N MET E 27 30.73 -32.90 54.03
CA MET E 27 30.78 -32.40 52.65
C MET E 27 30.17 -30.99 52.47
N ASN E 28 29.55 -30.44 53.55
CA ASN E 28 28.89 -29.13 53.61
C ASN E 28 27.72 -29.03 52.60
N HIS E 29 26.97 -30.13 52.43
CA HIS E 29 25.84 -30.24 51.51
C HIS E 29 24.59 -29.55 52.05
N ASP E 30 23.81 -28.94 51.15
CA ASP E 30 22.58 -28.22 51.49
C ASP E 30 21.40 -29.15 51.78
N THR E 31 21.30 -30.29 51.05
CA THR E 31 20.18 -31.22 51.20
C THR E 31 20.57 -32.53 51.87
N MET E 32 19.76 -32.96 52.86
CA MET E 32 19.92 -34.22 53.59
C MET E 32 18.57 -34.96 53.61
N TYR E 33 18.53 -36.14 52.99
CA TYR E 33 17.33 -36.98 52.84
C TYR E 33 17.29 -38.13 53.85
N TRP E 34 16.07 -38.60 54.15
CA TRP E 34 15.80 -39.75 55.01
C TRP E 34 14.84 -40.70 54.28
N TYR E 35 15.28 -41.96 54.11
CA TYR E 35 14.53 -43.01 53.42
C TYR E 35 14.22 -44.20 54.34
N GLN E 36 13.17 -44.96 53.99
CA GLN E 36 12.77 -46.20 54.67
C GLN E 36 12.90 -47.32 53.64
N LYS E 37 13.66 -48.37 53.98
CA LYS E 37 13.92 -49.50 53.12
C LYS E 37 13.45 -50.80 53.78
N LYS E 38 12.43 -51.43 53.18
CA LYS E 38 11.86 -52.70 53.61
C LYS E 38 12.33 -53.80 52.65
N PRO E 39 12.51 -55.08 53.09
CA PRO E 39 12.99 -56.13 52.16
C PRO E 39 12.14 -56.31 50.91
N ASN E 40 12.81 -56.46 49.75
CA ASN E 40 12.27 -56.63 48.39
C ASN E 40 11.40 -55.43 47.95
N GLN E 41 11.65 -54.25 48.54
CA GLN E 41 10.94 -53.00 48.26
C GLN E 41 11.93 -51.87 48.01
N ALA E 42 11.52 -50.89 47.19
CA ALA E 42 12.32 -49.71 46.84
C ALA E 42 12.43 -48.76 48.03
N PRO E 43 13.55 -47.98 48.17
CA PRO E 43 13.64 -47.03 49.29
C PRO E 43 12.58 -45.94 49.15
N LYS E 44 11.73 -45.80 50.19
CA LYS E 44 10.65 -44.82 50.21
C LYS E 44 11.12 -43.55 50.90
N LEU E 45 10.96 -42.40 50.22
CA LEU E 45 11.34 -41.10 50.78
C LEU E 45 10.38 -40.71 51.89
N LEU E 46 10.94 -40.49 53.08
CA LEU E 46 10.21 -40.12 54.28
C LEU E 46 10.14 -38.60 54.41
N LEU E 47 11.32 -37.96 54.47
CA LEU E 47 11.47 -36.51 54.61
C LEU E 47 12.87 -36.06 54.20
N PHE E 48 13.04 -34.75 53.96
CA PHE E 48 14.33 -34.16 53.65
C PHE E 48 14.48 -32.76 54.26
N TYR E 49 15.72 -32.30 54.38
CA TYR E 49 16.04 -30.99 54.94
C TYR E 49 16.90 -30.19 53.97
N TYR E 50 16.36 -29.08 53.43
CA TYR E 50 17.16 -28.19 52.60
C TYR E 50 17.53 -27.03 53.53
N ASP E 51 18.83 -26.94 53.89
CA ASP E 51 19.38 -25.93 54.81
C ASP E 51 18.64 -26.02 56.16
N LYS E 52 17.68 -25.12 56.43
CA LYS E 52 16.90 -25.11 57.67
C LYS E 52 15.43 -25.50 57.40
N ILE E 53 15.04 -25.60 56.12
CA ILE E 53 13.69 -25.93 55.67
C ILE E 53 13.46 -27.45 55.70
N LEU E 54 12.38 -27.87 56.40
CA LEU E 54 11.97 -29.27 56.53
C LEU E 54 10.78 -29.57 55.61
N ASN E 55 10.83 -30.71 54.91
CA ASN E 55 9.74 -31.18 54.07
C ASN E 55 9.46 -32.63 54.40
N ARG E 56 8.23 -32.91 54.86
CA ARG E 56 7.79 -34.26 55.19
C ARG E 56 6.70 -34.68 54.19
N GLU E 57 6.80 -35.92 53.69
CA GLU E 57 5.85 -36.47 52.73
C GLU E 57 4.49 -36.71 53.37
N ALA E 58 3.39 -36.34 52.66
CA ALA E 58 1.99 -36.43 53.10
C ALA E 58 1.57 -37.79 53.66
N ASP E 59 2.04 -38.90 53.04
CA ASP E 59 1.73 -40.27 53.47
C ASP E 59 2.53 -40.68 54.71
N THR E 60 3.76 -40.13 54.82
CA THR E 60 4.74 -40.40 55.88
C THR E 60 4.44 -39.63 57.17
N PHE E 61 4.14 -38.32 57.06
CA PHE E 61 3.87 -37.43 58.19
C PHE E 61 2.79 -38.02 59.11
N GLU E 62 3.04 -37.86 60.42
CA GLU E 62 2.37 -38.36 61.63
C GLU E 62 3.18 -39.47 62.28
N LYS E 63 4.02 -40.17 61.48
CA LYS E 63 4.86 -41.27 61.93
C LYS E 63 6.32 -40.89 62.19
N PHE E 64 6.83 -39.85 61.48
CA PHE E 64 8.22 -39.43 61.61
C PHE E 64 8.43 -37.94 61.84
N GLN E 65 9.40 -37.62 62.71
CA GLN E 65 9.82 -36.27 63.06
C GLN E 65 11.30 -36.11 62.72
N SER E 66 11.75 -34.87 62.46
CA SER E 66 13.14 -34.61 62.10
C SER E 66 13.69 -33.31 62.66
N SER E 67 15.01 -33.28 62.90
CA SER E 67 15.74 -32.12 63.41
C SER E 67 17.09 -31.97 62.73
N ARG E 68 17.47 -30.72 62.45
CA ARG E 68 18.76 -30.38 61.83
C ARG E 68 19.36 -29.16 62.59
N PRO E 69 20.18 -29.41 63.64
CA PRO E 69 20.74 -28.28 64.41
C PRO E 69 21.79 -27.48 63.63
N ASN E 70 22.56 -28.17 62.78
CA ASN E 70 23.60 -27.60 61.92
C ASN E 70 23.66 -28.38 60.59
N ASN E 71 24.46 -27.89 59.62
CA ASN E 71 24.60 -28.52 58.29
C ASN E 71 25.21 -29.93 58.33
N SER E 72 26.04 -30.23 59.34
CA SER E 72 26.71 -31.53 59.47
C SER E 72 25.82 -32.66 60.01
N PHE E 73 24.91 -32.37 60.94
CA PHE E 73 24.06 -33.40 61.55
C PHE E 73 22.58 -33.29 61.24
N CYS E 74 21.92 -34.44 61.05
CA CYS E 74 20.49 -34.57 60.78
C CYS E 74 19.93 -35.78 61.51
N SER E 75 18.83 -35.60 62.25
CA SER E 75 18.22 -36.69 63.03
C SER E 75 16.82 -37.08 62.59
N LEU E 76 16.48 -38.37 62.76
CA LEU E 76 15.16 -38.95 62.47
C LEU E 76 14.60 -39.49 63.78
N TYR E 77 13.49 -38.89 64.26
CA TYR E 77 12.86 -39.24 65.53
C TYR E 77 11.55 -40.00 65.36
N ILE E 78 11.42 -41.10 66.11
CA ILE E 78 10.25 -41.99 66.13
C ILE E 78 9.69 -41.99 67.56
N GLY E 79 8.43 -41.57 67.69
CA GLY E 79 7.72 -41.52 68.96
C GLY E 79 6.23 -41.71 68.78
N SER E 80 5.67 -42.88 69.16
CA SER E 80 6.37 -44.02 69.77
C SER E 80 6.56 -45.16 68.77
N ALA E 81 7.57 -46.03 69.03
CA ALA E 81 7.88 -47.18 68.16
C ALA E 81 6.84 -48.30 68.24
N GLY E 82 6.55 -48.96 67.13
CA GLY E 82 5.55 -50.03 67.15
C GLY E 82 5.34 -50.89 65.92
N LEU E 83 6.06 -52.03 65.85
CA LEU E 83 6.03 -53.10 64.83
C LEU E 83 6.25 -52.64 63.37
N GLU E 84 5.36 -51.77 62.84
CA GLU E 84 5.39 -51.23 61.47
C GLU E 84 6.70 -50.51 61.12
N TYR E 85 7.39 -49.95 62.13
CA TYR E 85 8.65 -49.22 61.96
C TYR E 85 9.86 -50.11 61.67
N SER E 86 9.75 -51.43 61.92
CA SER E 86 10.84 -52.40 61.70
C SER E 86 11.28 -52.46 60.23
N ALA E 87 12.36 -51.71 59.90
CA ALA E 87 12.95 -51.58 58.56
C ALA E 87 14.33 -50.92 58.64
N MET E 88 15.08 -50.91 57.52
CA MET E 88 16.37 -50.25 57.42
C MET E 88 16.12 -48.78 57.05
N TYR E 89 16.78 -47.86 57.76
CA TYR E 89 16.63 -46.44 57.50
C TYR E 89 17.89 -45.85 56.91
N LEU E 90 17.82 -45.47 55.63
CA LEU E 90 18.93 -44.91 54.88
C LEU E 90 18.91 -43.40 54.87
N CYS E 91 20.08 -42.78 55.07
CA CYS E 91 20.25 -41.34 55.05
C CYS E 91 21.04 -40.98 53.80
N ALA E 92 20.57 -39.96 53.07
CA ALA E 92 21.21 -39.48 51.85
C ALA E 92 21.61 -38.01 51.95
N SER E 93 22.57 -37.59 51.12
CA SER E 93 23.07 -36.22 51.09
C SER E 93 23.28 -35.74 49.67
N SER E 94 22.97 -34.47 49.40
CA SER E 94 23.11 -33.86 48.08
C SER E 94 23.52 -32.39 48.19
N ARG E 95 24.43 -31.95 47.30
CA ARG E 95 24.93 -30.57 47.28
C ARG E 95 23.87 -29.52 46.89
N ASP E 96 22.81 -29.95 46.18
CA ASP E 96 21.71 -29.08 45.75
C ASP E 96 20.34 -29.72 45.99
N LEU E 97 19.28 -29.02 45.57
CA LEU E 97 17.90 -29.49 45.61
C LEU E 97 17.48 -29.71 44.16
N GLY E 98 18.07 -30.74 43.53
CA GLY E 98 17.83 -31.06 42.14
C GLY E 98 18.37 -32.39 41.66
N ARG E 99 18.74 -32.44 40.37
CA ARG E 99 19.25 -33.60 39.64
C ARG E 99 20.59 -34.15 40.13
N ASP E 100 21.43 -33.32 40.77
CA ASP E 100 22.76 -33.73 41.26
C ASP E 100 22.72 -34.90 42.24
N THR E 101 23.74 -35.76 42.14
CA THR E 101 24.01 -37.00 42.89
C THR E 101 23.58 -36.99 44.36
N GLN E 102 23.03 -38.13 44.80
CA GLN E 102 22.63 -38.39 46.18
C GLN E 102 23.58 -39.43 46.76
N TYR E 103 24.33 -39.04 47.81
CA TYR E 103 25.31 -39.89 48.48
C TYR E 103 24.64 -40.52 49.70
N PHE E 104 24.53 -41.86 49.70
CA PHE E 104 23.87 -42.61 50.77
C PHE E 104 24.83 -43.13 51.83
N GLY E 105 24.34 -43.18 53.06
CA GLY E 105 25.08 -43.72 54.20
C GLY E 105 24.93 -45.23 54.26
N PRO E 106 25.61 -45.92 55.21
CA PRO E 106 25.48 -47.39 55.27
C PRO E 106 24.10 -47.90 55.67
N GLY E 107 23.35 -47.07 56.42
CA GLY E 107 22.01 -47.39 56.87
C GLY E 107 21.94 -47.95 58.27
N THR E 108 20.78 -47.77 58.92
CA THR E 108 20.51 -48.25 60.26
C THR E 108 19.34 -49.24 60.20
N ARG E 109 19.64 -50.54 60.39
CA ARG E 109 18.62 -51.59 60.38
C ARG E 109 17.95 -51.63 61.75
N LEU E 110 16.70 -51.14 61.82
CA LEU E 110 15.91 -51.08 63.05
C LEU E 110 14.88 -52.20 63.14
N THR E 111 14.86 -52.90 64.28
CA THR E 111 13.88 -53.95 64.57
C THR E 111 13.19 -53.62 65.89
N VAL E 112 11.87 -53.51 65.84
CA VAL E 112 11.06 -53.18 67.01
C VAL E 112 10.26 -54.41 67.45
N LEU E 113 10.50 -54.85 68.70
CA LEU E 113 9.86 -56.03 69.29
C LEU E 113 9.05 -55.72 70.54
N GLU E 114 8.15 -56.66 70.92
CA GLU E 114 7.29 -56.57 72.10
C GLU E 114 8.14 -56.61 73.38
N ASP E 115 8.93 -57.69 73.54
CA ASP E 115 9.81 -57.91 74.69
C ASP E 115 11.28 -58.11 74.25
N LEU E 116 12.22 -57.99 75.20
CA LEU E 116 13.66 -58.13 74.96
C LEU E 116 14.26 -59.36 75.66
N LYS E 117 13.41 -60.28 76.14
CA LYS E 117 13.78 -61.51 76.85
C LYS E 117 14.58 -62.51 75.99
N ASN E 118 14.17 -62.69 74.73
CA ASN E 118 14.77 -63.63 73.77
C ASN E 118 16.11 -63.19 73.19
N VAL E 119 16.58 -61.97 73.54
CA VAL E 119 17.85 -61.39 73.07
C VAL E 119 19.04 -62.12 73.73
N PHE E 120 19.94 -62.67 72.90
CA PHE E 120 21.12 -63.42 73.36
C PHE E 120 22.40 -63.05 72.58
N PRO E 121 23.57 -62.94 73.27
CA PRO E 121 24.81 -62.63 72.53
C PRO E 121 25.36 -63.86 71.78
N PRO E 122 26.23 -63.71 70.75
CA PRO E 122 26.73 -64.89 70.04
C PRO E 122 27.89 -65.61 70.72
N GLU E 123 28.07 -66.89 70.37
CA GLU E 123 29.15 -67.75 70.82
C GLU E 123 30.04 -67.96 69.59
N VAL E 124 31.24 -67.35 69.60
CA VAL E 124 32.19 -67.40 68.48
C VAL E 124 33.23 -68.50 68.68
N ALA E 125 33.41 -69.35 67.65
CA ALA E 125 34.37 -70.46 67.63
C ALA E 125 35.10 -70.58 66.29
N VAL E 126 36.43 -70.76 66.34
CA VAL E 126 37.29 -70.93 65.16
C VAL E 126 37.58 -72.40 64.94
N PHE E 127 37.61 -72.82 63.66
CA PHE E 127 37.89 -74.19 63.25
C PHE E 127 39.08 -74.19 62.31
N GLU E 128 40.17 -74.87 62.73
CA GLU E 128 41.44 -74.97 62.01
C GLU E 128 41.29 -75.75 60.70
N PRO E 129 41.99 -75.35 59.60
CA PRO E 129 41.84 -76.07 58.31
C PRO E 129 42.23 -77.55 58.33
N SER E 130 41.62 -78.32 57.42
CA SER E 130 41.84 -79.76 57.23
C SER E 130 43.22 -80.02 56.65
N GLU E 131 43.91 -81.08 57.13
CA GLU E 131 45.23 -81.51 56.67
C GLU E 131 45.15 -82.01 55.21
N ALA E 132 44.04 -82.68 54.86
CA ALA E 132 43.77 -83.22 53.52
C ALA E 132 43.60 -82.09 52.51
N GLU E 133 43.04 -80.93 52.95
CA GLU E 133 42.83 -79.74 52.14
C GLU E 133 44.17 -79.12 51.75
N ILE E 134 45.12 -79.05 52.71
CA ILE E 134 46.47 -78.52 52.55
C ILE E 134 47.30 -79.44 51.63
N SER E 135 47.08 -80.76 51.72
CA SER E 135 47.77 -81.78 50.92
C SER E 135 47.31 -81.79 49.45
N HIS E 136 45.98 -81.76 49.22
CA HIS E 136 45.37 -81.79 47.88
C HIS E 136 45.62 -80.50 47.09
N THR E 137 45.44 -79.33 47.74
CA THR E 137 45.66 -78.00 47.16
C THR E 137 46.53 -77.19 48.13
N GLN E 138 47.43 -76.33 47.60
CA GLN E 138 48.33 -75.50 48.43
C GLN E 138 47.60 -74.34 49.14
N LYS E 139 46.32 -74.56 49.52
CA LYS E 139 45.46 -73.58 50.19
C LYS E 139 44.84 -74.16 51.47
N ALA E 140 44.64 -73.29 52.47
CA ALA E 140 44.04 -73.64 53.76
C ALA E 140 42.84 -72.72 54.05
N THR E 141 41.71 -73.31 54.44
CA THR E 141 40.48 -72.57 54.74
C THR E 141 40.11 -72.65 56.22
N LEU E 142 40.11 -71.49 56.88
CA LEU E 142 39.73 -71.35 58.29
C LEU E 142 38.22 -71.08 58.34
N VAL E 143 37.50 -71.78 59.24
CA VAL E 143 36.05 -71.59 59.35
C VAL E 143 35.67 -71.01 60.71
N CYS E 144 34.93 -69.90 60.70
CA CYS E 144 34.44 -69.26 61.92
C CYS E 144 32.96 -69.54 62.09
N LEU E 145 32.52 -69.67 63.36
CA LEU E 145 31.13 -69.97 63.66
C LEU E 145 30.55 -69.15 64.81
N ALA E 146 29.61 -68.25 64.49
CA ALA E 146 28.89 -67.43 65.46
C ALA E 146 27.52 -68.07 65.64
N THR E 147 27.25 -68.64 66.83
CA THR E 147 26.01 -69.36 67.12
C THR E 147 25.26 -68.83 68.35
N GLY E 148 23.95 -69.08 68.37
CA GLY E 148 23.05 -68.72 69.47
C GLY E 148 22.85 -67.23 69.71
N PHE E 149 22.70 -66.44 68.63
CA PHE E 149 22.47 -65.00 68.76
C PHE E 149 21.10 -64.56 68.30
N TYR E 150 20.52 -63.57 68.99
CA TYR E 150 19.22 -62.99 68.66
C TYR E 150 19.17 -61.49 69.02
N PRO E 151 18.75 -60.61 68.08
CA PRO E 151 18.34 -60.86 66.69
C PRO E 151 19.53 -60.93 65.73
N ASP E 152 19.27 -60.98 64.41
CA ASP E 152 20.30 -61.03 63.36
C ASP E 152 20.93 -59.63 63.21
N HIS E 153 21.69 -59.22 64.22
CA HIS E 153 22.35 -57.92 64.29
C HIS E 153 23.84 -58.14 64.56
N VAL E 154 24.50 -58.83 63.62
CA VAL E 154 25.90 -59.18 63.70
C VAL E 154 26.72 -58.62 62.54
N GLU E 155 28.00 -58.31 62.83
CA GLU E 155 28.99 -57.84 61.86
C GLU E 155 30.25 -58.67 62.04
N LEU E 156 30.42 -59.69 61.17
CA LEU E 156 31.56 -60.60 61.20
C LEU E 156 32.75 -59.98 60.49
N SER E 157 33.90 -60.10 61.12
CA SER E 157 35.16 -59.56 60.62
C SER E 157 36.32 -60.53 60.86
N TRP E 158 37.28 -60.52 59.93
CA TRP E 158 38.50 -61.33 60.01
C TRP E 158 39.68 -60.38 60.21
N TRP E 159 40.49 -60.67 61.24
CA TRP E 159 41.67 -59.88 61.61
C TRP E 159 42.91 -60.78 61.60
N VAL E 160 43.86 -60.43 60.71
CA VAL E 160 45.12 -61.14 60.52
C VAL E 160 46.27 -60.20 60.92
N ASN E 161 47.03 -60.61 61.96
CA ASN E 161 48.16 -59.88 62.57
C ASN E 161 47.77 -58.47 63.03
N GLY E 162 46.63 -58.38 63.71
CA GLY E 162 46.10 -57.14 64.27
C GLY E 162 45.54 -56.14 63.28
N LYS E 163 45.19 -56.60 62.06
CA LYS E 163 44.64 -55.77 61.01
C LYS E 163 43.49 -56.46 60.29
N GLU E 164 42.41 -55.70 60.03
CA GLU E 164 41.20 -56.18 59.35
C GLU E 164 41.51 -56.56 57.90
N VAL E 165 41.14 -57.80 57.52
CA VAL E 165 41.36 -58.36 56.19
C VAL E 165 40.02 -58.59 55.48
N HIS E 166 39.94 -58.17 54.20
CA HIS E 166 38.75 -58.32 53.36
C HIS E 166 39.02 -59.26 52.18
N SER E 167 40.29 -59.46 51.84
CA SER E 167 40.71 -60.33 50.75
C SER E 167 40.76 -61.78 51.22
N GLY E 168 40.06 -62.65 50.51
CA GLY E 168 39.99 -64.07 50.83
C GLY E 168 38.89 -64.41 51.81
N VAL E 169 38.08 -63.39 52.22
CA VAL E 169 36.97 -63.56 53.17
C VAL E 169 35.68 -63.93 52.39
N CYS E 170 34.86 -64.79 52.99
CA CYS E 170 33.60 -65.27 52.45
C CYS E 170 32.64 -65.55 53.61
N THR E 171 31.68 -64.65 53.83
CA THR E 171 30.68 -64.71 54.90
C THR E 171 29.29 -64.88 54.28
N ASP E 172 28.43 -65.71 54.92
CA ASP E 172 27.07 -65.98 54.46
C ASP E 172 26.23 -64.70 54.35
N PRO E 173 25.45 -64.51 53.26
CA PRO E 173 24.64 -63.29 53.15
C PRO E 173 23.46 -63.26 54.12
N GLN E 174 22.91 -64.45 54.45
CA GLN E 174 21.80 -64.63 55.38
C GLN E 174 22.11 -65.74 56.39
N PRO E 175 21.82 -65.56 57.70
CA PRO E 175 22.13 -66.63 58.66
C PRO E 175 21.11 -67.77 58.67
N LEU E 176 21.41 -68.84 59.41
CA LEU E 176 20.56 -70.02 59.56
C LEU E 176 19.85 -70.01 60.91
N LYS E 177 18.60 -70.49 60.95
CA LYS E 177 17.78 -70.56 62.16
C LYS E 177 17.99 -71.89 62.87
N GLU E 178 18.23 -71.85 64.22
CA GLU E 178 18.47 -73.02 65.07
C GLU E 178 17.30 -74.01 65.07
N GLN E 179 16.06 -73.48 65.07
CA GLN E 179 14.80 -74.21 65.02
C GLN E 179 13.83 -73.39 64.17
N PRO E 180 13.72 -73.67 62.84
CA PRO E 180 12.87 -72.81 62.01
C PRO E 180 11.37 -73.11 62.05
N ALA E 181 10.93 -74.04 62.93
CA ALA E 181 9.53 -74.41 63.06
C ALA E 181 8.72 -73.35 63.84
N LEU E 182 9.34 -72.74 64.87
CA LEU E 182 8.72 -71.73 65.73
C LEU E 182 9.39 -70.36 65.68
N ASN E 183 8.64 -69.30 66.10
CA ASN E 183 9.07 -67.90 66.20
C ASN E 183 10.12 -67.71 67.30
N ASP E 184 10.87 -66.58 67.27
CA ASP E 184 11.94 -66.20 68.21
C ASP E 184 13.07 -67.24 68.25
N SER E 185 13.49 -67.69 67.06
CA SER E 185 14.56 -68.70 66.89
C SER E 185 15.92 -68.03 66.86
N ARG E 186 16.88 -68.57 67.62
CA ARG E 186 18.25 -68.06 67.67
C ARG E 186 18.96 -68.33 66.34
N TYR E 187 19.81 -67.40 65.90
CA TYR E 187 20.51 -67.50 64.62
C TYR E 187 21.93 -68.06 64.72
N ALA E 188 22.43 -68.57 63.58
CA ALA E 188 23.78 -69.12 63.41
C ALA E 188 24.37 -68.64 62.09
N LEU E 189 25.61 -68.15 62.13
CA LEU E 189 26.32 -67.63 60.96
C LEU E 189 27.73 -68.20 60.87
N SER E 190 28.18 -68.50 59.64
CA SER E 190 29.52 -69.04 59.38
C SER E 190 30.28 -68.17 58.37
N SER E 191 31.62 -68.19 58.47
CA SER E 191 32.51 -67.43 57.58
C SER E 191 33.78 -68.22 57.30
N ARG E 192 34.36 -68.01 56.11
CA ARG E 192 35.56 -68.72 55.65
C ARG E 192 36.66 -67.74 55.27
N LEU E 193 37.90 -68.08 55.68
CA LEU E 193 39.09 -67.32 55.35
C LEU E 193 40.04 -68.26 54.63
N ARG E 194 40.22 -68.06 53.32
CA ARG E 194 41.10 -68.87 52.49
C ARG E 194 42.43 -68.18 52.31
N VAL E 195 43.51 -68.85 52.75
CA VAL E 195 44.89 -68.38 52.64
C VAL E 195 45.79 -69.49 52.06
N SER E 196 47.03 -69.15 51.69
CA SER E 196 48.01 -70.10 51.18
C SER E 196 48.46 -71.02 52.31
N ALA E 197 48.84 -72.27 51.97
CA ALA E 197 49.31 -73.28 52.92
C ALA E 197 50.51 -72.79 53.71
N THR E 198 51.47 -72.10 53.04
CA THR E 198 52.68 -71.52 53.61
C THR E 198 52.35 -70.48 54.68
N PHE E 199 51.29 -69.68 54.46
CA PHE E 199 50.83 -68.63 55.36
C PHE E 199 50.25 -69.20 56.67
N TRP E 200 49.41 -70.26 56.58
CA TRP E 200 48.82 -70.91 57.75
C TRP E 200 49.87 -71.69 58.56
N GLN E 201 50.76 -72.41 57.86
CA GLN E 201 51.84 -73.22 58.48
C GLN E 201 52.88 -72.38 59.23
N ASN E 202 52.92 -71.05 58.99
CA ASN E 202 53.81 -70.12 59.66
C ASN E 202 53.24 -69.82 61.06
N PRO E 203 53.95 -70.19 62.16
CA PRO E 203 53.41 -69.95 63.51
C PRO E 203 53.45 -68.48 63.97
N ARG E 204 54.00 -67.58 63.14
CA ARG E 204 54.11 -66.15 63.41
C ARG E 204 52.80 -65.41 63.10
N ASN E 205 52.08 -65.85 62.05
CA ASN E 205 50.81 -65.26 61.63
C ASN E 205 49.68 -65.56 62.59
N HIS E 206 49.01 -64.52 63.11
CA HIS E 206 47.90 -64.64 64.06
C HIS E 206 46.56 -64.46 63.34
N PHE E 207 45.57 -65.31 63.67
CA PHE E 207 44.24 -65.30 63.08
C PHE E 207 43.16 -65.07 64.14
N ARG E 208 42.23 -64.14 63.87
CA ARG E 208 41.16 -63.78 64.77
C ARG E 208 39.85 -63.50 64.02
N CYS E 209 38.76 -64.15 64.47
CA CYS E 209 37.43 -63.94 63.92
C CYS E 209 36.65 -63.11 64.94
N GLN E 210 36.41 -61.84 64.59
CA GLN E 210 35.74 -60.85 65.44
C GLN E 210 34.27 -60.70 65.06
N VAL E 211 33.35 -60.79 66.05
CA VAL E 211 31.92 -60.61 65.76
C VAL E 211 31.35 -59.46 66.59
N GLN E 212 30.93 -58.40 65.90
CA GLN E 212 30.34 -57.23 66.53
C GLN E 212 28.84 -57.49 66.68
N PHE E 213 28.36 -57.60 67.92
CA PHE E 213 26.95 -57.82 68.22
C PHE E 213 26.27 -56.54 68.66
N TYR E 214 25.01 -56.33 68.22
CA TYR E 214 24.21 -55.18 68.57
C TYR E 214 23.03 -55.63 69.41
N GLY E 215 23.02 -55.21 70.67
CA GLY E 215 21.97 -55.56 71.62
C GLY E 215 21.47 -54.39 72.44
N LEU E 216 21.29 -54.63 73.75
CA LEU E 216 20.79 -53.65 74.72
C LEU E 216 21.77 -52.52 75.00
N SER E 217 21.24 -51.36 75.41
CA SER E 217 22.01 -50.16 75.77
C SER E 217 21.93 -49.96 77.29
N GLU E 218 22.67 -48.97 77.83
CA GLU E 218 22.69 -48.65 79.26
C GLU E 218 21.31 -48.17 79.77
N ASN E 219 20.57 -47.43 78.93
CA ASN E 219 19.23 -46.91 79.22
C ASN E 219 18.18 -48.03 79.30
N ASP E 220 18.40 -49.15 78.59
CA ASP E 220 17.50 -50.31 78.56
C ASP E 220 17.52 -51.09 79.87
N GLU E 221 16.34 -51.56 80.32
CA GLU E 221 16.17 -52.34 81.56
C GLU E 221 16.34 -53.85 81.37
N TRP E 222 16.69 -54.56 82.46
CA TRP E 222 16.89 -56.02 82.47
C TRP E 222 16.41 -56.62 83.79
N THR E 223 15.50 -57.61 83.72
CA THR E 223 14.88 -58.27 84.88
C THR E 223 15.53 -59.64 85.18
N GLN E 224 15.87 -60.40 84.12
CA GLN E 224 16.46 -61.74 84.18
C GLN E 224 17.75 -61.83 84.98
N ASP E 225 17.95 -62.97 85.69
CA ASP E 225 19.14 -63.25 86.52
C ASP E 225 20.38 -63.46 85.64
N ARG E 226 20.16 -63.87 84.37
CA ARG E 226 21.17 -64.09 83.33
C ARG E 226 21.81 -62.74 82.95
N ALA E 227 23.08 -62.75 82.51
CA ALA E 227 23.84 -61.55 82.13
C ALA E 227 23.14 -60.73 81.05
N LYS E 228 23.25 -59.39 81.13
CA LYS E 228 22.64 -58.45 80.19
C LYS E 228 23.23 -58.60 78.78
N PRO E 229 22.40 -58.80 77.73
CA PRO E 229 22.94 -58.97 76.36
C PRO E 229 23.19 -57.64 75.66
N VAL E 230 24.16 -56.89 76.19
CA VAL E 230 24.62 -55.57 75.75
C VAL E 230 25.41 -55.64 74.41
N THR E 231 25.55 -54.50 73.71
CA THR E 231 26.33 -54.36 72.46
C THR E 231 27.78 -54.70 72.82
N GLN E 232 28.27 -55.83 72.29
CA GLN E 232 29.61 -56.34 72.60
C GLN E 232 30.32 -57.00 71.41
N ILE E 233 31.65 -57.19 71.55
CA ILE E 233 32.50 -57.86 70.58
C ILE E 233 32.92 -59.22 71.16
N VAL E 234 32.57 -60.30 70.46
CA VAL E 234 32.92 -61.68 70.84
C VAL E 234 33.88 -62.21 69.79
N SER E 235 35.03 -62.76 70.22
CA SER E 235 36.05 -63.27 69.31
C SER E 235 36.60 -64.65 69.67
N ALA E 236 37.20 -65.33 68.67
CA ALA E 236 37.84 -66.64 68.78
C ALA E 236 39.19 -66.55 68.06
N GLU E 237 40.26 -67.06 68.69
CA GLU E 237 41.63 -66.96 68.16
C GLU E 237 42.28 -68.28 67.74
N ALA E 238 43.25 -68.19 66.80
CA ALA E 238 44.06 -69.29 66.25
C ALA E 238 45.42 -68.73 65.83
N TRP E 239 46.50 -69.50 66.01
CA TRP E 239 47.86 -69.04 65.68
C TRP E 239 48.53 -69.73 64.49
N GLY E 240 47.99 -70.86 64.04
CA GLY E 240 48.56 -71.57 62.91
C GLY E 240 49.63 -72.57 63.28
N ARG E 241 49.28 -73.87 63.19
CA ARG E 241 50.15 -74.98 63.50
C ARG E 241 51.10 -75.29 62.33
N ALA E 242 52.28 -75.85 62.65
CA ALA E 242 53.31 -76.21 61.66
C ALA E 242 53.47 -77.74 61.60
N GLY F 1 41.05 47.23 -24.82
CA GLY F 1 41.08 46.04 -25.66
C GLY F 1 39.82 45.21 -25.55
N PRO F 2 39.67 44.38 -24.49
CA PRO F 2 38.46 43.55 -24.37
C PRO F 2 37.28 44.21 -23.65
N HIS F 3 37.38 45.53 -23.35
CA HIS F 3 36.34 46.32 -22.70
C HIS F 3 35.08 46.39 -23.56
N SER F 4 33.97 45.83 -23.05
CA SER F 4 32.70 45.76 -23.79
C SER F 4 31.46 46.04 -22.93
N MET F 5 30.37 46.45 -23.61
CA MET F 5 29.06 46.74 -23.05
C MET F 5 28.04 46.00 -23.92
N ARG F 6 27.22 45.11 -23.32
CA ARG F 6 26.25 44.33 -24.11
C ARG F 6 24.86 44.26 -23.49
N TYR F 7 23.85 44.09 -24.34
CA TYR F 7 22.45 43.93 -23.94
C TYR F 7 21.87 42.72 -24.66
N PHE F 8 21.55 41.69 -23.87
CA PHE F 8 21.00 40.42 -24.33
C PHE F 8 19.51 40.40 -24.04
N GLU F 9 18.69 40.56 -25.07
CA GLU F 9 17.23 40.56 -24.89
C GLU F 9 16.56 39.40 -25.61
N THR F 10 15.66 38.71 -24.91
CA THR F 10 14.93 37.55 -25.43
C THR F 10 13.42 37.72 -25.24
N ALA F 11 12.65 37.22 -26.22
CA ALA F 11 11.19 37.25 -26.19
C ALA F 11 10.64 35.89 -26.61
N VAL F 12 9.91 35.24 -25.70
CA VAL F 12 9.32 33.93 -25.98
C VAL F 12 7.78 34.05 -25.97
N SER F 13 7.18 33.77 -27.15
CA SER F 13 5.74 33.84 -27.41
C SER F 13 4.94 32.88 -26.53
N ARG F 14 3.90 33.41 -25.86
N ARG F 14 3.90 33.41 -25.86
CA ARG F 14 3.04 32.61 -24.99
CA ARG F 14 3.04 32.62 -24.98
C ARG F 14 1.69 32.39 -25.67
C ARG F 14 1.69 32.39 -25.67
N PRO F 15 1.37 31.14 -26.10
CA PRO F 15 0.09 30.90 -26.79
C PRO F 15 -1.14 31.08 -25.90
N GLY F 16 -2.05 31.92 -26.35
CA GLY F 16 -3.27 32.27 -25.63
C GLY F 16 -3.18 33.58 -24.87
N LEU F 17 -1.97 34.18 -24.82
CA LEU F 17 -1.70 35.44 -24.14
C LEU F 17 -1.20 36.51 -25.12
N GLU F 18 -1.63 37.77 -24.89
CA GLU F 18 -1.29 38.93 -25.72
C GLU F 18 0.19 39.28 -25.69
N GLU F 19 0.79 39.39 -24.49
CA GLU F 19 2.19 39.76 -24.30
C GLU F 19 3.12 38.55 -24.16
N PRO F 20 4.31 38.57 -24.81
CA PRO F 20 5.25 37.44 -24.63
C PRO F 20 6.09 37.63 -23.36
N ARG F 21 6.90 36.62 -23.00
CA ARG F 21 7.78 36.78 -21.84
C ARG F 21 9.03 37.52 -22.32
N TYR F 22 9.23 38.75 -21.82
CA TYR F 22 10.38 39.57 -22.21
C TYR F 22 11.42 39.63 -21.10
N ILE F 23 12.67 39.33 -21.47
CA ILE F 23 13.84 39.33 -20.58
C ILE F 23 14.96 40.14 -21.22
N SER F 24 15.46 41.17 -20.52
CA SER F 24 16.55 42.03 -20.99
C SER F 24 17.66 42.02 -19.95
N VAL F 25 18.85 41.52 -20.35
CA VAL F 25 20.01 41.39 -19.46
C VAL F 25 21.16 42.28 -19.96
N GLY F 26 21.68 43.12 -19.07
CA GLY F 26 22.79 44.04 -19.36
C GLY F 26 24.11 43.55 -18.81
N TYR F 27 25.16 43.58 -19.64
CA TYR F 27 26.52 43.12 -19.30
C TYR F 27 27.58 44.18 -19.51
N VAL F 28 28.53 44.25 -18.57
CA VAL F 28 29.71 45.12 -18.58
C VAL F 28 30.93 44.20 -18.35
N ASP F 29 31.76 44.01 -19.39
CA ASP F 29 32.94 43.13 -19.40
C ASP F 29 32.58 41.68 -18.98
N ASN F 30 31.52 41.15 -19.64
CA ASN F 30 30.93 39.81 -19.45
C ASN F 30 30.39 39.57 -18.04
N LYS F 31 30.04 40.66 -17.32
CA LYS F 31 29.47 40.61 -15.97
C LYS F 31 28.11 41.32 -15.95
N GLU F 32 27.05 40.63 -15.46
CA GLU F 32 25.70 41.21 -15.41
C GLU F 32 25.55 42.28 -14.33
N PHE F 33 25.00 43.46 -14.72
CA PHE F 33 24.80 44.61 -13.83
C PHE F 33 23.33 45.05 -13.73
N VAL F 34 22.54 44.87 -14.81
CA VAL F 34 21.11 45.19 -14.86
C VAL F 34 20.30 44.02 -15.43
N ARG F 35 19.04 43.89 -14.99
CA ARG F 35 18.15 42.83 -15.46
C ARG F 35 16.67 43.20 -15.40
N PHE F 36 15.91 42.80 -16.43
CA PHE F 36 14.47 43.00 -16.53
C PHE F 36 13.81 41.66 -16.84
N ASP F 37 12.69 41.35 -16.15
CA ASP F 37 11.93 40.12 -16.35
C ASP F 37 10.45 40.38 -16.18
N SER F 38 9.65 40.03 -17.20
CA SER F 38 8.20 40.21 -17.21
C SER F 38 7.47 39.24 -16.29
N ASP F 39 8.08 38.05 -16.05
CA ASP F 39 7.52 36.99 -15.20
C ASP F 39 7.51 37.33 -13.70
N ALA F 40 8.30 38.34 -13.29
CA ALA F 40 8.42 38.81 -11.90
C ALA F 40 7.11 39.48 -11.43
N GLU F 41 6.88 39.49 -10.09
CA GLU F 41 5.69 40.08 -9.46
C GLU F 41 5.57 41.58 -9.79
N ASN F 42 6.70 42.31 -9.79
CA ASN F 42 6.78 43.72 -10.14
C ASN F 42 7.82 43.88 -11.28
N PRO F 43 7.38 43.90 -12.56
CA PRO F 43 8.36 44.00 -13.67
C PRO F 43 9.02 45.38 -13.76
N ARG F 44 10.31 45.44 -13.40
CA ARG F 44 11.13 46.65 -13.38
C ARG F 44 12.62 46.29 -13.55
N TYR F 45 13.46 47.23 -14.05
CA TYR F 45 14.90 47.01 -14.18
C TYR F 45 15.50 46.97 -12.77
N GLU F 46 16.14 45.84 -12.44
CA GLU F 46 16.74 45.62 -11.11
C GLU F 46 18.27 45.60 -11.15
N PRO F 47 18.96 46.13 -10.10
CA PRO F 47 20.43 46.08 -10.11
C PRO F 47 20.94 44.69 -9.72
N ARG F 48 21.86 44.15 -10.52
CA ARG F 48 22.43 42.82 -10.28
C ARG F 48 23.87 42.89 -9.75
N ALA F 49 24.39 44.12 -9.62
CA ALA F 49 25.72 44.44 -9.09
C ALA F 49 25.56 45.25 -7.79
N PRO F 50 26.42 45.05 -6.76
CA PRO F 50 26.26 45.83 -5.52
C PRO F 50 26.50 47.33 -5.68
N TRP F 51 27.48 47.72 -6.53
CA TRP F 51 27.84 49.11 -6.82
C TRP F 51 26.77 49.87 -7.59
N MET F 52 25.91 49.13 -8.31
CA MET F 52 24.83 49.67 -9.14
C MET F 52 23.76 50.47 -8.38
N GLU F 53 23.64 50.27 -7.05
CA GLU F 53 22.68 51.00 -6.22
C GLU F 53 23.25 52.41 -5.93
N GLN F 54 23.42 53.22 -6.99
CA GLN F 54 23.97 54.58 -6.95
C GLN F 54 23.05 55.57 -7.66
N GLU F 55 22.58 55.22 -8.87
CA GLU F 55 21.68 56.05 -9.68
C GLU F 55 20.26 56.12 -9.10
N GLY F 56 19.64 57.29 -9.25
CA GLY F 56 18.30 57.56 -8.75
C GLY F 56 17.16 57.12 -9.65
N PRO F 57 15.92 57.57 -9.38
CA PRO F 57 14.78 57.15 -10.22
C PRO F 57 14.80 57.70 -11.65
N GLU F 58 15.55 58.79 -11.89
CA GLU F 58 15.72 59.43 -13.21
C GLU F 58 16.35 58.47 -14.23
N TYR F 59 17.09 57.46 -13.74
CA TYR F 59 17.73 56.44 -14.56
C TYR F 59 16.91 55.15 -14.59
N TRP F 60 16.52 54.62 -13.41
CA TRP F 60 15.78 53.36 -13.24
C TRP F 60 14.40 53.37 -13.89
N GLU F 61 13.60 54.46 -13.72
CA GLU F 61 12.28 54.57 -14.34
C GLU F 61 12.37 54.76 -15.86
N ARG F 62 13.45 55.40 -16.34
N ARG F 62 13.47 55.40 -16.33
CA ARG F 62 13.73 55.65 -17.77
CA ARG F 62 13.74 55.66 -17.75
C ARG F 62 14.01 54.34 -18.50
C ARG F 62 14.01 54.34 -18.50
N GLU F 63 14.76 53.43 -17.88
CA GLU F 63 15.12 52.11 -18.42
C GLU F 63 13.93 51.15 -18.41
N THR F 64 13.06 51.24 -17.38
CA THR F 64 11.85 50.44 -17.23
C THR F 64 10.83 50.83 -18.31
N GLN F 65 10.81 52.14 -18.67
CA GLN F 65 9.95 52.71 -19.72
C GLN F 65 10.38 52.14 -21.09
N LYS F 66 11.71 51.96 -21.29
CA LYS F 66 12.34 51.42 -22.50
C LYS F 66 12.01 49.94 -22.64
N ALA F 67 12.06 49.19 -21.51
CA ALA F 67 11.78 47.75 -21.44
C ALA F 67 10.31 47.44 -21.76
N LYS F 68 9.38 48.29 -21.29
CA LYS F 68 7.93 48.14 -21.53
C LYS F 68 7.60 48.38 -23.01
N GLY F 69 8.36 49.28 -23.64
CA GLY F 69 8.23 49.60 -25.06
C GLY F 69 8.80 48.48 -25.92
N GLN F 70 9.97 47.93 -25.52
CA GLN F 70 10.64 46.82 -26.20
C GLN F 70 9.79 45.55 -26.14
N GLU F 71 9.06 45.37 -25.02
CA GLU F 71 8.13 44.26 -24.77
C GLU F 71 7.05 44.24 -25.85
N GLN F 72 6.58 45.45 -26.26
CA GLN F 72 5.57 45.63 -27.30
C GLN F 72 6.16 45.49 -28.71
N TRP F 73 7.43 45.93 -28.91
CA TRP F 73 8.15 45.83 -30.19
C TRP F 73 8.31 44.36 -30.58
N PHE F 74 8.78 43.54 -29.62
CA PHE F 74 8.99 42.11 -29.79
C PHE F 74 7.67 41.36 -29.98
N ARG F 75 6.58 41.84 -29.34
CA ARG F 75 5.24 41.28 -29.44
C ARG F 75 4.70 41.37 -30.88
N VAL F 76 4.78 42.58 -31.48
CA VAL F 76 4.30 42.83 -32.84
C VAL F 76 5.25 42.18 -33.89
N SER F 77 6.59 42.23 -33.68
CA SER F 77 7.58 41.61 -34.56
C SER F 77 7.40 40.10 -34.66
N LEU F 78 7.06 39.42 -33.52
CA LEU F 78 6.81 37.98 -33.46
C LEU F 78 5.58 37.60 -34.29
N ARG F 79 4.54 38.46 -34.27
CA ARG F 79 3.31 38.28 -35.06
C ARG F 79 3.60 38.40 -36.56
N ASN F 80 4.49 39.34 -36.94
CA ASN F 80 4.89 39.56 -38.34
C ASN F 80 5.71 38.40 -38.88
N LEU F 81 6.56 37.80 -38.03
CA LEU F 81 7.42 36.67 -38.36
C LEU F 81 6.62 35.38 -38.57
N LEU F 82 5.43 35.31 -37.95
CA LEU F 82 4.48 34.20 -38.05
C LEU F 82 3.85 34.15 -39.44
N GLY F 83 3.86 35.28 -40.15
CA GLY F 83 3.33 35.40 -41.50
C GLY F 83 4.36 35.08 -42.57
N TYR F 84 5.63 35.47 -42.33
CA TYR F 84 6.74 35.26 -43.27
C TYR F 84 7.20 33.81 -43.40
N TYR F 85 6.94 32.93 -42.40
CA TYR F 85 7.48 31.59 -42.49
C TYR F 85 6.57 30.44 -43.06
N ASN F 86 5.25 30.28 -42.82
CA ASN F 86 4.28 30.95 -41.98
C ASN F 86 3.97 29.96 -40.85
N GLN F 87 3.94 30.47 -39.62
CA GLN F 87 3.73 29.67 -38.43
C GLN F 87 2.40 29.99 -37.73
N SER F 88 2.02 29.16 -36.74
CA SER F 88 0.80 29.31 -35.95
C SER F 88 1.09 29.95 -34.60
N ALA F 89 0.07 30.65 -34.05
CA ALA F 89 0.12 31.32 -32.75
C ALA F 89 0.05 30.32 -31.59
N GLY F 90 -0.51 29.14 -31.86
CA GLY F 90 -0.65 28.04 -30.90
C GLY F 90 0.64 27.45 -30.43
N GLY F 91 1.72 27.70 -31.18
CA GLY F 91 3.07 27.24 -30.87
C GLY F 91 3.92 28.36 -30.28
N SER F 92 4.98 27.98 -29.54
CA SER F 92 5.88 28.94 -28.91
C SER F 92 7.06 29.27 -29.83
N HIS F 93 7.29 30.57 -30.04
CA HIS F 93 8.37 31.07 -30.90
C HIS F 93 9.28 32.02 -30.13
N THR F 94 10.61 31.91 -30.35
N THR F 94 10.61 31.92 -30.36
CA THR F 94 11.61 32.71 -29.66
CA THR F 94 11.62 32.72 -29.67
C THR F 94 12.30 33.73 -30.58
C THR F 94 12.30 33.73 -30.60
N LEU F 95 12.43 34.98 -30.12
CA LEU F 95 13.10 36.07 -30.82
C LEU F 95 14.15 36.64 -29.88
N GLN F 96 15.43 36.63 -30.31
CA GLN F 96 16.56 37.10 -29.50
C GLN F 96 17.31 38.24 -30.16
N GLN F 97 17.91 39.12 -29.33
CA GLN F 97 18.68 40.26 -29.81
C GLN F 97 19.93 40.50 -28.95
N MET F 98 21.04 40.82 -29.61
CA MET F 98 22.34 41.13 -29.02
C MET F 98 22.78 42.48 -29.55
N SER F 99 22.96 43.46 -28.66
CA SER F 99 23.36 44.81 -29.03
C SER F 99 24.39 45.37 -28.05
N GLY F 100 25.40 46.04 -28.58
CA GLY F 100 26.46 46.64 -27.77
C GLY F 100 27.59 47.29 -28.55
N CYS F 101 28.66 47.68 -27.83
CA CYS F 101 29.84 48.33 -28.40
C CYS F 101 31.13 47.92 -27.72
N ASP F 102 32.23 47.88 -28.49
CA ASP F 102 33.57 47.52 -28.04
C ASP F 102 34.43 48.77 -27.82
N LEU F 103 35.23 48.78 -26.74
CA LEU F 103 36.11 49.89 -26.38
C LEU F 103 37.59 49.60 -26.60
N GLY F 104 38.30 50.62 -27.09
CA GLY F 104 39.72 50.57 -27.41
C GLY F 104 40.67 50.72 -26.24
N SER F 105 41.79 51.43 -26.48
CA SER F 105 42.87 51.67 -25.52
C SER F 105 42.50 52.64 -24.40
N ASP F 106 42.01 53.85 -24.75
CA ASP F 106 41.64 54.86 -23.76
C ASP F 106 40.22 55.41 -23.96
N TRP F 107 39.22 54.60 -23.55
CA TRP F 107 37.78 54.89 -23.56
C TRP F 107 37.25 55.43 -24.93
N ARG F 108 37.67 54.79 -26.04
N ARG F 108 37.67 54.79 -26.04
CA ARG F 108 37.28 55.14 -27.40
CA ARG F 108 37.27 55.15 -27.40
C ARG F 108 36.49 54.01 -28.07
C ARG F 108 36.51 54.01 -28.09
N LEU F 109 35.59 54.34 -29.02
CA LEU F 109 34.78 53.36 -29.76
C LEU F 109 35.65 52.58 -30.77
N LEU F 110 35.50 51.25 -30.79
CA LEU F 110 36.22 50.35 -31.68
C LEU F 110 35.27 49.76 -32.73
N ARG F 111 34.18 49.08 -32.29
CA ARG F 111 33.20 48.46 -33.18
C ARG F 111 31.80 48.36 -32.56
N GLY F 112 30.78 48.56 -33.40
CA GLY F 112 29.37 48.48 -32.99
C GLY F 112 28.72 47.16 -33.33
N TYR F 113 27.86 46.67 -32.41
CA TYR F 113 27.16 45.39 -32.57
C TYR F 113 25.64 45.51 -32.45
N LEU F 114 24.92 44.84 -33.36
CA LEU F 114 23.46 44.76 -33.41
C LEU F 114 23.04 43.55 -34.24
N GLN F 115 22.70 42.45 -33.56
CA GLN F 115 22.28 41.21 -34.22
C GLN F 115 21.00 40.65 -33.64
N PHE F 116 20.21 39.99 -34.50
CA PHE F 116 18.90 39.42 -34.19
C PHE F 116 18.84 37.95 -34.59
N ALA F 117 18.09 37.14 -33.84
CA ALA F 117 17.91 35.72 -34.12
C ALA F 117 16.48 35.26 -33.89
N TYR F 118 15.99 34.42 -34.80
CA TYR F 118 14.66 33.83 -34.72
C TYR F 118 14.81 32.32 -34.69
N GLU F 119 14.26 31.70 -33.64
CA GLU F 119 14.29 30.25 -33.38
C GLU F 119 15.71 29.69 -33.20
N GLY F 120 16.60 30.50 -32.63
CA GLY F 120 17.99 30.13 -32.35
C GLY F 120 18.98 30.40 -33.46
N ARG F 121 18.49 30.53 -34.71
CA ARG F 121 19.35 30.79 -35.87
C ARG F 121 19.35 32.27 -36.29
N ASP F 122 20.47 32.74 -36.85
CA ASP F 122 20.68 34.12 -37.30
C ASP F 122 19.59 34.58 -38.27
N TYR F 123 18.99 35.75 -37.98
CA TYR F 123 17.93 36.33 -38.79
C TYR F 123 18.46 37.55 -39.55
N ILE F 124 18.71 38.66 -38.83
CA ILE F 124 19.24 39.90 -39.40
C ILE F 124 20.33 40.49 -38.50
N ALA F 125 21.37 41.08 -39.11
CA ALA F 125 22.49 41.68 -38.38
C ALA F 125 23.01 42.95 -39.06
N LEU F 126 23.42 43.92 -38.23
CA LEU F 126 23.98 45.18 -38.70
C LEU F 126 25.49 45.02 -38.88
N ASN F 127 26.01 45.42 -40.05
CA ASN F 127 27.42 45.31 -40.41
C ASN F 127 28.33 46.31 -39.66
N GLU F 128 29.67 46.17 -39.83
CA GLU F 128 30.70 47.01 -39.22
C GLU F 128 30.53 48.50 -39.53
N ASP F 129 30.11 48.83 -40.77
CA ASP F 129 29.88 50.20 -41.24
C ASP F 129 28.68 50.86 -40.54
N LEU F 130 27.78 50.02 -39.94
CA LEU F 130 26.56 50.40 -39.21
C LEU F 130 25.55 51.13 -40.12
N LYS F 131 25.55 50.79 -41.42
CA LYS F 131 24.67 51.38 -42.44
C LYS F 131 23.97 50.30 -43.27
N THR F 132 24.66 49.15 -43.49
CA THR F 132 24.15 48.02 -44.26
C THR F 132 23.76 46.85 -43.37
N TRP F 133 22.74 46.08 -43.80
CA TRP F 133 22.22 44.91 -43.09
C TRP F 133 22.54 43.62 -43.85
N THR F 134 22.80 42.53 -43.11
CA THR F 134 23.04 41.22 -43.70
C THR F 134 21.89 40.28 -43.32
N ALA F 135 21.11 39.88 -44.34
CA ALA F 135 19.96 38.98 -44.18
C ALA F 135 20.37 37.54 -44.51
N ALA F 136 20.14 36.63 -43.55
CA ALA F 136 20.50 35.21 -43.66
C ALA F 136 19.51 34.38 -44.48
N ASP F 137 18.22 34.76 -44.47
CA ASP F 137 17.15 34.05 -45.17
C ASP F 137 16.20 34.99 -45.94
N MET F 138 15.32 34.44 -46.79
CA MET F 138 14.34 35.13 -47.62
C MET F 138 13.35 35.99 -46.81
N ALA F 139 12.97 35.54 -45.59
CA ALA F 139 12.07 36.25 -44.70
C ALA F 139 12.74 37.51 -44.12
N ALA F 140 14.06 37.43 -43.87
CA ALA F 140 14.88 38.52 -43.35
C ALA F 140 15.12 39.60 -44.40
N GLN F 141 15.02 39.22 -45.70
CA GLN F 141 15.17 40.13 -46.83
C GLN F 141 14.05 41.19 -46.82
N ILE F 142 12.83 40.80 -46.37
CA ILE F 142 11.65 41.65 -46.23
C ILE F 142 11.94 42.68 -45.12
N THR F 143 12.51 42.22 -43.99
CA THR F 143 12.90 43.03 -42.83
C THR F 143 13.96 44.07 -43.23
N ARG F 144 14.97 43.63 -44.01
CA ARG F 144 16.05 44.46 -44.53
C ARG F 144 15.49 45.57 -45.43
N ARG F 145 14.55 45.19 -46.33
CA ARG F 145 13.88 46.10 -47.28
C ARG F 145 13.07 47.17 -46.53
N LYS F 146 12.46 46.81 -45.39
CA LYS F 146 11.68 47.70 -44.53
C LYS F 146 12.60 48.70 -43.82
N TRP F 147 13.62 48.18 -43.12
CA TRP F 147 14.57 48.93 -42.31
C TRP F 147 15.51 49.84 -43.12
N GLU F 148 15.77 49.51 -44.40
CA GLU F 148 16.58 50.34 -45.30
C GLU F 148 15.77 51.55 -45.76
N GLN F 149 14.45 51.36 -45.96
CA GLN F 149 13.51 52.38 -46.39
C GLN F 149 13.23 53.37 -45.26
N SER F 150 12.96 52.86 -44.03
CA SER F 150 12.69 53.67 -42.84
C SER F 150 13.94 54.29 -42.21
N GLY F 151 15.12 53.78 -42.60
CA GLY F 151 16.40 54.24 -42.11
C GLY F 151 16.65 53.91 -40.65
N ALA F 152 16.45 52.62 -40.28
CA ALA F 152 16.63 52.13 -38.91
C ALA F 152 18.10 52.15 -38.49
N ALA F 153 19.03 51.79 -39.40
CA ALA F 153 20.48 51.74 -39.20
C ALA F 153 21.09 53.03 -38.65
N GLU F 154 20.59 54.20 -39.11
CA GLU F 154 21.03 55.53 -38.68
C GLU F 154 20.75 55.76 -37.19
N HIS F 155 19.57 55.30 -36.72
CA HIS F 155 19.15 55.41 -35.32
C HIS F 155 19.96 54.50 -34.40
N TYR F 156 20.29 53.28 -34.88
CA TYR F 156 21.10 52.32 -34.14
C TYR F 156 22.56 52.78 -34.08
N LYS F 157 23.06 53.42 -35.16
CA LYS F 157 24.42 53.98 -35.26
C LYS F 157 24.58 55.13 -34.26
N ALA F 158 23.53 55.99 -34.12
CA ALA F 158 23.49 57.13 -33.20
C ALA F 158 23.60 56.68 -31.74
N TYR F 159 22.99 55.53 -31.40
CA TYR F 159 23.04 54.95 -30.06
C TYR F 159 24.42 54.33 -29.80
N LEU F 160 24.87 53.43 -30.72
CA LEU F 160 26.14 52.71 -30.67
C LEU F 160 27.38 53.61 -30.59
N GLU F 161 27.35 54.77 -31.27
CA GLU F 161 28.45 55.75 -31.29
C GLU F 161 28.31 56.80 -30.18
N GLY F 162 27.07 57.10 -29.79
CA GLY F 162 26.74 58.09 -28.77
C GLY F 162 26.52 57.52 -27.38
N GLU F 163 25.25 57.48 -26.93
CA GLU F 163 24.86 56.96 -25.61
C GLU F 163 25.22 55.48 -25.49
N CYS F 164 26.38 55.20 -24.82
CA CYS F 164 27.02 53.89 -24.66
C CYS F 164 27.68 53.59 -26.04
N VAL F 165 29.00 53.84 -26.25
CA VAL F 165 30.18 54.17 -25.42
C VAL F 165 29.98 55.19 -24.24
N GLU F 166 29.34 56.37 -24.46
CA GLU F 166 29.15 57.41 -23.44
C GLU F 166 28.63 56.92 -22.07
N TRP F 167 27.62 56.03 -22.05
CA TRP F 167 27.03 55.51 -20.83
C TRP F 167 27.92 54.54 -20.06
N LEU F 168 28.76 53.74 -20.78
CA LEU F 168 29.68 52.77 -20.18
C LEU F 168 30.69 53.41 -19.21
N HIS F 169 31.15 54.64 -19.53
CA HIS F 169 32.10 55.39 -18.71
C HIS F 169 31.58 55.59 -17.27
N ARG F 170 30.25 55.80 -17.11
CA ARG F 170 29.57 55.97 -15.83
C ARG F 170 29.66 54.68 -14.99
N TYR F 171 29.58 53.50 -15.65
CA TYR F 171 29.66 52.18 -14.99
C TYR F 171 31.12 51.79 -14.76
N LEU F 172 32.03 52.28 -15.60
CA LEU F 172 33.47 52.02 -15.52
C LEU F 172 34.09 52.74 -14.31
N LYS F 173 33.53 53.91 -13.93
CA LYS F 173 33.99 54.72 -12.80
C LYS F 173 33.33 54.29 -11.48
N ASN F 174 31.98 54.13 -11.49
CA ASN F 174 31.20 53.71 -10.32
C ASN F 174 31.48 52.27 -9.90
N GLY F 175 31.80 51.42 -10.88
CA GLY F 175 32.12 50.02 -10.68
C GLY F 175 33.52 49.69 -11.14
N ASN F 176 34.40 49.35 -10.18
CA ASN F 176 35.80 49.01 -10.42
C ASN F 176 36.32 47.95 -9.45
N ALA F 177 35.66 47.82 -8.27
CA ALA F 177 36.03 46.85 -7.24
C ALA F 177 35.42 45.48 -7.50
N THR F 178 34.15 45.43 -7.95
CA THR F 178 33.44 44.18 -8.27
C THR F 178 33.96 43.63 -9.60
N LEU F 179 33.97 44.46 -10.66
CA LEU F 179 34.49 44.10 -11.98
C LEU F 179 36.01 44.28 -12.03
N LEU F 180 36.65 44.01 -13.20
CA LEU F 180 38.11 44.07 -13.43
C LEU F 180 38.88 42.95 -12.69
N ARG F 181 38.27 42.40 -11.62
CA ARG F 181 38.82 41.34 -10.77
C ARG F 181 39.10 40.06 -11.57
N THR F 182 40.38 39.66 -11.61
CA THR F 182 40.88 38.48 -12.33
C THR F 182 41.29 37.42 -11.30
N ASP F 183 41.02 36.14 -11.60
CA ASP F 183 41.35 35.03 -10.70
C ASP F 183 42.24 34.02 -11.41
N SER F 184 43.39 33.69 -10.81
N SER F 184 43.40 33.69 -10.81
CA SER F 184 44.35 32.72 -11.34
CA SER F 184 44.34 32.72 -11.35
C SER F 184 43.91 31.28 -11.00
C SER F 184 43.91 31.28 -11.00
N PRO F 185 44.06 30.30 -11.92
CA PRO F 185 43.64 28.92 -11.60
C PRO F 185 44.58 28.17 -10.66
N LYS F 186 44.02 27.29 -9.83
CA LYS F 186 44.78 26.43 -8.91
C LYS F 186 44.73 25.02 -9.51
N ALA F 187 45.90 24.51 -9.95
CA ALA F 187 45.99 23.20 -10.60
C ALA F 187 46.62 22.11 -9.75
N HIS F 188 46.05 20.89 -9.84
CA HIS F 188 46.51 19.68 -9.14
C HIS F 188 46.19 18.43 -9.97
N VAL F 189 47.08 17.41 -9.92
CA VAL F 189 46.92 16.17 -10.67
C VAL F 189 46.50 15.01 -9.77
N THR F 190 45.37 14.36 -10.11
CA THR F 190 44.83 13.19 -9.39
C THR F 190 44.83 11.96 -10.31
N HIS F 191 45.19 10.80 -9.76
CA HIS F 191 45.25 9.54 -10.51
C HIS F 191 44.13 8.57 -10.11
N HIS F 192 43.53 7.88 -11.09
CA HIS F 192 42.44 6.94 -10.86
C HIS F 192 42.72 5.58 -11.55
N PRO F 193 42.43 4.43 -10.88
CA PRO F 193 42.69 3.13 -11.53
C PRO F 193 41.61 2.75 -12.54
N ARG F 194 42.02 2.14 -13.67
CA ARG F 194 41.10 1.70 -14.72
C ARG F 194 41.05 0.17 -14.80
N SER F 195 41.91 -0.47 -15.64
CA SER F 195 42.00 -1.93 -15.82
C SER F 195 43.30 -2.36 -16.50
N LYS F 196 44.02 -3.31 -15.87
CA LYS F 196 45.28 -3.98 -16.26
C LYS F 196 46.33 -3.09 -17.00
N GLY F 197 47.38 -2.75 -16.27
CA GLY F 197 48.54 -2.00 -16.77
C GLY F 197 48.36 -0.55 -17.18
N GLU F 198 47.14 0.01 -17.08
CA GLU F 198 46.89 1.41 -17.45
C GLU F 198 46.15 2.19 -16.36
N VAL F 199 46.49 3.47 -16.23
CA VAL F 199 45.93 4.41 -15.25
C VAL F 199 45.57 5.76 -15.91
N THR F 200 44.53 6.45 -15.41
CA THR F 200 44.12 7.74 -15.97
C THR F 200 44.62 8.89 -15.10
N LEU F 201 45.34 9.85 -15.72
CA LEU F 201 45.90 11.02 -15.05
C LEU F 201 45.08 12.28 -15.34
N ARG F 202 44.34 12.74 -14.32
CA ARG F 202 43.45 13.89 -14.37
C ARG F 202 44.15 15.19 -13.98
N CYS F 203 43.98 16.25 -14.78
CA CYS F 203 44.56 17.57 -14.53
C CYS F 203 43.46 18.62 -14.31
N TRP F 204 43.18 18.94 -13.03
CA TRP F 204 42.14 19.89 -12.63
C TRP F 204 42.61 21.35 -12.68
N ALA F 205 41.64 22.28 -12.82
CA ALA F 205 41.85 23.73 -12.81
C ALA F 205 40.65 24.31 -12.05
N LEU F 206 40.92 24.91 -10.87
CA LEU F 206 39.88 25.44 -9.98
C LEU F 206 40.09 26.90 -9.56
N GLY F 207 38.97 27.60 -9.36
CA GLY F 207 38.91 28.99 -8.92
C GLY F 207 39.55 30.00 -9.87
N PHE F 208 39.06 30.05 -11.11
CA PHE F 208 39.59 30.98 -12.12
C PHE F 208 38.51 31.83 -12.79
N TYR F 209 38.88 33.07 -13.14
CA TYR F 209 38.04 34.04 -13.86
C TYR F 209 38.92 34.97 -14.71
N PRO F 210 38.62 35.20 -16.01
CA PRO F 210 37.48 34.67 -16.81
C PRO F 210 37.59 33.20 -17.19
N ALA F 211 36.54 32.66 -17.84
CA ALA F 211 36.42 31.25 -18.26
C ALA F 211 37.42 30.81 -19.34
N ASP F 212 37.95 31.74 -20.16
CA ASP F 212 38.90 31.45 -21.24
C ASP F 212 40.23 30.88 -20.71
N ILE F 213 40.37 29.55 -20.80
CA ILE F 213 41.53 28.79 -20.32
C ILE F 213 41.97 27.71 -21.34
N THR F 214 43.25 27.29 -21.28
CA THR F 214 43.82 26.25 -22.14
C THR F 214 44.63 25.25 -21.31
N LEU F 215 44.31 23.95 -21.45
CA LEU F 215 44.98 22.85 -20.74
C LEU F 215 45.56 21.87 -21.75
N THR F 216 46.88 21.62 -21.67
CA THR F 216 47.59 20.74 -22.60
C THR F 216 48.40 19.65 -21.87
N TRP F 217 48.45 18.44 -22.44
CA TRP F 217 49.22 17.31 -21.91
C TRP F 217 50.34 16.96 -22.90
N GLN F 218 51.59 16.93 -22.40
CA GLN F 218 52.76 16.62 -23.25
C GLN F 218 53.59 15.44 -22.73
N LEU F 219 54.12 14.63 -23.67
CA LEU F 219 54.94 13.47 -23.38
C LEU F 219 56.41 13.77 -23.74
N ASN F 220 57.27 13.87 -22.71
CA ASN F 220 58.71 14.16 -22.77
C ASN F 220 59.03 15.47 -23.56
N GLY F 221 58.20 16.48 -23.36
CA GLY F 221 58.33 17.78 -24.01
C GLY F 221 57.52 17.92 -25.29
N GLU F 222 57.15 16.79 -25.92
CA GLU F 222 56.38 16.74 -27.16
C GLU F 222 54.88 16.77 -26.88
N GLU F 223 54.18 17.78 -27.43
CA GLU F 223 52.73 17.96 -27.27
C GLU F 223 51.93 16.94 -28.10
N LEU F 224 51.08 16.16 -27.41
CA LEU F 224 50.24 15.11 -28.00
C LEU F 224 49.12 15.65 -28.89
N THR F 225 48.63 14.82 -29.84
CA THR F 225 47.58 15.16 -30.80
C THR F 225 46.16 15.13 -30.14
N GLN F 226 46.00 15.92 -29.05
CA GLN F 226 44.81 16.11 -28.21
C GLN F 226 43.94 14.83 -28.03
N ASP F 227 44.60 13.71 -27.66
CA ASP F 227 43.94 12.42 -27.39
C ASP F 227 43.21 12.44 -26.04
N MET F 228 43.47 13.49 -25.24
CA MET F 228 42.90 13.73 -23.91
C MET F 228 41.39 13.94 -23.91
N GLU F 229 40.71 13.38 -22.90
CA GLU F 229 39.29 13.52 -22.71
C GLU F 229 39.09 14.79 -21.87
N LEU F 230 38.75 15.91 -22.55
CA LEU F 230 38.56 17.21 -21.92
C LEU F 230 37.08 17.51 -21.64
N VAL F 231 36.80 18.26 -20.57
CA VAL F 231 35.45 18.64 -20.17
C VAL F 231 35.19 20.13 -20.45
N GLU F 232 33.91 20.53 -20.64
CA GLU F 232 33.53 21.92 -20.91
C GLU F 232 33.70 22.78 -19.67
N THR F 233 34.08 24.07 -19.85
CA THR F 233 34.28 25.03 -18.74
C THR F 233 32.96 25.27 -18.02
N ARG F 234 32.89 24.87 -16.74
CA ARG F 234 31.70 24.96 -15.91
C ARG F 234 31.83 25.97 -14.74
N PRO F 235 30.77 26.74 -14.40
CA PRO F 235 30.90 27.68 -13.27
C PRO F 235 30.77 26.98 -11.91
N ALA F 236 31.62 27.35 -10.95
CA ALA F 236 31.61 26.77 -9.60
C ALA F 236 30.35 27.18 -8.82
N GLY F 237 29.91 28.43 -8.99
CA GLY F 237 28.74 28.98 -8.33
C GLY F 237 29.00 30.22 -7.51
N ASP F 238 30.28 30.46 -7.17
CA ASP F 238 30.73 31.61 -6.37
C ASP F 238 31.48 32.66 -7.21
N GLY F 239 31.12 32.74 -8.49
CA GLY F 239 31.72 33.68 -9.45
C GLY F 239 33.05 33.25 -10.02
N THR F 240 33.34 31.94 -10.00
CA THR F 240 34.57 31.35 -10.53
C THR F 240 34.25 30.13 -11.43
N PHE F 241 35.25 29.62 -12.18
CA PHE F 241 35.05 28.49 -13.09
C PHE F 241 35.93 27.26 -12.76
N GLN F 242 35.56 26.10 -13.35
CA GLN F 242 36.22 24.79 -13.22
C GLN F 242 36.43 24.15 -14.59
N LYS F 243 37.49 23.31 -14.74
CA LYS F 243 37.82 22.56 -15.96
C LYS F 243 38.89 21.49 -15.69
N TRP F 244 38.80 20.35 -16.40
CA TRP F 244 39.77 19.25 -16.30
C TRP F 244 40.04 18.55 -17.63
N ALA F 245 41.21 17.89 -17.73
CA ALA F 245 41.67 17.11 -18.88
C ALA F 245 42.35 15.82 -18.40
N SER F 246 41.92 14.65 -18.93
CA SER F 246 42.46 13.34 -18.54
C SER F 246 43.13 12.60 -19.69
N VAL F 247 44.25 11.90 -19.38
CA VAL F 247 45.04 11.11 -20.34
C VAL F 247 45.25 9.70 -19.80
N VAL F 248 44.98 8.67 -20.64
CA VAL F 248 45.19 7.26 -20.29
C VAL F 248 46.70 6.98 -20.46
N VAL F 249 47.39 6.73 -19.33
CA VAL F 249 48.84 6.49 -19.29
C VAL F 249 49.19 5.07 -18.78
N PRO F 250 50.32 4.45 -19.21
CA PRO F 250 50.65 3.11 -18.68
C PRO F 250 51.18 3.18 -17.23
N LEU F 251 50.81 2.17 -16.41
CA LEU F 251 51.20 2.07 -15.00
C LEU F 251 52.72 2.00 -14.80
N GLY F 252 53.21 2.83 -13.88
CA GLY F 252 54.63 2.95 -13.58
C GLY F 252 55.25 4.18 -14.19
N LYS F 253 55.06 4.35 -15.52
CA LYS F 253 55.55 5.49 -16.29
C LYS F 253 54.51 6.61 -16.26
N GLU F 254 54.38 7.26 -15.09
CA GLU F 254 53.41 8.34 -14.84
C GLU F 254 54.05 9.72 -14.88
N GLN F 255 55.32 9.84 -14.46
CA GLN F 255 56.08 11.09 -14.41
C GLN F 255 56.54 11.61 -15.78
N ASN F 256 56.49 10.75 -16.83
CA ASN F 256 56.88 11.09 -18.20
C ASN F 256 55.90 12.08 -18.87
N TYR F 257 54.66 12.15 -18.37
CA TYR F 257 53.60 13.02 -18.88
C TYR F 257 53.47 14.29 -18.02
N THR F 258 53.42 15.47 -18.67
CA THR F 258 53.33 16.76 -17.98
C THR F 258 52.11 17.58 -18.42
N CYS F 259 51.45 18.26 -17.46
CA CYS F 259 50.28 19.10 -17.70
C CYS F 259 50.66 20.58 -17.71
N ARG F 260 50.31 21.28 -18.80
CA ARG F 260 50.57 22.70 -19.00
C ARG F 260 49.26 23.51 -18.98
N VAL F 261 49.16 24.50 -18.06
CA VAL F 261 47.98 25.37 -17.92
C VAL F 261 48.29 26.77 -18.46
N TYR F 262 47.46 27.26 -19.40
CA TYR F 262 47.58 28.57 -20.02
C TYR F 262 46.38 29.44 -19.64
N HIS F 263 46.65 30.61 -19.05
CA HIS F 263 45.64 31.58 -18.61
C HIS F 263 46.24 32.98 -18.64
N GLU F 264 45.41 34.00 -18.96
CA GLU F 264 45.85 35.40 -19.04
C GLU F 264 46.20 36.00 -17.67
N GLY F 265 45.54 35.53 -16.61
CA GLY F 265 45.77 35.95 -15.24
C GLY F 265 47.06 35.43 -14.64
N LEU F 266 47.60 34.33 -15.21
CA LEU F 266 48.85 33.73 -14.76
C LEU F 266 50.06 34.48 -15.33
N PRO F 267 51.04 34.89 -14.48
CA PRO F 267 52.24 35.57 -15.02
C PRO F 267 53.09 34.65 -15.88
N GLU F 268 53.17 33.36 -15.50
CA GLU F 268 53.92 32.31 -16.20
C GLU F 268 53.05 31.05 -16.34
N PRO F 269 53.16 30.24 -17.42
CA PRO F 269 52.33 29.04 -17.54
C PRO F 269 52.68 27.96 -16.51
N LEU F 270 51.64 27.34 -15.89
CA LEU F 270 51.81 26.30 -14.88
C LEU F 270 52.24 24.96 -15.46
N THR F 271 53.34 24.40 -14.94
CA THR F 271 53.86 23.08 -15.34
C THR F 271 53.81 22.14 -14.13
N LEU F 272 53.01 21.05 -14.24
CA LEU F 272 52.80 20.10 -13.14
C LEU F 272 52.53 18.67 -13.61
N ARG F 273 52.82 17.70 -12.72
CA ARG F 273 52.62 16.26 -12.94
C ARG F 273 52.01 15.58 -11.69
N TRP F 274 51.93 14.22 -11.69
CA TRP F 274 51.39 13.42 -10.60
C TRP F 274 52.26 13.47 -9.34
N GLU F 275 51.62 13.69 -8.18
CA GLU F 275 52.30 13.79 -6.88
C GLU F 275 51.91 12.62 -5.95
N PRO F 276 52.74 11.56 -5.85
CA PRO F 276 52.38 10.43 -4.97
C PRO F 276 52.79 10.67 -3.50
N PRO F 277 51.86 10.50 -2.52
CA PRO F 277 52.24 10.73 -1.12
C PRO F 277 52.82 9.49 -0.45
N ILE G 1 17.19 23.43 -35.65
CA ILE G 1 16.38 24.50 -35.05
C ILE G 1 16.29 24.33 -33.52
N GLN G 2 16.17 23.07 -33.03
CA GLN G 2 16.07 22.72 -31.61
C GLN G 2 17.37 22.08 -31.16
N LYS G 3 17.97 22.63 -30.09
CA LYS G 3 19.24 22.14 -29.54
C LYS G 3 19.04 21.40 -28.23
N THR G 4 19.65 20.20 -28.11
CA THR G 4 19.56 19.35 -26.92
C THR G 4 20.47 19.88 -25.81
N PRO G 5 20.02 19.92 -24.52
CA PRO G 5 20.88 20.45 -23.45
C PRO G 5 22.07 19.57 -23.08
N GLN G 6 23.17 20.22 -22.68
CA GLN G 6 24.41 19.59 -22.23
C GLN G 6 24.41 19.68 -20.71
N ILE G 7 24.26 18.52 -20.03
CA ILE G 7 24.16 18.43 -18.57
C ILE G 7 25.49 18.01 -17.94
N GLN G 8 25.87 18.70 -16.85
CA GLN G 8 27.08 18.44 -16.08
C GLN G 8 26.76 18.53 -14.59
N VAL G 9 27.00 17.43 -13.84
CA VAL G 9 26.77 17.35 -12.39
C VAL G 9 28.13 17.28 -11.70
N TYR G 10 28.39 18.23 -10.78
CA TYR G 10 29.66 18.37 -10.08
C TYR G 10 29.53 19.08 -8.72
N SER G 11 30.64 19.19 -7.99
CA SER G 11 30.76 19.82 -6.68
C SER G 11 31.48 21.17 -6.81
N ARG G 12 31.21 22.12 -5.88
CA ARG G 12 31.84 23.46 -5.86
C ARG G 12 33.34 23.36 -5.55
N HIS G 13 33.71 22.58 -4.52
CA HIS G 13 35.10 22.34 -4.10
C HIS G 13 35.38 20.82 -4.19
N PRO G 14 36.66 20.34 -4.23
CA PRO G 14 36.90 18.89 -4.28
C PRO G 14 36.17 18.11 -3.18
N PRO G 15 35.44 17.03 -3.53
CA PRO G 15 34.64 16.31 -2.52
C PRO G 15 35.42 15.66 -1.39
N GLU G 16 34.87 15.77 -0.16
CA GLU G 16 35.41 15.20 1.07
C GLU G 16 34.25 14.89 2.03
N ASN G 17 34.26 13.67 2.61
CA ASN G 17 33.23 13.20 3.54
C ASN G 17 33.20 13.98 4.86
N GLY G 18 31.99 14.32 5.30
CA GLY G 18 31.74 15.07 6.53
C GLY G 18 31.65 16.57 6.37
N LYS G 19 32.52 17.15 5.52
CA LYS G 19 32.59 18.58 5.25
C LYS G 19 31.46 19.05 4.31
N PRO G 20 30.78 20.18 4.60
CA PRO G 20 29.68 20.63 3.71
C PRO G 20 30.17 21.26 2.41
N ASN G 21 29.52 20.89 1.29
CA ASN G 21 29.82 21.40 -0.05
C ASN G 21 28.54 21.83 -0.80
N ILE G 22 28.69 22.34 -2.04
CA ILE G 22 27.57 22.78 -2.89
C ILE G 22 27.54 21.95 -4.18
N LEU G 23 26.42 21.25 -4.41
CA LEU G 23 26.24 20.42 -5.61
C LEU G 23 25.68 21.30 -6.72
N ASN G 24 26.36 21.32 -7.88
CA ASN G 24 25.97 22.14 -9.02
C ASN G 24 25.61 21.32 -10.25
N CYS G 25 24.54 21.74 -10.96
CA CYS G 25 24.09 21.14 -12.20
C CYS G 25 24.06 22.19 -13.28
N TYR G 26 25.03 22.12 -14.20
CA TYR G 26 25.17 23.08 -15.30
C TYR G 26 24.50 22.57 -16.57
N VAL G 27 23.40 23.22 -16.94
CA VAL G 27 22.61 22.93 -18.12
C VAL G 27 22.88 24.05 -19.13
N THR G 28 23.44 23.71 -20.30
CA THR G 28 23.81 24.66 -21.34
C THR G 28 23.52 24.14 -22.77
N GLN G 29 23.72 25.01 -23.79
CA GLN G 29 23.58 24.71 -25.22
C GLN G 29 22.16 24.21 -25.63
N PHE G 30 21.10 24.75 -24.98
CA PHE G 30 19.71 24.35 -25.28
C PHE G 30 18.84 25.45 -25.90
N HIS G 31 17.87 25.05 -26.72
CA HIS G 31 16.89 25.92 -27.40
C HIS G 31 15.65 25.08 -27.77
N PRO G 32 14.38 25.47 -27.44
CA PRO G 32 13.91 26.72 -26.78
C PRO G 32 14.32 26.86 -25.29
N PRO G 33 14.08 28.02 -24.62
CA PRO G 33 14.53 28.16 -23.22
C PRO G 33 13.74 27.37 -22.16
N HIS G 34 12.55 26.85 -22.51
CA HIS G 34 11.70 26.09 -21.58
C HIS G 34 12.39 24.77 -21.17
N ILE G 35 12.75 24.69 -19.88
CA ILE G 35 13.46 23.55 -19.30
C ILE G 35 13.02 23.28 -17.84
N GLU G 36 13.02 21.99 -17.44
CA GLU G 36 12.66 21.54 -16.09
C GLU G 36 13.88 20.87 -15.44
N ILE G 37 14.37 21.43 -14.32
CA ILE G 37 15.54 20.92 -13.61
C ILE G 37 15.16 20.53 -12.17
N GLN G 38 15.50 19.30 -11.75
CA GLN G 38 15.22 18.77 -10.42
C GLN G 38 16.46 18.13 -9.79
N MET G 39 16.62 18.26 -8.45
CA MET G 39 17.77 17.74 -7.71
C MET G 39 17.47 16.44 -6.95
N LEU G 40 18.49 15.55 -6.87
CA LEU G 40 18.46 14.23 -6.22
C LEU G 40 19.85 14.01 -5.54
N LYS G 41 20.01 13.27 -4.38
CA LYS G 41 19.11 12.48 -3.49
C LYS G 41 18.83 11.08 -4.07
N ASN G 42 18.62 10.09 -3.18
CA ASN G 42 18.35 8.69 -3.53
C ASN G 42 16.97 8.50 -4.18
N GLY G 43 16.87 8.88 -5.45
CA GLY G 43 15.65 8.78 -6.26
C GLY G 43 14.50 9.67 -5.82
N LYS G 44 14.80 10.73 -5.04
CA LYS G 44 13.81 11.67 -4.51
C LYS G 44 14.13 13.12 -4.87
N LYS G 45 13.10 13.98 -4.96
CA LYS G 45 13.26 15.40 -5.28
C LYS G 45 13.27 16.23 -3.99
N ILE G 46 14.26 17.13 -3.85
CA ILE G 46 14.39 18.02 -2.69
C ILE G 46 13.71 19.37 -2.96
N PRO G 47 12.86 19.88 -2.04
CA PRO G 47 12.17 21.16 -2.31
C PRO G 47 13.05 22.41 -2.24
N LYS G 48 13.99 22.45 -1.27
CA LYS G 48 14.92 23.57 -1.07
C LYS G 48 16.03 23.58 -2.13
N VAL G 49 15.73 24.20 -3.29
CA VAL G 49 16.65 24.33 -4.43
C VAL G 49 16.76 25.77 -4.92
N GLU G 50 17.99 26.22 -5.19
CA GLU G 50 18.28 27.56 -5.69
C GLU G 50 18.77 27.48 -7.13
N MET G 51 18.27 28.39 -7.99
CA MET G 51 18.62 28.41 -9.41
C MET G 51 19.03 29.79 -9.90
N SER G 52 20.01 29.83 -10.83
CA SER G 52 20.49 31.05 -11.48
C SER G 52 19.41 31.53 -12.46
N ASP G 53 19.39 32.83 -12.78
CA ASP G 53 18.41 33.37 -13.71
C ASP G 53 18.77 33.07 -15.17
N MET G 54 17.75 33.08 -16.06
N MET G 54 17.75 33.09 -16.07
CA MET G 54 17.86 32.78 -17.50
CA MET G 54 17.87 32.79 -17.50
C MET G 54 18.88 33.68 -18.23
C MET G 54 18.88 33.68 -18.23
N SER G 55 19.85 33.04 -18.90
CA SER G 55 20.91 33.71 -19.67
C SER G 55 21.21 32.92 -20.94
N PHE G 56 21.71 33.61 -22.00
CA PHE G 56 22.05 32.97 -23.26
C PHE G 56 23.42 33.40 -23.79
N SER G 57 24.06 32.52 -24.58
CA SER G 57 25.38 32.75 -25.19
C SER G 57 25.24 33.34 -26.61
N LYS G 58 26.37 33.57 -27.30
CA LYS G 58 26.38 34.16 -28.64
C LYS G 58 26.32 33.09 -29.78
N ASP G 59 25.45 32.06 -29.66
CA ASP G 59 25.40 31.03 -30.70
C ASP G 59 24.01 30.40 -31.08
N TRP G 60 22.82 30.77 -30.51
CA TRP G 60 22.42 31.75 -29.50
C TRP G 60 21.75 31.01 -28.33
N SER G 61 22.24 29.79 -28.03
CA SER G 61 21.71 28.88 -27.02
C SER G 61 21.71 29.43 -25.59
N PHE G 62 20.76 28.93 -24.77
CA PHE G 62 20.55 29.31 -23.37
C PHE G 62 21.36 28.43 -22.41
N TYR G 63 21.65 28.98 -21.22
CA TYR G 63 22.38 28.31 -20.13
C TYR G 63 21.84 28.72 -18.77
N ILE G 64 21.76 27.74 -17.85
CA ILE G 64 21.27 27.92 -16.49
C ILE G 64 22.11 27.08 -15.50
N LEU G 65 22.12 27.47 -14.22
CA LEU G 65 22.85 26.75 -13.18
C LEU G 65 21.98 26.53 -11.93
N ALA G 66 21.83 25.26 -11.52
CA ALA G 66 21.07 24.87 -10.32
C ALA G 66 22.06 24.46 -9.23
N HIS G 67 21.90 25.01 -8.02
CA HIS G 67 22.79 24.73 -6.89
C HIS G 67 22.07 24.54 -5.57
N THR G 68 22.59 23.64 -4.72
CA THR G 68 22.05 23.32 -3.40
C THR G 68 23.14 22.90 -2.41
N GLU G 69 22.95 23.22 -1.11
CA GLU G 69 23.87 22.86 -0.04
C GLU G 69 23.68 21.39 0.33
N PHE G 70 24.79 20.64 0.44
CA PHE G 70 24.74 19.20 0.75
C PHE G 70 25.95 18.71 1.55
N THR G 71 25.80 17.54 2.20
CA THR G 71 26.87 16.89 2.96
C THR G 71 27.30 15.62 2.19
N PRO G 72 28.38 15.70 1.37
CA PRO G 72 28.81 14.52 0.59
C PRO G 72 29.21 13.31 1.45
N THR G 73 28.36 12.27 1.40
CA THR G 73 28.54 11.01 2.14
C THR G 73 28.81 9.90 1.13
N GLU G 74 29.66 8.92 1.52
CA GLU G 74 30.06 7.76 0.71
C GLU G 74 28.86 6.87 0.33
N THR G 75 27.86 6.77 1.22
CA THR G 75 26.64 5.96 1.01
C THR G 75 25.59 6.66 0.14
N ASP G 76 25.39 7.98 0.35
CA ASP G 76 24.41 8.78 -0.38
C ASP G 76 24.76 8.97 -1.87
N THR G 77 23.77 8.74 -2.75
CA THR G 77 23.91 8.87 -4.20
C THR G 77 23.14 10.10 -4.70
N TYR G 78 23.82 10.95 -5.48
CA TYR G 78 23.27 12.20 -6.01
C TYR G 78 23.15 12.15 -7.54
N ALA G 79 22.09 12.77 -8.08
CA ALA G 79 21.82 12.83 -9.51
C ALA G 79 21.04 14.10 -9.88
N CYS G 80 20.85 14.35 -11.18
CA CYS G 80 20.08 15.49 -11.65
C CYS G 80 19.13 15.13 -12.77
N ARG G 81 17.86 15.56 -12.62
CA ARG G 81 16.79 15.29 -13.57
C ARG G 81 16.53 16.53 -14.43
N VAL G 82 16.84 16.43 -15.74
CA VAL G 82 16.67 17.51 -16.71
C VAL G 82 15.65 17.12 -17.78
N LYS G 83 14.63 17.97 -18.01
CA LYS G 83 13.59 17.73 -19.00
C LYS G 83 13.54 18.87 -20.03
N HIS G 84 13.55 18.50 -21.32
CA HIS G 84 13.51 19.43 -22.46
C HIS G 84 12.68 18.80 -23.61
N ALA G 85 12.29 19.64 -24.58
CA ALA G 85 11.49 19.28 -25.76
C ALA G 85 12.21 18.31 -26.72
N SER G 86 13.56 18.33 -26.72
CA SER G 86 14.41 17.53 -27.61
C SER G 86 14.42 16.02 -27.31
N MET G 87 14.19 15.62 -26.05
CA MET G 87 14.17 14.19 -25.69
C MET G 87 12.79 13.74 -25.15
N ALA G 88 12.50 12.43 -25.28
CA ALA G 88 11.25 11.76 -24.90
C ALA G 88 10.96 11.71 -23.39
N GLU G 89 11.98 11.46 -22.56
CA GLU G 89 11.88 11.33 -21.11
C GLU G 89 12.86 12.27 -20.39
N PRO G 90 12.62 12.68 -19.13
CA PRO G 90 13.63 13.52 -18.45
C PRO G 90 14.94 12.75 -18.20
N LYS G 91 16.06 13.28 -18.69
CA LYS G 91 17.39 12.68 -18.58
C LYS G 91 17.92 12.76 -17.15
N THR G 92 18.52 11.64 -16.68
CA THR G 92 19.10 11.54 -15.33
C THR G 92 20.62 11.34 -15.45
N VAL G 93 21.39 12.29 -14.91
CA VAL G 93 22.86 12.25 -14.94
C VAL G 93 23.37 12.05 -13.51
N TYR G 94 24.02 10.91 -13.26
CA TYR G 94 24.55 10.56 -11.94
C TYR G 94 25.79 11.36 -11.58
N TRP G 95 25.87 11.81 -10.31
CA TRP G 95 27.01 12.60 -9.83
C TRP G 95 28.21 11.70 -9.52
N ASP G 96 29.33 11.95 -10.21
CA ASP G 96 30.57 11.23 -10.03
C ASP G 96 31.56 12.22 -9.43
N ARG G 97 31.94 12.01 -8.17
CA ARG G 97 32.86 12.88 -7.42
C ARG G 97 34.26 13.01 -8.06
N ASP G 98 34.70 11.95 -8.78
CA ASP G 98 36.00 11.93 -9.47
C ASP G 98 35.94 12.73 -10.78
N MET G 99 34.75 12.90 -11.36
CA MET G 99 34.54 13.60 -12.63
C MET G 99 33.80 14.96 -12.47
CA ALA H 1 21.67 52.61 -21.01
C ALA H 1 21.25 51.73 -22.19
N SER H 2 20.09 51.08 -22.08
CA SER H 2 19.53 50.22 -23.13
C SER H 2 18.98 51.04 -24.30
N ASN H 3 18.80 50.38 -25.46
CA ASN H 3 18.29 51.01 -26.68
C ASN H 3 16.86 50.58 -26.99
N GLU H 4 16.09 51.49 -27.61
CA GLU H 4 14.71 51.25 -28.04
C GLU H 4 14.75 51.04 -29.55
N ASN H 5 14.19 49.91 -30.03
CA ASN H 5 14.16 49.58 -31.46
C ASN H 5 13.17 50.46 -32.21
N MET H 6 13.50 50.80 -33.46
CA MET H 6 12.65 51.64 -34.30
C MET H 6 11.55 50.83 -34.98
N GLU H 7 11.62 50.64 -36.32
CA GLU H 7 10.62 49.87 -37.07
C GLU H 7 10.71 48.39 -36.74
N THR H 8 9.54 47.73 -36.69
CA THR H 8 9.42 46.29 -36.43
C THR H 8 9.85 45.48 -37.64
N MET H 9 10.04 44.16 -37.44
CA MET H 9 10.44 43.22 -38.48
C MET H 9 9.35 43.01 -39.53
N GLN I 1 -7.22 32.49 -45.74
CA GLN I 1 -8.24 33.44 -45.28
C GLN I 1 -8.81 33.03 -43.90
N GLN I 2 -8.70 33.87 -42.81
CA GLN I 2 -8.15 35.23 -42.66
C GLN I 2 -8.96 36.30 -43.44
N GLN I 3 -10.30 36.11 -43.47
CA GLN I 3 -11.24 37.01 -44.14
C GLN I 3 -12.58 37.05 -43.41
N VAL I 4 -13.44 38.01 -43.82
CA VAL I 4 -14.77 38.23 -43.26
C VAL I 4 -15.74 38.71 -44.37
N ARG I 5 -16.78 37.89 -44.64
CA ARG I 5 -17.79 38.15 -45.66
C ARG I 5 -19.07 38.72 -45.06
N GLN I 6 -19.53 39.86 -45.59
CA GLN I 6 -20.75 40.53 -45.15
C GLN I 6 -21.85 40.42 -46.20
N SER I 7 -23.01 39.86 -45.81
CA SER I 7 -24.15 39.65 -46.70
C SER I 7 -25.42 40.31 -46.16
N PRO I 8 -26.19 41.07 -46.98
CA PRO I 8 -25.95 41.37 -48.40
C PRO I 8 -25.13 42.64 -48.60
N GLN I 9 -25.02 43.11 -49.85
CA GLN I 9 -24.38 44.37 -50.21
C GLN I 9 -25.56 45.26 -50.59
N SER I 10 -25.89 46.23 -49.70
CA SER I 10 -27.01 47.18 -49.78
C SER I 10 -28.37 46.51 -49.52
N LEU I 11 -28.99 46.89 -48.39
CA LEU I 11 -30.30 46.43 -47.91
C LEU I 11 -31.25 47.63 -47.72
N THR I 12 -32.50 47.48 -48.19
CA THR I 12 -33.53 48.51 -48.07
C THR I 12 -34.70 47.95 -47.27
N VAL I 13 -35.02 48.60 -46.14
CA VAL I 13 -36.11 48.21 -45.23
C VAL I 13 -37.05 49.38 -44.94
N TRP I 14 -38.30 49.10 -44.56
CA TRP I 14 -39.28 50.13 -44.21
C TRP I 14 -39.12 50.55 -42.75
N GLU I 15 -39.64 51.75 -42.39
CA GLU I 15 -39.59 52.30 -41.03
C GLU I 15 -40.43 51.45 -40.08
N GLY I 16 -39.79 50.95 -39.03
CA GLY I 16 -40.42 50.11 -38.01
C GLY I 16 -40.12 48.63 -38.15
N GLU I 17 -39.62 48.21 -39.33
CA GLU I 17 -39.29 46.80 -39.60
C GLU I 17 -37.95 46.39 -38.98
N THR I 18 -37.64 45.08 -38.99
CA THR I 18 -36.40 44.55 -38.43
C THR I 18 -35.38 44.34 -39.56
N ALA I 19 -34.20 44.97 -39.42
CA ALA I 19 -33.11 44.87 -40.41
C ALA I 19 -32.11 43.81 -39.97
N ILE I 20 -31.95 42.75 -40.79
CA ILE I 20 -31.04 41.64 -40.53
C ILE I 20 -29.78 41.80 -41.39
N LEU I 21 -28.63 42.00 -40.74
CA LEU I 21 -27.33 42.20 -41.38
C LEU I 21 -26.41 41.03 -41.05
N ASN I 22 -26.31 40.06 -41.98
CA ASN I 22 -25.52 38.85 -41.81
C ASN I 22 -24.03 39.06 -42.07
N CYS I 23 -23.20 38.21 -41.44
CA CYS I 23 -21.74 38.20 -41.53
C CYS I 23 -21.19 36.80 -41.26
N SER I 24 -20.09 36.42 -41.94
CA SER I 24 -19.46 35.11 -41.81
C SER I 24 -17.92 35.16 -41.83
N TYR I 25 -17.29 34.24 -41.08
CA TYR I 25 -15.84 34.11 -40.98
C TYR I 25 -15.38 32.65 -41.16
N GLU I 26 -14.07 32.44 -41.38
CA GLU I 26 -13.51 31.10 -41.60
C GLU I 26 -12.54 30.65 -40.49
N ASP I 27 -11.68 31.57 -40.02
CA ASP I 27 -10.68 31.28 -38.97
C ASP I 27 -11.30 31.15 -37.58
N SER I 28 -11.11 29.96 -36.95
CA SER I 28 -11.60 29.62 -35.61
C SER I 28 -10.95 30.47 -34.51
N THR I 29 -9.74 31.01 -34.78
CA THR I 29 -8.93 31.84 -33.87
C THR I 29 -9.61 33.16 -33.46
N PHE I 30 -10.53 33.70 -34.30
CA PHE I 30 -11.26 34.95 -34.05
C PHE I 30 -12.17 34.83 -32.82
N ASN I 31 -12.01 35.74 -31.85
CA ASN I 31 -12.78 35.76 -30.60
C ASN I 31 -13.60 37.03 -30.39
N TYR I 32 -13.09 38.20 -30.82
CA TYR I 32 -13.77 39.49 -30.65
C TYR I 32 -14.41 39.96 -31.95
N PHE I 33 -15.70 40.37 -31.89
CA PHE I 33 -16.44 40.81 -33.07
C PHE I 33 -17.15 42.17 -32.91
N PRO I 34 -16.44 43.30 -33.12
CA PRO I 34 -17.10 44.60 -33.01
C PRO I 34 -17.77 45.06 -34.32
N TRP I 35 -18.90 45.77 -34.19
CA TRP I 35 -19.65 46.33 -35.32
C TRP I 35 -19.48 47.84 -35.34
N TYR I 36 -19.02 48.37 -36.49
CA TYR I 36 -18.79 49.79 -36.68
C TYR I 36 -19.81 50.38 -37.65
N GLN I 37 -20.38 51.54 -37.27
CA GLN I 37 -21.39 52.27 -38.03
C GLN I 37 -20.75 53.52 -38.65
N GLN I 38 -20.90 53.69 -39.97
CA GLN I 38 -20.34 54.83 -40.72
C GLN I 38 -21.40 55.65 -41.44
N PHE I 39 -21.48 56.95 -41.13
CA PHE I 39 -22.41 57.89 -41.76
C PHE I 39 -21.65 58.69 -42.84
N PRO I 40 -22.30 59.12 -43.95
CA PRO I 40 -21.57 59.86 -45.00
C PRO I 40 -20.93 61.16 -44.50
N GLY I 41 -19.63 61.30 -44.77
CA GLY I 41 -18.82 62.45 -44.36
C GLY I 41 -18.10 62.25 -43.03
N GLU I 42 -18.50 61.21 -42.29
CA GLU I 42 -17.98 60.82 -40.97
C GLU I 42 -17.28 59.46 -41.05
N GLY I 43 -16.31 59.23 -40.18
CA GLY I 43 -15.59 57.97 -40.10
C GLY I 43 -16.37 56.92 -39.31
N PRO I 44 -15.97 55.62 -39.36
CA PRO I 44 -16.73 54.59 -38.62
C PRO I 44 -16.64 54.74 -37.10
N ALA I 45 -17.75 54.47 -36.41
CA ALA I 45 -17.83 54.56 -34.94
C ALA I 45 -18.39 53.26 -34.37
N LEU I 46 -17.82 52.80 -33.23
CA LEU I 46 -18.24 51.57 -32.55
C LEU I 46 -19.70 51.66 -32.11
N LEU I 47 -20.48 50.64 -32.50
CA LEU I 47 -21.91 50.55 -32.19
C LEU I 47 -22.16 49.49 -31.11
N ILE I 48 -21.78 48.24 -31.37
CA ILE I 48 -21.97 47.09 -30.48
C ILE I 48 -20.89 46.01 -30.76
N SER I 49 -20.44 45.30 -29.72
CA SER I 49 -19.43 44.24 -29.84
C SER I 49 -19.84 42.97 -29.11
N ILE I 50 -19.28 41.82 -29.52
CA ILE I 50 -19.54 40.50 -28.93
C ILE I 50 -18.27 39.65 -28.85
N ARG I 51 -18.18 38.79 -27.83
CA ARG I 51 -17.08 37.85 -27.60
C ARG I 51 -17.51 36.45 -28.05
N SER I 52 -16.54 35.54 -28.25
CA SER I 52 -16.79 34.15 -28.67
C SER I 52 -17.54 33.33 -27.61
N VAL I 53 -17.42 33.70 -26.32
CA VAL I 53 -18.09 33.03 -25.21
C VAL I 53 -19.61 33.35 -25.20
N SER I 54 -19.97 34.61 -25.51
CA SER I 54 -21.36 35.08 -25.55
C SER I 54 -22.07 34.62 -26.84
N ASP I 55 -23.41 34.74 -26.86
CA ASP I 55 -24.23 34.33 -28.01
C ASP I 55 -25.32 35.35 -28.42
N LYS I 56 -25.53 36.42 -27.62
CA LYS I 56 -26.55 37.43 -27.92
C LYS I 56 -26.02 38.89 -27.86
N LYS I 57 -25.92 39.49 -26.64
CA LYS I 57 -25.50 40.87 -26.39
C LYS I 57 -26.50 41.88 -26.99
N GLU I 58 -27.35 42.45 -26.12
CA GLU I 58 -28.40 43.42 -26.46
C GLU I 58 -28.04 44.83 -25.98
N ASP I 59 -28.27 45.84 -26.83
CA ASP I 59 -28.04 47.26 -26.55
C ASP I 59 -29.18 48.08 -27.15
N GLY I 60 -30.32 48.07 -26.46
CA GLY I 60 -31.53 48.76 -26.88
C GLY I 60 -32.19 48.11 -28.07
N ARG I 61 -32.12 48.77 -29.23
CA ARG I 61 -32.70 48.30 -30.49
C ARG I 61 -31.73 47.39 -31.28
N PHE I 62 -30.42 47.48 -30.97
CA PHE I 62 -29.37 46.69 -31.64
C PHE I 62 -29.03 45.42 -30.86
N THR I 63 -29.12 44.27 -31.54
CA THR I 63 -28.83 42.94 -30.98
C THR I 63 -28.05 42.10 -31.99
N ILE I 64 -26.96 41.44 -31.54
CA ILE I 64 -26.16 40.55 -32.37
C ILE I 64 -26.58 39.10 -32.07
N PHE I 65 -26.32 38.17 -33.00
CA PHE I 65 -26.62 36.75 -32.81
C PHE I 65 -25.43 35.94 -33.29
N PHE I 66 -24.58 35.50 -32.35
CA PHE I 66 -23.36 34.75 -32.61
C PHE I 66 -23.57 33.23 -32.55
N ASN I 67 -22.99 32.52 -33.53
CA ASN I 67 -23.02 31.07 -33.65
C ASN I 67 -21.60 30.59 -33.97
N LYS I 68 -20.93 29.97 -32.98
CA LYS I 68 -19.56 29.49 -33.09
C LYS I 68 -19.44 28.24 -33.99
N ARG I 69 -20.49 27.39 -33.99
CA ARG I 69 -20.53 26.14 -34.77
C ARG I 69 -20.57 26.39 -36.28
N GLU I 70 -21.47 27.29 -36.75
CA GLU I 70 -21.61 27.63 -38.16
C GLU I 70 -20.70 28.79 -38.58
N LYS I 71 -20.01 29.42 -37.61
CA LYS I 71 -19.10 30.56 -37.80
C LYS I 71 -19.81 31.76 -38.46
N LYS I 72 -21.06 32.03 -38.04
CA LYS I 72 -21.90 33.10 -38.57
C LYS I 72 -22.34 34.08 -37.47
N LEU I 73 -22.53 35.35 -37.83
CA LEU I 73 -23.04 36.37 -36.89
C LEU I 73 -23.94 37.38 -37.61
N SER I 74 -25.09 37.68 -37.01
CA SER I 74 -26.11 38.54 -37.59
C SER I 74 -26.49 39.71 -36.69
N LEU I 75 -26.63 40.91 -37.29
CA LEU I 75 -27.02 42.14 -36.59
C LEU I 75 -28.49 42.45 -36.85
N HIS I 76 -29.29 42.47 -35.78
CA HIS I 76 -30.72 42.75 -35.81
C HIS I 76 -31.01 44.16 -35.28
N ILE I 77 -31.76 44.95 -36.06
CA ILE I 77 -32.15 46.33 -35.71
C ILE I 77 -33.67 46.36 -35.47
N THR I 78 -34.07 46.38 -34.19
CA THR I 78 -35.47 46.43 -33.77
C THR I 78 -36.03 47.83 -34.07
N ASP I 79 -37.19 47.89 -34.77
CA ASP I 79 -37.89 49.12 -35.16
C ASP I 79 -36.94 50.12 -35.86
N SER I 80 -36.57 49.79 -37.12
CA SER I 80 -35.65 50.59 -37.93
C SER I 80 -36.16 52.00 -38.19
N GLN I 81 -35.29 53.00 -38.00
CA GLN I 81 -35.61 54.42 -38.18
C GLN I 81 -34.74 55.03 -39.29
N PRO I 82 -35.18 56.10 -40.00
CA PRO I 82 -34.32 56.68 -41.05
C PRO I 82 -32.94 57.16 -40.58
N GLY I 83 -32.80 57.40 -39.27
CA GLY I 83 -31.55 57.81 -38.65
C GLY I 83 -30.51 56.70 -38.59
N ASP I 84 -30.95 55.44 -38.79
CA ASP I 84 -30.08 54.26 -38.80
C ASP I 84 -29.48 53.97 -40.19
N SER I 85 -29.93 54.72 -41.23
CA SER I 85 -29.46 54.57 -42.61
C SER I 85 -27.98 54.95 -42.71
N ALA I 86 -27.11 53.93 -42.60
CA ALA I 86 -25.66 54.04 -42.64
C ALA I 86 -25.00 52.76 -43.15
N THR I 87 -23.67 52.80 -43.39
CA THR I 87 -22.90 51.64 -43.82
C THR I 87 -22.36 50.95 -42.55
N TYR I 88 -22.71 49.66 -42.38
CA TYR I 88 -22.31 48.87 -41.23
C TYR I 88 -21.18 47.90 -41.58
N PHE I 89 -20.07 48.00 -40.84
CA PHE I 89 -18.89 47.15 -41.02
C PHE I 89 -18.72 46.22 -39.83
N CYS I 90 -18.52 44.93 -40.10
CA CYS I 90 -18.27 43.96 -39.05
C CYS I 90 -16.79 43.62 -39.03
N ALA I 91 -16.17 43.81 -37.86
CA ALA I 91 -14.75 43.54 -37.65
C ALA I 91 -14.51 42.26 -36.87
N ALA I 92 -13.28 41.73 -36.94
CA ALA I 92 -12.89 40.49 -36.25
C ALA I 92 -11.49 40.61 -35.67
N SER I 93 -11.27 40.03 -34.48
CA SER I 93 -9.98 40.04 -33.79
C SER I 93 -9.65 38.70 -33.15
N GLU I 94 -8.35 38.36 -33.14
CA GLU I 94 -7.79 37.15 -32.53
C GLU I 94 -6.82 37.57 -31.41
N THR I 95 -6.49 36.65 -30.50
CA THR I 95 -5.56 36.91 -29.38
C THR I 95 -4.15 37.30 -29.86
N SER I 96 -3.68 36.65 -30.94
CA SER I 96 -2.37 36.91 -31.55
C SER I 96 -2.45 38.06 -32.55
N GLY I 97 -2.77 39.24 -32.05
CA GLY I 97 -2.91 40.46 -32.84
C GLY I 97 -4.24 41.13 -32.58
N SER I 98 -4.57 41.31 -31.29
CA SER I 98 -5.80 41.94 -30.78
C SER I 98 -5.93 43.40 -31.21
N TRP I 99 -4.80 44.07 -31.49
CA TRP I 99 -4.73 45.45 -31.95
C TRP I 99 -5.29 45.61 -33.37
N GLN I 100 -5.13 44.56 -34.20
CA GLN I 100 -5.57 44.54 -35.60
C GLN I 100 -7.01 44.09 -35.77
N LEU I 101 -7.80 44.90 -36.50
CA LEU I 101 -9.19 44.62 -36.81
C LEU I 101 -9.29 44.25 -38.29
N ILE I 102 -9.89 43.08 -38.58
CA ILE I 102 -10.10 42.63 -39.95
C ILE I 102 -11.55 42.94 -40.29
N PHE I 103 -11.76 44.02 -41.06
CA PHE I 103 -13.07 44.51 -41.46
C PHE I 103 -13.66 43.77 -42.66
N GLY I 104 -14.99 43.71 -42.69
CA GLY I 104 -15.76 43.13 -43.78
C GLY I 104 -16.12 44.20 -44.79
N SER I 105 -16.49 43.80 -46.02
CA SER I 105 -16.83 44.70 -47.14
C SER I 105 -17.81 45.84 -46.77
N GLY I 106 -18.78 45.54 -45.91
CA GLY I 106 -19.77 46.52 -45.45
C GLY I 106 -21.12 46.41 -46.11
N THR I 107 -22.19 46.63 -45.31
CA THR I 107 -23.57 46.60 -45.77
C THR I 107 -24.18 47.99 -45.59
N THR I 108 -24.60 48.61 -46.69
CA THR I 108 -25.21 49.94 -46.71
C THR I 108 -26.73 49.81 -46.53
N VAL I 109 -27.24 50.16 -45.34
CA VAL I 109 -28.68 50.08 -45.07
C VAL I 109 -29.37 51.40 -45.42
N SER I 110 -30.60 51.31 -45.92
CA SER I 110 -31.42 52.46 -46.30
C SER I 110 -32.83 52.25 -45.78
N VAL I 111 -33.15 52.93 -44.66
CA VAL I 111 -34.46 52.83 -44.02
C VAL I 111 -35.43 53.84 -44.66
N SER I 112 -36.43 53.31 -45.38
CA SER I 112 -37.47 54.10 -46.05
C SER I 112 -38.45 54.64 -45.01
N PRO I 113 -38.73 55.97 -44.99
CA PRO I 113 -39.66 56.50 -43.96
C PRO I 113 -41.13 56.14 -44.21
N ASN I 114 -41.88 55.92 -43.11
CA ASN I 114 -43.30 55.55 -43.16
C ASN I 114 -44.19 56.80 -43.26
N ILE I 115 -44.98 56.89 -44.35
CA ILE I 115 -45.89 58.01 -44.62
C ILE I 115 -47.33 57.60 -44.34
N GLN I 116 -48.08 58.43 -43.58
CA GLN I 116 -49.47 58.18 -43.22
C GLN I 116 -50.45 58.64 -44.31
N ASN I 117 -50.26 59.87 -44.82
CA ASN I 117 -51.12 60.48 -45.84
C ASN I 117 -50.28 61.04 -47.01
N PRO I 118 -50.05 60.25 -48.09
CA PRO I 118 -49.23 60.75 -49.21
C PRO I 118 -50.00 61.59 -50.23
N ASP I 119 -49.33 62.66 -50.69
CA ASP I 119 -49.77 63.56 -51.78
C ASP I 119 -48.74 63.80 -52.89
N PRO I 120 -48.94 63.10 -54.10
CA PRO I 120 -47.95 63.43 -55.15
C PRO I 120 -48.11 64.71 -56.03
N ALA I 121 -47.67 65.87 -55.55
CA ALA I 121 -47.78 67.19 -56.24
C ALA I 121 -47.71 67.37 -57.79
N VAL I 122 -48.75 67.99 -58.38
CA VAL I 122 -48.78 68.47 -59.80
C VAL I 122 -49.52 69.83 -59.99
N TYR I 123 -48.86 70.75 -60.69
CA TYR I 123 -49.31 72.11 -60.92
C TYR I 123 -48.05 72.97 -61.18
N GLN I 124 -48.06 73.82 -62.21
CA GLN I 124 -46.82 74.54 -62.62
C GLN I 124 -46.88 76.08 -62.81
N LEU I 125 -45.96 76.79 -62.14
CA LEU I 125 -45.87 78.24 -62.24
C LEU I 125 -44.43 78.79 -62.07
N ARG I 126 -44.26 80.08 -62.39
CA ARG I 126 -42.96 80.78 -62.41
C ARG I 126 -41.91 80.30 -61.39
N ASP I 127 -40.61 80.44 -61.72
CA ASP I 127 -39.51 80.16 -60.79
C ASP I 127 -38.63 81.40 -60.53
N SER I 128 -37.46 81.20 -59.88
CA SER I 128 -36.49 82.25 -59.54
C SER I 128 -35.84 82.88 -60.78
N LYS I 129 -35.29 84.10 -60.63
CA LYS I 129 -34.63 84.86 -61.69
C LYS I 129 -33.25 84.30 -62.11
N SER I 130 -32.72 83.30 -61.35
CA SER I 130 -31.42 82.67 -61.60
C SER I 130 -31.33 81.97 -62.99
N SER I 131 -30.94 82.76 -64.01
CA SER I 131 -30.79 82.39 -65.43
C SER I 131 -32.04 81.70 -66.02
N ASP I 132 -31.90 81.01 -67.18
CA ASP I 132 -33.00 80.28 -67.79
C ASP I 132 -33.06 78.91 -67.11
N LYS I 133 -33.88 78.80 -66.05
CA LYS I 133 -34.01 77.59 -65.25
C LYS I 133 -35.45 77.31 -64.84
N SER I 134 -35.84 76.03 -64.89
CA SER I 134 -37.17 75.57 -64.51
C SER I 134 -37.05 74.41 -63.50
N VAL I 135 -37.12 74.74 -62.21
CA VAL I 135 -37.00 73.77 -61.12
C VAL I 135 -38.39 73.32 -60.64
N CYS I 136 -38.69 72.02 -60.82
CA CYS I 136 -39.96 71.40 -60.44
C CYS I 136 -39.73 70.39 -59.31
N LEU I 137 -40.49 70.53 -58.21
CA LEU I 137 -40.39 69.67 -57.04
C LEU I 137 -41.50 68.62 -57.02
N PHE I 138 -41.12 67.36 -56.74
CA PHE I 138 -42.02 66.22 -56.61
C PHE I 138 -41.85 65.67 -55.20
N THR I 139 -42.73 66.09 -54.28
CA THR I 139 -42.67 65.72 -52.87
C THR I 139 -43.96 65.03 -52.39
N ASP I 140 -43.95 64.56 -51.11
CA ASP I 140 -45.05 63.88 -50.40
C ASP I 140 -45.54 62.60 -51.09
N PHE I 141 -44.60 61.85 -51.69
CA PHE I 141 -44.87 60.58 -52.39
C PHE I 141 -44.53 59.37 -51.53
N ASP I 142 -45.10 58.19 -51.87
CA ASP I 142 -44.89 56.92 -51.17
C ASP I 142 -43.47 56.38 -51.34
N SER I 143 -42.97 55.65 -50.33
CA SER I 143 -41.62 55.05 -50.32
C SER I 143 -41.56 53.70 -51.06
N GLN I 144 -42.23 53.60 -52.22
CA GLN I 144 -42.27 52.42 -53.08
C GLN I 144 -42.01 52.78 -54.54
N THR I 145 -42.45 53.98 -54.96
CA THR I 145 -42.28 54.50 -56.33
C THR I 145 -40.83 54.87 -56.61
N ASN I 146 -40.28 54.37 -57.72
CA ASN I 146 -38.89 54.59 -58.12
C ASN I 146 -38.76 55.59 -59.28
N VAL I 147 -37.76 56.48 -59.19
CA VAL I 147 -37.47 57.52 -60.20
C VAL I 147 -36.79 56.92 -61.44
N SER I 148 -37.08 57.51 -62.62
CA SER I 148 -36.51 57.07 -63.90
C SER I 148 -35.63 58.15 -64.54
N GLN I 149 -34.61 57.73 -65.30
CA GLN I 149 -33.67 58.63 -65.97
C GLN I 149 -34.15 59.09 -67.35
N SER I 150 -33.96 60.40 -67.64
CA SER I 150 -34.37 61.03 -68.90
C SER I 150 -33.47 60.65 -70.09
N LYS I 151 -34.02 60.78 -71.32
CA LYS I 151 -33.35 60.43 -72.58
C LYS I 151 -32.39 61.51 -73.11
N ASP I 152 -32.84 62.79 -73.14
CA ASP I 152 -32.04 63.91 -73.64
C ASP I 152 -30.86 64.27 -72.74
N SER I 153 -29.73 64.68 -73.35
CA SER I 153 -28.49 65.03 -72.68
C SER I 153 -28.53 66.31 -71.83
N ASP I 154 -29.22 67.36 -72.33
CA ASP I 154 -29.31 68.66 -71.66
C ASP I 154 -30.19 68.66 -70.38
N VAL I 155 -31.14 67.72 -70.28
CA VAL I 155 -32.02 67.61 -69.11
C VAL I 155 -31.41 66.69 -68.03
N TYR I 156 -31.50 67.12 -66.76
CA TYR I 156 -30.98 66.41 -65.59
C TYR I 156 -32.09 65.98 -64.63
N ILE I 157 -31.87 64.86 -63.91
CA ILE I 157 -32.84 64.26 -62.97
C ILE I 157 -32.16 63.62 -61.75
N THR I 158 -32.45 64.14 -60.55
CA THR I 158 -31.88 63.65 -59.30
C THR I 158 -32.72 62.53 -58.67
N ASP I 159 -32.06 61.60 -57.96
CA ASP I 159 -32.70 60.48 -57.26
C ASP I 159 -33.39 60.98 -55.99
N LYS I 160 -34.41 60.23 -55.51
CA LYS I 160 -35.18 60.57 -54.31
C LYS I 160 -34.32 60.58 -53.04
N CYS I 161 -34.64 61.50 -52.13
CA CYS I 161 -33.95 61.69 -50.86
C CYS I 161 -34.93 61.86 -49.69
N VAL I 162 -34.54 61.23 -48.55
CA VAL I 162 -35.24 61.10 -47.27
C VAL I 162 -34.99 62.31 -46.34
N LEU I 163 -36.08 62.79 -45.70
CA LEU I 163 -36.08 63.89 -44.72
C LEU I 163 -36.44 63.37 -43.33
N ASP I 164 -35.94 64.04 -42.27
CA ASP I 164 -36.20 63.67 -40.89
C ASP I 164 -37.33 64.51 -40.29
N PHE I 170 -45.24 66.49 -39.93
CA PHE I 170 -45.31 65.72 -41.16
C PHE I 170 -43.92 65.43 -41.73
N LYS I 171 -43.69 64.19 -42.17
CA LYS I 171 -42.44 63.71 -42.76
C LYS I 171 -42.66 63.35 -44.24
N SER I 172 -41.66 63.62 -45.11
CA SER I 172 -41.77 63.36 -46.54
C SER I 172 -40.46 63.01 -47.27
N ASN I 173 -40.58 62.65 -48.57
CA ASN I 173 -39.49 62.34 -49.51
C ASN I 173 -39.55 63.38 -50.63
N SER I 174 -38.44 63.62 -51.36
CA SER I 174 -38.39 64.65 -52.40
C SER I 174 -37.43 64.37 -53.56
N ALA I 175 -37.77 64.92 -54.76
CA ALA I 175 -37.00 64.83 -56.01
C ALA I 175 -37.12 66.14 -56.82
N VAL I 176 -36.02 66.58 -57.49
CA VAL I 176 -36.01 67.82 -58.29
C VAL I 176 -35.56 67.59 -59.75
N ALA I 177 -35.93 68.52 -60.67
CA ALA I 177 -35.60 68.46 -62.10
C ALA I 177 -35.33 69.83 -62.74
N TRP I 178 -34.42 69.87 -63.75
CA TRP I 178 -33.95 71.03 -64.54
C TRP I 178 -33.09 70.43 -65.70
N SER I 179 -32.85 71.09 -66.87
CA SER I 179 -33.21 72.40 -67.42
C SER I 179 -32.99 72.27 -68.97
N ASN I 180 -33.39 73.24 -69.86
CA ASN I 180 -34.05 74.54 -69.66
C ASN I 180 -35.18 74.75 -70.69
N LYS I 181 -35.61 76.03 -70.89
CA LYS I 181 -36.66 76.47 -71.82
C LYS I 181 -38.02 75.82 -71.51
N SER I 182 -38.74 75.32 -72.54
CA SER I 182 -40.03 74.65 -72.37
C SER I 182 -39.83 73.23 -71.83
N ASP I 183 -40.42 72.93 -70.66
CA ASP I 183 -40.30 71.63 -69.99
C ASP I 183 -41.64 71.06 -69.55
N PHE I 184 -41.72 69.71 -69.49
CA PHE I 184 -42.91 68.96 -69.07
C PHE I 184 -42.78 68.36 -67.66
N ALA I 185 -41.73 68.77 -66.90
CA ALA I 185 -41.39 68.35 -65.54
C ALA I 185 -41.04 66.84 -65.42
N CYS I 186 -41.52 66.15 -64.36
CA CYS I 186 -41.26 64.73 -64.09
C CYS I 186 -42.15 63.76 -64.91
N ALA I 187 -42.82 64.25 -65.97
CA ALA I 187 -43.69 63.45 -66.85
C ALA I 187 -42.90 62.49 -67.76
N ASN I 188 -43.63 61.65 -68.54
CA ASN I 188 -43.13 60.62 -69.47
C ASN I 188 -42.44 59.46 -68.74
N ALA I 189 -41.28 59.73 -68.10
CA ALA I 189 -40.52 58.73 -67.35
C ALA I 189 -40.87 58.82 -65.84
N PHE I 190 -42.16 58.58 -65.53
CA PHE I 190 -42.70 58.65 -64.16
C PHE I 190 -42.82 57.24 -63.53
N ASN I 191 -43.73 57.07 -62.53
CA ASN I 191 -43.99 55.84 -61.77
C ASN I 191 -42.79 55.43 -60.92
N THR J 3 -12.36 62.82 -29.81
CA THR J 3 -12.47 62.76 -31.27
C THR J 3 -11.12 62.92 -31.97
N VAL J 4 -11.00 62.26 -33.14
CA VAL J 4 -9.81 62.26 -33.99
C VAL J 4 -9.99 63.26 -35.14
N LYS J 5 -9.05 64.20 -35.26
CA LYS J 5 -9.04 65.25 -36.27
C LYS J 5 -8.28 64.82 -37.53
N GLN J 6 -8.82 65.16 -38.71
CA GLN J 6 -8.24 64.85 -40.02
C GLN J 6 -8.59 65.95 -41.02
N ASN J 7 -7.56 66.73 -41.43
CA ASN J 7 -7.73 67.84 -42.36
C ASN J 7 -6.73 67.77 -43.52
N PRO J 8 -7.16 67.99 -44.79
CA PRO J 8 -8.52 68.31 -45.24
C PRO J 8 -9.41 67.07 -45.45
N ARG J 9 -10.72 67.29 -45.65
CA ARG J 9 -11.71 66.23 -45.87
C ARG J 9 -11.52 65.61 -47.25
N TYR J 10 -11.10 66.43 -48.23
CA TYR J 10 -10.83 66.01 -49.61
C TYR J 10 -9.48 66.57 -50.04
N LYS J 11 -8.75 65.82 -50.87
CA LYS J 11 -7.44 66.23 -51.36
C LYS J 11 -7.22 65.78 -52.79
N LEU J 12 -6.60 66.64 -53.59
CA LEU J 12 -6.30 66.38 -55.01
C LEU J 12 -4.83 66.63 -55.28
N ALA J 13 -4.19 65.68 -55.99
CA ALA J 13 -2.77 65.73 -56.30
C ALA J 13 -2.45 65.30 -57.73
N ARG J 14 -1.29 65.75 -58.24
CA ARG J 14 -0.75 65.46 -59.56
C ARG J 14 0.16 64.22 -59.47
N VAL J 15 0.23 63.43 -60.56
CA VAL J 15 1.07 62.22 -60.64
C VAL J 15 2.56 62.59 -60.57
N GLY J 16 3.24 62.01 -59.58
CA GLY J 16 4.66 62.24 -59.34
C GLY J 16 4.97 63.27 -58.26
N LYS J 17 3.92 63.87 -57.67
CA LYS J 17 4.04 64.89 -56.62
C LYS J 17 3.90 64.29 -55.20
N PRO J 18 4.64 64.80 -54.20
CA PRO J 18 4.52 64.23 -52.84
C PRO J 18 3.22 64.64 -52.13
N VAL J 19 2.61 63.68 -51.42
CA VAL J 19 1.36 63.86 -50.68
C VAL J 19 1.61 63.57 -49.20
N ASN J 20 1.17 64.49 -48.31
CA ASN J 20 1.32 64.33 -46.86
C ASN J 20 -0.01 64.57 -46.16
N LEU J 21 -0.49 63.55 -45.44
CA LEU J 21 -1.77 63.60 -44.71
C LEU J 21 -1.50 63.64 -43.21
N ILE J 22 -2.12 64.61 -42.51
CA ILE J 22 -1.94 64.82 -41.07
C ILE J 22 -3.13 64.28 -40.28
N CYS J 23 -2.85 63.75 -39.07
CA CYS J 23 -3.83 63.20 -38.15
C CYS J 23 -3.55 63.72 -36.74
N SER J 24 -4.59 64.21 -36.05
CA SER J 24 -4.48 64.76 -34.70
C SER J 24 -5.42 64.08 -33.70
N GLN J 25 -4.93 63.93 -32.45
CA GLN J 25 -5.66 63.34 -31.33
C GLN J 25 -5.25 64.04 -30.03
N THR J 26 -6.23 64.42 -29.19
CA THR J 26 -5.99 65.10 -27.91
C THR J 26 -6.30 64.19 -26.69
N MET J 27 -6.55 62.91 -26.95
CA MET J 27 -6.90 61.90 -25.95
C MET J 27 -5.70 61.22 -25.28
N ASN J 28 -4.47 61.57 -25.70
CA ASN J 28 -3.18 61.05 -25.20
C ASN J 28 -3.07 59.51 -25.40
N HIS J 29 -3.58 59.01 -26.54
CA HIS J 29 -3.59 57.61 -26.91
C HIS J 29 -2.22 57.11 -27.38
N ASP J 30 -1.88 55.86 -27.03
CA ASP J 30 -0.60 55.23 -27.38
C ASP J 30 -0.54 54.75 -28.82
N THR J 31 -1.67 54.25 -29.37
CA THR J 31 -1.73 53.71 -30.73
C THR J 31 -2.50 54.60 -31.72
N MET J 32 -1.89 54.83 -32.89
CA MET J 32 -2.45 55.61 -33.99
C MET J 32 -2.32 54.80 -35.29
N TYR J 33 -3.47 54.42 -35.89
CA TYR J 33 -3.56 53.60 -37.09
C TYR J 33 -3.83 54.42 -38.35
N TRP J 34 -3.43 53.88 -39.51
CA TRP J 34 -3.67 54.46 -40.84
C TRP J 34 -4.25 53.38 -41.75
N TYR J 35 -5.43 53.64 -42.32
CA TYR J 35 -6.17 52.74 -43.19
C TYR J 35 -6.37 53.33 -44.59
N GLN J 36 -6.63 52.45 -45.57
CA GLN J 36 -6.96 52.81 -46.95
C GLN J 36 -8.36 52.24 -47.23
N LYS J 37 -9.27 53.10 -47.66
CA LYS J 37 -10.65 52.74 -47.96
C LYS J 37 -11.00 53.06 -49.42
N LYS J 38 -11.27 52.01 -50.20
CA LYS J 38 -11.67 52.09 -51.60
C LYS J 38 -13.18 51.80 -51.70
N PRO J 39 -13.93 52.39 -52.68
CA PRO J 39 -15.38 52.12 -52.76
C PRO J 39 -15.75 50.64 -52.86
N ASN J 40 -16.79 50.24 -52.09
CA ASN J 40 -17.34 48.88 -51.97
C ASN J 40 -16.31 47.84 -51.46
N GLN J 41 -15.29 48.33 -50.74
CA GLN J 41 -14.21 47.53 -50.16
C GLN J 41 -14.01 47.87 -48.68
N ALA J 42 -13.54 46.89 -47.89
CA ALA J 42 -13.27 47.02 -46.47
C ALA J 42 -12.04 47.90 -46.21
N PRO J 43 -11.97 48.66 -45.07
CA PRO J 43 -10.76 49.46 -44.81
C PRO J 43 -9.55 48.55 -44.58
N LYS J 44 -8.50 48.75 -45.40
CA LYS J 44 -7.27 47.96 -45.34
C LYS J 44 -6.25 48.67 -44.46
N LEU J 45 -5.70 47.94 -43.47
CA LEU J 45 -4.68 48.48 -42.57
C LEU J 45 -3.36 48.64 -43.32
N LEU J 46 -2.86 49.88 -43.35
CA LEU J 46 -1.62 50.25 -44.01
C LEU J 46 -0.45 50.14 -43.04
N LEU J 47 -0.53 50.90 -41.93
CA LEU J 47 0.50 50.97 -40.89
C LEU J 47 -0.07 51.55 -39.60
N PHE J 48 0.65 51.35 -38.48
CA PHE J 48 0.29 51.91 -37.18
C PHE J 48 1.52 52.33 -36.39
N TYR J 49 1.31 53.20 -35.40
CA TYR J 49 2.38 53.70 -34.53
C TYR J 49 2.02 53.47 -33.06
N TYR J 50 2.79 52.62 -32.37
CA TYR J 50 2.60 52.44 -30.94
C TYR J 50 3.71 53.25 -30.30
N ASP J 51 3.35 54.38 -29.66
CA ASP J 51 4.28 55.32 -29.02
C ASP J 51 5.27 55.85 -30.08
N LYS J 52 6.51 55.32 -30.10
CA LYS J 52 7.55 55.71 -31.07
C LYS J 52 7.83 54.57 -32.08
N ILE J 53 7.28 53.37 -31.83
CA ILE J 53 7.45 52.18 -32.65
C ILE J 53 6.51 52.19 -33.85
N LEU J 54 7.09 52.04 -35.06
CA LEU J 54 6.37 52.00 -36.34
C LEU J 54 6.24 50.55 -36.84
N ASN J 55 5.05 50.19 -37.33
CA ASN J 55 4.80 48.89 -37.92
C ASN J 55 4.08 49.09 -39.25
N ARG J 56 4.71 48.65 -40.34
CA ARG J 56 4.14 48.74 -41.68
C ARG J 56 3.86 47.33 -42.18
N GLU J 57 2.68 47.13 -42.79
CA GLU J 57 2.25 45.85 -43.33
C GLU J 57 3.08 45.47 -44.56
N ALA J 58 3.49 44.19 -44.65
CA ALA J 58 4.33 43.61 -45.70
C ALA J 58 3.88 43.89 -47.14
N ASP J 59 2.57 43.85 -47.39
CA ASP J 59 1.97 44.11 -48.70
C ASP J 59 1.95 45.61 -49.04
N THR J 60 2.07 46.47 -48.01
CA THR J 60 1.95 47.93 -48.08
C THR J 60 3.27 48.74 -48.10
N PHE J 61 4.15 48.56 -47.09
CA PHE J 61 5.39 49.30 -46.75
C PHE J 61 6.11 50.04 -47.91
N GLU J 62 6.21 49.46 -49.12
CA GLU J 62 6.91 50.05 -50.28
C GLU J 62 6.17 51.26 -50.88
N LYS J 63 4.88 51.38 -50.60
CA LYS J 63 4.01 52.45 -51.11
C LYS J 63 3.76 53.58 -50.12
N PHE J 64 3.88 53.30 -48.80
CA PHE J 64 3.59 54.30 -47.76
C PHE J 64 4.68 54.44 -46.71
N GLN J 65 4.90 55.71 -46.29
CA GLN J 65 5.84 56.11 -45.25
C GLN J 65 5.08 56.83 -44.14
N SER J 66 5.61 56.81 -42.91
CA SER J 66 4.94 57.44 -41.77
C SER J 66 5.89 58.10 -40.78
N SER J 67 5.40 59.14 -40.09
CA SER J 67 6.14 59.88 -39.08
C SER J 67 5.26 60.27 -37.90
N ARG J 68 5.83 60.21 -36.70
CA ARG J 68 5.15 60.57 -35.45
C ARG J 68 6.13 61.41 -34.58
N PRO J 69 6.12 62.76 -34.72
CA PRO J 69 7.04 63.59 -33.94
C PRO J 69 6.71 63.66 -32.46
N ASN J 70 5.41 63.58 -32.13
CA ASN J 70 4.86 63.62 -30.77
C ASN J 70 3.60 62.75 -30.70
N ASN J 71 3.08 62.50 -29.49
CA ASN J 71 1.90 61.67 -29.22
C ASN J 71 0.63 62.11 -29.98
N SER J 72 0.39 63.43 -30.08
CA SER J 72 -0.83 63.96 -30.70
C SER J 72 -0.84 63.95 -32.24
N PHE J 73 0.33 64.12 -32.89
CA PHE J 73 0.40 64.18 -34.34
C PHE J 73 0.99 62.94 -35.01
N CYS J 74 0.35 62.49 -36.11
CA CYS J 74 0.78 61.34 -36.91
C CYS J 74 0.57 61.64 -38.39
N SER J 75 1.64 61.48 -39.18
CA SER J 75 1.70 61.77 -40.60
C SER J 75 1.75 60.51 -41.48
N LEU J 76 1.15 60.61 -42.69
CA LEU J 76 1.15 59.58 -43.72
C LEU J 76 1.71 60.22 -44.98
N TYR J 77 2.86 59.71 -45.45
CA TYR J 77 3.57 60.27 -46.59
C TYR J 77 3.57 59.35 -47.81
N ILE J 78 3.24 59.93 -48.98
CA ILE J 78 3.18 59.28 -50.29
C ILE J 78 4.19 59.96 -51.22
N GLY J 79 5.15 59.19 -51.71
CA GLY J 79 6.19 59.66 -52.62
C GLY J 79 6.67 58.56 -53.54
N SER J 80 6.31 58.61 -54.85
CA SER J 80 5.48 59.65 -55.49
C SER J 80 4.06 59.15 -55.76
N ALA J 81 3.09 60.08 -55.88
CA ALA J 81 1.68 59.76 -56.11
C ALA J 81 1.41 59.26 -57.52
N GLY J 82 0.52 58.28 -57.60
CA GLY J 82 0.07 57.63 -58.83
C GLY J 82 -1.37 57.19 -58.72
N LEU J 83 -2.05 57.02 -59.87
CA LEU J 83 -3.47 56.65 -60.03
C LEU J 83 -4.02 55.61 -59.03
N GLU J 84 -3.18 54.64 -58.61
CA GLU J 84 -3.53 53.58 -57.66
C GLU J 84 -3.79 54.09 -56.22
N TYR J 85 -3.18 55.23 -55.84
CA TYR J 85 -3.34 55.85 -54.51
C TYR J 85 -4.70 56.52 -54.29
N SER J 86 -5.47 56.75 -55.39
CA SER J 86 -6.79 57.39 -55.34
C SER J 86 -7.80 56.60 -54.51
N ALA J 87 -7.95 56.98 -53.23
CA ALA J 87 -8.84 56.37 -52.23
C ALA J 87 -8.99 57.27 -50.99
N MET J 88 -9.93 56.92 -50.09
CA MET J 88 -10.13 57.64 -48.83
C MET J 88 -9.17 57.05 -47.79
N TYR J 89 -8.46 57.91 -47.07
CA TYR J 89 -7.51 57.48 -46.05
C TYR J 89 -8.02 57.82 -44.66
N LEU J 90 -8.38 56.77 -43.90
CA LEU J 90 -8.90 56.89 -42.54
C LEU J 90 -7.82 56.72 -41.50
N CYS J 91 -7.84 57.54 -40.47
CA CYS J 91 -6.86 57.56 -39.39
C CYS J 91 -7.59 57.14 -38.17
N ALA J 92 -6.93 56.41 -37.29
CA ALA J 92 -7.56 55.97 -36.07
C ALA J 92 -6.65 56.07 -34.88
N SER J 93 -7.24 55.91 -33.72
CA SER J 93 -6.49 56.01 -32.50
C SER J 93 -7.10 55.14 -31.42
N SER J 94 -6.25 54.48 -30.64
CA SER J 94 -6.68 53.68 -29.52
C SER J 94 -5.75 53.89 -28.37
N ARG J 95 -6.21 53.61 -27.17
CA ARG J 95 -5.39 53.82 -26.00
C ARG J 95 -4.50 52.64 -25.67
N ASP J 96 -4.79 51.48 -26.23
CA ASP J 96 -3.95 50.32 -26.08
C ASP J 96 -3.41 49.82 -27.39
N LEU J 97 -2.69 48.72 -27.33
CA LEU J 97 -2.34 47.89 -28.48
C LEU J 97 -3.08 46.56 -28.27
N GLY J 98 -4.40 46.61 -28.39
CA GLY J 98 -5.28 45.46 -28.18
C GLY J 98 -6.71 45.63 -28.62
N ARG J 99 -7.63 44.93 -27.95
CA ARG J 99 -9.06 44.90 -28.29
C ARG J 99 -9.83 46.20 -27.96
N ASP J 100 -9.32 47.03 -27.04
CA ASP J 100 -9.99 48.28 -26.65
C ASP J 100 -10.29 49.19 -27.84
N THR J 101 -11.56 49.63 -27.93
CA THR J 101 -12.22 50.45 -28.95
C THR J 101 -11.32 51.42 -29.70
N GLN J 102 -11.42 51.41 -31.04
CA GLN J 102 -10.69 52.30 -31.95
C GLN J 102 -11.59 53.46 -32.35
N TYR J 103 -11.05 54.68 -32.27
CA TYR J 103 -11.76 55.92 -32.61
C TYR J 103 -11.23 56.43 -33.94
N PHE J 104 -12.11 56.48 -34.96
CA PHE J 104 -11.76 56.90 -36.31
C PHE J 104 -12.02 58.39 -36.57
N GLY J 105 -11.16 58.97 -37.40
CA GLY J 105 -11.29 60.35 -37.85
C GLY J 105 -12.27 60.45 -39.01
N PRO J 106 -12.59 61.67 -39.50
CA PRO J 106 -13.56 61.77 -40.62
C PRO J 106 -13.06 61.19 -41.95
N GLY J 107 -11.74 61.17 -42.14
CA GLY J 107 -11.09 60.64 -43.33
C GLY J 107 -10.73 61.69 -44.35
N THR J 108 -9.72 61.40 -45.17
CA THR J 108 -9.23 62.27 -46.23
C THR J 108 -9.40 61.56 -47.57
N ARG J 109 -10.36 62.04 -48.38
CA ARG J 109 -10.66 61.48 -49.70
C ARG J 109 -9.65 62.05 -50.71
N LEU J 110 -8.67 61.22 -51.11
CA LEU J 110 -7.61 61.61 -52.05
C LEU J 110 -7.87 61.11 -53.47
N THR J 111 -7.77 62.01 -54.45
CA THR J 111 -7.90 61.68 -55.87
C THR J 111 -6.65 62.18 -56.59
N VAL J 112 -5.95 61.27 -57.26
CA VAL J 112 -4.72 61.59 -57.97
C VAL J 112 -5.00 61.53 -59.48
N LEU J 113 -4.95 62.70 -60.10
CA LEU J 113 -5.28 62.92 -61.51
C LEU J 113 -4.07 63.14 -62.41
N GLU J 114 -4.27 62.83 -63.71
CA GLU J 114 -3.29 62.99 -64.79
C GLU J 114 -2.94 64.48 -64.98
N ASP J 115 -3.97 65.36 -65.02
CA ASP J 115 -3.82 66.80 -65.18
C ASP J 115 -4.78 67.61 -64.33
N LEU J 116 -4.34 68.81 -63.90
CA LEU J 116 -5.13 69.74 -63.11
C LEU J 116 -5.58 70.92 -63.99
N LYS J 117 -6.21 70.60 -65.14
CA LYS J 117 -6.70 71.58 -66.11
C LYS J 117 -8.22 71.54 -66.25
N ASN J 118 -8.82 70.38 -65.89
CA ASN J 118 -10.27 70.12 -65.93
C ASN J 118 -10.99 70.48 -64.62
N VAL J 119 -10.24 70.98 -63.63
CA VAL J 119 -10.70 71.39 -62.30
C VAL J 119 -11.44 72.73 -62.38
N PHE J 120 -12.70 72.75 -61.90
CA PHE J 120 -13.56 73.93 -61.92
C PHE J 120 -14.34 74.14 -60.61
N PRO J 121 -14.49 75.40 -60.13
CA PRO J 121 -15.26 75.63 -58.89
C PRO J 121 -16.78 75.56 -59.15
N PRO J 122 -17.63 75.33 -58.12
CA PRO J 122 -19.08 75.24 -58.38
C PRO J 122 -19.79 76.58 -58.49
N GLU J 123 -20.95 76.56 -59.16
CA GLU J 123 -21.84 77.70 -59.32
C GLU J 123 -23.07 77.38 -58.47
N VAL J 124 -23.24 78.09 -57.34
CA VAL J 124 -24.32 77.87 -56.38
C VAL J 124 -25.49 78.82 -56.61
N ALA J 125 -26.71 78.26 -56.73
CA ALA J 125 -27.93 79.01 -56.95
C ALA J 125 -29.10 78.48 -56.10
N VAL J 126 -29.87 79.40 -55.49
CA VAL J 126 -31.06 79.08 -54.69
C VAL J 126 -32.32 79.27 -55.51
N PHE J 127 -33.30 78.38 -55.32
CA PHE J 127 -34.56 78.43 -56.04
C PHE J 127 -35.80 78.48 -55.17
N GLU J 128 -36.81 79.19 -55.69
CA GLU J 128 -38.16 79.35 -55.15
C GLU J 128 -39.06 78.48 -56.06
N PRO J 129 -39.45 77.26 -55.63
CA PRO J 129 -40.24 76.38 -56.51
C PRO J 129 -41.75 76.60 -56.46
N SER J 130 -42.35 77.04 -57.60
CA SER J 130 -43.77 77.30 -57.83
C SER J 130 -44.39 78.37 -56.88
N GLU J 131 -45.68 78.71 -57.07
CA GLU J 131 -46.41 79.65 -56.21
C GLU J 131 -46.83 78.95 -54.91
N ALA J 132 -46.93 77.61 -54.98
CA ALA J 132 -47.25 76.67 -53.91
C ALA J 132 -45.91 76.07 -53.37
N GLU J 133 -45.86 75.02 -52.50
CA GLU J 133 -46.95 74.22 -51.93
C GLU J 133 -47.46 74.78 -50.60
N ILE J 134 -48.19 75.90 -50.69
CA ILE J 134 -48.82 76.58 -49.55
C ILE J 134 -50.34 76.39 -49.61
N SER J 135 -50.86 76.11 -50.82
CA SER J 135 -52.28 75.86 -51.08
C SER J 135 -52.61 74.37 -51.01
N HIS J 136 -51.60 73.50 -51.21
CA HIS J 136 -51.75 72.04 -51.18
C HIS J 136 -51.46 71.40 -49.82
N THR J 137 -50.39 71.84 -49.13
CA THR J 137 -49.98 71.27 -47.84
C THR J 137 -49.66 72.31 -46.75
N GLN J 138 -49.44 73.59 -47.14
CA GLN J 138 -49.09 74.73 -46.27
C GLN J 138 -47.75 74.48 -45.54
N LYS J 139 -46.70 74.18 -46.33
CA LYS J 139 -45.34 73.92 -45.86
C LYS J 139 -44.31 74.50 -46.83
N ALA J 140 -43.33 75.25 -46.29
CA ALA J 140 -42.27 75.90 -47.07
C ALA J 140 -41.13 74.94 -47.40
N THR J 141 -40.74 74.89 -48.68
CA THR J 141 -39.66 74.03 -49.18
C THR J 141 -38.70 74.81 -50.09
N LEU J 142 -37.38 74.64 -49.86
CA LEU J 142 -36.29 75.30 -50.57
C LEU J 142 -35.50 74.33 -51.45
N VAL J 143 -34.84 74.85 -52.51
CA VAL J 143 -34.01 74.08 -53.44
C VAL J 143 -32.69 74.82 -53.68
N CYS J 144 -31.57 74.10 -53.57
CA CYS J 144 -30.22 74.64 -53.82
C CYS J 144 -29.59 73.85 -54.97
N LEU J 145 -28.75 74.51 -55.77
CA LEU J 145 -28.11 73.86 -56.91
C LEU J 145 -26.66 74.26 -57.10
N ALA J 146 -25.74 73.30 -56.89
CA ALA J 146 -24.30 73.47 -57.09
C ALA J 146 -23.97 72.78 -58.41
N THR J 147 -23.60 73.55 -59.43
CA THR J 147 -23.34 73.03 -60.78
C THR J 147 -21.97 73.43 -61.34
N GLY J 148 -21.50 72.62 -62.28
CA GLY J 148 -20.24 72.81 -62.99
C GLY J 148 -18.98 72.71 -62.16
N PHE J 149 -18.91 71.72 -61.24
CA PHE J 149 -17.74 71.51 -60.39
C PHE J 149 -17.00 70.22 -60.69
N TYR J 150 -15.65 70.28 -60.63
CA TYR J 150 -14.79 69.13 -60.85
C TYR J 150 -13.53 69.20 -59.96
N PRO J 151 -13.21 68.15 -59.18
CA PRO J 151 -13.92 66.85 -59.06
C PRO J 151 -15.06 66.89 -58.04
N ASP J 152 -15.58 65.71 -57.64
CA ASP J 152 -16.64 65.58 -56.65
C ASP J 152 -16.02 65.73 -55.24
N HIS J 153 -15.58 66.97 -54.93
CA HIS J 153 -14.94 67.37 -53.68
C HIS J 153 -15.76 68.53 -53.07
N VAL J 154 -17.04 68.27 -52.77
CA VAL J 154 -17.95 69.28 -52.23
C VAL J 154 -18.58 68.88 -50.89
N GLU J 155 -18.85 69.90 -50.05
CA GLU J 155 -19.52 69.76 -48.77
C GLU J 155 -20.63 70.81 -48.70
N LEU J 156 -21.89 70.38 -48.96
CA LEU J 156 -23.06 71.26 -48.94
C LEU J 156 -23.60 71.40 -47.52
N SER J 157 -24.01 72.63 -47.14
CA SER J 157 -24.59 72.93 -45.82
C SER J 157 -25.57 74.10 -45.85
N TRP J 158 -26.69 73.97 -45.10
CA TRP J 158 -27.73 74.99 -44.97
C TRP J 158 -27.54 75.78 -43.68
N TRP J 159 -27.66 77.11 -43.78
CA TRP J 159 -27.48 78.03 -42.65
C TRP J 159 -28.68 78.96 -42.54
N VAL J 160 -29.40 78.86 -41.41
CA VAL J 160 -30.56 79.70 -41.11
C VAL J 160 -30.28 80.54 -39.86
N ASN J 161 -30.29 81.87 -40.03
CA ASN J 161 -30.02 82.89 -39.02
C ASN J 161 -28.61 82.73 -38.41
N GLY J 162 -27.62 82.50 -39.28
CA GLY J 162 -26.21 82.36 -38.92
C GLY J 162 -25.84 81.07 -38.21
N LYS J 163 -26.68 80.03 -38.34
CA LYS J 163 -26.44 78.73 -37.70
C LYS J 163 -26.76 77.59 -38.65
N GLU J 164 -25.88 76.57 -38.68
CA GLU J 164 -26.00 75.38 -39.52
C GLU J 164 -27.17 74.50 -39.05
N VAL J 165 -27.98 74.02 -40.01
CA VAL J 165 -29.10 73.13 -39.72
C VAL J 165 -28.88 71.72 -40.25
N HIS J 166 -29.20 70.73 -39.41
CA HIS J 166 -29.11 69.31 -39.74
C HIS J 166 -30.50 68.66 -39.71
N SER J 167 -31.52 69.44 -39.29
CA SER J 167 -32.92 69.05 -39.24
C SER J 167 -33.68 69.71 -40.39
N GLY J 168 -34.37 68.89 -41.17
CA GLY J 168 -35.14 69.35 -42.34
C GLY J 168 -34.34 69.41 -43.61
N VAL J 169 -33.04 69.08 -43.54
CA VAL J 169 -32.13 69.10 -44.69
C VAL J 169 -32.14 67.74 -45.41
N CYS J 170 -31.98 67.78 -46.74
CA CYS J 170 -31.99 66.60 -47.60
C CYS J 170 -31.09 66.88 -48.82
N THR J 171 -29.88 66.30 -48.81
CA THR J 171 -28.87 66.45 -49.86
C THR J 171 -28.64 65.09 -50.53
N ASP J 172 -28.43 65.10 -51.87
CA ASP J 172 -28.17 63.90 -52.67
C ASP J 172 -26.93 63.13 -52.19
N PRO J 173 -26.99 61.78 -52.06
CA PRO J 173 -25.79 61.05 -51.61
C PRO J 173 -24.66 61.05 -52.65
N GLN J 174 -25.02 61.02 -53.94
CA GLN J 174 -24.10 61.05 -55.07
C GLN J 174 -24.51 62.10 -56.10
N PRO J 175 -23.55 62.87 -56.68
CA PRO J 175 -23.94 63.89 -57.66
C PRO J 175 -24.22 63.34 -59.06
N LEU J 176 -24.74 64.20 -59.94
CA LEU J 176 -25.05 63.86 -61.33
C LEU J 176 -23.99 64.42 -62.28
N LYS J 177 -23.69 63.68 -63.36
CA LYS J 177 -22.70 64.07 -64.37
C LYS J 177 -23.36 64.91 -65.47
N GLU J 178 -22.69 66.02 -65.86
CA GLU J 178 -23.18 66.95 -66.89
C GLU J 178 -23.26 66.30 -68.29
N GLN J 179 -22.29 65.42 -68.60
CA GLN J 179 -22.20 64.67 -69.86
C GLN J 179 -21.77 63.23 -69.50
N PRO J 180 -22.70 62.27 -69.23
CA PRO J 180 -22.22 60.94 -68.81
C PRO J 180 -21.83 59.99 -69.96
N ALA J 181 -21.91 60.45 -71.23
CA ALA J 181 -21.55 59.63 -72.39
C ALA J 181 -20.04 59.58 -72.60
N LEU J 182 -19.32 60.68 -72.29
CA LEU J 182 -17.86 60.78 -72.44
C LEU J 182 -17.16 60.94 -71.10
N ASN J 183 -15.90 60.46 -71.00
CA ASN J 183 -15.07 60.54 -69.79
C ASN J 183 -14.66 61.99 -69.47
N ASP J 184 -14.37 62.26 -68.17
CA ASP J 184 -13.95 63.57 -67.63
C ASP J 184 -15.01 64.67 -67.89
N SER J 185 -16.05 64.70 -67.03
CA SER J 185 -17.16 65.66 -67.10
C SER J 185 -17.43 66.29 -65.74
N ARG J 186 -17.95 67.53 -65.75
CA ARG J 186 -18.27 68.29 -64.53
C ARG J 186 -19.48 67.69 -63.80
N TYR J 187 -19.56 67.90 -62.48
CA TYR J 187 -20.64 67.39 -61.63
C TYR J 187 -21.67 68.44 -61.23
N ALA J 188 -22.88 67.97 -60.86
CA ALA J 188 -24.01 68.77 -60.40
C ALA J 188 -24.66 68.12 -59.19
N LEU J 189 -24.92 68.91 -58.14
CA LEU J 189 -25.52 68.44 -56.89
C LEU J 189 -26.66 69.37 -56.45
N SER J 190 -27.74 68.78 -55.90
CA SER J 190 -28.90 69.51 -55.40
C SER J 190 -29.20 69.17 -53.94
N SER J 191 -29.83 70.12 -53.22
CA SER J 191 -30.21 69.97 -51.81
C SER J 191 -31.52 70.69 -51.53
N ARG J 192 -32.30 70.16 -50.56
CA ARG J 192 -33.61 70.68 -50.19
C ARG J 192 -33.70 70.99 -48.69
N LEU J 193 -34.41 72.08 -48.34
CA LEU J 193 -34.63 72.49 -46.94
C LEU J 193 -36.12 72.76 -46.71
N ARG J 194 -36.72 72.01 -45.77
CA ARG J 194 -38.14 72.15 -45.44
C ARG J 194 -38.35 72.78 -44.06
N VAL J 195 -39.10 73.89 -44.03
CA VAL J 195 -39.44 74.67 -42.83
C VAL J 195 -40.95 75.00 -42.82
N SER J 196 -41.43 75.71 -41.77
CA SER J 196 -42.83 76.12 -41.63
C SER J 196 -43.20 77.16 -42.70
N ALA J 197 -44.48 77.15 -43.13
CA ALA J 197 -45.05 78.04 -44.16
C ALA J 197 -44.78 79.54 -43.97
N THR J 198 -44.69 79.99 -42.70
CA THR J 198 -44.44 81.39 -42.31
C THR J 198 -43.07 81.94 -42.72
N PHE J 199 -42.06 81.04 -42.87
CA PHE J 199 -40.69 81.37 -43.21
C PHE J 199 -40.47 81.93 -44.63
N TRP J 200 -40.94 81.20 -45.67
CA TRP J 200 -40.74 81.55 -47.08
C TRP J 200 -41.69 82.61 -47.65
N GLN J 201 -42.85 82.86 -46.99
CA GLN J 201 -43.81 83.87 -47.45
C GLN J 201 -43.26 85.30 -47.27
N ASN J 202 -42.95 85.68 -46.01
CA ASN J 202 -42.36 86.97 -45.64
C ASN J 202 -41.15 86.67 -44.76
N PRO J 203 -39.92 86.95 -45.23
CA PRO J 203 -38.74 86.57 -44.44
C PRO J 203 -38.21 87.61 -43.45
N ARG J 204 -38.19 87.19 -42.18
CA ARG J 204 -37.61 87.90 -41.05
C ARG J 204 -36.34 87.09 -40.76
N ASN J 205 -36.42 85.78 -41.07
CA ASN J 205 -35.36 84.78 -40.98
C ASN J 205 -34.52 84.84 -42.27
N HIS J 206 -33.33 84.20 -42.26
CA HIS J 206 -32.45 84.19 -43.43
C HIS J 206 -32.16 82.78 -43.92
N PHE J 207 -32.12 82.58 -45.25
CA PHE J 207 -31.83 81.30 -45.89
C PHE J 207 -30.51 81.40 -46.66
N ARG J 208 -29.55 80.51 -46.33
CA ARG J 208 -28.25 80.46 -46.99
C ARG J 208 -27.81 79.02 -47.24
N CYS J 209 -27.37 78.75 -48.46
CA CYS J 209 -26.87 77.46 -48.89
C CYS J 209 -25.41 77.62 -49.33
N GLN J 210 -24.46 77.27 -48.44
CA GLN J 210 -23.04 77.37 -48.74
C GLN J 210 -22.45 76.03 -49.12
N VAL J 211 -21.54 76.05 -50.10
CA VAL J 211 -20.87 74.87 -50.63
C VAL J 211 -19.36 75.04 -50.47
N GLN J 212 -18.75 74.15 -49.67
CA GLN J 212 -17.31 74.13 -49.42
C GLN J 212 -16.64 73.27 -50.51
N PHE J 213 -15.90 73.93 -51.42
CA PHE J 213 -15.20 73.27 -52.52
C PHE J 213 -13.74 73.03 -52.18
N TYR J 214 -13.22 71.88 -52.59
CA TYR J 214 -11.82 71.50 -52.37
C TYR J 214 -11.13 71.41 -53.72
N GLY J 215 -10.16 72.32 -53.92
CA GLY J 215 -9.40 72.41 -55.16
C GLY J 215 -7.91 72.57 -54.94
N LEU J 216 -7.30 73.47 -55.72
CA LEU J 216 -5.86 73.76 -55.68
C LEU J 216 -5.42 74.50 -54.43
N SER J 217 -4.13 74.33 -54.06
CA SER J 217 -3.51 74.98 -52.92
C SER J 217 -2.52 76.05 -53.42
N GLU J 218 -1.92 76.84 -52.50
CA GLU J 218 -0.95 77.89 -52.84
C GLU J 218 0.32 77.33 -53.47
N ASN J 219 0.76 76.13 -53.02
CA ASN J 219 1.94 75.41 -53.53
C ASN J 219 1.74 74.90 -54.97
N ASP J 220 0.48 74.62 -55.36
CA ASP J 220 0.12 74.13 -56.69
C ASP J 220 0.28 75.21 -57.75
N GLU J 221 0.86 74.82 -58.91
CA GLU J 221 1.11 75.70 -60.05
C GLU J 221 -0.12 75.85 -60.94
N TRP J 222 -0.28 77.05 -61.53
CA TRP J 222 -1.38 77.38 -62.44
C TRP J 222 -0.84 78.18 -63.62
N THR J 223 -1.15 77.72 -64.84
CA THR J 223 -0.67 78.35 -66.09
C THR J 223 -1.80 78.87 -67.00
N GLN J 224 -3.01 78.30 -66.89
CA GLN J 224 -4.18 78.67 -67.70
C GLN J 224 -4.62 80.13 -67.52
N ASP J 225 -5.21 80.71 -68.58
CA ASP J 225 -5.69 82.10 -68.64
C ASP J 225 -6.78 82.42 -67.63
N ARG J 226 -7.65 81.45 -67.32
CA ARG J 226 -8.75 81.61 -66.36
C ARG J 226 -8.27 81.64 -64.90
N ALA J 227 -9.18 82.01 -63.97
CA ALA J 227 -8.91 82.08 -62.53
C ALA J 227 -8.57 80.72 -61.93
N LYS J 228 -7.67 80.71 -60.93
CA LYS J 228 -7.22 79.51 -60.22
C LYS J 228 -8.38 78.86 -59.44
N PRO J 229 -8.66 77.55 -59.65
CA PRO J 229 -9.78 76.92 -58.93
C PRO J 229 -9.36 76.41 -57.55
N VAL J 230 -9.03 77.35 -56.66
CA VAL J 230 -8.58 77.10 -55.29
C VAL J 230 -9.72 76.62 -54.37
N THR J 231 -9.35 76.16 -53.15
CA THR J 231 -10.28 75.72 -52.12
C THR J 231 -11.05 76.96 -51.66
N GLN J 232 -12.36 77.01 -51.96
CA GLN J 232 -13.22 78.15 -51.68
C GLN J 232 -14.64 77.79 -51.26
N ILE J 233 -15.36 78.77 -50.66
CA ILE J 233 -16.75 78.63 -50.25
C ILE J 233 -17.60 79.49 -51.20
N VAL J 234 -18.55 78.85 -51.89
CA VAL J 234 -19.47 79.51 -52.82
C VAL J 234 -20.88 79.38 -52.22
N SER J 235 -21.61 80.50 -52.10
CA SER J 235 -22.95 80.48 -51.50
C SER J 235 -24.00 81.28 -52.28
N ALA J 236 -25.29 80.96 -52.02
CA ALA J 236 -26.47 81.60 -52.59
C ALA J 236 -27.44 81.91 -51.45
N GLU J 237 -28.00 83.13 -51.45
CA GLU J 237 -28.90 83.63 -50.38
C GLU J 237 -30.35 83.88 -50.82
N ALA J 238 -31.28 83.80 -49.83
CA ALA J 238 -32.74 83.92 -49.85
C ALA J 238 -33.37 84.96 -50.82
N TRP J 239 -34.64 84.69 -51.22
CA TRP J 239 -35.47 85.52 -52.09
C TRP J 239 -36.95 85.40 -51.66
N GLY J 240 -37.45 86.41 -50.95
CA GLY J 240 -38.82 86.45 -50.44
C GLY J 240 -39.83 87.10 -51.37
N ARG J 241 -41.13 86.77 -51.17
CA ARG J 241 -42.24 87.31 -51.96
C ARG J 241 -43.36 87.92 -51.09
N ALA J 242 -44.43 87.14 -50.80
CA ALA J 242 -45.58 87.58 -49.99
C ALA J 242 -46.17 86.40 -49.22
N GLY K 1 13.09 22.16 -82.51
CA GLY K 1 14.34 22.40 -81.81
C GLY K 1 14.66 21.32 -80.79
N PRO K 2 15.05 21.68 -79.54
CA PRO K 2 15.37 20.65 -78.55
C PRO K 2 14.13 20.13 -77.82
N HIS K 3 13.79 18.84 -78.06
CA HIS K 3 12.64 18.17 -77.45
C HIS K 3 12.83 18.04 -75.93
N SER K 4 11.73 18.12 -75.18
CA SER K 4 11.78 18.02 -73.71
C SER K 4 10.61 17.24 -73.12
N MET K 5 10.83 16.70 -71.91
CA MET K 5 9.84 15.96 -71.14
C MET K 5 9.94 16.47 -69.70
N ARG K 6 8.79 16.86 -69.11
CA ARG K 6 8.74 17.38 -67.75
C ARG K 6 7.61 16.79 -66.92
N TYR K 7 7.80 16.76 -65.60
CA TYR K 7 6.81 16.30 -64.64
C TYR K 7 6.68 17.32 -63.52
N PHE K 8 5.50 17.96 -63.47
CA PHE K 8 5.16 19.00 -62.51
C PHE K 8 4.28 18.40 -61.42
N GLU K 9 4.87 18.21 -60.23
CA GLU K 9 4.20 17.61 -59.06
C GLU K 9 3.85 18.65 -58.00
N THR K 10 2.66 18.52 -57.40
CA THR K 10 2.15 19.42 -56.36
C THR K 10 1.55 18.61 -55.21
N ALA K 11 1.85 19.03 -53.97
CA ALA K 11 1.33 18.40 -52.76
C ALA K 11 0.91 19.46 -51.77
N VAL K 12 -0.40 19.58 -51.55
CA VAL K 12 -0.99 20.56 -50.64
C VAL K 12 -1.54 19.82 -49.42
N SER K 13 -0.95 20.08 -48.24
CA SER K 13 -1.36 19.43 -46.99
C SER K 13 -2.79 19.83 -46.60
N ARG K 14 -3.57 18.85 -46.13
N ARG K 14 -3.57 18.85 -46.13
CA ARG K 14 -4.96 19.02 -45.72
CA ARG K 14 -4.96 19.03 -45.72
C ARG K 14 -5.06 18.85 -44.20
C ARG K 14 -5.06 18.85 -44.20
N PRO K 15 -5.32 19.94 -43.43
CA PRO K 15 -5.41 19.81 -41.96
C PRO K 15 -6.59 18.96 -41.48
N GLY K 16 -6.27 17.95 -40.69
CA GLY K 16 -7.25 16.99 -40.16
C GLY K 16 -7.31 15.69 -40.93
N LEU K 17 -6.59 15.62 -42.07
CA LEU K 17 -6.53 14.45 -42.95
C LEU K 17 -5.09 13.91 -43.06
N GLU K 18 -4.95 12.58 -43.11
CA GLU K 18 -3.65 11.88 -43.20
C GLU K 18 -2.91 12.14 -44.51
N GLU K 19 -3.61 12.01 -45.67
CA GLU K 19 -3.03 12.19 -46.99
C GLU K 19 -3.24 13.60 -47.57
N PRO K 20 -2.20 14.20 -48.19
CA PRO K 20 -2.39 15.53 -48.79
C PRO K 20 -2.99 15.42 -50.20
N ARG K 21 -3.34 16.56 -50.81
CA ARG K 21 -3.85 16.57 -52.18
C ARG K 21 -2.64 16.48 -53.11
N TYR K 22 -2.55 15.39 -53.89
CA TYR K 22 -1.44 15.17 -54.79
C TYR K 22 -1.87 15.29 -56.26
N ILE K 23 -1.18 16.18 -57.00
CA ILE K 23 -1.41 16.42 -58.42
C ILE K 23 -0.08 16.23 -59.13
N SER K 24 -0.07 15.40 -60.18
CA SER K 24 1.11 15.15 -61.00
C SER K 24 0.74 15.36 -62.46
N VAL K 25 1.40 16.34 -63.10
CA VAL K 25 1.14 16.71 -64.49
C VAL K 25 2.37 16.43 -65.36
N GLY K 26 2.18 15.68 -66.42
CA GLY K 26 3.23 15.33 -67.38
C GLY K 26 3.17 16.19 -68.63
N TYR K 27 4.34 16.64 -69.09
CA TYR K 27 4.49 17.47 -70.28
C TYR K 27 5.53 16.94 -71.26
N VAL K 28 5.22 17.02 -72.56
CA VAL K 28 6.12 16.67 -73.67
C VAL K 28 6.11 17.89 -74.61
N ASP K 29 7.27 18.59 -74.70
CA ASP K 29 7.47 19.82 -75.48
C ASP K 29 6.45 20.90 -75.10
N ASN K 30 6.32 21.14 -73.77
CA ASN K 30 5.41 22.10 -73.12
C ASN K 30 3.91 21.83 -73.40
N LYS K 31 3.56 20.56 -73.72
CA LYS K 31 2.19 20.12 -74.00
C LYS K 31 1.82 18.98 -73.04
N GLU K 32 0.69 19.16 -72.32
CA GLU K 32 0.15 18.20 -71.34
C GLU K 32 -0.26 16.89 -72.03
N PHE K 33 0.27 15.75 -71.55
CA PHE K 33 -0.03 14.44 -72.12
C PHE K 33 -0.62 13.47 -71.09
N VAL K 34 -0.18 13.57 -69.82
CA VAL K 34 -0.67 12.74 -68.69
C VAL K 34 -1.02 13.60 -67.49
N ARG K 35 -1.97 13.15 -66.66
CA ARG K 35 -2.39 13.86 -65.46
C ARG K 35 -2.94 12.95 -64.38
N PHE K 36 -2.55 13.23 -63.13
CA PHE K 36 -3.01 12.53 -61.93
C PHE K 36 -3.52 13.57 -60.94
N ASP K 37 -4.63 13.24 -60.25
CA ASP K 37 -5.23 14.10 -59.23
C ASP K 37 -5.96 13.24 -58.21
N SER K 38 -5.56 13.36 -56.94
CA SER K 38 -6.11 12.61 -55.80
C SER K 38 -7.57 13.01 -55.47
N ASP K 39 -7.96 14.25 -55.82
CA ASP K 39 -9.30 14.79 -55.59
C ASP K 39 -10.38 14.17 -56.49
N ALA K 40 -9.96 13.50 -57.58
CA ALA K 40 -10.86 12.83 -58.54
C ALA K 40 -11.57 11.62 -57.92
N GLU K 41 -12.73 11.24 -58.49
CA GLU K 41 -13.56 10.10 -58.07
C GLU K 41 -12.75 8.80 -58.07
N ASN K 42 -11.98 8.57 -59.15
CA ASN K 42 -11.10 7.41 -59.31
C ASN K 42 -9.66 7.91 -59.53
N PRO K 43 -8.83 8.00 -58.46
CA PRO K 43 -7.47 8.53 -58.64
C PRO K 43 -6.58 7.57 -59.43
N ARG K 44 -6.40 7.90 -60.72
CA ARG K 44 -5.60 7.17 -61.71
C ARG K 44 -5.04 8.16 -62.74
N TYR K 45 -3.91 7.78 -63.39
CA TYR K 45 -3.28 8.59 -64.44
C TYR K 45 -4.18 8.57 -65.67
N GLU K 46 -4.59 9.75 -66.14
CA GLU K 46 -5.50 9.90 -67.29
C GLU K 46 -4.80 10.51 -68.51
N PRO K 47 -5.13 10.07 -69.75
CA PRO K 47 -4.49 10.69 -70.93
C PRO K 47 -5.09 12.05 -71.26
N ARG K 48 -4.23 13.06 -71.45
CA ARG K 48 -4.65 14.42 -71.76
C ARG K 48 -4.36 14.80 -73.22
N ALA K 49 -3.58 13.96 -73.91
CA ALA K 49 -3.23 14.11 -75.32
C ALA K 49 -3.89 12.96 -76.12
N PRO K 50 -4.34 13.20 -77.38
CA PRO K 50 -4.99 12.11 -78.14
C PRO K 50 -4.09 10.90 -78.46
N TRP K 51 -2.81 11.15 -78.76
CA TRP K 51 -1.82 10.12 -79.09
C TRP K 51 -1.43 9.20 -77.92
N MET K 52 -1.82 9.56 -76.67
CA MET K 52 -1.52 8.77 -75.47
C MET K 52 -2.47 7.58 -75.24
N GLU K 53 -3.57 7.48 -76.02
CA GLU K 53 -4.56 6.40 -75.94
C GLU K 53 -3.96 5.05 -76.36
N GLN K 54 -2.88 5.08 -77.17
CA GLN K 54 -2.15 3.94 -77.71
C GLN K 54 -1.57 3.00 -76.63
N GLU K 55 -1.13 3.57 -75.49
CA GLU K 55 -0.55 2.85 -74.34
C GLU K 55 -1.52 1.80 -73.78
N GLY K 56 -0.96 0.63 -73.44
CA GLY K 56 -1.72 -0.50 -72.91
C GLY K 56 -2.18 -0.34 -71.47
N PRO K 57 -3.05 -1.26 -70.97
CA PRO K 57 -3.52 -1.15 -69.58
C PRO K 57 -2.46 -1.32 -68.51
N GLU K 58 -1.39 -2.10 -68.81
CA GLU K 58 -0.27 -2.34 -67.89
C GLU K 58 0.56 -1.07 -67.62
N TYR K 59 0.64 -0.16 -68.61
CA TYR K 59 1.36 1.11 -68.49
C TYR K 59 0.67 2.04 -67.48
N TRP K 60 -0.67 2.21 -67.62
CA TRP K 60 -1.49 3.08 -66.77
C TRP K 60 -1.51 2.62 -65.31
N GLU K 61 -1.59 1.30 -65.08
CA GLU K 61 -1.58 0.71 -63.74
C GLU K 61 -0.22 0.95 -63.04
N ARG K 62 0.89 0.81 -63.79
N ARG K 62 0.89 0.82 -63.79
CA ARG K 62 2.26 1.02 -63.32
CA ARG K 62 2.26 1.01 -63.33
C ARG K 62 2.50 2.49 -62.93
C ARG K 62 2.50 2.48 -62.94
N GLU K 63 1.96 3.42 -63.74
CA GLU K 63 2.08 4.87 -63.51
C GLU K 63 1.25 5.33 -62.31
N THR K 64 0.07 4.72 -62.10
CA THR K 64 -0.84 5.01 -60.99
C THR K 64 -0.19 4.60 -59.65
N GLN K 65 0.51 3.43 -59.64
CA GLN K 65 1.23 2.92 -58.47
C GLN K 65 2.39 3.83 -58.10
N LYS K 66 3.05 4.45 -59.12
CA LYS K 66 4.14 5.41 -58.92
C LYS K 66 3.60 6.67 -58.22
N ALA K 67 2.40 7.14 -58.65
CA ALA K 67 1.70 8.30 -58.10
C ALA K 67 1.23 8.04 -56.66
N LYS K 68 0.77 6.80 -56.37
CA LYS K 68 0.33 6.39 -55.02
C LYS K 68 1.51 6.36 -54.05
N GLY K 69 2.69 6.01 -54.55
CA GLY K 69 3.94 6.00 -53.79
C GLY K 69 4.44 7.40 -53.53
N GLN K 70 4.39 8.26 -54.58
CA GLN K 70 4.79 9.68 -54.52
C GLN K 70 3.90 10.47 -53.57
N GLU K 71 2.60 10.09 -53.51
CA GLU K 71 1.58 10.66 -52.61
C GLU K 71 2.02 10.48 -51.16
N GLN K 72 2.64 9.32 -50.84
CA GLN K 72 3.15 9.00 -49.51
C GLN K 72 4.49 9.68 -49.23
N TRP K 73 5.35 9.83 -50.26
CA TRP K 73 6.66 10.50 -50.16
C TRP K 73 6.46 11.95 -49.76
N PHE K 74 5.55 12.65 -50.46
CA PHE K 74 5.21 14.05 -50.21
C PHE K 74 4.52 14.24 -48.86
N ARG K 75 3.74 13.23 -48.40
CA ARG K 75 3.04 13.21 -47.11
C ARG K 75 4.05 13.25 -45.95
N VAL K 76 5.06 12.35 -45.97
CA VAL K 76 6.08 12.26 -44.93
C VAL K 76 7.04 13.48 -45.01
N SER K 77 7.45 13.90 -46.23
CA SER K 77 8.34 15.06 -46.45
C SER K 77 7.72 16.35 -45.91
N LEU K 78 6.39 16.53 -46.10
CA LEU K 78 5.60 17.67 -45.63
C LEU K 78 5.63 17.75 -44.10
N ARG K 79 5.56 16.58 -43.41
CA ARG K 79 5.61 16.47 -41.95
C ARG K 79 6.99 16.79 -41.40
N ASN K 80 8.06 16.45 -42.16
CA ASN K 80 9.45 16.72 -41.79
C ASN K 80 9.76 18.22 -41.89
N LEU K 81 9.17 18.89 -42.89
CA LEU K 81 9.36 20.33 -43.13
C LEU K 81 8.72 21.18 -42.04
N LEU K 82 7.67 20.65 -41.37
CA LEU K 82 6.98 21.28 -40.25
C LEU K 82 7.94 21.42 -39.07
N GLY K 83 8.77 20.39 -38.84
CA GLY K 83 9.77 20.37 -37.77
C GLY K 83 10.95 21.28 -38.05
N TYR K 84 11.34 21.41 -39.33
CA TYR K 84 12.46 22.24 -39.78
C TYR K 84 12.17 23.74 -39.63
N TYR K 85 10.92 24.14 -39.87
CA TYR K 85 10.48 25.55 -39.83
C TYR K 85 9.67 25.93 -38.59
N ASN K 86 9.37 24.95 -37.70
CA ASN K 86 8.56 25.10 -36.49
C ASN K 86 7.13 25.55 -36.86
N GLN K 87 6.52 24.81 -37.81
CA GLN K 87 5.18 25.06 -38.34
C GLN K 87 4.15 24.11 -37.73
N SER K 88 2.85 24.44 -37.91
CA SER K 88 1.73 23.66 -37.39
C SER K 88 1.01 22.88 -38.48
N ALA K 89 0.43 21.74 -38.09
CA ALA K 89 -0.35 20.85 -38.96
C ALA K 89 -1.73 21.43 -39.28
N GLY K 90 -2.20 22.34 -38.42
CA GLY K 90 -3.49 23.02 -38.56
C GLY K 90 -3.58 23.95 -39.76
N GLY K 91 -2.42 24.32 -40.30
CA GLY K 91 -2.31 25.18 -41.47
C GLY K 91 -1.98 24.39 -42.72
N SER K 92 -2.30 24.96 -43.89
CA SER K 92 -2.06 24.33 -45.19
C SER K 92 -0.68 24.72 -45.74
N HIS K 93 0.12 23.72 -46.13
CA HIS K 93 1.47 23.90 -46.66
C HIS K 93 1.60 23.24 -48.04
N THR K 94 2.30 23.90 -48.97
N THR K 94 2.30 23.90 -48.97
CA THR K 94 2.48 23.43 -50.35
CA THR K 94 2.49 23.44 -50.34
C THR K 94 3.92 23.02 -50.65
C THR K 94 3.93 23.01 -50.63
N LEU K 95 4.09 21.84 -51.28
CA LEU K 95 5.38 21.29 -51.70
C LEU K 95 5.28 20.98 -53.19
N GLN K 96 6.17 21.59 -53.99
CA GLN K 96 6.18 21.43 -55.44
C GLN K 96 7.48 20.83 -55.96
N GLN K 97 7.39 20.07 -57.06
CA GLN K 97 8.52 19.41 -57.72
C GLN K 97 8.47 19.55 -59.23
N MET K 98 9.62 19.83 -59.84
CA MET K 98 9.82 19.93 -61.28
C MET K 98 10.97 19.00 -61.64
N SER K 99 10.69 17.99 -62.47
CA SER K 99 11.69 17.00 -62.89
C SER K 99 11.54 16.66 -64.36
N GLY K 100 12.68 16.58 -65.05
CA GLY K 100 12.67 16.27 -66.47
C GLY K 100 14.03 16.24 -67.15
N CYS K 101 14.02 15.98 -68.46
CA CYS K 101 15.21 15.83 -69.29
C CYS K 101 15.11 16.55 -70.63
N ASP K 102 16.20 17.23 -71.04
CA ASP K 102 16.30 17.93 -72.32
C ASP K 102 16.99 17.02 -73.34
N LEU K 103 16.44 16.96 -74.56
CA LEU K 103 16.97 16.12 -75.64
C LEU K 103 17.85 16.89 -76.62
N GLY K 104 18.98 16.28 -76.98
CA GLY K 104 19.97 16.85 -77.90
C GLY K 104 19.56 16.89 -79.35
N SER K 105 20.54 17.18 -80.23
CA SER K 105 20.36 17.29 -81.68
C SER K 105 19.93 15.98 -82.35
N ASP K 106 20.41 14.83 -81.83
CA ASP K 106 20.07 13.52 -82.38
C ASP K 106 19.81 12.46 -81.28
N TRP K 107 18.63 12.55 -80.65
CA TRP K 107 18.08 11.66 -79.62
C TRP K 107 19.11 11.24 -78.54
N ARG K 108 19.58 12.24 -77.75
N ARG K 108 19.57 12.24 -77.75
CA ARG K 108 20.58 12.06 -76.68
CA ARG K 108 20.58 12.07 -76.69
C ARG K 108 20.27 12.93 -75.46
C ARG K 108 20.29 12.95 -75.46
N LEU K 109 20.87 12.61 -74.30
CA LEU K 109 20.71 13.36 -73.04
C LEU K 109 21.55 14.65 -73.04
N LEU K 110 20.90 15.82 -73.06
CA LEU K 110 21.55 17.12 -73.07
C LEU K 110 21.74 17.65 -71.65
N ARG K 111 20.63 17.86 -70.92
CA ARG K 111 20.62 18.41 -69.56
C ARG K 111 19.48 17.80 -68.73
N GLY K 112 19.81 17.45 -67.48
CA GLY K 112 18.87 16.89 -66.51
C GLY K 112 18.37 17.92 -65.53
N TYR K 113 17.06 17.85 -65.20
CA TYR K 113 16.40 18.77 -64.28
C TYR K 113 15.72 18.06 -63.12
N LEU K 114 15.90 18.59 -61.90
CA LEU K 114 15.29 18.10 -60.66
C LEU K 114 15.31 19.21 -59.61
N GLN K 115 14.19 19.91 -59.48
CA GLN K 115 14.00 21.05 -58.56
C GLN K 115 12.84 20.81 -57.59
N PHE K 116 12.93 21.41 -56.40
CA PHE K 116 11.92 21.32 -55.35
C PHE K 116 11.65 22.70 -54.77
N ALA K 117 10.39 22.95 -54.37
CA ALA K 117 9.99 24.22 -53.75
C ALA K 117 9.01 24.02 -52.62
N TYR K 118 9.21 24.78 -51.54
CA TYR K 118 8.34 24.76 -50.37
C TYR K 118 7.79 26.17 -50.16
N GLU K 119 6.45 26.28 -50.15
CA GLU K 119 5.68 27.52 -49.98
C GLU K 119 5.93 28.54 -51.10
N GLY K 120 6.15 28.04 -52.31
CA GLY K 120 6.39 28.86 -53.50
C GLY K 120 7.82 29.24 -53.78
N ARG K 121 8.68 29.21 -52.75
CA ARG K 121 10.10 29.57 -52.88
C ARG K 121 11.01 28.34 -52.99
N ASP K 122 12.14 28.49 -53.72
CA ASP K 122 13.13 27.45 -53.97
C ASP K 122 13.65 26.82 -52.67
N TYR K 123 13.61 25.47 -52.60
CA TYR K 123 14.06 24.72 -51.43
C TYR K 123 15.38 24.02 -51.75
N ILE K 124 15.33 22.96 -52.57
CA ILE K 124 16.51 22.19 -52.98
C ILE K 124 16.46 21.89 -54.49
N ALA K 125 17.63 21.90 -55.14
CA ALA K 125 17.75 21.63 -56.58
C ALA K 125 19.01 20.85 -56.91
N LEU K 126 18.89 19.95 -57.91
CA LEU K 126 20.01 19.14 -58.39
C LEU K 126 20.71 19.91 -59.50
N ASN K 127 22.05 20.02 -59.39
CA ASN K 127 22.89 20.75 -60.35
C ASN K 127 23.05 20.02 -61.70
N GLU K 128 23.69 20.71 -62.68
CA GLU K 128 23.96 20.23 -64.05
C GLU K 128 24.71 18.90 -64.06
N ASP K 129 25.70 18.73 -63.14
CA ASP K 129 26.51 17.51 -63.00
C ASP K 129 25.70 16.30 -62.53
N LEU K 130 24.51 16.56 -61.93
CA LEU K 130 23.55 15.58 -61.39
C LEU K 130 24.15 14.74 -60.24
N LYS K 131 25.08 15.35 -59.48
CA LYS K 131 25.78 14.72 -58.36
C LYS K 131 25.74 15.61 -57.10
N THR K 132 25.75 16.95 -57.30
CA THR K 132 25.72 17.94 -56.23
C THR K 132 24.38 18.64 -56.11
N TRP K 133 24.00 19.03 -54.88
CA TRP K 133 22.74 19.72 -54.57
C TRP K 133 22.99 21.16 -54.13
N THR K 134 22.08 22.06 -54.50
CA THR K 134 22.14 23.47 -54.10
C THR K 134 20.98 23.77 -53.15
N ALA K 135 21.31 24.07 -51.89
CA ALA K 135 20.35 24.39 -50.83
C ALA K 135 20.22 25.90 -50.67
N ALA K 136 18.98 26.40 -50.78
CA ALA K 136 18.67 27.82 -50.69
C ALA K 136 18.61 28.37 -49.27
N ASP K 137 18.18 27.53 -48.30
CA ASP K 137 18.02 27.92 -46.90
C ASP K 137 18.61 26.87 -45.92
N MET K 138 18.69 27.23 -44.63
CA MET K 138 19.22 26.40 -43.53
C MET K 138 18.49 25.07 -43.35
N ALA K 139 17.17 25.04 -43.59
CA ALA K 139 16.35 23.83 -43.48
C ALA K 139 16.66 22.86 -44.62
N ALA K 140 16.98 23.40 -45.81
CA ALA K 140 17.33 22.62 -47.01
C ALA K 140 18.72 22.00 -46.88
N GLN K 141 19.59 22.58 -46.03
CA GLN K 141 20.94 22.10 -45.74
C GLN K 141 20.88 20.71 -45.08
N ILE K 142 19.84 20.49 -44.24
CA ILE K 142 19.56 19.22 -43.54
C ILE K 142 19.19 18.17 -44.58
N THR K 143 18.32 18.55 -45.55
CA THR K 143 17.85 17.71 -46.66
C THR K 143 19.03 17.29 -47.55
N ARG K 144 19.92 18.25 -47.86
CA ARG K 144 21.13 18.05 -48.67
C ARG K 144 22.07 17.06 -47.97
N ARG K 145 22.26 17.22 -46.65
CA ARG K 145 23.10 16.38 -45.81
C ARG K 145 22.58 14.94 -45.75
N LYS K 146 21.25 14.77 -45.78
CA LYS K 146 20.57 13.47 -45.79
C LYS K 146 20.77 12.78 -47.13
N TRP K 147 20.43 13.48 -48.22
CA TRP K 147 20.45 12.98 -49.61
C TRP K 147 21.87 12.72 -50.14
N GLU K 148 22.89 13.41 -49.60
CA GLU K 148 24.29 13.18 -49.99
C GLU K 148 24.80 11.89 -49.33
N GLN K 149 24.34 11.61 -48.11
CA GLN K 149 24.70 10.42 -47.33
C GLN K 149 24.03 9.17 -47.92
N SER K 150 22.72 9.25 -48.24
CA SER K 150 21.95 8.14 -48.80
C SER K 150 22.20 7.94 -50.31
N GLY K 151 22.81 8.92 -50.95
CA GLY K 151 23.13 8.90 -52.38
C GLY K 151 21.92 8.96 -53.27
N ALA K 152 21.04 9.94 -53.02
CA ALA K 152 19.80 10.14 -53.79
C ALA K 152 20.07 10.59 -55.22
N ALA K 153 21.08 11.48 -55.42
CA ALA K 153 21.49 12.03 -56.71
C ALA K 153 21.80 10.99 -57.78
N GLU K 154 22.42 9.85 -57.39
CA GLU K 154 22.78 8.74 -58.28
C GLU K 154 21.53 8.09 -58.87
N HIS K 155 20.47 7.93 -58.05
CA HIS K 155 19.18 7.35 -58.46
C HIS K 155 18.42 8.27 -59.40
N TYR K 156 18.48 9.60 -59.17
CA TYR K 156 17.83 10.60 -60.02
C TYR K 156 18.58 10.73 -61.35
N LYS K 157 19.92 10.60 -61.32
CA LYS K 157 20.78 10.64 -62.52
C LYS K 157 20.47 9.44 -63.42
N ALA K 158 20.26 8.25 -62.82
CA ALA K 158 19.94 7.00 -63.52
C ALA K 158 18.61 7.11 -64.28
N TYR K 159 17.61 7.82 -63.70
CA TYR K 159 16.30 8.05 -64.32
C TYR K 159 16.44 9.06 -65.46
N LEU K 160 17.01 10.25 -65.17
CA LEU K 160 17.17 11.35 -66.13
C LEU K 160 18.00 10.99 -67.36
N GLU K 161 19.02 10.13 -67.21
CA GLU K 161 19.87 9.68 -68.32
C GLU K 161 19.32 8.43 -69.01
N GLY K 162 18.62 7.59 -68.25
CA GLY K 162 18.03 6.34 -68.74
C GLY K 162 16.58 6.44 -69.12
N GLU K 163 15.69 6.04 -68.19
CA GLU K 163 14.22 6.00 -68.30
C GLU K 163 13.58 7.25 -68.94
N CYS K 164 14.03 8.46 -68.53
CA CYS K 164 13.53 9.74 -69.04
C CYS K 164 13.77 9.90 -70.55
N VAL K 165 14.99 9.55 -71.01
CA VAL K 165 15.41 9.63 -72.42
C VAL K 165 14.69 8.53 -73.24
N GLU K 166 14.63 7.30 -72.69
CA GLU K 166 14.00 6.12 -73.30
C GLU K 166 12.51 6.32 -73.57
N TRP K 167 11.76 6.88 -72.58
CA TRP K 167 10.32 7.12 -72.72
C TRP K 167 9.99 8.31 -73.63
N LEU K 168 10.84 9.36 -73.62
CA LEU K 168 10.67 10.55 -74.47
C LEU K 168 10.81 10.19 -75.95
N HIS K 169 11.71 9.24 -76.28
CA HIS K 169 11.92 8.73 -77.64
C HIS K 169 10.66 8.01 -78.13
N ARG K 170 9.99 7.26 -77.22
CA ARG K 170 8.75 6.52 -77.49
C ARG K 170 7.57 7.47 -77.72
N TYR K 171 7.47 8.55 -76.91
CA TYR K 171 6.40 9.54 -77.00
C TYR K 171 6.49 10.39 -78.29
N LEU K 172 7.69 10.46 -78.88
CA LEU K 172 7.90 11.14 -80.16
C LEU K 172 7.45 10.18 -81.28
N LYS K 173 7.75 8.87 -81.14
CA LYS K 173 7.36 7.82 -82.08
C LYS K 173 5.84 7.66 -82.15
N ASN K 174 5.15 7.85 -81.01
CA ASN K 174 3.68 7.76 -80.90
C ASN K 174 2.95 8.89 -81.62
N GLY K 175 3.62 10.04 -81.78
CA GLY K 175 3.06 11.20 -82.47
C GLY K 175 3.85 12.48 -82.31
N ASN K 176 4.88 12.67 -83.16
CA ASN K 176 5.72 13.88 -83.19
C ASN K 176 5.25 14.86 -84.27
N ALA K 177 4.40 14.38 -85.21
CA ALA K 177 3.83 15.17 -86.31
C ALA K 177 2.87 16.24 -85.78
N THR K 178 2.21 15.96 -84.63
CA THR K 178 1.27 16.87 -83.97
C THR K 178 2.00 17.84 -83.01
N LEU K 179 3.23 17.49 -82.56
CA LEU K 179 4.04 18.30 -81.65
C LEU K 179 4.78 19.44 -82.38
N LEU K 180 5.16 19.22 -83.65
CA LEU K 180 5.88 20.20 -84.48
C LEU K 180 4.96 21.26 -85.11
N ARG K 181 3.67 21.29 -84.71
CA ARG K 181 2.65 22.25 -85.14
C ARG K 181 3.01 23.62 -84.55
N THR K 182 3.58 24.51 -85.39
CA THR K 182 4.03 25.84 -84.97
C THR K 182 3.49 26.97 -85.85
N ASP K 183 3.28 28.14 -85.22
CA ASP K 183 2.82 29.40 -85.80
C ASP K 183 4.07 30.36 -85.83
N SER K 184 4.18 31.41 -86.69
N SER K 184 4.18 31.41 -86.69
CA SER K 184 3.28 32.00 -87.71
CA SER K 184 3.29 32.00 -87.71
C SER K 184 2.05 32.74 -87.09
C SER K 184 2.06 32.73 -87.09
N PRO K 185 2.25 33.92 -86.45
CA PRO K 185 1.11 34.64 -85.86
C PRO K 185 0.41 35.59 -86.83
N LYS K 186 -0.84 35.97 -86.48
CA LYS K 186 -1.66 36.91 -87.24
C LYS K 186 -1.60 38.27 -86.52
N ALA K 187 -0.69 39.16 -86.98
CA ALA K 187 -0.45 40.47 -86.38
C ALA K 187 -1.19 41.62 -87.06
N HIS K 188 -1.71 42.57 -86.25
CA HIS K 188 -2.42 43.77 -86.68
C HIS K 188 -2.28 44.91 -85.66
N VAL K 189 -2.49 46.16 -86.11
CA VAL K 189 -2.39 47.38 -85.30
C VAL K 189 -3.74 48.09 -85.19
N THR K 190 -4.00 48.74 -84.04
CA THR K 190 -5.24 49.47 -83.78
C THR K 190 -5.00 50.88 -83.20
N HIS K 191 -5.92 51.81 -83.50
CA HIS K 191 -5.88 53.21 -83.08
C HIS K 191 -6.79 53.48 -81.88
N HIS K 192 -6.28 54.20 -80.87
CA HIS K 192 -7.02 54.58 -79.66
C HIS K 192 -6.69 56.03 -79.26
N PRO K 193 -7.51 57.03 -79.65
CA PRO K 193 -7.20 58.42 -79.28
C PRO K 193 -7.43 58.72 -77.80
N ARG K 194 -6.53 59.49 -77.19
CA ARG K 194 -6.59 59.87 -75.78
C ARG K 194 -6.67 61.40 -75.63
N SER K 195 -7.80 61.88 -75.06
CA SER K 195 -8.15 63.29 -74.77
C SER K 195 -7.81 64.28 -75.91
N LYS K 196 -6.55 64.77 -75.96
CA LYS K 196 -6.08 65.73 -76.96
C LYS K 196 -4.81 65.21 -77.67
N GLY K 197 -3.80 64.84 -76.87
CA GLY K 197 -2.53 64.32 -77.37
C GLY K 197 -2.14 62.99 -76.76
N GLU K 198 -0.99 62.43 -77.19
CA GLU K 198 -0.41 61.15 -76.76
C GLU K 198 -1.39 59.97 -77.02
N VAL K 199 -1.74 59.79 -78.31
CA VAL K 199 -2.65 58.76 -78.82
C VAL K 199 -2.08 57.35 -78.64
N THR K 200 -2.88 56.44 -78.04
CA THR K 200 -2.52 55.05 -77.78
C THR K 200 -2.57 54.23 -79.09
N LEU K 201 -1.49 53.45 -79.34
CA LEU K 201 -1.35 52.58 -80.51
C LEU K 201 -0.76 51.25 -80.04
N ARG K 202 -1.58 50.17 -80.04
CA ARG K 202 -1.12 48.86 -79.60
C ARG K 202 -1.09 47.82 -80.73
N CYS K 203 0.01 47.05 -80.79
CA CYS K 203 0.24 46.00 -81.78
C CYS K 203 -0.24 44.66 -81.23
N TRP K 204 -1.30 44.12 -81.83
CA TRP K 204 -1.89 42.85 -81.44
C TRP K 204 -1.22 41.67 -82.13
N ALA K 205 -0.79 40.68 -81.35
CA ALA K 205 -0.20 39.43 -81.81
C ALA K 205 -1.17 38.31 -81.43
N LEU K 206 -1.76 37.66 -82.44
CA LEU K 206 -2.77 36.62 -82.23
C LEU K 206 -2.45 35.29 -82.92
N GLY K 207 -2.99 34.22 -82.36
CA GLY K 207 -2.87 32.85 -82.86
C GLY K 207 -1.44 32.34 -83.01
N PHE K 208 -0.61 32.52 -81.97
CA PHE K 208 0.78 32.08 -82.01
C PHE K 208 1.10 30.97 -81.00
N TYR K 209 1.89 30.00 -81.45
CA TYR K 209 2.37 28.89 -80.63
C TYR K 209 3.81 28.51 -81.04
N PRO K 210 4.78 28.39 -80.11
CA PRO K 210 4.69 28.55 -78.64
C PRO K 210 4.54 30.01 -78.16
N ALA K 211 4.38 30.19 -76.83
CA ALA K 211 4.17 31.48 -76.17
C ALA K 211 5.36 32.45 -76.24
N ASP K 212 6.60 31.94 -76.42
CA ASP K 212 7.82 32.76 -76.48
C ASP K 212 7.82 33.72 -77.68
N ILE K 213 7.50 35.01 -77.40
CA ILE K 213 7.40 36.09 -78.39
C ILE K 213 8.01 37.41 -77.85
N THR K 214 8.40 38.33 -78.75
CA THR K 214 8.96 39.64 -78.42
C THR K 214 8.31 40.76 -79.27
N LEU K 215 7.93 41.89 -78.63
CA LEU K 215 7.31 43.06 -79.27
C LEU K 215 7.98 44.38 -78.83
N THR K 216 8.40 45.22 -79.81
CA THR K 216 9.08 46.52 -79.55
C THR K 216 8.67 47.67 -80.51
N TRP K 217 8.86 48.93 -80.05
CA TRP K 217 8.60 50.19 -80.77
C TRP K 217 9.75 51.19 -80.44
N GLN K 218 10.37 51.95 -81.39
CA GLN K 218 10.24 52.10 -82.85
C GLN K 218 8.98 52.91 -83.27
N LEU K 219 9.09 54.21 -83.70
CA LEU K 219 10.22 55.14 -83.83
C LEU K 219 11.48 54.51 -84.51
N ASN K 220 11.40 54.30 -85.84
CA ASN K 220 12.45 53.70 -86.68
C ASN K 220 13.83 54.38 -86.54
N GLY K 221 14.82 53.70 -85.94
CA GLY K 221 14.73 52.36 -85.35
C GLY K 221 15.38 52.33 -83.98
N GLU K 222 14.95 53.25 -83.10
CA GLU K 222 15.44 53.47 -81.73
C GLU K 222 15.21 52.31 -80.76
N GLU K 223 14.04 51.64 -80.84
CA GLU K 223 13.61 50.52 -79.95
C GLU K 223 13.46 50.99 -78.48
N LEU K 224 12.60 52.00 -78.27
CA LEU K 224 12.31 52.62 -76.98
C LEU K 224 11.39 51.75 -76.10
N THR K 225 11.42 51.98 -74.77
CA THR K 225 10.59 51.27 -73.80
C THR K 225 9.90 52.32 -72.89
N GLN K 226 10.48 52.61 -71.70
CA GLN K 226 10.03 53.59 -70.70
C GLN K 226 8.57 53.39 -70.25
N ASP K 227 7.58 53.91 -71.01
CA ASP K 227 6.16 53.82 -70.69
C ASP K 227 5.39 52.85 -71.62
N MET K 228 6.12 51.90 -72.23
CA MET K 228 5.56 50.89 -73.13
C MET K 228 4.75 49.86 -72.33
N GLU K 229 3.41 50.01 -72.33
CA GLU K 229 2.49 49.12 -71.61
C GLU K 229 2.36 47.80 -72.36
N LEU K 230 2.84 46.71 -71.74
CA LEU K 230 2.78 45.38 -72.35
C LEU K 230 2.19 44.35 -71.39
N VAL K 231 1.15 43.64 -71.85
CA VAL K 231 0.48 42.61 -71.07
C VAL K 231 1.25 41.29 -71.15
N GLU K 232 1.04 40.42 -70.16
CA GLU K 232 1.65 39.09 -70.08
C GLU K 232 1.00 38.21 -71.15
N THR K 233 1.77 37.28 -71.72
CA THR K 233 1.32 36.34 -72.75
C THR K 233 0.17 35.49 -72.18
N ARG K 234 -1.03 35.63 -72.78
CA ARG K 234 -2.24 34.95 -72.34
C ARG K 234 -2.75 33.89 -73.34
N PRO K 235 -3.27 32.72 -72.88
CA PRO K 235 -3.77 31.73 -73.86
C PRO K 235 -5.16 32.08 -74.37
N ALA K 236 -5.38 31.90 -75.69
CA ALA K 236 -6.67 32.18 -76.33
C ALA K 236 -7.74 31.18 -75.90
N GLY K 237 -7.36 29.91 -75.73
CA GLY K 237 -8.27 28.85 -75.31
C GLY K 237 -8.24 27.64 -76.21
N ASP K 238 -8.11 27.87 -77.53
CA ASP K 238 -8.07 26.84 -78.57
C ASP K 238 -6.77 26.01 -78.54
N GLY K 239 -5.68 26.65 -78.14
CA GLY K 239 -4.36 26.04 -78.06
C GLY K 239 -3.23 26.99 -78.40
N THR K 240 -3.57 28.23 -78.80
CA THR K 240 -2.61 29.29 -79.16
C THR K 240 -2.50 30.34 -78.05
N PHE K 241 -1.83 31.48 -78.34
CA PHE K 241 -1.62 32.58 -77.41
C PHE K 241 -1.87 33.97 -78.00
N GLN K 242 -2.00 34.98 -77.11
CA GLN K 242 -2.26 36.39 -77.40
C GLN K 242 -1.30 37.29 -76.62
N LYS K 243 -0.97 38.48 -77.18
CA LYS K 243 -0.11 39.51 -76.56
C LYS K 243 -0.19 40.83 -77.32
N TRP K 244 -0.09 41.96 -76.58
CA TRP K 244 -0.08 43.30 -77.17
C TRP K 244 0.84 44.26 -76.42
N ALA K 245 1.38 45.26 -77.15
CA ALA K 245 2.28 46.29 -76.63
C ALA K 245 1.82 47.68 -77.08
N SER K 246 1.44 48.53 -76.10
CA SER K 246 0.92 49.88 -76.26
C SER K 246 2.00 50.96 -76.13
N VAL K 247 1.87 52.02 -76.96
CA VAL K 247 2.75 53.20 -76.98
C VAL K 247 1.94 54.48 -77.12
N VAL K 248 2.26 55.50 -76.30
CA VAL K 248 1.58 56.80 -76.33
C VAL K 248 2.38 57.82 -77.14
N VAL K 249 1.77 58.33 -78.23
CA VAL K 249 2.37 59.31 -79.15
C VAL K 249 1.26 60.16 -79.85
N PRO K 250 1.35 61.51 -79.87
CA PRO K 250 0.29 62.30 -80.54
C PRO K 250 0.22 62.10 -82.05
N LEU K 251 -0.99 62.18 -82.62
CA LEU K 251 -1.29 62.01 -84.05
C LEU K 251 -0.51 63.04 -84.89
N GLY K 252 0.19 62.55 -85.91
CA GLY K 252 0.97 63.41 -86.79
C GLY K 252 1.87 62.71 -87.80
N LYS K 253 3.02 62.07 -87.40
CA LYS K 253 3.62 61.76 -86.09
C LYS K 253 3.14 60.41 -85.53
N GLU K 254 2.43 59.63 -86.38
CA GLU K 254 1.91 58.29 -86.04
C GLU K 254 2.38 57.24 -87.08
N GLN K 255 2.77 57.71 -88.29
CA GLN K 255 3.24 56.89 -89.40
C GLN K 255 4.68 56.43 -89.21
N ASN K 256 5.50 57.23 -88.48
CA ASN K 256 6.91 56.97 -88.21
C ASN K 256 7.16 55.95 -87.07
N TYR K 257 6.09 55.25 -86.63
CA TYR K 257 6.14 54.25 -85.56
C TYR K 257 5.79 52.86 -86.09
N THR K 258 6.72 51.89 -85.90
CA THR K 258 6.55 50.50 -86.37
C THR K 258 6.71 49.47 -85.24
N CYS K 259 6.24 48.23 -85.46
CA CYS K 259 6.40 47.18 -84.46
C CYS K 259 7.01 45.91 -85.03
N ARG K 260 7.99 45.36 -84.29
CA ARG K 260 8.70 44.14 -84.68
C ARG K 260 8.21 42.93 -83.89
N VAL K 261 7.94 41.83 -84.60
CA VAL K 261 7.47 40.56 -84.03
C VAL K 261 8.54 39.48 -84.23
N TYR K 262 9.01 38.89 -83.13
CA TYR K 262 10.03 37.83 -83.14
C TYR K 262 9.43 36.54 -82.59
N HIS K 263 9.39 35.48 -83.41
CA HIS K 263 8.81 34.17 -83.04
C HIS K 263 9.37 33.02 -83.88
N GLU K 264 9.50 31.82 -83.25
CA GLU K 264 9.98 30.61 -83.92
C GLU K 264 8.88 30.01 -84.81
N GLY K 265 8.78 30.54 -86.02
CA GLY K 265 7.80 30.18 -87.03
C GLY K 265 7.99 31.04 -88.26
N LEU K 266 8.13 32.36 -88.05
CA LEU K 266 8.39 33.34 -89.11
C LEU K 266 9.88 33.35 -89.47
N PRO K 267 10.24 33.29 -90.78
CA PRO K 267 11.67 33.28 -91.15
C PRO K 267 12.37 34.60 -90.88
N GLU K 268 11.66 35.73 -91.08
CA GLU K 268 12.14 37.09 -90.86
C GLU K 268 11.13 37.88 -90.01
N PRO K 269 11.59 38.81 -89.12
CA PRO K 269 10.64 39.57 -88.28
C PRO K 269 9.65 40.45 -89.04
N LEU K 270 8.41 40.54 -88.52
CA LEU K 270 7.31 41.32 -89.11
C LEU K 270 7.44 42.82 -88.80
N THR K 271 6.88 43.67 -89.67
CA THR K 271 6.86 45.14 -89.53
C THR K 271 5.47 45.69 -89.85
N LEU K 272 4.85 46.37 -88.86
CA LEU K 272 3.50 46.96 -88.96
C LEU K 272 3.56 48.42 -88.51
N ARG K 273 2.98 49.35 -89.30
CA ARG K 273 3.04 50.79 -88.99
C ARG K 273 1.71 51.58 -89.16
N TRP K 274 0.55 50.94 -88.85
CA TRP K 274 -0.81 51.51 -88.93
C TRP K 274 -1.24 51.79 -90.40
N GLU K 275 -2.58 51.80 -90.65
CA GLU K 275 -3.18 51.98 -91.99
C GLU K 275 -2.93 53.43 -92.56
N PRO K 276 -3.76 54.51 -92.43
CA PRO K 276 -5.08 54.67 -91.78
C PRO K 276 -6.29 54.50 -92.73
N PRO K 277 -7.52 54.21 -92.23
CA PRO K 277 -8.65 54.07 -93.15
C PRO K 277 -9.20 55.41 -93.63
N ILE L 1 6.40 33.40 -48.86
CA ILE L 1 5.28 34.34 -48.78
C ILE L 1 4.22 34.07 -49.84
N GLN L 2 3.04 34.69 -49.68
CA GLN L 2 1.88 34.53 -50.58
C GLN L 2 1.94 35.53 -51.75
N LYS L 3 1.76 35.02 -52.98
CA LYS L 3 1.74 35.84 -54.22
C LYS L 3 0.31 36.17 -54.64
N THR L 4 0.05 37.45 -54.94
CA THR L 4 -1.27 37.93 -55.36
C THR L 4 -1.54 37.56 -56.84
N PRO L 5 -2.78 37.12 -57.19
CA PRO L 5 -3.04 36.75 -58.59
C PRO L 5 -3.11 37.92 -59.58
N GLN L 6 -2.67 37.66 -60.82
CA GLN L 6 -2.69 38.60 -61.94
C GLN L 6 -3.88 38.20 -62.81
N ILE L 7 -4.92 39.05 -62.83
CA ILE L 7 -6.18 38.80 -63.55
C ILE L 7 -6.22 39.55 -64.89
N GLN L 8 -6.66 38.84 -65.95
CA GLN L 8 -6.82 39.36 -67.30
C GLN L 8 -8.13 38.86 -67.90
N VAL L 9 -9.01 39.80 -68.30
CA VAL L 9 -10.30 39.48 -68.91
C VAL L 9 -10.25 39.91 -70.39
N TYR L 10 -10.51 38.96 -71.29
CA TYR L 10 -10.42 39.16 -72.75
C TYR L 10 -11.30 38.18 -73.53
N SER L 11 -11.32 38.34 -74.87
CA SER L 11 -12.08 37.52 -75.81
C SER L 11 -11.11 36.60 -76.58
N ARG L 12 -11.62 35.45 -77.09
CA ARG L 12 -10.82 34.49 -77.87
C ARG L 12 -10.40 35.08 -79.22
N HIS L 13 -11.35 35.70 -79.95
CA HIS L 13 -11.13 36.35 -81.25
C HIS L 13 -11.50 37.84 -81.12
N PRO L 14 -11.05 38.75 -82.04
CA PRO L 14 -11.44 40.17 -81.90
C PRO L 14 -12.96 40.37 -81.77
N PRO L 15 -13.42 41.16 -80.76
CA PRO L 15 -14.87 41.30 -80.53
C PRO L 15 -15.68 41.89 -81.67
N GLU L 16 -16.82 41.25 -81.95
CA GLU L 16 -17.79 41.61 -82.99
C GLU L 16 -19.20 41.36 -82.46
N ASN L 17 -20.07 42.38 -82.51
CA ASN L 17 -21.45 42.31 -82.03
C ASN L 17 -22.31 41.38 -82.89
N GLY L 18 -22.91 40.39 -82.25
CA GLY L 18 -23.75 39.39 -82.90
C GLY L 18 -23.04 38.08 -83.17
N LYS L 19 -21.73 38.14 -83.51
CA LYS L 19 -20.89 36.99 -83.80
C LYS L 19 -20.59 36.19 -82.50
N PRO L 20 -20.75 34.84 -82.49
CA PRO L 20 -20.47 34.09 -81.24
C PRO L 20 -18.98 34.00 -80.94
N ASN L 21 -18.60 34.36 -79.70
CA ASN L 21 -17.22 34.34 -79.22
C ASN L 21 -17.09 33.62 -77.87
N ILE L 22 -15.86 33.58 -77.32
CA ILE L 22 -15.55 32.94 -76.03
C ILE L 22 -14.83 33.96 -75.12
N LEU L 23 -15.40 34.19 -73.92
CA LEU L 23 -14.84 35.10 -72.93
C LEU L 23 -13.89 34.33 -72.02
N ASN L 24 -12.65 34.83 -71.90
CA ASN L 24 -11.61 34.18 -71.09
C ASN L 24 -11.15 35.05 -69.92
N CYS L 25 -10.89 34.40 -68.78
CA CYS L 25 -10.36 35.04 -67.60
C CYS L 25 -9.10 34.28 -67.18
N TYR L 26 -7.94 34.90 -67.44
CA TYR L 26 -6.64 34.30 -67.14
C TYR L 26 -6.11 34.78 -65.79
N VAL L 27 -6.07 33.85 -64.83
CA VAL L 27 -5.60 34.06 -63.48
C VAL L 27 -4.25 33.35 -63.36
N THR L 28 -3.18 34.12 -63.09
CA THR L 28 -1.81 33.59 -63.00
C THR L 28 -1.00 34.25 -61.86
N GLN L 29 0.23 33.75 -61.63
CA GLN L 29 1.20 34.24 -60.65
C GLN L 29 0.68 34.24 -59.18
N PHE L 30 -0.12 33.24 -58.79
CA PHE L 30 -0.66 33.15 -57.43
C PHE L 30 -0.17 31.94 -56.62
N HIS L 31 -0.08 32.12 -55.30
CA HIS L 31 0.33 31.10 -54.33
C HIS L 31 -0.27 31.47 -52.94
N PRO L 32 -0.96 30.57 -52.20
CA PRO L 32 -1.24 29.14 -52.44
C PRO L 32 -2.20 28.85 -53.62
N PRO L 33 -2.42 27.57 -54.04
CA PRO L 33 -3.29 27.33 -55.21
C PRO L 33 -4.79 27.53 -55.01
N HIS L 34 -5.27 27.63 -53.75
CA HIS L 34 -6.69 27.81 -53.44
C HIS L 34 -7.19 29.16 -53.95
N ILE L 35 -8.09 29.12 -54.95
CA ILE L 35 -8.65 30.29 -55.62
C ILE L 35 -10.12 30.07 -56.04
N GLU L 36 -10.93 31.14 -56.02
CA GLU L 36 -12.35 31.13 -56.40
C GLU L 36 -12.55 32.05 -57.61
N ILE L 37 -12.99 31.50 -58.75
CA ILE L 37 -13.22 32.26 -59.99
C ILE L 37 -14.68 32.16 -60.44
N GLN L 38 -15.28 33.33 -60.79
CA GLN L 38 -16.66 33.44 -61.27
C GLN L 38 -16.75 34.39 -62.45
N MET L 39 -17.57 34.04 -63.46
CA MET L 39 -17.79 34.88 -64.65
C MET L 39 -19.07 35.69 -64.47
N LEU L 40 -18.99 37.00 -64.71
CA LEU L 40 -20.12 37.92 -64.52
C LEU L 40 -20.69 38.49 -65.81
N LYS L 41 -22.03 38.52 -65.91
CA LYS L 41 -22.81 39.08 -67.01
C LYS L 41 -23.84 40.03 -66.38
N ASN L 42 -23.56 41.35 -66.46
CA ASN L 42 -24.36 42.44 -65.90
C ASN L 42 -24.54 42.31 -64.36
N GLY L 43 -23.48 41.86 -63.69
CA GLY L 43 -23.43 41.66 -62.25
C GLY L 43 -23.72 40.24 -61.81
N LYS L 44 -24.59 39.53 -62.55
CA LYS L 44 -25.00 38.15 -62.26
C LYS L 44 -23.97 37.11 -62.72
N LYS L 45 -23.78 36.07 -61.91
CA LYS L 45 -22.85 34.96 -62.16
C LYS L 45 -23.38 34.06 -63.29
N ILE L 46 -22.48 33.62 -64.19
CA ILE L 46 -22.81 32.72 -65.30
C ILE L 46 -22.64 31.26 -64.82
N PRO L 47 -23.68 30.39 -64.93
CA PRO L 47 -23.52 29.01 -64.45
C PRO L 47 -22.72 28.10 -65.40
N LYS L 48 -22.97 28.18 -66.71
CA LYS L 48 -22.30 27.38 -67.73
C LYS L 48 -20.89 27.92 -68.05
N VAL L 49 -19.95 27.67 -67.13
CA VAL L 49 -18.56 28.14 -67.24
C VAL L 49 -17.58 26.97 -67.18
N GLU L 50 -16.79 26.79 -68.24
CA GLU L 50 -15.77 25.76 -68.34
C GLU L 50 -14.47 26.27 -67.71
N MET L 51 -13.65 25.36 -67.19
CA MET L 51 -12.38 25.72 -66.54
C MET L 51 -11.23 24.78 -66.92
N SER L 52 -10.01 25.32 -66.94
CA SER L 52 -8.81 24.55 -67.21
C SER L 52 -8.35 23.92 -65.87
N ASP L 53 -7.63 22.79 -65.93
CA ASP L 53 -7.16 22.13 -64.71
C ASP L 53 -5.92 22.84 -64.13
N MET L 54 -5.68 22.65 -62.82
N MET L 54 -5.67 22.65 -62.82
CA MET L 54 -4.58 23.25 -62.05
CA MET L 54 -4.57 23.25 -62.06
C MET L 54 -3.18 22.98 -62.65
C MET L 54 -3.18 22.98 -62.64
N SER L 55 -2.43 24.06 -62.91
CA SER L 55 -1.08 24.00 -63.48
C SER L 55 -0.20 25.10 -62.86
N PHE L 56 1.12 24.91 -62.85
CA PHE L 56 2.06 25.90 -62.32
C PHE L 56 3.25 26.16 -63.26
N SER L 57 3.82 27.38 -63.17
CA SER L 57 4.94 27.84 -63.99
C SER L 57 6.30 27.53 -63.35
N LYS L 58 7.41 27.84 -64.06
CA LYS L 58 8.79 27.61 -63.63
C LYS L 58 9.14 28.32 -62.32
N ASP L 59 8.54 29.50 -62.08
CA ASP L 59 8.75 30.28 -60.85
C ASP L 59 7.85 29.81 -59.69
N TRP L 60 7.29 28.57 -59.82
CA TRP L 60 6.43 27.83 -58.86
C TRP L 60 5.01 28.42 -58.70
N SER L 61 4.72 29.57 -59.34
CA SER L 61 3.43 30.23 -59.29
C SER L 61 2.38 29.46 -60.09
N PHE L 62 1.14 29.41 -59.58
CA PHE L 62 0.03 28.71 -60.21
C PHE L 62 -0.71 29.55 -61.23
N TYR L 63 -1.31 28.88 -62.23
CA TYR L 63 -2.10 29.52 -63.28
C TYR L 63 -3.28 28.67 -63.70
N ILE L 64 -4.43 29.33 -63.94
CA ILE L 64 -5.69 28.71 -64.34
C ILE L 64 -6.40 29.59 -65.39
N LEU L 65 -7.27 28.98 -66.20
CA LEU L 65 -8.05 29.69 -67.23
C LEU L 65 -9.52 29.30 -67.20
N ALA L 66 -10.40 30.29 -67.03
CA ALA L 66 -11.85 30.11 -67.03
C ALA L 66 -12.42 30.64 -68.35
N HIS L 67 -13.24 29.84 -69.04
CA HIS L 67 -13.84 30.21 -70.32
C HIS L 67 -15.31 29.83 -70.45
N THR L 68 -16.08 30.66 -71.19
CA THR L 68 -17.51 30.47 -71.46
C THR L 68 -17.91 31.04 -72.82
N GLU L 69 -18.89 30.39 -73.48
CA GLU L 69 -19.41 30.83 -74.77
C GLU L 69 -20.36 32.03 -74.57
N PHE L 70 -20.18 33.09 -75.37
CA PHE L 70 -20.99 34.32 -75.24
C PHE L 70 -21.16 35.07 -76.56
N THR L 71 -22.24 35.89 -76.65
CA THR L 71 -22.54 36.73 -77.80
C THR L 71 -22.38 38.20 -77.33
N PRO L 72 -21.27 38.89 -77.69
CA PRO L 72 -21.09 40.26 -77.20
C PRO L 72 -21.99 41.31 -77.86
N THR L 73 -22.32 42.35 -77.10
CA THR L 73 -23.15 43.50 -77.50
C THR L 73 -22.76 44.74 -76.66
N GLU L 74 -23.06 45.95 -77.17
CA GLU L 74 -22.73 47.22 -76.53
C GLU L 74 -23.45 47.45 -75.18
N THR L 75 -24.66 46.89 -75.00
CA THR L 75 -25.46 47.06 -73.78
C THR L 75 -24.97 46.16 -72.64
N ASP L 76 -24.67 44.87 -72.92
CA ASP L 76 -24.22 43.91 -71.91
C ASP L 76 -22.79 44.16 -71.42
N THR L 77 -22.60 44.22 -70.09
CA THR L 77 -21.31 44.43 -69.44
C THR L 77 -20.81 43.12 -68.81
N TYR L 78 -19.56 42.76 -69.12
CA TYR L 78 -18.93 41.53 -68.63
C TYR L 78 -17.77 41.80 -67.67
N ALA L 79 -17.59 40.91 -66.67
CA ALA L 79 -16.55 40.99 -65.64
C ALA L 79 -16.13 39.61 -65.11
N CYS L 80 -15.00 39.56 -64.36
CA CYS L 80 -14.45 38.34 -63.74
C CYS L 80 -14.24 38.57 -62.24
N ARG L 81 -14.86 37.73 -61.37
CA ARG L 81 -14.75 37.79 -59.91
C ARG L 81 -13.72 36.76 -59.44
N VAL L 82 -12.59 37.24 -58.90
CA VAL L 82 -11.48 36.41 -58.43
C VAL L 82 -11.28 36.60 -56.92
N LYS L 83 -11.21 35.47 -56.18
CA LYS L 83 -11.02 35.44 -54.73
C LYS L 83 -9.76 34.65 -54.35
N HIS L 84 -8.88 35.26 -53.53
CA HIS L 84 -7.64 34.67 -53.04
C HIS L 84 -7.36 35.15 -51.60
N ALA L 85 -6.48 34.46 -50.85
CA ALA L 85 -6.20 34.85 -49.46
C ALA L 85 -5.33 36.11 -49.33
N SER L 86 -4.68 36.55 -50.43
CA SER L 86 -3.85 37.77 -50.44
C SER L 86 -4.67 39.07 -50.30
N MET L 87 -5.94 39.11 -50.75
CA MET L 87 -6.78 40.29 -50.62
C MET L 87 -8.03 40.05 -49.76
N ALA L 88 -8.58 41.13 -49.18
CA ALA L 88 -9.72 41.12 -48.26
C ALA L 88 -11.08 40.77 -48.88
N GLU L 89 -11.34 41.26 -50.12
CA GLU L 89 -12.61 41.05 -50.83
C GLU L 89 -12.35 40.47 -52.22
N PRO L 90 -13.33 39.75 -52.86
CA PRO L 90 -13.07 39.24 -54.22
C PRO L 90 -12.95 40.37 -55.24
N LYS L 91 -11.82 40.41 -55.96
CA LYS L 91 -11.52 41.43 -56.97
C LYS L 91 -12.37 41.26 -58.22
N THR L 92 -12.91 42.38 -58.75
CA THR L 92 -13.74 42.41 -59.96
C THR L 92 -13.01 43.21 -61.04
N VAL L 93 -12.70 42.55 -62.17
CA VAL L 93 -12.00 43.15 -63.30
C VAL L 93 -12.98 43.24 -64.48
N TYR L 94 -13.29 44.48 -64.93
CA TYR L 94 -14.20 44.76 -66.03
C TYR L 94 -13.61 44.32 -67.37
N TRP L 95 -14.46 43.79 -68.27
CA TRP L 95 -14.02 43.36 -69.60
C TRP L 95 -14.00 44.52 -70.58
N ASP L 96 -12.87 44.64 -71.29
CA ASP L 96 -12.54 45.61 -72.33
C ASP L 96 -11.78 44.79 -73.42
N ARG L 97 -12.06 44.90 -74.75
CA ARG L 97 -12.93 45.79 -75.54
C ARG L 97 -12.51 47.29 -75.40
N ASP L 98 -11.37 47.72 -75.99
CA ASP L 98 -10.42 46.93 -76.81
C ASP L 98 -9.09 46.72 -76.07
N MET L 99 -9.11 45.85 -75.05
CA MET L 99 -7.95 45.51 -74.21
C MET L 99 -7.68 43.99 -74.20
CA ALA M 1 7.31 7.47 -67.41
C ALA M 1 7.70 8.39 -66.26
N SER M 2 6.87 8.42 -65.19
CA SER M 2 7.11 9.21 -63.99
C SER M 2 8.24 8.61 -63.14
N ASN M 3 8.85 9.43 -62.26
CA ASN M 3 9.91 8.99 -61.36
C ASN M 3 9.42 8.92 -59.92
N GLU M 4 9.97 7.95 -59.16
CA GLU M 4 9.68 7.76 -57.74
C GLU M 4 10.86 8.31 -56.95
N ASN M 5 10.57 9.22 -56.00
CA ASN M 5 11.61 9.83 -55.17
C ASN M 5 12.13 8.83 -54.14
N MET M 6 13.43 8.93 -53.82
CA MET M 6 14.08 8.02 -52.87
C MET M 6 13.84 8.47 -51.42
N GLU M 7 14.89 8.97 -50.72
CA GLU M 7 14.79 9.43 -49.34
C GLU M 7 13.97 10.71 -49.25
N THR M 8 13.18 10.84 -48.17
CA THR M 8 12.36 12.01 -47.88
C THR M 8 13.22 13.19 -47.46
N MET M 9 12.61 14.40 -47.44
CA MET M 9 13.28 15.64 -47.05
C MET M 9 13.67 15.66 -45.57
N GLN N 1 7.32 18.60 -28.38
CA GLN N 1 6.41 17.92 -27.46
C GLN N 1 5.32 17.14 -28.26
N GLN N 2 5.52 15.84 -28.64
CA GLN N 2 6.64 14.89 -28.46
C GLN N 2 6.89 14.48 -26.98
N GLN N 3 5.92 14.73 -26.08
CA GLN N 3 6.07 14.34 -24.66
C GLN N 3 4.82 13.71 -24.07
N VAL N 4 4.98 12.46 -23.61
CA VAL N 4 3.93 11.65 -22.97
C VAL N 4 4.52 11.02 -21.70
N ARG N 5 3.97 11.37 -20.53
CA ARG N 5 4.49 10.88 -19.24
C ARG N 5 3.62 9.78 -18.61
N GLN N 6 4.29 8.73 -18.10
CA GLN N 6 3.67 7.58 -17.45
C GLN N 6 3.96 7.59 -15.95
N SER N 7 2.90 7.42 -15.13
CA SER N 7 3.01 7.39 -13.67
C SER N 7 2.34 6.12 -13.09
N PRO N 8 3.01 5.40 -12.17
CA PRO N 8 4.36 5.62 -11.63
C PRO N 8 5.45 4.96 -12.47
N GLN N 9 6.73 5.05 -12.05
CA GLN N 9 7.85 4.44 -12.78
C GLN N 9 7.85 2.92 -12.62
N SER N 10 7.47 2.44 -11.41
CA SER N 10 7.38 1.02 -11.06
C SER N 10 6.19 0.80 -10.13
N LEU N 11 5.51 -0.36 -10.26
CA LEU N 11 4.36 -0.68 -9.42
C LEU N 11 4.36 -2.14 -8.99
N THR N 12 4.12 -2.39 -7.68
CA THR N 12 4.07 -3.72 -7.11
C THR N 12 2.68 -3.96 -6.51
N VAL N 13 1.97 -4.98 -7.01
CA VAL N 13 0.62 -5.33 -6.58
C VAL N 13 0.53 -6.83 -6.21
N TRP N 14 -0.47 -7.20 -5.40
CA TRP N 14 -0.68 -8.60 -5.00
C TRP N 14 -1.54 -9.32 -6.02
N GLU N 15 -1.48 -10.67 -6.03
CA GLU N 15 -2.24 -11.54 -6.93
C GLU N 15 -3.75 -11.41 -6.65
N GLY N 16 -4.50 -11.05 -7.68
CA GLY N 16 -5.94 -10.86 -7.61
C GLY N 16 -6.40 -9.42 -7.52
N GLU N 17 -5.48 -8.50 -7.16
CA GLU N 17 -5.75 -7.07 -7.01
C GLU N 17 -5.86 -6.36 -8.36
N THR N 18 -6.33 -5.09 -8.35
CA THR N 18 -6.47 -4.28 -9.55
C THR N 18 -5.27 -3.35 -9.69
N ALA N 19 -4.56 -3.44 -10.83
CA ALA N 19 -3.39 -2.61 -11.08
C ALA N 19 -3.79 -1.41 -11.93
N ILE N 20 -3.56 -0.19 -11.40
CA ILE N 20 -3.87 1.07 -12.07
C ILE N 20 -2.58 1.69 -12.61
N LEU N 21 -2.49 1.79 -13.95
CA LEU N 21 -1.32 2.34 -14.65
C LEU N 21 -1.71 3.65 -15.35
N ASN N 22 -1.40 4.79 -14.70
CA ASN N 22 -1.73 6.11 -15.21
C ASN N 22 -0.79 6.62 -16.28
N CYS N 23 -1.29 7.53 -17.14
CA CYS N 23 -0.57 8.15 -18.24
C CYS N 23 -1.18 9.53 -18.54
N SER N 24 -0.33 10.51 -18.92
CA SER N 24 -0.77 11.88 -19.23
C SER N 24 -0.03 12.48 -20.42
N TYR N 25 -0.74 13.32 -21.20
CA TYR N 25 -0.23 14.01 -22.39
C TYR N 25 -0.55 15.51 -22.34
N GLU N 26 0.12 16.30 -23.21
CA GLU N 26 -0.08 17.75 -23.29
C GLU N 26 -0.70 18.23 -24.60
N ASP N 27 -0.27 17.65 -25.74
CA ASP N 27 -0.75 18.02 -27.07
C ASP N 27 -2.15 17.50 -27.36
N SER N 28 -3.09 18.43 -27.64
CA SER N 28 -4.49 18.16 -27.96
C SER N 28 -4.68 17.40 -29.28
N THR N 29 -3.68 17.50 -30.18
CA THR N 29 -3.64 16.87 -31.51
C THR N 29 -3.66 15.32 -31.46
N PHE N 30 -3.18 14.71 -30.35
CA PHE N 30 -3.14 13.25 -30.17
C PHE N 30 -4.54 12.64 -30.12
N ASN N 31 -4.80 11.64 -30.99
CA ASN N 31 -6.10 10.98 -31.10
C ASN N 31 -6.05 9.47 -30.83
N TYR N 32 -4.96 8.78 -31.21
CA TYR N 32 -4.80 7.33 -31.03
C TYR N 32 -3.88 7.01 -29.85
N PHE N 33 -4.31 6.10 -28.96
CA PHE N 33 -3.53 5.74 -27.78
C PHE N 33 -3.35 4.22 -27.58
N PRO N 34 -2.35 3.59 -28.24
CA PRO N 34 -2.13 2.16 -28.03
C PRO N 34 -1.22 1.84 -26.84
N TRP N 35 -1.49 0.72 -26.16
CA TRP N 35 -0.70 0.24 -25.03
C TRP N 35 0.08 -1.00 -25.45
N TYR N 36 1.40 -0.96 -25.26
CA TYR N 36 2.31 -2.04 -25.61
C TYR N 36 2.88 -2.72 -24.36
N GLN N 37 2.85 -4.06 -24.35
CA GLN N 37 3.32 -4.91 -23.25
C GLN N 37 4.64 -5.56 -23.65
N GLN N 38 5.69 -5.41 -22.81
CA GLN N 38 7.01 -5.96 -23.06
C GLN N 38 7.48 -6.91 -21.95
N PHE N 39 7.80 -8.17 -22.32
CA PHE N 39 8.31 -9.19 -21.41
C PHE N 39 9.84 -9.29 -21.56
N PRO N 40 10.60 -9.63 -20.48
CA PRO N 40 12.08 -9.71 -20.63
C PRO N 40 12.55 -10.71 -21.68
N GLY N 41 13.40 -10.24 -22.59
CA GLY N 41 13.94 -11.02 -23.70
C GLY N 41 13.14 -10.92 -24.98
N GLU N 42 11.92 -10.36 -24.88
CA GLU N 42 10.96 -10.17 -25.97
C GLU N 42 10.72 -8.66 -26.21
N GLY N 43 10.37 -8.32 -27.45
CA GLY N 43 10.05 -6.94 -27.82
C GLY N 43 8.64 -6.55 -27.44
N PRO N 44 8.27 -5.25 -27.47
CA PRO N 44 6.90 -4.86 -27.09
C PRO N 44 5.82 -5.37 -28.06
N ALA N 45 4.67 -5.77 -27.51
CA ALA N 45 3.55 -6.27 -28.31
C ALA N 45 2.27 -5.53 -27.94
N LEU N 46 1.43 -5.21 -28.95
CA LEU N 46 0.17 -4.50 -28.77
C LEU N 46 -0.77 -5.29 -27.87
N LEU N 47 -1.29 -4.63 -26.84
CA LEU N 47 -2.20 -5.21 -25.85
C LEU N 47 -3.62 -4.71 -26.08
N ILE N 48 -3.82 -3.39 -25.98
CA ILE N 48 -5.12 -2.70 -26.13
C ILE N 48 -4.91 -1.26 -26.60
N SER N 49 -5.83 -0.73 -27.43
CA SER N 49 -5.78 0.63 -27.95
C SER N 49 -7.11 1.37 -27.80
N ILE N 50 -7.05 2.71 -27.79
CA ILE N 50 -8.24 3.58 -27.67
C ILE N 50 -8.12 4.83 -28.56
N ARG N 51 -9.26 5.33 -29.05
CA ARG N 51 -9.38 6.53 -29.86
C ARG N 51 -9.86 7.70 -28.98
N SER N 52 -9.69 8.94 -29.46
CA SER N 52 -10.12 10.16 -28.75
C SER N 52 -11.64 10.26 -28.61
N VAL N 53 -12.40 9.66 -29.56
CA VAL N 53 -13.87 9.62 -29.55
C VAL N 53 -14.39 8.67 -28.48
N SER N 54 -13.72 7.51 -28.31
CA SER N 54 -14.04 6.44 -27.36
C SER N 54 -13.82 6.88 -25.90
N ASP N 55 -14.48 6.20 -24.95
CA ASP N 55 -14.42 6.52 -23.53
C ASP N 55 -13.82 5.43 -22.64
N LYS N 56 -14.05 4.13 -22.94
CA LYS N 56 -13.52 3.07 -22.07
C LYS N 56 -12.69 1.99 -22.82
N LYS N 57 -13.29 1.19 -23.74
CA LYS N 57 -12.68 0.09 -24.49
C LYS N 57 -12.20 -1.05 -23.55
N GLU N 58 -12.97 -2.15 -23.51
CA GLU N 58 -12.70 -3.31 -22.66
C GLU N 58 -12.26 -4.53 -23.48
N ASP N 59 -11.28 -5.28 -22.97
CA ASP N 59 -10.74 -6.50 -23.57
C ASP N 59 -10.40 -7.50 -22.47
N GLY N 60 -11.44 -8.16 -21.96
CA GLY N 60 -11.33 -9.14 -20.88
C GLY N 60 -11.01 -8.50 -19.54
N ARG N 61 -9.78 -8.71 -19.06
CA ARG N 61 -9.29 -8.18 -17.79
C ARG N 61 -8.68 -6.77 -17.94
N PHE N 62 -8.30 -6.40 -19.18
CA PHE N 62 -7.69 -5.11 -19.49
C PHE N 62 -8.72 -4.08 -19.97
N THR N 63 -8.76 -2.92 -19.30
CA THR N 63 -9.67 -1.82 -19.60
C THR N 63 -8.94 -0.48 -19.47
N ILE N 64 -9.10 0.41 -20.47
CA ILE N 64 -8.51 1.76 -20.46
C ILE N 64 -9.60 2.76 -20.02
N PHE N 65 -9.19 3.93 -19.51
CA PHE N 65 -10.11 4.99 -19.11
C PHE N 65 -9.58 6.31 -19.61
N PHE N 66 -10.14 6.78 -20.73
CA PHE N 66 -9.74 8.02 -21.40
C PHE N 66 -10.57 9.23 -20.98
N ASN N 67 -9.89 10.36 -20.73
CA ASN N 67 -10.47 11.65 -20.35
C ASN N 67 -9.81 12.74 -21.21
N LYS N 68 -10.56 13.27 -22.18
CA LYS N 68 -10.08 14.30 -23.11
C LYS N 68 -9.90 15.67 -22.45
N ARG N 69 -10.76 16.03 -21.47
CA ARG N 69 -10.69 17.32 -20.77
C ARG N 69 -9.43 17.46 -19.90
N GLU N 70 -9.14 16.45 -19.06
CA GLU N 70 -7.96 16.46 -18.19
C GLU N 70 -6.71 15.95 -18.89
N LYS N 71 -6.84 15.41 -20.13
CA LYS N 71 -5.77 14.85 -20.95
C LYS N 71 -5.03 13.70 -20.24
N LYS N 72 -5.80 12.84 -19.55
CA LYS N 72 -5.29 11.70 -18.79
C LYS N 72 -5.86 10.36 -19.27
N LEU N 73 -5.05 9.30 -19.12
CA LEU N 73 -5.38 7.92 -19.48
C LEU N 73 -4.98 7.00 -18.34
N SER N 74 -5.73 5.92 -18.13
CA SER N 74 -5.40 4.95 -17.09
C SER N 74 -5.72 3.54 -17.53
N LEU N 75 -4.76 2.63 -17.34
CA LEU N 75 -4.88 1.21 -17.67
C LEU N 75 -5.23 0.44 -16.39
N HIS N 76 -6.46 -0.10 -16.36
CA HIS N 76 -6.99 -0.87 -15.25
C HIS N 76 -6.92 -2.35 -15.59
N ILE N 77 -6.12 -3.11 -14.85
CA ILE N 77 -5.97 -4.55 -15.04
C ILE N 77 -6.51 -5.24 -13.77
N THR N 78 -7.71 -5.85 -13.90
CA THR N 78 -8.41 -6.56 -12.83
C THR N 78 -7.95 -8.00 -12.74
N ASP N 79 -7.97 -8.58 -11.52
CA ASP N 79 -7.56 -9.95 -11.20
C ASP N 79 -6.13 -10.21 -11.73
N SER N 80 -5.16 -9.44 -11.20
CA SER N 80 -3.75 -9.51 -11.60
C SER N 80 -3.13 -10.88 -11.33
N GLN N 81 -2.77 -11.57 -12.41
CA GLN N 81 -2.13 -12.89 -12.40
C GLN N 81 -0.61 -12.71 -12.55
N PRO N 82 0.25 -13.57 -11.94
CA PRO N 82 1.71 -13.39 -12.08
C PRO N 82 2.26 -13.29 -13.51
N GLY N 83 1.48 -13.76 -14.49
CA GLY N 83 1.81 -13.72 -15.91
C GLY N 83 1.73 -12.33 -16.53
N ASP N 84 1.13 -11.37 -15.81
CA ASP N 84 0.98 -9.98 -16.25
C ASP N 84 2.20 -9.12 -15.89
N SER N 85 3.15 -9.68 -15.12
CA SER N 85 4.40 -9.03 -14.69
C SER N 85 5.25 -8.67 -15.91
N ALA N 86 5.10 -7.43 -16.39
CA ALA N 86 5.81 -6.91 -17.57
C ALA N 86 5.91 -5.39 -17.55
N THR N 87 6.69 -4.82 -18.49
CA THR N 87 6.84 -3.37 -18.63
C THR N 87 5.80 -2.90 -19.63
N TYR N 88 4.93 -1.98 -19.21
CA TYR N 88 3.84 -1.44 -20.03
C TYR N 88 4.17 -0.05 -20.54
N PHE N 89 4.14 0.13 -21.87
CA PHE N 89 4.41 1.40 -22.53
C PHE N 89 3.15 1.95 -23.16
N CYS N 90 2.86 3.23 -22.91
CA CYS N 90 1.71 3.89 -23.51
C CYS N 90 2.20 4.78 -24.64
N ALA N 91 1.66 4.57 -25.85
CA ALA N 91 2.02 5.32 -27.03
C ALA N 91 0.93 6.32 -27.41
N ALA N 92 1.28 7.32 -28.24
CA ALA N 92 0.36 8.35 -28.70
C ALA N 92 0.59 8.68 -30.17
N SER N 93 -0.49 8.95 -30.91
CA SER N 93 -0.45 9.29 -32.33
C SER N 93 -1.41 10.40 -32.70
N GLU N 94 -0.99 11.25 -33.66
CA GLU N 94 -1.76 12.35 -34.22
C GLU N 94 -2.01 12.09 -35.71
N THR N 95 -2.99 12.79 -36.32
CA THR N 95 -3.33 12.65 -37.75
C THR N 95 -2.14 13.00 -38.67
N SER N 96 -1.38 14.06 -38.30
CA SER N 96 -0.20 14.52 -39.04
C SER N 96 1.06 13.75 -38.62
N GLY N 97 1.04 12.44 -38.88
CA GLY N 97 2.12 11.53 -38.54
C GLY N 97 1.62 10.31 -37.79
N SER N 98 0.53 9.70 -38.30
CA SER N 98 -0.13 8.51 -37.74
C SER N 98 0.80 7.29 -37.68
N TRP N 99 1.81 7.26 -38.57
CA TRP N 99 2.83 6.20 -38.63
C TRP N 99 3.76 6.23 -37.42
N GLN N 100 4.01 7.43 -36.86
CA GLN N 100 4.91 7.65 -35.72
C GLN N 100 4.20 7.50 -34.39
N LEU N 101 4.80 6.68 -33.50
CA LEU N 101 4.31 6.45 -32.15
C LEU N 101 5.23 7.12 -31.15
N ILE N 102 4.66 7.97 -30.28
CA ILE N 102 5.43 8.66 -29.24
C ILE N 102 5.19 7.89 -27.95
N PHE N 103 6.19 7.07 -27.56
CA PHE N 103 6.14 6.22 -26.38
C PHE N 103 6.47 6.95 -25.09
N GLY N 104 5.89 6.47 -23.99
CA GLY N 104 6.15 6.97 -22.65
C GLY N 104 7.27 6.16 -22.02
N SER N 105 7.88 6.68 -20.93
CA SER N 105 9.00 6.04 -20.22
C SER N 105 8.79 4.56 -19.88
N GLY N 106 7.55 4.20 -19.53
CA GLY N 106 7.18 2.82 -19.20
C GLY N 106 7.02 2.55 -17.73
N THR N 107 6.03 1.71 -17.38
CA THR N 107 5.75 1.29 -16.00
C THR N 107 5.98 -0.21 -15.90
N THR N 108 6.96 -0.61 -15.05
CA THR N 108 7.30 -2.01 -14.82
C THR N 108 6.44 -2.56 -13.67
N VAL N 109 5.45 -3.41 -14.01
CA VAL N 109 4.57 -3.99 -13.01
C VAL N 109 5.15 -5.33 -12.51
N SER N 110 4.97 -5.59 -11.21
CA SER N 110 5.43 -6.81 -10.55
C SER N 110 4.31 -7.33 -9.66
N VAL N 111 3.54 -8.30 -10.18
CA VAL N 111 2.43 -8.86 -9.41
C VAL N 111 2.94 -10.03 -8.56
N SER N 112 3.01 -9.78 -7.24
CA SER N 112 3.48 -10.70 -6.20
C SER N 112 2.46 -11.81 -5.96
N PRO N 113 2.88 -13.09 -5.84
CA PRO N 113 1.90 -14.16 -5.59
C PRO N 113 1.52 -14.27 -4.11
N ASN N 114 0.43 -15.02 -3.83
CA ASN N 114 -0.06 -15.23 -2.48
C ASN N 114 0.57 -16.48 -1.85
N ILE N 115 1.43 -16.28 -0.84
CA ILE N 115 2.13 -17.35 -0.13
C ILE N 115 1.22 -17.85 1.01
N GLN N 116 0.72 -19.09 0.89
CA GLN N 116 -0.18 -19.71 1.86
C GLN N 116 0.50 -20.07 3.18
N ASN N 117 1.50 -20.98 3.14
CA ASN N 117 2.23 -21.43 4.33
C ASN N 117 3.72 -21.00 4.29
N PRO N 118 4.06 -19.80 4.82
CA PRO N 118 5.47 -19.36 4.76
C PRO N 118 6.35 -19.89 5.88
N ASP N 119 7.53 -20.43 5.51
CA ASP N 119 8.55 -20.95 6.44
C ASP N 119 9.87 -20.19 6.19
N PRO N 120 10.00 -18.91 6.62
CA PRO N 120 11.25 -18.16 6.33
C PRO N 120 12.46 -18.77 7.02
N ALA N 121 13.43 -19.26 6.22
CA ALA N 121 14.64 -19.92 6.71
C ALA N 121 15.87 -19.67 5.83
N VAL N 122 17.07 -19.75 6.42
CA VAL N 122 18.35 -19.57 5.75
C VAL N 122 19.11 -20.92 5.74
N TYR N 123 19.56 -21.37 4.55
CA TYR N 123 20.28 -22.62 4.38
C TYR N 123 21.63 -22.44 3.69
N GLN N 124 22.60 -23.34 3.99
CA GLN N 124 23.94 -23.33 3.38
C GLN N 124 24.01 -24.38 2.28
N LEU N 125 24.68 -24.03 1.16
CA LEU N 125 24.84 -24.89 -0.02
C LEU N 125 26.28 -24.87 -0.52
N ARG N 126 26.86 -26.07 -0.80
CA ARG N 126 28.24 -26.21 -1.30
C ARG N 126 28.45 -27.48 -2.13
N ASP N 127 29.21 -27.35 -3.25
CA ASP N 127 29.56 -28.45 -4.16
C ASP N 127 30.82 -28.12 -4.97
N SER N 128 31.70 -29.14 -5.17
CA SER N 128 32.97 -29.14 -5.90
C SER N 128 34.08 -28.31 -5.23
N LYS N 129 35.34 -28.80 -5.33
CA LYS N 129 36.53 -28.17 -4.75
C LYS N 129 36.93 -26.93 -5.53
N ASP N 132 35.72 -24.51 -2.38
CA ASP N 132 35.63 -24.43 -0.92
C ASP N 132 34.56 -23.42 -0.46
N LYS N 133 34.18 -22.46 -1.33
CA LYS N 133 33.18 -21.43 -1.04
C LYS N 133 31.75 -22.00 -0.95
N SER N 134 30.92 -21.38 -0.09
CA SER N 134 29.53 -21.76 0.13
C SER N 134 28.56 -20.68 -0.37
N VAL N 135 27.26 -21.01 -0.39
CA VAL N 135 26.17 -20.14 -0.83
C VAL N 135 25.05 -20.20 0.21
N CYS N 136 24.56 -19.02 0.64
CA CYS N 136 23.48 -18.88 1.61
C CYS N 136 22.18 -18.57 0.89
N LEU N 137 21.10 -19.29 1.23
CA LEU N 137 19.80 -19.14 0.59
C LEU N 137 18.67 -18.88 1.58
N PHE N 138 18.02 -17.72 1.43
CA PHE N 138 16.87 -17.30 2.23
C PHE N 138 15.63 -17.55 1.37
N THR N 139 14.82 -18.56 1.74
CA THR N 139 13.63 -18.97 0.97
C THR N 139 12.38 -19.16 1.84
N ASP N 140 11.22 -19.39 1.17
CA ASP N 140 9.87 -19.63 1.72
C ASP N 140 9.37 -18.48 2.62
N PHE N 141 9.77 -17.24 2.29
CA PHE N 141 9.37 -16.03 3.01
C PHE N 141 8.23 -15.32 2.27
N ASP N 142 7.35 -14.63 3.01
CA ASP N 142 6.19 -13.92 2.43
C ASP N 142 6.61 -12.78 1.50
N SER N 143 5.79 -12.51 0.47
CA SER N 143 6.01 -11.47 -0.54
C SER N 143 5.97 -10.04 0.03
N GLN N 144 5.38 -9.86 1.23
CA GLN N 144 5.26 -8.57 1.94
C GLN N 144 6.64 -8.06 2.40
N THR N 145 7.56 -8.99 2.73
CA THR N 145 8.94 -8.68 3.16
C THR N 145 9.87 -8.56 1.96
N ASN N 146 10.79 -7.57 1.99
CA ASN N 146 11.76 -7.32 0.92
C ASN N 146 13.21 -7.50 1.39
N VAL N 147 14.07 -7.99 0.49
CA VAL N 147 15.49 -8.24 0.75
C VAL N 147 16.32 -6.95 0.56
N SER N 148 17.43 -6.81 1.32
CA SER N 148 18.33 -5.66 1.28
C SER N 148 19.74 -6.08 0.87
N GLN N 149 20.34 -5.33 -0.07
CA GLN N 149 21.70 -5.60 -0.57
C GLN N 149 22.78 -5.20 0.44
N SER N 150 23.87 -5.98 0.49
CA SER N 150 25.00 -5.77 1.39
C SER N 150 25.85 -4.55 1.02
N LYS N 151 26.56 -3.98 2.01
CA LYS N 151 27.43 -2.82 1.85
C LYS N 151 28.89 -3.25 1.66
N ASP N 152 29.25 -4.47 2.13
CA ASP N 152 30.60 -5.05 2.05
C ASP N 152 31.02 -5.32 0.61
N SER N 153 32.33 -5.14 0.33
CA SER N 153 32.95 -5.33 -0.98
C SER N 153 32.99 -6.80 -1.40
N ASP N 154 33.08 -7.72 -0.41
CA ASP N 154 33.15 -9.17 -0.64
C ASP N 154 31.79 -9.88 -0.61
N VAL N 155 30.79 -9.30 0.09
CA VAL N 155 29.45 -9.91 0.22
C VAL N 155 28.53 -9.49 -0.95
N TYR N 156 27.97 -10.49 -1.66
CA TYR N 156 27.07 -10.29 -2.79
C TYR N 156 25.67 -10.84 -2.47
N ILE N 157 24.63 -10.01 -2.60
CA ILE N 157 23.24 -10.40 -2.34
C ILE N 157 22.35 -10.08 -3.55
N THR N 158 21.60 -11.08 -4.04
CA THR N 158 20.67 -10.94 -5.17
C THR N 158 19.27 -10.54 -4.70
N ASP N 159 18.49 -9.90 -5.59
CA ASP N 159 17.13 -9.43 -5.34
C ASP N 159 16.12 -10.57 -5.09
N LYS N 160 14.95 -10.23 -4.48
CA LYS N 160 13.85 -11.14 -4.19
C LYS N 160 13.29 -11.68 -5.50
N CYS N 161 13.57 -12.97 -5.77
CA CYS N 161 13.18 -13.66 -7.00
C CYS N 161 12.08 -14.71 -6.75
N VAL N 162 11.04 -14.71 -7.61
CA VAL N 162 9.87 -15.61 -7.50
C VAL N 162 10.07 -16.90 -8.30
N LEU N 163 9.75 -18.04 -7.66
CA LEU N 163 9.83 -19.41 -8.16
C LEU N 163 8.42 -20.03 -8.17
N ASP N 164 8.10 -20.84 -9.18
CA ASP N 164 6.79 -21.49 -9.29
C ASP N 164 6.85 -22.96 -9.72
N MET N 165 6.28 -23.86 -8.91
CA MET N 165 6.18 -25.29 -9.16
C MET N 165 4.74 -25.58 -9.62
N ARG N 166 4.58 -25.90 -10.91
CA ARG N 166 3.28 -26.14 -11.56
C ARG N 166 2.46 -27.32 -11.01
N SER N 167 3.00 -28.56 -11.06
CA SER N 167 2.32 -29.77 -10.61
C SER N 167 1.87 -29.74 -9.16
N MET N 168 2.75 -29.26 -8.27
CA MET N 168 2.49 -29.15 -6.83
C MET N 168 1.60 -27.94 -6.49
N ASP N 169 1.44 -27.00 -7.46
CA ASP N 169 0.66 -25.75 -7.36
C ASP N 169 1.17 -24.90 -6.18
N PHE N 170 2.51 -24.77 -6.08
CA PHE N 170 3.22 -24.07 -5.03
C PHE N 170 4.13 -22.98 -5.60
N LYS N 171 4.12 -21.80 -4.94
CA LYS N 171 4.92 -20.63 -5.29
C LYS N 171 5.84 -20.27 -4.11
N SER N 172 7.10 -19.88 -4.40
CA SER N 172 8.08 -19.53 -3.37
C SER N 172 8.98 -18.36 -3.76
N ASN N 173 9.40 -17.56 -2.76
CA ASN N 173 10.31 -16.42 -2.93
C ASN N 173 11.70 -16.84 -2.46
N SER N 174 12.76 -16.39 -3.17
CA SER N 174 14.14 -16.75 -2.83
C SER N 174 15.16 -15.64 -3.08
N ALA N 175 16.23 -15.62 -2.26
CA ALA N 175 17.35 -14.68 -2.32
C ALA N 175 18.66 -15.42 -2.05
N VAL N 176 19.68 -15.17 -2.88
CA VAL N 176 21.00 -15.81 -2.81
C VAL N 176 22.07 -14.85 -2.29
N ALA N 177 22.90 -15.34 -1.34
CA ALA N 177 24.00 -14.59 -0.75
C ALA N 177 25.30 -15.41 -0.83
N TRP N 178 26.39 -14.78 -1.32
CA TRP N 178 27.69 -15.45 -1.46
C TRP N 178 28.86 -14.49 -1.26
N SER N 179 29.98 -15.01 -0.74
CA SER N 179 31.19 -14.22 -0.47
C SER N 179 32.46 -14.92 -0.89
N ASN N 180 33.50 -14.11 -1.21
CA ASN N 180 34.83 -14.59 -1.61
C ASN N 180 35.59 -15.20 -0.41
N LYS N 181 35.22 -14.77 0.82
CA LYS N 181 35.81 -15.22 2.08
C LYS N 181 35.27 -16.59 2.49
N SER N 182 36.14 -17.45 3.05
CA SER N 182 35.78 -18.79 3.52
C SER N 182 35.29 -18.77 4.99
N ASP N 183 35.47 -17.63 5.68
CA ASP N 183 35.04 -17.41 7.07
C ASP N 183 33.64 -16.76 7.16
N PHE N 184 32.90 -16.77 6.04
CA PHE N 184 31.55 -16.21 5.90
C PHE N 184 30.50 -17.24 6.34
N ALA N 185 29.57 -16.82 7.22
CA ALA N 185 28.51 -17.69 7.77
C ALA N 185 27.09 -17.20 7.46
N CYS N 186 26.10 -18.10 7.63
CA CYS N 186 24.66 -17.87 7.39
C CYS N 186 24.05 -16.84 8.34
N ALA N 187 24.52 -16.82 9.61
CA ALA N 187 24.04 -15.91 10.66
C ALA N 187 24.32 -14.43 10.34
N ASN N 188 25.51 -14.14 9.79
CA ASN N 188 25.93 -12.78 9.44
C ASN N 188 25.61 -12.38 7.99
N ALA N 189 25.07 -13.33 7.19
CA ALA N 189 24.71 -13.15 5.79
C ALA N 189 23.62 -12.10 5.54
N PHE N 190 22.51 -12.17 6.31
CA PHE N 190 21.38 -11.25 6.16
C PHE N 190 21.22 -10.30 7.38
N ASN N 191 22.36 -9.78 7.90
CA ASN N 191 22.38 -8.84 9.02
C ASN N 191 21.87 -7.47 8.61
N ASN N 192 22.17 -7.04 7.36
CA ASN N 192 21.76 -5.77 6.77
C ASN N 192 20.28 -5.81 6.36
N SER N 193 19.76 -7.02 6.07
CA SER N 193 18.37 -7.25 5.66
C SER N 193 17.46 -7.48 6.87
N ILE N 194 16.15 -7.23 6.70
CA ILE N 194 15.14 -7.41 7.75
C ILE N 194 14.84 -8.90 7.98
N ILE N 195 14.84 -9.31 9.26
CA ILE N 195 14.60 -10.69 9.68
C ILE N 195 13.19 -10.83 10.32
N PRO N 196 12.36 -11.80 9.86
CA PRO N 196 11.01 -11.93 10.44
C PRO N 196 10.99 -12.52 11.86
N GLU N 197 11.73 -13.62 12.09
CA GLU N 197 11.81 -14.27 13.41
C GLU N 197 13.27 -14.56 13.85
N ASP N 198 14.09 -15.41 13.16
CA ASP N 198 13.83 -16.19 11.94
C ASP N 198 13.79 -17.69 12.24
N THR N 199 12.87 -18.42 11.58
CA THR N 199 12.67 -19.86 11.73
C THR N 199 13.79 -20.66 11.03
N PHE N 200 14.19 -21.81 11.63
CA PHE N 200 15.18 -22.79 11.16
C PHE N 200 16.57 -22.24 10.81
N PHE N 201 17.61 -22.76 11.48
CA PHE N 201 19.01 -22.40 11.26
C PHE N 201 19.92 -23.63 11.42
N PRO N 202 20.80 -23.94 10.42
CA PRO N 202 21.66 -25.12 10.55
C PRO N 202 22.83 -24.93 11.51
N SER N 203 23.32 -26.04 12.11
CA SER N 203 24.43 -26.04 13.05
C SER N 203 25.72 -26.52 12.39
N THR O 3 5.17 -12.55 -37.21
CA THR O 3 6.38 -12.55 -36.40
C THR O 3 7.55 -11.89 -37.13
N VAL O 4 8.32 -11.06 -36.41
CA VAL O 4 9.49 -10.32 -36.91
C VAL O 4 10.78 -10.95 -36.36
N LYS O 5 11.73 -11.27 -37.26
CA LYS O 5 13.02 -11.87 -36.91
C LYS O 5 14.15 -10.85 -36.79
N GLN O 6 15.02 -11.06 -35.80
CA GLN O 6 16.20 -10.25 -35.50
C GLN O 6 17.32 -11.15 -34.97
N ASN O 7 18.44 -11.21 -35.69
CA ASN O 7 19.60 -12.03 -35.32
C ASN O 7 20.92 -11.24 -35.46
N PRO O 8 21.84 -11.31 -34.47
CA PRO O 8 21.77 -12.05 -33.19
C PRO O 8 21.02 -11.30 -32.08
N ARG O 9 20.70 -11.99 -30.98
CA ARG O 9 20.01 -11.41 -29.82
C ARG O 9 20.94 -10.46 -29.05
N TYR O 10 22.23 -10.82 -29.02
CA TYR O 10 23.31 -10.12 -28.34
C TYR O 10 24.45 -9.88 -29.34
N LYS O 11 25.02 -8.64 -29.37
CA LYS O 11 26.09 -8.23 -30.30
C LYS O 11 27.15 -7.36 -29.62
N LEU O 12 28.44 -7.58 -29.97
CA LEU O 12 29.61 -6.89 -29.42
C LEU O 12 30.48 -6.29 -30.54
N ALA O 13 30.89 -5.01 -30.39
CA ALA O 13 31.72 -4.32 -31.40
C ALA O 13 32.80 -3.41 -30.82
N ARG O 14 33.87 -3.18 -31.60
CA ARG O 14 35.00 -2.31 -31.24
C ARG O 14 34.74 -0.89 -31.76
N VAL O 15 35.32 0.13 -31.09
CA VAL O 15 35.18 1.54 -31.47
C VAL O 15 35.88 1.79 -32.81
N GLY O 16 35.11 2.30 -33.78
CA GLY O 16 35.58 2.61 -35.13
C GLY O 16 35.31 1.54 -36.16
N LYS O 17 34.67 0.42 -35.75
CA LYS O 17 34.34 -0.72 -36.62
C LYS O 17 32.90 -0.64 -37.14
N PRO O 18 32.62 -1.06 -38.40
CA PRO O 18 31.23 -0.99 -38.90
C PRO O 18 30.32 -2.07 -38.31
N VAL O 19 29.07 -1.70 -37.99
CA VAL O 19 28.06 -2.58 -37.41
C VAL O 19 26.82 -2.65 -38.31
N ASN O 20 26.39 -3.87 -38.68
CA ASN O 20 25.23 -4.08 -39.53
C ASN O 20 24.23 -5.04 -38.87
N LEU O 21 23.02 -4.55 -38.61
CA LEU O 21 21.94 -5.33 -37.99
C LEU O 21 20.86 -5.65 -39.02
N ILE O 22 20.47 -6.92 -39.11
CA ILE O 22 19.49 -7.42 -40.07
C ILE O 22 18.13 -7.67 -39.40
N CYS O 23 17.05 -7.42 -40.15
CA CYS O 23 15.67 -7.59 -39.73
C CYS O 23 14.86 -8.18 -40.89
N SER O 24 13.91 -9.08 -40.58
CA SER O 24 13.09 -9.72 -41.61
C SER O 24 11.65 -10.00 -41.17
N GLN O 25 10.73 -9.99 -42.15
CA GLN O 25 9.30 -10.28 -42.00
C GLN O 25 8.74 -10.96 -43.24
N THR O 26 7.90 -11.99 -43.04
CA THR O 26 7.28 -12.76 -44.13
C THR O 26 5.79 -12.39 -44.29
N MET O 27 5.34 -11.35 -43.58
CA MET O 27 3.96 -10.86 -43.57
C MET O 27 3.61 -9.95 -44.77
N ASN O 28 4.61 -9.65 -45.63
CA ASN O 28 4.51 -8.79 -46.83
C ASN O 28 4.04 -7.35 -46.48
N HIS O 29 4.53 -6.84 -45.34
CA HIS O 29 4.22 -5.50 -44.83
C HIS O 29 4.94 -4.40 -45.59
N ASP O 30 4.26 -3.25 -45.77
CA ASP O 30 4.79 -2.09 -46.48
C ASP O 30 5.78 -1.27 -45.64
N THR O 31 5.53 -1.16 -44.32
CA THR O 31 6.37 -0.36 -43.43
C THR O 31 7.22 -1.19 -42.47
N MET O 32 8.52 -0.85 -42.37
CA MET O 32 9.50 -1.48 -41.49
C MET O 32 10.26 -0.38 -40.71
N TYR O 33 10.09 -0.37 -39.38
CA TYR O 33 10.67 0.63 -38.47
C TYR O 33 11.93 0.12 -37.76
N TRP O 34 12.80 1.07 -37.34
CA TRP O 34 14.01 0.82 -36.56
C TRP O 34 14.01 1.76 -35.35
N TYR O 35 14.10 1.18 -34.14
CA TYR O 35 14.10 1.90 -32.87
C TYR O 35 15.39 1.66 -32.07
N GLN O 36 15.70 2.61 -31.17
CA GLN O 36 16.81 2.52 -30.23
C GLN O 36 16.21 2.53 -28.82
N LYS O 37 16.56 1.52 -28.03
CA LYS O 37 16.05 1.35 -26.66
C LYS O 37 17.21 1.33 -25.66
N LYS O 38 17.24 2.35 -24.79
CA LYS O 38 18.22 2.51 -23.72
C LYS O 38 17.54 2.16 -22.38
N PRO O 39 18.27 1.62 -21.36
CA PRO O 39 17.60 1.29 -20.07
C PRO O 39 16.86 2.45 -19.42
N ASN O 40 15.64 2.16 -18.90
CA ASN O 40 14.70 3.07 -18.24
C ASN O 40 14.26 4.24 -19.15
N GLN O 41 14.32 4.03 -20.47
CA GLN O 41 13.94 5.01 -21.50
C GLN O 41 13.01 4.38 -22.52
N ALA O 42 12.12 5.19 -23.11
CA ALA O 42 11.16 4.77 -24.14
C ALA O 42 11.89 4.47 -25.47
N PRO O 43 11.38 3.54 -26.32
CA PRO O 43 12.04 3.28 -27.60
C PRO O 43 11.97 4.52 -28.49
N LYS O 44 13.15 5.01 -28.93
CA LYS O 44 13.27 6.19 -29.78
C LYS O 44 13.31 5.78 -31.25
N LEU O 45 12.42 6.38 -32.07
CA LEU O 45 12.35 6.08 -33.50
C LEU O 45 13.57 6.68 -34.20
N LEU O 46 14.34 5.82 -34.87
CA LEU O 46 15.54 6.18 -35.60
C LEU O 46 15.20 6.49 -37.05
N LEU O 47 14.62 5.50 -37.74
CA LEU O 47 14.24 5.57 -39.15
C LEU O 47 13.22 4.50 -39.52
N PHE O 48 12.54 4.67 -40.67
CA PHE O 48 11.61 3.69 -41.20
C PHE O 48 11.66 3.62 -42.71
N TYR O 49 11.15 2.51 -43.27
CA TYR O 49 11.11 2.29 -44.71
C TYR O 49 9.69 1.97 -45.16
N TYR O 50 9.09 2.86 -45.97
CA TYR O 50 7.78 2.57 -46.56
C TYR O 50 8.07 2.16 -47.99
N ASP O 51 7.88 0.85 -48.30
CA ASP O 51 8.16 0.24 -49.60
C ASP O 51 9.65 0.45 -49.96
N LYS O 52 9.95 1.42 -50.83
CA LYS O 52 11.32 1.76 -51.24
C LYS O 52 11.77 3.13 -50.68
N ILE O 53 10.82 3.89 -50.10
CA ILE O 53 11.04 5.21 -49.53
C ILE O 53 11.63 5.13 -48.12
N LEU O 54 12.77 5.80 -47.90
CA LEU O 54 13.48 5.87 -46.63
C LEU O 54 13.21 7.21 -45.93
N ASN O 55 12.93 7.17 -44.62
CA ASN O 55 12.74 8.37 -43.82
C ASN O 55 13.59 8.24 -42.56
N ARG O 56 14.52 9.19 -42.38
CA ARG O 56 15.40 9.23 -41.22
C ARG O 56 15.07 10.47 -40.40
N GLU O 57 14.98 10.32 -39.07
CA GLU O 57 14.67 11.41 -38.16
C GLU O 57 15.83 12.42 -38.10
N ALA O 58 15.49 13.74 -38.12
CA ALA O 58 16.44 14.87 -38.11
C ALA O 58 17.53 14.81 -37.03
N ASP O 59 17.17 14.38 -35.81
CA ASP O 59 18.09 14.26 -34.68
C ASP O 59 19.03 13.05 -34.80
N THR O 60 18.64 12.07 -35.65
CA THR O 60 19.29 10.78 -35.82
C THR O 60 20.17 10.59 -37.09
N PHE O 61 19.63 10.87 -38.31
CA PHE O 61 20.19 10.64 -39.66
C PHE O 61 21.73 10.59 -39.80
N GLU O 62 22.47 11.48 -39.11
CA GLU O 62 23.95 11.55 -39.19
C GLU O 62 24.65 10.37 -38.52
N LYS O 63 23.95 9.66 -37.64
CA LYS O 63 24.46 8.52 -36.88
C LYS O 63 24.06 7.15 -37.45
N PHE O 64 22.93 7.09 -38.19
CA PHE O 64 22.42 5.83 -38.73
C PHE O 64 22.10 5.84 -40.22
N GLN O 65 22.41 4.72 -40.89
CA GLN O 65 22.13 4.48 -42.31
C GLN O 65 21.25 3.22 -42.43
N SER O 66 20.47 3.11 -43.52
CA SER O 66 19.58 1.98 -43.72
C SER O 66 19.46 1.53 -45.17
N SER O 67 19.17 0.24 -45.36
CA SER O 67 19.00 -0.38 -46.67
C SER O 67 17.85 -1.40 -46.66
N ARG O 68 17.07 -1.43 -47.75
CA ARG O 68 15.95 -2.34 -47.94
C ARG O 68 16.02 -2.91 -49.38
N PRO O 69 16.72 -4.06 -49.60
CA PRO O 69 16.83 -4.61 -50.96
C PRO O 69 15.52 -5.18 -51.49
N ASN O 70 14.71 -5.74 -50.59
CA ASN O 70 13.39 -6.33 -50.88
C ASN O 70 12.45 -6.10 -49.70
N ASN O 71 11.14 -6.38 -49.90
CA ASN O 71 10.08 -6.22 -48.91
C ASN O 71 10.36 -6.95 -47.58
N SER O 72 10.95 -8.15 -47.67
CA SER O 72 11.24 -8.99 -46.50
C SER O 72 12.36 -8.49 -45.60
N PHE O 73 13.54 -8.16 -46.16
CA PHE O 73 14.72 -7.75 -45.38
C PHE O 73 14.94 -6.25 -45.28
N CYS O 74 15.38 -5.80 -44.09
CA CYS O 74 15.71 -4.41 -43.77
C CYS O 74 16.93 -4.36 -42.86
N SER O 75 17.93 -3.54 -43.22
CA SER O 75 19.17 -3.44 -42.44
C SER O 75 19.43 -2.07 -41.83
N LEU O 76 20.12 -2.05 -40.67
CA LEU O 76 20.52 -0.85 -39.95
C LEU O 76 22.05 -0.84 -39.91
N TYR O 77 22.67 0.18 -40.53
CA TYR O 77 24.13 0.30 -40.63
C TYR O 77 24.71 1.45 -39.80
N ILE O 78 25.81 1.16 -39.09
CA ILE O 78 26.57 2.13 -38.30
C ILE O 78 27.98 2.16 -38.91
N GLY O 79 28.34 3.30 -39.50
CA GLY O 79 29.62 3.51 -40.17
C GLY O 79 30.81 3.35 -39.25
N SER O 80 30.86 4.17 -38.19
CA SER O 80 31.91 4.13 -37.18
C SER O 80 31.27 4.08 -35.81
N ALA O 81 31.26 2.88 -35.19
CA ALA O 81 30.70 2.63 -33.86
C ALA O 81 31.50 3.36 -32.78
N GLY O 82 30.76 3.88 -31.80
CA GLY O 82 31.26 4.60 -30.64
C GLY O 82 30.40 4.36 -29.42
N LEU O 83 30.97 4.55 -28.22
CA LEU O 83 30.36 4.35 -26.89
C LEU O 83 28.87 4.73 -26.76
N GLU O 84 28.43 5.80 -27.44
CA GLU O 84 27.03 6.28 -27.40
C GLU O 84 26.02 5.33 -28.10
N TYR O 85 26.48 4.49 -29.05
CA TYR O 85 25.63 3.52 -29.77
C TYR O 85 25.21 2.32 -28.90
N SER O 86 25.88 2.10 -27.75
CA SER O 86 25.60 0.99 -26.84
C SER O 86 24.17 1.02 -26.28
N ALA O 87 23.26 0.27 -26.93
CA ALA O 87 21.84 0.15 -26.60
C ALA O 87 21.20 -1.04 -27.33
N MET O 88 19.94 -1.38 -26.98
CA MET O 88 19.18 -2.44 -27.65
C MET O 88 18.50 -1.83 -28.87
N TYR O 89 18.60 -2.50 -30.03
CA TYR O 89 17.98 -2.01 -31.26
C TYR O 89 16.81 -2.90 -31.68
N LEU O 90 15.60 -2.34 -31.58
CA LEU O 90 14.36 -3.03 -31.91
C LEU O 90 13.89 -2.71 -33.32
N CYS O 91 13.44 -3.75 -34.03
CA CYS O 91 12.89 -3.61 -35.38
C CYS O 91 11.40 -3.87 -35.34
N ALA O 92 10.61 -3.01 -35.99
CA ALA O 92 9.15 -3.12 -36.04
C ALA O 92 8.64 -3.25 -37.47
N SER O 93 7.42 -3.78 -37.62
CA SER O 93 6.78 -3.96 -38.93
C SER O 93 5.30 -3.60 -38.87
N SER O 94 4.78 -2.97 -39.94
CA SER O 94 3.38 -2.56 -40.03
C SER O 94 2.87 -2.69 -41.46
N ARG O 95 1.61 -3.14 -41.63
CA ARG O 95 0.96 -3.34 -42.93
C ARG O 95 0.70 -2.03 -43.70
N ASP O 96 0.60 -0.90 -42.97
CA ASP O 96 0.37 0.43 -43.54
C ASP O 96 1.30 1.49 -42.94
N LEU O 97 1.11 2.75 -43.36
CA LEU O 97 1.82 3.91 -42.85
C LEU O 97 0.77 4.74 -42.09
N GLY O 98 0.34 4.20 -40.93
CA GLY O 98 -0.68 4.82 -40.11
C GLY O 98 -0.88 4.21 -38.74
N ARG O 99 -2.13 4.30 -38.24
CA ARG O 99 -2.56 3.83 -36.91
C ARG O 99 -2.49 2.32 -36.68
N ASP O 100 -2.52 1.49 -37.76
CA ASP O 100 -2.48 0.03 -37.66
C ASP O 100 -1.24 -0.48 -36.92
N THR O 101 -1.44 -1.57 -36.15
CA THR O 101 -0.50 -2.31 -35.29
C THR O 101 0.94 -2.39 -35.80
N GLN O 102 1.90 -2.25 -34.87
CA GLN O 102 3.34 -2.37 -35.09
C GLN O 102 3.81 -3.64 -34.41
N TYR O 103 4.32 -4.60 -35.20
CA TYR O 103 4.82 -5.89 -34.72
C TYR O 103 6.33 -5.80 -34.52
N PHE O 104 6.79 -5.95 -33.27
CA PHE O 104 8.20 -5.84 -32.92
C PHE O 104 8.95 -7.17 -32.87
N GLY O 105 10.22 -7.11 -33.25
CA GLY O 105 11.13 -8.25 -33.20
C GLY O 105 11.71 -8.43 -31.81
N PRO O 106 12.53 -9.49 -31.57
CA PRO O 106 13.07 -9.68 -30.22
C PRO O 106 14.09 -8.63 -29.77
N GLY O 107 14.77 -8.02 -30.74
CA GLY O 107 15.76 -6.98 -30.50
C GLY O 107 17.20 -7.47 -30.45
N THR O 108 18.14 -6.57 -30.75
CA THR O 108 19.58 -6.85 -30.73
C THR O 108 20.26 -5.93 -29.72
N ARG O 109 20.75 -6.50 -28.62
CA ARG O 109 21.44 -5.75 -27.58
C ARG O 109 22.88 -5.55 -28.04
N LEU O 110 23.24 -4.29 -28.37
CA LEU O 110 24.57 -3.93 -28.84
C LEU O 110 25.36 -3.19 -27.77
N THR O 111 26.60 -3.66 -27.51
CA THR O 111 27.53 -3.03 -26.58
C THR O 111 28.83 -2.74 -27.32
N VAL O 112 29.24 -1.49 -27.34
CA VAL O 112 30.44 -1.05 -28.03
C VAL O 112 31.51 -0.64 -27.02
N LEU O 113 32.70 -1.24 -27.14
CA LEU O 113 33.85 -0.96 -26.27
C LEU O 113 35.08 -0.53 -27.06
N GLU O 114 35.98 0.24 -26.41
CA GLU O 114 37.23 0.71 -27.01
C GLU O 114 38.18 -0.45 -27.33
N ASP O 115 38.15 -1.49 -26.48
CA ASP O 115 38.93 -2.72 -26.63
C ASP O 115 38.15 -3.91 -26.10
N LEU O 116 38.50 -5.12 -26.56
CA LEU O 116 37.87 -6.38 -26.17
C LEU O 116 38.74 -7.14 -25.15
N LYS O 117 39.69 -6.43 -24.53
CA LYS O 117 40.63 -6.96 -23.54
C LYS O 117 39.97 -7.34 -22.21
N ASN O 118 38.87 -6.68 -21.85
CA ASN O 118 38.13 -6.94 -20.60
C ASN O 118 37.04 -8.00 -20.77
N VAL O 119 36.85 -8.50 -22.01
CA VAL O 119 35.86 -9.54 -22.33
C VAL O 119 36.32 -10.87 -21.72
N PHE O 120 35.47 -11.48 -20.87
CA PHE O 120 35.78 -12.75 -20.18
C PHE O 120 34.59 -13.72 -20.18
N PRO O 121 34.84 -15.05 -20.39
CA PRO O 121 33.73 -16.02 -20.34
C PRO O 121 33.29 -16.30 -18.90
N PRO O 122 32.06 -16.83 -18.65
CA PRO O 122 31.65 -17.08 -17.26
C PRO O 122 32.18 -18.37 -16.65
N GLU O 123 32.23 -18.41 -15.32
CA GLU O 123 32.65 -19.57 -14.53
C GLU O 123 31.35 -20.07 -13.88
N VAL O 124 30.86 -21.23 -14.33
CA VAL O 124 29.60 -21.80 -13.86
C VAL O 124 29.85 -22.85 -12.78
N ALA O 125 29.14 -22.72 -11.63
CA ALA O 125 29.24 -23.63 -10.49
C ALA O 125 27.87 -23.96 -9.90
N VAL O 126 27.65 -25.26 -9.60
CA VAL O 126 26.42 -25.77 -8.98
C VAL O 126 26.59 -25.92 -7.48
N PHE O 127 25.55 -25.58 -6.72
CA PHE O 127 25.52 -25.70 -5.27
C PHE O 127 24.33 -26.57 -4.90
N GLU O 128 24.62 -27.77 -4.38
CA GLU O 128 23.59 -28.76 -4.08
C GLU O 128 22.98 -28.61 -2.67
N PRO O 129 21.68 -28.99 -2.48
CA PRO O 129 21.10 -28.93 -1.12
C PRO O 129 21.74 -30.01 -0.20
N SER O 130 21.80 -29.89 1.15
CA SER O 130 21.21 -29.04 2.20
C SER O 130 20.03 -29.79 2.81
N GLU O 131 20.39 -30.79 3.65
CA GLU O 131 19.48 -31.71 4.35
C GLU O 131 18.50 -31.01 5.30
N ALA O 132 18.86 -29.81 5.79
CA ALA O 132 18.02 -28.98 6.66
C ALA O 132 16.76 -28.54 5.91
N GLU O 133 16.91 -28.25 4.60
CA GLU O 133 15.84 -27.84 3.68
C GLU O 133 15.02 -29.08 3.27
N ILE O 134 15.68 -30.24 3.11
CA ILE O 134 15.09 -31.53 2.74
C ILE O 134 14.21 -32.06 3.90
N SER O 135 14.53 -31.65 5.14
CA SER O 135 13.79 -32.01 6.35
C SER O 135 12.71 -30.97 6.68
N HIS O 136 12.64 -29.86 5.89
CA HIS O 136 11.67 -28.77 6.09
C HIS O 136 11.22 -28.08 4.77
N THR O 137 10.36 -28.72 3.94
CA THR O 137 9.78 -30.08 4.08
C THR O 137 10.32 -30.95 2.92
N GLN O 138 9.48 -31.77 2.26
CA GLN O 138 9.90 -32.64 1.15
C GLN O 138 10.16 -31.86 -0.17
N LYS O 139 11.07 -30.87 -0.11
CA LYS O 139 11.48 -30.01 -1.23
C LYS O 139 12.98 -29.73 -1.17
N ALA O 140 13.64 -29.66 -2.33
CA ALA O 140 15.08 -29.42 -2.47
C ALA O 140 15.37 -28.40 -3.58
N THR O 141 16.16 -27.36 -3.29
CA THR O 141 16.51 -26.36 -4.28
C THR O 141 18.01 -26.27 -4.52
N LEU O 142 18.39 -26.32 -5.80
CA LEU O 142 19.76 -26.21 -6.28
C LEU O 142 20.01 -24.78 -6.72
N VAL O 143 21.22 -24.26 -6.46
CA VAL O 143 21.61 -22.90 -6.85
C VAL O 143 22.75 -22.97 -7.86
N CYS O 144 22.52 -22.38 -9.05
CA CYS O 144 23.46 -22.27 -10.17
C CYS O 144 24.10 -20.88 -10.05
N LEU O 145 25.44 -20.81 -10.17
CA LEU O 145 26.16 -19.55 -10.03
C LEU O 145 27.15 -19.29 -11.17
N ALA O 146 26.83 -18.32 -12.04
CA ALA O 146 27.68 -17.91 -13.16
C ALA O 146 28.39 -16.61 -12.73
N THR O 147 29.74 -16.63 -12.70
CA THR O 147 30.54 -15.49 -12.25
C THR O 147 31.73 -15.14 -13.15
N GLY O 148 32.23 -13.92 -12.98
CA GLY O 148 33.39 -13.39 -13.69
C GLY O 148 33.25 -13.28 -15.19
N PHE O 149 32.08 -12.82 -15.66
CA PHE O 149 31.83 -12.66 -17.09
C PHE O 149 31.63 -11.22 -17.52
N TYR O 150 32.07 -10.91 -18.74
CA TYR O 150 31.94 -9.60 -19.36
C TYR O 150 31.86 -9.75 -20.89
N PRO O 151 30.85 -9.14 -21.57
CA PRO O 151 29.75 -8.32 -21.02
C PRO O 151 28.64 -9.20 -20.42
N ASP O 152 27.58 -8.56 -19.88
CA ASP O 152 26.44 -9.27 -19.29
C ASP O 152 25.49 -9.83 -20.36
N HIS O 153 26.08 -10.52 -21.36
CA HIS O 153 25.39 -11.14 -22.50
C HIS O 153 25.39 -12.65 -22.25
N VAL O 154 24.41 -13.08 -21.45
CA VAL O 154 24.23 -14.47 -20.97
C VAL O 154 22.78 -14.97 -21.06
N GLU O 155 22.62 -16.29 -21.29
CA GLU O 155 21.34 -16.97 -21.35
C GLU O 155 21.43 -18.24 -20.49
N LEU O 156 20.90 -18.18 -19.26
CA LEU O 156 20.92 -19.29 -18.31
C LEU O 156 19.77 -20.26 -18.56
N SER O 157 20.06 -21.57 -18.50
CA SER O 157 19.08 -22.64 -18.70
C SER O 157 19.30 -23.83 -17.74
N TRP O 158 18.19 -24.49 -17.33
CA TRP O 158 18.22 -25.67 -16.48
C TRP O 158 17.79 -26.89 -17.28
N TRP O 159 18.62 -27.93 -17.26
CA TRP O 159 18.44 -29.21 -17.94
C TRP O 159 18.46 -30.35 -16.94
N VAL O 160 17.33 -31.08 -16.85
CA VAL O 160 17.15 -32.22 -15.96
C VAL O 160 16.95 -33.48 -16.82
N ASN O 161 17.89 -34.43 -16.70
CA ASN O 161 17.99 -35.71 -17.43
C ASN O 161 17.92 -35.50 -18.96
N GLY O 162 18.77 -34.58 -19.42
CA GLY O 162 18.95 -34.25 -20.83
C GLY O 162 17.80 -33.51 -21.49
N LYS O 163 16.93 -32.86 -20.68
CA LYS O 163 15.79 -32.10 -21.20
C LYS O 163 15.63 -30.77 -20.47
N GLU O 164 15.37 -29.69 -21.24
CA GLU O 164 15.19 -28.33 -20.71
C GLU O 164 13.94 -28.23 -19.84
N VAL O 165 14.11 -27.73 -18.61
CA VAL O 165 13.05 -27.59 -17.62
C VAL O 165 12.79 -26.10 -17.32
N HIS O 166 11.51 -25.71 -17.31
CA HIS O 166 11.07 -24.33 -17.05
C HIS O 166 10.26 -24.24 -15.75
N SER O 167 9.71 -25.37 -15.29
CA SER O 167 8.93 -25.41 -14.06
C SER O 167 9.85 -25.56 -12.86
N GLY O 168 9.69 -24.65 -11.89
CA GLY O 168 10.51 -24.62 -10.68
C GLY O 168 11.77 -23.80 -10.84
N VAL O 169 11.97 -23.17 -12.03
CA VAL O 169 13.14 -22.34 -12.33
C VAL O 169 12.88 -20.89 -11.92
N CYS O 170 13.92 -20.21 -11.43
CA CYS O 170 13.89 -18.84 -10.97
C CYS O 170 15.27 -18.21 -11.18
N THR O 171 15.41 -17.38 -12.23
CA THR O 171 16.67 -16.71 -12.60
C THR O 171 16.50 -15.20 -12.43
N ASP O 172 17.58 -14.51 -11.96
CA ASP O 172 17.61 -13.06 -11.75
C ASP O 172 17.34 -12.30 -13.05
N PRO O 173 16.48 -11.25 -13.03
CA PRO O 173 16.21 -10.50 -14.28
C PRO O 173 17.41 -9.66 -14.74
N GLN O 174 18.22 -9.18 -13.80
CA GLN O 174 19.42 -8.38 -14.06
C GLN O 174 20.61 -8.90 -13.22
N PRO O 175 21.83 -8.99 -13.80
CA PRO O 175 22.97 -9.51 -13.01
C PRO O 175 23.57 -8.48 -12.04
N LEU O 176 24.47 -8.95 -11.18
CA LEU O 176 25.16 -8.13 -10.19
C LEU O 176 26.59 -7.84 -10.60
N LYS O 177 27.10 -6.64 -10.28
CA LYS O 177 28.48 -6.25 -10.58
C LYS O 177 29.40 -6.63 -9.44
N GLU O 178 30.53 -7.28 -9.77
CA GLU O 178 31.55 -7.68 -8.81
C GLU O 178 32.39 -6.42 -8.55
N GLN O 179 32.03 -5.70 -7.47
CA GLN O 179 32.58 -4.42 -7.03
C GLN O 179 32.22 -3.31 -8.05
N PRO O 180 31.05 -2.66 -7.84
CA PRO O 180 30.57 -1.60 -8.76
C PRO O 180 31.19 -0.23 -8.56
N ALA O 181 32.31 -0.16 -7.81
CA ALA O 181 33.06 1.07 -7.52
C ALA O 181 33.84 1.60 -8.72
N LEU O 182 34.46 0.68 -9.48
CA LEU O 182 35.24 1.02 -10.69
C LEU O 182 34.56 0.51 -11.97
N ASN O 183 34.54 1.35 -13.01
CA ASN O 183 33.90 1.03 -14.28
C ASN O 183 34.77 0.07 -15.08
N ASP O 184 34.12 -0.87 -15.80
CA ASP O 184 34.73 -1.92 -16.62
C ASP O 184 35.66 -2.84 -15.77
N SER O 185 35.14 -3.85 -14.98
CA SER O 185 33.79 -4.40 -14.66
C SER O 185 33.71 -5.89 -14.93
N ARG O 186 32.98 -6.62 -14.07
CA ARG O 186 32.76 -8.07 -14.18
C ARG O 186 31.42 -8.44 -13.54
N TYR O 187 30.57 -9.17 -14.29
CA TYR O 187 29.21 -9.53 -13.86
C TYR O 187 29.06 -10.92 -13.23
N ALA O 188 27.99 -11.10 -12.43
CA ALA O 188 27.64 -12.33 -11.72
C ALA O 188 26.12 -12.53 -11.74
N LEU O 189 25.69 -13.76 -12.05
CA LEU O 189 24.27 -14.13 -12.14
C LEU O 189 23.99 -15.44 -11.39
N SER O 190 22.85 -15.51 -10.70
CA SER O 190 22.42 -16.69 -9.96
C SER O 190 21.03 -17.18 -10.41
N SER O 191 20.79 -18.49 -10.26
CA SER O 191 19.52 -19.13 -10.61
C SER O 191 19.19 -20.26 -9.64
N ARG O 192 17.89 -20.53 -9.45
CA ARG O 192 17.38 -21.57 -8.55
C ARG O 192 16.47 -22.56 -9.25
N LEU O 193 16.63 -23.86 -8.93
CA LEU O 193 15.81 -24.95 -9.43
C LEU O 193 15.29 -25.73 -8.23
N ARG O 194 13.97 -25.71 -8.00
CA ARG O 194 13.36 -26.41 -6.87
C ARG O 194 12.51 -27.59 -7.31
N VAL O 195 12.83 -28.76 -6.77
CA VAL O 195 12.16 -30.04 -7.04
C VAL O 195 11.77 -30.70 -5.70
N SER O 196 10.99 -31.80 -5.76
CA SER O 196 10.59 -32.55 -4.57
C SER O 196 11.82 -33.28 -4.02
N ALA O 197 11.91 -33.46 -2.69
CA ALA O 197 13.03 -34.14 -2.05
C ALA O 197 13.20 -35.57 -2.55
N THR O 198 12.08 -36.29 -2.77
CA THR O 198 12.06 -37.66 -3.30
C THR O 198 12.69 -37.75 -4.69
N PHE O 199 12.65 -36.65 -5.47
CA PHE O 199 13.26 -36.59 -6.80
C PHE O 199 14.77 -36.38 -6.67
N TRP O 200 15.19 -35.47 -5.77
CA TRP O 200 16.60 -35.17 -5.53
C TRP O 200 17.33 -36.35 -4.83
N GLN O 201 16.62 -37.09 -3.96
CA GLN O 201 17.18 -38.23 -3.23
C GLN O 201 17.41 -39.47 -4.12
N ASN O 202 17.19 -39.35 -5.43
CA ASN O 202 17.40 -40.42 -6.40
C ASN O 202 18.78 -40.22 -7.07
N PRO O 203 19.74 -41.17 -6.89
CA PRO O 203 21.07 -40.99 -7.50
C PRO O 203 21.15 -41.28 -9.00
N ARG O 204 19.98 -41.42 -9.67
CA ARG O 204 19.85 -41.68 -11.10
C ARG O 204 19.56 -40.40 -11.90
N ASN O 205 19.29 -39.28 -11.20
CA ASN O 205 18.96 -37.99 -11.80
C ASN O 205 20.15 -37.04 -11.96
N HIS O 206 20.28 -36.43 -13.14
CA HIS O 206 21.34 -35.51 -13.53
C HIS O 206 20.85 -34.05 -13.53
N PHE O 207 21.71 -33.10 -13.13
CA PHE O 207 21.37 -31.68 -13.04
C PHE O 207 22.44 -30.69 -13.53
N ARG O 208 22.00 -29.67 -14.27
N ARG O 208 22.00 -29.67 -14.27
CA ARG O 208 22.72 -28.53 -14.85
CA ARG O 208 22.73 -28.54 -14.85
C ARG O 208 21.63 -27.51 -15.23
C ARG O 208 21.63 -27.51 -15.23
N CYS O 209 21.80 -26.16 -15.19
CA CYS O 209 22.95 -25.27 -14.91
C CYS O 209 23.95 -25.26 -16.07
N GLN O 210 23.47 -24.68 -17.19
CA GLN O 210 24.21 -24.40 -18.43
C GLN O 210 23.95 -22.95 -18.83
N VAL O 211 25.01 -22.25 -19.24
CA VAL O 211 25.01 -20.83 -19.54
C VAL O 211 25.55 -20.54 -20.94
N GLN O 212 24.70 -19.96 -21.80
CA GLN O 212 25.07 -19.58 -23.16
C GLN O 212 25.68 -18.19 -23.10
N PHE O 213 26.98 -18.08 -23.41
CA PHE O 213 27.71 -16.81 -23.42
C PHE O 213 27.89 -16.30 -24.83
N TYR O 214 27.77 -14.97 -25.01
CA TYR O 214 27.95 -14.31 -26.29
C TYR O 214 29.19 -13.42 -26.20
N GLY O 215 30.21 -13.77 -26.98
CA GLY O 215 31.48 -13.07 -27.02
C GLY O 215 31.98 -12.83 -28.43
N LEU O 216 33.29 -13.04 -28.62
CA LEU O 216 33.99 -12.85 -29.89
C LEU O 216 33.60 -13.86 -30.97
N SER O 217 33.72 -13.45 -32.24
CA SER O 217 33.42 -14.28 -33.41
C SER O 217 34.73 -14.66 -34.11
N GLU O 218 34.66 -15.51 -35.16
CA GLU O 218 35.81 -15.96 -35.94
C GLU O 218 36.51 -14.80 -36.66
N ASN O 219 35.73 -13.82 -37.15
CA ASN O 219 36.22 -12.62 -37.83
C ASN O 219 36.98 -11.66 -36.91
N ASP O 220 36.65 -11.67 -35.61
CA ASP O 220 37.28 -10.83 -34.58
C ASP O 220 38.71 -11.26 -34.28
N GLU O 221 39.62 -10.28 -34.16
CA GLU O 221 41.04 -10.50 -33.90
C GLU O 221 41.38 -10.51 -32.42
N TRP O 222 42.34 -11.37 -32.03
CA TRP O 222 42.82 -11.53 -30.65
C TRP O 222 44.35 -11.57 -30.64
N THR O 223 44.98 -10.71 -29.81
CA THR O 223 46.44 -10.59 -29.70
C THR O 223 46.95 -11.05 -28.33
N GLN O 224 46.09 -10.99 -27.29
CA GLN O 224 46.40 -11.37 -25.90
C GLN O 224 46.87 -12.82 -25.75
N ASP O 225 47.72 -13.07 -24.74
CA ASP O 225 48.31 -14.37 -24.42
C ASP O 225 47.27 -15.43 -24.03
N ARG O 226 46.20 -15.01 -23.32
CA ARG O 226 45.11 -15.91 -22.87
C ARG O 226 44.20 -16.37 -24.02
N ALA O 227 43.35 -17.39 -23.75
CA ALA O 227 42.40 -17.96 -24.70
C ALA O 227 41.34 -16.94 -25.12
N LYS O 228 40.92 -17.00 -26.40
CA LYS O 228 39.91 -16.10 -26.96
C LYS O 228 38.54 -16.32 -26.31
N PRO O 229 37.91 -15.24 -25.80
CA PRO O 229 36.59 -15.38 -25.14
C PRO O 229 35.44 -15.40 -26.16
N VAL O 230 35.41 -16.47 -26.95
CA VAL O 230 34.42 -16.70 -28.01
C VAL O 230 33.03 -17.06 -27.44
N THR O 231 32.02 -17.09 -28.33
CA THR O 231 30.64 -17.48 -28.02
C THR O 231 30.68 -18.97 -27.66
N GLN O 232 30.42 -19.28 -26.38
CA GLN O 232 30.50 -20.64 -25.86
C GLN O 232 29.44 -20.99 -24.81
N ILE O 233 29.27 -22.29 -24.54
CA ILE O 233 28.36 -22.82 -23.52
C ILE O 233 29.21 -23.37 -22.37
N VAL O 234 29.02 -22.82 -21.16
CA VAL O 234 29.71 -23.24 -19.94
C VAL O 234 28.67 -23.85 -19.01
N SER O 235 28.93 -25.07 -18.51
CA SER O 235 27.99 -25.76 -17.63
C SER O 235 28.64 -26.38 -16.39
N ALA O 236 27.80 -26.67 -15.37
CA ALA O 236 28.19 -27.31 -14.11
C ALA O 236 27.19 -28.43 -13.83
N GLU O 237 27.70 -29.62 -13.45
CA GLU O 237 26.88 -30.81 -13.25
C GLU O 237 26.77 -31.28 -11.79
N ALA O 238 25.60 -31.84 -11.45
CA ALA O 238 25.30 -32.36 -10.11
C ALA O 238 24.34 -33.53 -10.19
N TRP O 239 24.65 -34.61 -9.45
CA TRP O 239 23.83 -35.82 -9.41
C TRP O 239 23.11 -35.91 -8.07
N GLY O 240 21.99 -36.64 -8.05
CA GLY O 240 21.17 -36.85 -6.86
C GLY O 240 21.89 -37.59 -5.75
N ARG O 241 21.55 -37.25 -4.49
CA ARG O 241 22.16 -37.86 -3.30
C ARG O 241 21.07 -38.37 -2.34
N ALA O 242 21.09 -39.68 -2.03
CA ALA O 242 20.14 -40.32 -1.12
C ALA O 242 20.43 -39.94 0.33
N ASP O 243 21.72 -39.91 0.72
CA ASP O 243 22.18 -39.56 2.07
C ASP O 243 23.20 -38.41 2.03
N GLY P 1 -37.68 -52.99 62.39
CA GLY P 1 -36.67 -53.14 61.34
C GLY P 1 -36.54 -51.91 60.46
N PRO P 2 -35.36 -51.23 60.44
CA PRO P 2 -35.21 -50.04 59.58
C PRO P 2 -34.89 -50.38 58.13
N HIS P 3 -35.56 -49.70 57.20
CA HIS P 3 -35.39 -49.88 55.75
C HIS P 3 -34.75 -48.65 55.10
N SER P 4 -34.15 -48.83 53.90
CA SER P 4 -33.47 -47.76 53.16
C SER P 4 -33.28 -48.08 51.67
N MET P 5 -33.15 -47.02 50.86
CA MET P 5 -32.88 -47.08 49.42
C MET P 5 -31.79 -46.06 49.13
N ARG P 6 -30.67 -46.49 48.50
CA ARG P 6 -29.54 -45.62 48.19
C ARG P 6 -28.97 -45.86 46.80
N TYR P 7 -28.63 -44.78 46.08
CA TYR P 7 -28.04 -44.77 44.75
C TYR P 7 -26.64 -44.19 44.83
N PHE P 8 -25.66 -45.06 44.54
CA PHE P 8 -24.24 -44.74 44.58
C PHE P 8 -23.75 -44.53 43.14
N GLU P 9 -23.49 -43.26 42.78
CA GLU P 9 -23.04 -42.86 41.45
C GLU P 9 -21.57 -42.48 41.43
N THR P 10 -20.86 -42.88 40.37
CA THR P 10 -19.44 -42.62 40.18
C THR P 10 -19.17 -42.15 38.74
N ALA P 11 -18.33 -41.12 38.60
CA ALA P 11 -17.93 -40.57 37.31
C ALA P 11 -16.44 -40.29 37.30
N VAL P 12 -15.69 -41.09 36.52
CA VAL P 12 -14.25 -40.97 36.39
C VAL P 12 -13.91 -40.42 35.02
N SER P 13 -13.24 -39.25 34.98
CA SER P 13 -12.83 -38.55 33.76
C SER P 13 -11.85 -39.38 32.96
N ARG P 14 -12.03 -39.43 31.63
N ARG P 14 -12.03 -39.43 31.63
CA ARG P 14 -11.12 -40.14 30.73
CA ARG P 14 -11.12 -40.14 30.74
C ARG P 14 -10.40 -39.12 29.84
C ARG P 14 -10.40 -39.12 29.84
N PRO P 15 -9.07 -38.89 30.05
CA PRO P 15 -8.36 -37.90 29.22
C PRO P 15 -8.24 -38.28 27.75
N GLY P 16 -8.71 -37.39 26.89
CA GLY P 16 -8.73 -37.58 25.43
C GLY P 16 -10.08 -38.03 24.90
N LEU P 17 -11.03 -38.32 25.82
CA LEU P 17 -12.39 -38.77 25.48
C LEU P 17 -13.43 -37.80 26.01
N GLU P 18 -14.51 -37.60 25.23
CA GLU P 18 -15.61 -36.68 25.55
C GLU P 18 -16.43 -37.11 26.77
N GLU P 19 -16.85 -38.39 26.82
CA GLU P 19 -17.65 -38.92 27.91
C GLU P 19 -16.82 -39.63 29.00
N PRO P 20 -17.13 -39.41 30.30
CA PRO P 20 -16.39 -40.11 31.36
C PRO P 20 -16.98 -41.50 31.61
N ARG P 21 -16.32 -42.31 32.45
CA ARG P 21 -16.83 -43.62 32.81
C ARG P 21 -17.89 -43.40 33.90
N TYR P 22 -19.16 -43.75 33.59
CA TYR P 22 -20.25 -43.57 34.53
C TYR P 22 -20.76 -44.90 35.07
N ILE P 23 -20.78 -45.03 36.40
CA ILE P 23 -21.24 -46.21 37.13
C ILE P 23 -22.33 -45.76 38.10
N SER P 24 -23.51 -46.41 38.04
CA SER P 24 -24.62 -46.12 38.95
C SER P 24 -25.09 -47.43 39.58
N VAL P 25 -24.98 -47.51 40.92
CA VAL P 25 -25.33 -48.71 41.68
C VAL P 25 -26.50 -48.42 42.63
N GLY P 26 -27.56 -49.21 42.52
CA GLY P 26 -28.73 -49.09 43.37
C GLY P 26 -28.74 -50.09 44.50
N TYR P 27 -29.12 -49.65 45.70
CA TYR P 27 -29.20 -50.47 46.91
C TYR P 27 -30.53 -50.35 47.63
N VAL P 28 -31.06 -51.48 48.12
CA VAL P 28 -32.27 -51.58 48.94
C VAL P 28 -31.86 -52.39 50.17
N ASP P 29 -31.84 -51.73 51.36
CA ASP P 29 -31.43 -52.30 52.65
C ASP P 29 -30.02 -52.89 52.58
N ASN P 30 -29.06 -52.11 52.03
CA ASN P 30 -27.64 -52.44 51.83
C ASN P 30 -27.43 -53.67 50.89
N LYS P 31 -28.40 -53.94 50.00
CA LYS P 31 -28.35 -55.02 49.03
C LYS P 31 -28.48 -54.46 47.63
N GLU P 32 -27.52 -54.77 46.76
CA GLU P 32 -27.47 -54.35 45.36
C GLU P 32 -28.63 -54.97 44.59
N PHE P 33 -29.45 -54.13 43.92
CA PHE P 33 -30.61 -54.60 43.15
C PHE P 33 -30.55 -54.19 41.68
N VAL P 34 -29.96 -53.01 41.39
CA VAL P 34 -29.78 -52.48 40.03
C VAL P 34 -28.35 -51.97 39.82
N ARG P 35 -27.87 -52.03 38.57
CA ARG P 35 -26.52 -51.57 38.23
C ARG P 35 -26.40 -51.10 36.77
N PHE P 36 -25.69 -49.97 36.59
CA PHE P 36 -25.41 -49.38 35.29
C PHE P 36 -23.91 -49.14 35.15
N ASP P 37 -23.35 -49.47 33.99
CA ASP P 37 -21.92 -49.29 33.69
C ASP P 37 -21.74 -48.91 32.23
N SER P 38 -21.06 -47.79 31.97
CA SER P 38 -20.78 -47.28 30.62
C SER P 38 -19.72 -48.13 29.89
N ASP P 39 -18.83 -48.80 30.65
CA ASP P 39 -17.76 -49.64 30.12
C ASP P 39 -18.25 -50.96 29.51
N ALA P 40 -19.50 -51.35 29.81
CA ALA P 40 -20.15 -52.57 29.30
C ALA P 40 -20.41 -52.49 27.80
N GLU P 41 -20.53 -53.66 27.13
CA GLU P 41 -20.79 -53.79 25.70
C GLU P 41 -22.08 -53.07 25.29
N ASN P 42 -23.15 -53.27 26.08
CA ASN P 42 -24.45 -52.62 25.90
C ASN P 42 -24.79 -51.86 27.19
N PRO P 43 -24.50 -50.53 27.25
CA PRO P 43 -24.77 -49.77 28.48
C PRO P 43 -26.26 -49.60 28.76
N ARG P 44 -26.76 -50.40 29.71
CA ARG P 44 -28.15 -50.47 30.17
C ARG P 44 -28.21 -50.88 31.64
N TYR P 45 -29.31 -50.53 32.33
CA TYR P 45 -29.54 -50.89 33.73
C TYR P 45 -29.84 -52.40 33.80
N GLU P 46 -29.04 -53.15 34.58
CA GLU P 46 -29.17 -54.60 34.70
C GLU P 46 -29.66 -55.02 36.09
N PRO P 47 -30.51 -56.07 36.20
CA PRO P 47 -30.95 -56.51 37.54
C PRO P 47 -29.87 -57.32 38.25
N ARG P 48 -29.57 -56.96 39.51
CA ARG P 48 -28.56 -57.64 40.31
C ARG P 48 -29.16 -58.48 41.44
N ALA P 49 -30.47 -58.31 41.67
CA ALA P 49 -31.25 -59.05 42.66
C ALA P 49 -32.26 -59.95 41.92
N PRO P 50 -32.59 -61.17 42.44
CA PRO P 50 -33.53 -62.04 41.71
C PRO P 50 -34.95 -61.50 41.59
N TRP P 51 -35.46 -60.83 42.64
CA TRP P 51 -36.81 -60.25 42.70
C TRP P 51 -37.02 -59.06 41.74
N MET P 52 -35.92 -58.53 41.16
CA MET P 52 -35.95 -57.39 40.23
C MET P 52 -36.42 -57.74 38.81
N GLU P 53 -36.63 -59.03 38.50
CA GLU P 53 -37.08 -59.46 37.18
C GLU P 53 -38.59 -59.33 36.95
N GLN P 54 -39.34 -58.91 37.99
CA GLN P 54 -40.78 -58.68 37.92
C GLN P 54 -41.09 -57.39 37.13
N GLU P 55 -40.09 -56.49 37.01
CA GLU P 55 -40.19 -55.21 36.31
C GLU P 55 -40.28 -55.38 34.79
N GLY P 56 -41.19 -54.62 34.17
CA GLY P 56 -41.44 -54.65 32.74
C GLY P 56 -40.38 -54.00 31.88
N PRO P 57 -40.44 -54.16 30.53
CA PRO P 57 -39.42 -53.55 29.65
C PRO P 57 -39.42 -52.02 29.64
N GLU P 58 -40.58 -51.39 29.89
CA GLU P 58 -40.73 -49.93 29.93
C GLU P 58 -39.97 -49.30 31.12
N TYR P 59 -39.86 -50.02 32.25
CA TYR P 59 -39.14 -49.59 33.45
C TYR P 59 -37.63 -49.48 33.17
N TRP P 60 -37.04 -50.54 32.59
CA TRP P 60 -35.61 -50.63 32.27
C TRP P 60 -35.15 -49.58 31.24
N GLU P 61 -35.98 -49.32 30.22
CA GLU P 61 -35.73 -48.31 29.19
C GLU P 61 -35.72 -46.89 29.79
N ARG P 62 -36.67 -46.62 30.71
N ARG P 62 -36.67 -46.62 30.71
CA ARG P 62 -36.83 -45.34 31.41
CA ARG P 62 -36.83 -45.35 31.41
C ARG P 62 -35.63 -45.06 32.33
C ARG P 62 -35.64 -45.07 32.34
N GLU P 63 -35.14 -46.11 33.02
CA GLU P 63 -33.99 -46.03 33.93
C GLU P 63 -32.67 -45.84 33.18
N THR P 64 -32.53 -46.47 31.99
CA THR P 64 -31.35 -46.36 31.12
C THR P 64 -31.22 -44.92 30.59
N GLN P 65 -32.37 -44.29 30.22
CA GLN P 65 -32.41 -42.90 29.73
C GLN P 65 -32.01 -41.92 30.82
N LYS P 66 -32.35 -42.23 32.10
CA LYS P 66 -31.98 -41.44 33.27
C LYS P 66 -30.45 -41.47 33.45
N ALA P 67 -29.85 -42.67 33.27
CA ALA P 67 -28.41 -42.91 33.36
C ALA P 67 -27.64 -42.21 32.25
N LYS P 68 -28.21 -42.18 31.02
CA LYS P 68 -27.62 -41.52 29.84
C LYS P 68 -27.60 -40.01 30.03
N GLY P 69 -28.62 -39.48 30.72
CA GLY P 69 -28.73 -38.06 31.07
C GLY P 69 -27.74 -37.69 32.17
N GLN P 70 -27.65 -38.55 33.21
CA GLN P 70 -26.74 -38.38 34.35
C GLN P 70 -25.28 -38.44 33.90
N GLU P 71 -24.99 -39.26 32.87
CA GLU P 71 -23.68 -39.43 32.23
C GLU P 71 -23.21 -38.09 31.67
N GLN P 72 -24.15 -37.30 31.10
CA GLN P 72 -23.89 -35.97 30.55
C GLN P 72 -23.78 -34.90 31.64
N TRP P 73 -24.58 -35.04 32.73
CA TRP P 73 -24.57 -34.10 33.87
C TRP P 73 -23.18 -34.13 34.53
N PHE P 74 -22.67 -35.34 34.81
CA PHE P 74 -21.37 -35.58 35.42
C PHE P 74 -20.23 -35.14 34.52
N ARG P 75 -20.41 -35.25 33.18
CA ARG P 75 -19.45 -34.86 32.15
C ARG P 75 -19.19 -33.33 32.20
N VAL P 76 -20.27 -32.54 32.18
CA VAL P 76 -20.20 -31.08 32.21
C VAL P 76 -19.77 -30.57 33.61
N SER P 77 -20.28 -31.19 34.71
CA SER P 77 -19.90 -30.85 36.09
C SER P 77 -18.40 -31.05 36.34
N LEU P 78 -17.82 -32.12 35.76
CA LEU P 78 -16.41 -32.49 35.82
C LEU P 78 -15.55 -31.38 35.19
N ARG P 79 -16.01 -30.83 34.05
CA ARG P 79 -15.33 -29.77 33.31
C ARG P 79 -15.37 -28.43 34.08
N ASN P 80 -16.47 -28.18 34.82
CA ASN P 80 -16.64 -26.99 35.65
C ASN P 80 -15.73 -27.04 36.88
N LEU P 81 -15.56 -28.25 37.45
CA LEU P 81 -14.70 -28.52 38.62
C LEU P 81 -13.24 -28.21 38.32
N LEU P 82 -12.80 -28.42 37.06
CA LEU P 82 -11.45 -28.16 36.56
C LEU P 82 -11.10 -26.67 36.65
N GLY P 83 -12.09 -25.82 36.35
CA GLY P 83 -11.94 -24.37 36.42
C GLY P 83 -11.91 -23.85 37.84
N TYR P 84 -12.67 -24.49 38.75
CA TYR P 84 -12.76 -24.13 40.17
C TYR P 84 -11.48 -24.42 40.95
N TYR P 85 -10.74 -25.47 40.56
CA TYR P 85 -9.50 -25.89 41.25
C TYR P 85 -8.23 -25.64 40.44
N ASN P 86 -8.36 -25.11 39.19
CA ASN P 86 -7.26 -24.85 38.25
C ASN P 86 -6.54 -26.18 37.90
N GLN P 87 -7.35 -27.18 37.51
CA GLN P 87 -6.89 -28.53 37.15
C GLN P 87 -6.83 -28.72 35.63
N SER P 88 -6.15 -29.80 35.19
CA SER P 88 -5.98 -30.12 33.77
C SER P 88 -6.85 -31.30 33.35
N ALA P 89 -7.25 -31.32 32.07
CA ALA P 89 -8.06 -32.36 31.44
C ALA P 89 -7.24 -33.62 31.18
N GLY P 90 -5.91 -33.46 31.10
CA GLY P 90 -4.95 -34.54 30.87
C GLY P 90 -4.86 -35.56 32.00
N GLY P 91 -5.36 -35.17 33.17
CA GLY P 91 -5.39 -36.00 34.36
C GLY P 91 -6.78 -36.56 34.62
N SER P 92 -6.85 -37.67 35.38
CA SER P 92 -8.11 -38.33 35.70
C SER P 92 -8.69 -37.80 37.02
N HIS P 93 -9.97 -37.39 37.00
CA HIS P 93 -10.68 -36.83 38.15
C HIS P 93 -11.94 -37.63 38.44
N THR P 94 -12.25 -37.85 39.74
N THR P 94 -12.25 -37.85 39.73
CA THR P 94 -13.40 -38.64 40.18
CA THR P 94 -13.39 -38.63 40.19
C THR P 94 -14.46 -37.78 40.87
C THR P 94 -14.47 -37.76 40.87
N LEU P 95 -15.73 -37.97 40.49
CA LEU P 95 -16.89 -37.28 41.05
C LEU P 95 -17.88 -38.36 41.51
N GLN P 96 -18.23 -38.35 42.79
CA GLN P 96 -19.12 -39.34 43.40
C GLN P 96 -20.38 -38.73 43.99
N GLN P 97 -21.49 -39.48 43.95
CA GLN P 97 -22.78 -39.06 44.47
C GLN P 97 -23.46 -40.17 45.26
N MET P 98 -24.05 -39.81 46.40
CA MET P 98 -24.83 -40.68 47.28
C MET P 98 -26.19 -40.02 47.50
N SER P 99 -27.26 -40.69 47.05
CA SER P 99 -28.62 -40.17 47.17
C SER P 99 -29.60 -41.26 47.56
N GLY P 100 -30.51 -40.94 48.48
CA GLY P 100 -31.50 -41.89 48.94
C GLY P 100 -32.36 -41.44 50.10
N CYS P 101 -33.06 -42.40 50.72
CA CYS P 101 -33.94 -42.14 51.86
C CYS P 101 -33.90 -43.28 52.87
N ASP P 102 -34.27 -42.98 54.12
CA ASP P 102 -34.33 -43.94 55.22
C ASP P 102 -35.75 -44.01 55.78
N LEU P 103 -36.21 -45.23 56.07
CA LEU P 103 -37.55 -45.49 56.62
C LEU P 103 -37.45 -46.12 58.01
N GLY P 104 -38.47 -45.90 58.83
CA GLY P 104 -38.56 -46.45 60.18
C GLY P 104 -39.29 -47.78 60.22
N SER P 105 -40.02 -48.03 61.31
CA SER P 105 -40.78 -49.26 61.53
C SER P 105 -42.02 -49.38 60.63
N ASP P 106 -42.89 -48.35 60.60
CA ASP P 106 -44.12 -48.34 59.81
C ASP P 106 -43.96 -47.71 58.40
N TRP P 107 -42.78 -47.95 57.77
CA TRP P 107 -42.39 -47.53 56.42
C TRP P 107 -42.51 -46.01 56.15
N ARG P 108 -42.40 -45.17 57.20
CA ARG P 108 -42.48 -43.71 57.05
C ARG P 108 -41.10 -43.06 56.96
N LEU P 109 -40.99 -41.98 56.16
CA LEU P 109 -39.75 -41.24 55.92
C LEU P 109 -39.10 -40.70 57.21
N LEU P 110 -37.85 -41.11 57.44
CA LEU P 110 -37.05 -40.67 58.59
C LEU P 110 -36.26 -39.42 58.19
N ARG P 111 -35.40 -39.53 57.16
CA ARG P 111 -34.62 -38.40 56.61
C ARG P 111 -34.07 -38.70 55.21
N GLY P 112 -34.05 -37.66 54.40
CA GLY P 112 -33.57 -37.67 53.02
C GLY P 112 -32.08 -37.42 52.91
N TYR P 113 -31.45 -38.10 51.93
CA TYR P 113 -30.00 -38.01 51.72
C TYR P 113 -29.64 -37.59 50.29
N LEU P 114 -28.68 -36.68 50.16
CA LEU P 114 -28.12 -36.18 48.90
C LEU P 114 -26.75 -35.56 49.15
N GLN P 115 -25.70 -36.34 48.91
CA GLN P 115 -24.30 -35.95 49.12
C GLN P 115 -23.48 -36.07 47.84
N PHE P 116 -22.44 -35.24 47.72
CA PHE P 116 -21.53 -35.22 46.58
C PHE P 116 -20.08 -35.15 47.06
N ALA P 117 -19.17 -35.80 46.32
CA ALA P 117 -17.75 -35.79 46.64
C ALA P 117 -16.88 -35.67 45.41
N TYR P 118 -15.82 -34.85 45.51
CA TYR P 118 -14.86 -34.65 44.46
C TYR P 118 -13.49 -35.06 44.97
N GLU P 119 -12.85 -36.01 44.26
CA GLU P 119 -11.52 -36.57 44.57
C GLU P 119 -11.48 -37.30 45.94
N GLY P 120 -12.59 -37.92 46.31
CA GLY P 120 -12.73 -38.68 47.54
C GLY P 120 -13.18 -37.91 48.76
N ARG P 121 -12.99 -36.57 48.75
CA ARG P 121 -13.38 -35.70 49.87
C ARG P 121 -14.72 -35.01 49.62
N ASP P 122 -15.47 -34.73 50.72
CA ASP P 122 -16.79 -34.08 50.70
C ASP P 122 -16.76 -32.74 49.97
N TYR P 123 -17.68 -32.56 49.03
CA TYR P 123 -17.80 -31.35 48.23
C TYR P 123 -19.04 -30.56 48.65
N ILE P 124 -20.24 -31.05 48.32
CA ILE P 124 -21.51 -30.42 48.68
C ILE P 124 -22.52 -31.48 49.17
N ALA P 125 -23.35 -31.10 50.15
CA ALA P 125 -24.36 -31.99 50.73
C ALA P 125 -25.64 -31.25 51.09
N LEU P 126 -26.78 -31.92 50.90
CA LEU P 126 -28.10 -31.39 51.22
C LEU P 126 -28.41 -31.74 52.68
N ASN P 127 -28.83 -30.74 53.46
CA ASN P 127 -29.15 -30.90 54.89
C ASN P 127 -30.47 -31.64 55.14
N GLU P 128 -30.77 -31.96 56.43
CA GLU P 128 -31.97 -32.68 56.88
C GLU P 128 -33.27 -32.00 56.45
N ASP P 129 -33.31 -30.65 56.47
CA ASP P 129 -34.47 -29.85 56.07
C ASP P 129 -34.77 -29.95 54.56
N LEU P 130 -33.76 -30.39 53.77
CA LEU P 130 -33.79 -30.60 52.31
C LEU P 130 -34.04 -29.28 51.55
N LYS P 131 -33.57 -28.14 52.13
CA LYS P 131 -33.73 -26.80 51.58
C LYS P 131 -32.39 -26.05 51.55
N THR P 132 -31.52 -26.33 52.54
CA THR P 132 -30.20 -25.69 52.68
C THR P 132 -29.06 -26.66 52.31
N TRP P 133 -27.97 -26.10 51.78
CA TRP P 133 -26.77 -26.85 51.37
C TRP P 133 -25.58 -26.53 52.25
N THR P 134 -24.73 -27.53 52.52
CA THR P 134 -23.50 -27.36 53.29
C THR P 134 -22.29 -27.55 52.39
N ALA P 135 -21.54 -26.46 52.17
CA ALA P 135 -20.34 -26.44 51.34
C ALA P 135 -19.09 -26.60 52.19
N ALA P 136 -18.27 -27.61 51.88
CA ALA P 136 -17.03 -27.93 52.61
C ALA P 136 -15.85 -27.05 52.26
N ASP P 137 -15.77 -26.58 50.99
CA ASP P 137 -14.67 -25.75 50.49
C ASP P 137 -15.16 -24.53 49.69
N MET P 138 -14.22 -23.61 49.35
CA MET P 138 -14.47 -22.38 48.60
C MET P 138 -15.07 -22.62 47.21
N ALA P 139 -14.65 -23.70 46.52
CA ALA P 139 -15.14 -24.08 45.19
C ALA P 139 -16.60 -24.54 45.27
N ALA P 140 -16.98 -25.21 46.37
CA ALA P 140 -18.33 -25.71 46.63
C ALA P 140 -19.30 -24.56 46.94
N GLN P 141 -18.77 -23.42 47.42
CA GLN P 141 -19.55 -22.20 47.74
C GLN P 141 -20.14 -21.58 46.48
N ILE P 142 -19.47 -21.77 45.32
CA ILE P 142 -19.91 -21.33 44.00
C ILE P 142 -21.10 -22.21 43.58
N THR P 143 -20.98 -23.54 43.79
CA THR P 143 -21.99 -24.55 43.50
C THR P 143 -23.27 -24.30 44.31
N ARG P 144 -23.14 -24.01 45.64
CA ARG P 144 -24.33 -23.74 46.47
C ARG P 144 -24.99 -22.42 46.09
N ARG P 145 -24.19 -21.40 45.68
CA ARG P 145 -24.70 -20.10 45.22
C ARG P 145 -25.51 -20.28 43.93
N LYS P 146 -25.10 -21.22 43.06
CA LYS P 146 -25.77 -21.55 41.80
C LYS P 146 -27.09 -22.27 42.09
N TRP P 147 -27.02 -23.37 42.88
CA TRP P 147 -28.13 -24.25 43.21
C TRP P 147 -29.21 -23.60 44.10
N GLU P 148 -28.84 -22.58 44.90
CA GLU P 148 -29.79 -21.84 45.74
C GLU P 148 -30.60 -20.88 44.86
N GLN P 149 -29.96 -20.31 43.82
CA GLN P 149 -30.55 -19.38 42.86
C GLN P 149 -31.52 -20.12 41.92
N SER P 150 -31.08 -21.27 41.37
CA SER P 150 -31.88 -22.10 40.46
C SER P 150 -32.94 -22.95 41.17
N GLY P 151 -32.82 -23.07 42.49
CA GLY P 151 -33.74 -23.84 43.33
C GLY P 151 -33.67 -25.34 43.10
N ALA P 152 -32.44 -25.90 43.13
CA ALA P 152 -32.19 -27.33 42.92
C ALA P 152 -32.75 -28.19 44.06
N ALA P 153 -32.60 -27.71 45.31
CA ALA P 153 -33.06 -28.38 46.54
C ALA P 153 -34.53 -28.80 46.53
N GLU P 154 -35.44 -27.97 45.96
CA GLU P 154 -36.87 -28.29 45.91
C GLU P 154 -37.15 -29.48 44.96
N HIS P 155 -36.37 -29.61 43.88
CA HIS P 155 -36.49 -30.72 42.93
C HIS P 155 -36.01 -32.02 43.56
N TYR P 156 -34.92 -31.95 44.35
CA TYR P 156 -34.37 -33.12 45.07
C TYR P 156 -35.29 -33.53 46.21
N LYS P 157 -35.92 -32.55 46.89
CA LYS P 157 -36.88 -32.76 47.98
C LYS P 157 -38.11 -33.49 47.46
N ALA P 158 -38.60 -33.09 46.26
CA ALA P 158 -39.76 -33.68 45.58
C ALA P 158 -39.54 -35.17 45.26
N TYR P 159 -38.30 -35.53 44.88
CA TYR P 159 -37.92 -36.91 44.58
C TYR P 159 -37.80 -37.72 45.88
N LEU P 160 -37.00 -37.23 46.85
CA LEU P 160 -36.73 -37.83 48.15
C LEU P 160 -37.98 -38.10 48.99
N GLU P 161 -38.99 -37.21 48.93
CA GLU P 161 -40.26 -37.33 49.66
C GLU P 161 -41.33 -38.09 48.86
N GLY P 162 -41.26 -37.97 47.53
CA GLY P 162 -42.21 -38.60 46.63
C GLY P 162 -41.74 -39.91 46.05
N GLU P 163 -41.19 -39.85 44.81
CA GLU P 163 -40.68 -40.96 44.00
C GLU P 163 -39.81 -41.98 44.75
N CYS P 164 -38.88 -41.51 45.61
CA CYS P 164 -37.98 -42.34 46.40
C CYS P 164 -38.74 -43.23 47.40
N VAL P 165 -39.73 -42.65 48.10
CA VAL P 165 -40.57 -43.35 49.08
C VAL P 165 -41.52 -44.32 48.37
N GLU P 166 -42.16 -43.85 47.27
CA GLU P 166 -43.10 -44.62 46.44
C GLU P 166 -42.48 -45.88 45.84
N TRP P 167 -41.27 -45.78 45.27
CA TRP P 167 -40.56 -46.91 44.67
C TRP P 167 -40.01 -47.90 45.69
N LEU P 168 -39.55 -47.40 46.86
CA LEU P 168 -39.02 -48.23 47.94
C LEU P 168 -40.11 -49.12 48.54
N HIS P 169 -41.36 -48.62 48.61
CA HIS P 169 -42.53 -49.37 49.09
C HIS P 169 -42.83 -50.53 48.14
N ARG P 170 -42.68 -50.29 46.82
CA ARG P 170 -42.91 -51.27 45.77
C ARG P 170 -41.84 -52.38 45.83
N TYR P 171 -40.56 -52.00 45.99
CA TYR P 171 -39.42 -52.93 46.06
C TYR P 171 -39.43 -53.79 47.32
N LEU P 172 -39.88 -53.23 48.45
CA LEU P 172 -39.97 -53.91 49.75
C LEU P 172 -41.03 -55.00 49.73
N LYS P 173 -42.16 -54.76 49.01
CA LYS P 173 -43.27 -55.71 48.89
C LYS P 173 -42.95 -56.79 47.83
N ASN P 174 -42.26 -56.41 46.74
CA ASN P 174 -41.86 -57.31 45.66
C ASN P 174 -40.77 -58.30 46.07
N GLY P 175 -39.94 -57.92 47.05
CA GLY P 175 -38.87 -58.75 47.58
C GLY P 175 -38.90 -58.84 49.09
N ASN P 176 -40.05 -59.25 49.65
CA ASN P 176 -40.26 -59.38 51.09
C ASN P 176 -39.62 -60.61 51.71
N ALA P 177 -39.66 -61.77 51.01
CA ALA P 177 -39.12 -63.05 51.47
C ALA P 177 -37.61 -63.07 51.73
N THR P 178 -36.82 -62.39 50.88
CA THR P 178 -35.36 -62.32 50.98
C THR P 178 -34.87 -61.20 51.93
N LEU P 179 -35.66 -60.11 52.07
CA LEU P 179 -35.31 -58.97 52.92
C LEU P 179 -35.57 -59.21 54.40
N LEU P 180 -36.66 -59.94 54.74
CA LEU P 180 -37.01 -60.27 56.13
C LEU P 180 -36.07 -61.31 56.73
N ARG P 181 -35.41 -62.12 55.87
CA ARG P 181 -34.47 -63.17 56.27
C ARG P 181 -33.18 -62.58 56.85
N THR P 182 -32.78 -63.09 58.02
CA THR P 182 -31.59 -62.64 58.76
C THR P 182 -30.68 -63.85 59.05
N ASP P 183 -29.38 -63.73 58.71
CA ASP P 183 -28.39 -64.79 58.93
C ASP P 183 -27.74 -64.63 60.30
N SER P 184 -27.93 -65.64 61.17
N SER P 184 -27.93 -65.64 61.17
CA SER P 184 -27.40 -65.67 62.54
CA SER P 184 -27.41 -65.67 62.55
C SER P 184 -26.02 -66.34 62.62
C SER P 184 -26.02 -66.34 62.62
N PRO P 185 -25.09 -65.84 63.48
CA PRO P 185 -23.75 -66.47 63.56
C PRO P 185 -23.79 -67.86 64.20
N LYS P 186 -22.95 -68.79 63.71
CA LYS P 186 -22.94 -70.18 64.16
C LYS P 186 -21.77 -70.56 65.10
N ALA P 187 -20.58 -70.83 64.55
CA ALA P 187 -19.41 -71.30 65.29
C ALA P 187 -18.07 -70.80 64.66
N HIS P 188 -16.89 -70.81 65.38
CA HIS P 188 -16.59 -71.23 66.75
C HIS P 188 -15.32 -70.57 67.28
N VAL P 189 -15.25 -70.34 68.61
CA VAL P 189 -14.09 -69.75 69.29
C VAL P 189 -12.99 -70.82 69.42
N THR P 190 -11.83 -70.58 68.78
CA THR P 190 -10.69 -71.51 68.79
C THR P 190 -9.40 -70.81 69.23
N LEU P 201 -7.27 -67.07 73.36
CA LEU P 201 -6.37 -66.20 72.61
C LEU P 201 -7.03 -65.56 71.38
N ARG P 202 -7.96 -66.28 70.72
CA ARG P 202 -8.68 -65.81 69.53
C ARG P 202 -10.17 -66.16 69.55
N CYS P 203 -11.03 -65.15 69.24
CA CYS P 203 -12.49 -65.29 69.18
C CYS P 203 -12.94 -65.15 67.72
N TRP P 204 -13.69 -66.15 67.21
CA TRP P 204 -14.16 -66.16 65.83
C TRP P 204 -15.68 -66.02 65.69
N ALA P 205 -16.11 -65.20 64.71
CA ALA P 205 -17.51 -64.97 64.37
C ALA P 205 -17.66 -65.12 62.86
N LEU P 206 -18.37 -66.19 62.43
CA LEU P 206 -18.56 -66.52 61.02
C LEU P 206 -20.02 -66.78 60.65
N GLY P 207 -20.38 -66.41 59.42
CA GLY P 207 -21.71 -66.61 58.85
C GLY P 207 -22.78 -65.73 59.47
N PHE P 208 -22.73 -64.41 59.19
CA PHE P 208 -23.70 -63.45 59.70
C PHE P 208 -24.07 -62.36 58.69
N TYR P 209 -25.30 -61.83 58.81
CA TYR P 209 -25.86 -60.77 57.96
C TYR P 209 -26.96 -60.02 58.73
N PRO P 210 -26.98 -58.66 58.77
CA PRO P 210 -26.05 -57.71 58.14
C PRO P 210 -24.66 -57.62 58.80
N ALA P 211 -23.75 -56.84 58.19
CA ALA P 211 -22.37 -56.64 58.65
C ALA P 211 -22.23 -55.88 59.97
N ASP P 212 -23.22 -55.00 60.28
CA ASP P 212 -23.22 -54.17 61.50
C ASP P 212 -23.33 -55.01 62.77
N ILE P 213 -22.18 -55.34 63.39
CA ILE P 213 -22.11 -56.14 64.63
C ILE P 213 -21.07 -55.58 65.60
N THR P 214 -21.23 -55.88 66.90
CA THR P 214 -20.34 -55.46 67.98
C THR P 214 -19.92 -56.67 68.82
N LEU P 215 -18.61 -56.82 69.06
CA LEU P 215 -18.07 -57.93 69.87
C LEU P 215 -16.92 -57.46 70.77
N THR P 216 -16.94 -57.90 72.04
CA THR P 216 -15.93 -57.56 73.04
C THR P 216 -15.26 -58.82 73.59
N MET P 228 -6.04 -54.02 70.53
CA MET P 228 -7.39 -54.41 70.94
C MET P 228 -7.60 -55.96 71.02
N GLU P 229 -7.38 -56.79 69.96
CA GLU P 229 -6.95 -56.49 68.58
C GLU P 229 -7.98 -57.06 67.58
N LEU P 230 -8.91 -56.21 67.11
CA LEU P 230 -9.94 -56.64 66.14
C LEU P 230 -9.61 -56.23 64.70
N VAL P 231 -10.24 -56.92 63.73
CA VAL P 231 -10.09 -56.67 62.29
C VAL P 231 -11.41 -56.17 61.67
N GLU P 232 -11.33 -55.57 60.47
CA GLU P 232 -12.50 -55.02 59.76
C GLU P 232 -13.44 -56.13 59.25
N THR P 233 -14.76 -55.85 59.26
CA THR P 233 -15.81 -56.79 58.81
C THR P 233 -15.64 -57.08 57.31
N ARG P 234 -15.33 -58.34 56.99
CA ARG P 234 -15.06 -58.81 55.63
C ARG P 234 -16.14 -59.77 55.08
N PRO P 235 -16.51 -59.68 53.78
CA PRO P 235 -17.52 -60.62 53.25
C PRO P 235 -16.94 -61.99 52.92
N ALA P 236 -17.67 -63.06 53.28
CA ALA P 236 -17.25 -64.44 53.02
C ALA P 236 -17.25 -64.78 51.52
N GLY P 237 -18.23 -64.27 50.79
CA GLY P 237 -18.38 -64.48 49.35
C GLY P 237 -19.71 -65.09 48.94
N ASP P 238 -20.42 -65.69 49.91
CA ASP P 238 -21.72 -66.35 49.71
C ASP P 238 -22.89 -65.54 50.32
N GLY P 239 -22.73 -64.22 50.37
CA GLY P 239 -23.72 -63.29 50.91
C GLY P 239 -23.75 -63.19 52.41
N THR P 240 -22.63 -63.53 53.08
CA THR P 240 -22.49 -63.47 54.54
C THR P 240 -21.15 -62.79 54.91
N PHE P 241 -20.97 -62.42 56.20
CA PHE P 241 -19.77 -61.73 56.67
C PHE P 241 -18.98 -62.50 57.74
N GLN P 242 -17.72 -62.08 57.99
CA GLN P 242 -16.85 -62.66 59.00
C GLN P 242 -15.97 -61.60 59.68
N LYS P 243 -15.71 -61.77 60.98
CA LYS P 243 -14.93 -60.85 61.83
C LYS P 243 -14.32 -61.61 63.02
N TRP P 244 -13.10 -61.21 63.46
CA TRP P 244 -12.41 -61.82 64.59
C TRP P 244 -11.62 -60.80 65.44
N ALA P 245 -11.37 -61.15 66.72
CA ALA P 245 -10.62 -60.31 67.66
C ALA P 245 -9.67 -61.13 68.53
N SER P 246 -8.48 -60.55 68.82
CA SER P 246 -7.45 -61.18 69.64
C SER P 246 -6.76 -60.14 70.53
N CYS P 259 -16.63 -65.45 75.64
CA CYS P 259 -16.54 -64.13 75.02
C CYS P 259 -17.93 -63.49 74.79
N ARG P 260 -17.99 -62.32 74.14
CA ARG P 260 -19.24 -61.60 73.89
C ARG P 260 -19.50 -61.35 72.40
N VAL P 261 -20.80 -61.32 72.00
CA VAL P 261 -21.27 -61.09 70.63
C VAL P 261 -22.63 -60.33 70.64
N TYR P 262 -22.83 -59.40 69.68
CA TYR P 262 -24.06 -58.61 69.58
C TYR P 262 -24.55 -58.52 68.12
N HIS P 263 -25.43 -59.45 67.73
CA HIS P 263 -26.03 -59.50 66.39
C HIS P 263 -27.51 -59.10 66.45
N GLU P 264 -27.93 -58.22 65.55
CA GLU P 264 -29.30 -57.74 65.46
C GLU P 264 -30.19 -58.77 64.75
N GLY P 265 -30.65 -59.75 65.52
CA GLY P 265 -31.49 -60.84 65.04
C GLY P 265 -31.79 -61.91 66.07
N LEU P 266 -30.93 -62.03 67.10
CA LEU P 266 -31.07 -63.01 68.18
C LEU P 266 -30.87 -62.38 69.58
N PRO P 267 -31.69 -62.75 70.60
CA PRO P 267 -31.51 -62.14 71.93
C PRO P 267 -30.55 -62.89 72.86
N GLU P 268 -29.94 -63.99 72.37
CA GLU P 268 -29.01 -64.81 73.16
C GLU P 268 -27.53 -64.63 72.75
N PRO P 269 -26.70 -63.98 73.59
CA PRO P 269 -25.27 -63.82 73.24
C PRO P 269 -24.44 -65.01 73.72
N LEU P 270 -23.47 -64.78 74.66
CA LEU P 270 -22.59 -65.77 75.29
C LEU P 270 -21.72 -66.59 74.30
N THR P 271 -21.01 -67.62 74.81
CA THR P 271 -20.14 -68.52 74.05
C THR P 271 -20.44 -69.96 74.42
N GLN Q 2 -5.99 -38.84 48.34
CA GLN Q 2 -5.56 -40.19 47.98
C GLN Q 2 -5.52 -41.10 49.20
N LYS Q 3 -6.16 -42.29 49.11
CA LYS Q 3 -6.24 -43.26 50.21
C LYS Q 3 -5.63 -44.60 49.83
N THR Q 4 -4.77 -45.15 50.72
CA THR Q 4 -4.09 -46.42 50.52
C THR Q 4 -5.05 -47.61 50.77
N PRO Q 5 -5.03 -48.68 49.93
CA PRO Q 5 -5.95 -49.80 50.16
C PRO Q 5 -5.63 -50.68 51.36
N GLN Q 6 -6.69 -51.21 52.00
CA GLN Q 6 -6.62 -52.13 53.14
C GLN Q 6 -6.87 -53.54 52.59
N ILE Q 7 -5.83 -54.37 52.61
CA ILE Q 7 -5.88 -55.74 52.05
C ILE Q 7 -6.06 -56.79 53.14
N GLN Q 8 -6.97 -57.76 52.88
CA GLN Q 8 -7.27 -58.88 53.77
C GLN Q 8 -7.39 -60.18 52.96
N VAL Q 9 -6.56 -61.19 53.29
CA VAL Q 9 -6.59 -62.50 52.62
C VAL Q 9 -7.10 -63.54 53.63
N TYR Q 10 -8.18 -64.25 53.24
CA TYR Q 10 -8.87 -65.23 54.10
C TYR Q 10 -9.65 -66.29 53.31
N SER Q 11 -10.26 -67.25 54.04
CA SER Q 11 -11.08 -68.34 53.49
C SER Q 11 -12.57 -68.08 53.74
N ARG Q 12 -13.47 -68.65 52.89
CA ARG Q 12 -14.92 -68.49 53.03
C ARG Q 12 -15.44 -69.20 54.29
N HIS Q 13 -15.01 -70.46 54.51
CA HIS Q 13 -15.38 -71.28 55.67
C HIS Q 13 -14.11 -71.64 56.46
N PRO Q 14 -14.17 -72.07 57.75
CA PRO Q 14 -12.92 -72.44 58.46
C PRO Q 14 -12.06 -73.45 57.68
N PRO Q 15 -10.74 -73.17 57.52
CA PRO Q 15 -9.89 -74.06 56.71
C PRO Q 15 -9.77 -75.50 57.19
N GLU Q 16 -9.88 -76.43 56.24
CA GLU Q 16 -9.78 -77.88 56.44
C GLU Q 16 -9.06 -78.49 55.23
N ASN Q 17 -8.02 -79.29 55.50
CA ASN Q 17 -7.19 -79.94 54.49
C ASN Q 17 -7.97 -81.02 53.73
N GLY Q 18 -8.04 -80.87 52.40
CA GLY Q 18 -8.74 -81.79 51.52
C GLY Q 18 -10.12 -81.31 51.11
N LYS Q 19 -10.83 -80.64 52.04
CA LYS Q 19 -12.18 -80.10 51.83
C LYS Q 19 -12.15 -78.89 50.88
N PRO Q 20 -13.02 -78.84 49.84
CA PRO Q 20 -12.98 -77.68 48.92
C PRO Q 20 -13.52 -76.40 49.54
N ASN Q 21 -12.73 -75.31 49.44
CA ASN Q 21 -13.07 -73.99 49.98
C ASN Q 21 -12.88 -72.88 48.94
N ILE Q 22 -13.13 -71.61 49.33
CA ILE Q 22 -13.00 -70.43 48.48
C ILE Q 22 -12.08 -69.41 49.17
N LEU Q 23 -11.00 -69.00 48.46
CA LEU Q 23 -10.02 -68.02 48.94
C LEU Q 23 -10.49 -66.63 48.53
N ASN Q 24 -10.57 -65.71 49.50
CA ASN Q 24 -11.04 -64.35 49.28
C ASN Q 24 -9.99 -63.29 49.59
N CYS Q 25 -9.94 -62.24 48.76
CA CYS Q 25 -9.06 -61.09 48.95
C CYS Q 25 -9.91 -59.84 48.95
N TYR Q 26 -10.09 -59.25 50.14
CA TYR Q 26 -10.89 -58.06 50.33
C TYR Q 26 -10.01 -56.80 50.35
N VAL Q 27 -10.12 -56.00 49.29
CA VAL Q 27 -9.37 -54.75 49.17
C VAL Q 27 -10.38 -53.59 49.25
N THR Q 28 -10.25 -52.77 50.32
CA THR Q 28 -11.14 -51.67 50.67
C THR Q 28 -10.42 -50.37 51.05
N GLN Q 29 -11.20 -49.29 51.25
CA GLN Q 29 -10.81 -47.93 51.66
C GLN Q 29 -9.73 -47.27 50.77
N PHE Q 30 -9.83 -47.49 49.44
CA PHE Q 30 -8.89 -46.91 48.48
C PHE Q 30 -9.52 -45.86 47.55
N HIS Q 31 -8.72 -44.89 47.12
CA HIS Q 31 -9.09 -43.80 46.21
C HIS Q 31 -7.81 -43.29 45.50
N PRO Q 32 -7.75 -43.15 44.14
CA PRO Q 32 -8.78 -43.36 43.11
C PRO Q 32 -9.22 -44.83 42.91
N PRO Q 33 -10.26 -45.14 42.09
CA PRO Q 33 -10.71 -46.54 41.96
C PRO Q 33 -9.80 -47.48 41.16
N HIS Q 34 -8.83 -46.93 40.40
CA HIS Q 34 -7.91 -47.73 39.59
C HIS Q 34 -7.01 -48.59 40.47
N ILE Q 35 -7.19 -49.92 40.37
CA ILE Q 35 -6.47 -50.91 41.18
C ILE Q 35 -6.20 -52.21 40.38
N GLU Q 36 -5.07 -52.86 40.66
CA GLU Q 36 -4.65 -54.12 40.02
C GLU Q 36 -4.59 -55.18 41.11
N ILE Q 37 -5.54 -56.12 41.08
CA ILE Q 37 -5.63 -57.14 42.12
C ILE Q 37 -5.68 -58.54 41.48
N GLN Q 38 -4.69 -59.38 41.80
CA GLN Q 38 -4.56 -60.74 41.28
C GLN Q 38 -4.15 -61.73 42.37
N MET Q 39 -4.87 -62.86 42.46
CA MET Q 39 -4.63 -63.93 43.43
C MET Q 39 -3.37 -64.71 43.09
N LEU Q 40 -2.51 -64.99 44.10
CA LEU Q 40 -1.26 -65.73 43.90
C LEU Q 40 -1.29 -67.13 44.50
N LYS Q 41 -0.87 -68.12 43.71
CA LYS Q 41 -0.77 -69.51 44.14
C LYS Q 41 0.71 -69.91 44.07
N ASN Q 42 1.37 -69.96 45.25
CA ASN Q 42 2.79 -70.28 45.47
C ASN Q 42 3.75 -69.19 44.93
N GLY Q 43 3.21 -68.15 44.29
CA GLY Q 43 3.99 -67.04 43.76
C GLY Q 43 3.58 -66.51 42.40
N LYS Q 44 2.45 -67.01 41.83
CA LYS Q 44 1.97 -66.55 40.52
C LYS Q 44 0.44 -66.48 40.39
N LYS Q 45 -0.02 -65.60 39.49
CA LYS Q 45 -1.41 -65.29 39.13
C LYS Q 45 -2.21 -66.53 38.68
N ILE Q 46 -3.53 -66.54 38.96
CA ILE Q 46 -4.47 -67.58 38.55
C ILE Q 46 -5.54 -66.96 37.61
N PRO Q 47 -5.66 -67.42 36.34
CA PRO Q 47 -6.64 -66.82 35.43
C PRO Q 47 -8.10 -67.13 35.78
N LYS Q 48 -8.36 -68.34 36.33
CA LYS Q 48 -9.69 -68.80 36.73
C LYS Q 48 -10.08 -68.18 38.09
N VAL Q 49 -10.39 -66.88 38.08
CA VAL Q 49 -10.75 -66.10 39.26
C VAL Q 49 -11.98 -65.19 38.98
N GLU Q 50 -12.97 -65.24 39.88
CA GLU Q 50 -14.19 -64.43 39.77
C GLU Q 50 -14.06 -63.20 40.68
N MET Q 51 -14.37 -62.01 40.15
CA MET Q 51 -14.27 -60.75 40.89
C MET Q 51 -15.59 -60.01 41.01
N SER Q 52 -15.79 -59.34 42.15
CA SER Q 52 -16.99 -58.53 42.41
C SER Q 52 -16.88 -57.22 41.62
N ASP Q 53 -18.02 -56.60 41.29
CA ASP Q 53 -18.01 -55.34 40.54
C ASP Q 53 -17.70 -54.14 41.45
N MET Q 54 -17.23 -53.03 40.85
N MET Q 54 -17.23 -53.02 40.85
CA MET Q 54 -16.83 -51.79 41.54
CA MET Q 54 -16.84 -51.79 41.54
C MET Q 54 -17.96 -51.18 42.40
C MET Q 54 -17.96 -51.18 42.40
N SER Q 55 -17.65 -50.97 43.70
CA SER Q 55 -18.58 -50.40 44.68
C SER Q 55 -17.83 -49.47 45.65
N PHE Q 56 -18.54 -48.51 46.26
CA PHE Q 56 -17.93 -47.59 47.24
C PHE Q 56 -18.78 -47.44 48.50
N SER Q 57 -18.10 -47.12 49.63
CA SER Q 57 -18.70 -46.95 50.96
C SER Q 57 -19.16 -45.50 51.22
N LYS Q 58 -19.77 -45.29 52.41
CA LYS Q 58 -20.30 -44.01 52.93
C LYS Q 58 -19.24 -42.92 52.97
N ASP Q 59 -17.99 -43.28 53.28
CA ASP Q 59 -16.84 -42.35 53.36
C ASP Q 59 -16.16 -42.12 51.99
N TRP Q 60 -16.88 -42.47 50.88
CA TRP Q 60 -16.51 -42.32 49.47
C TRP Q 60 -15.40 -43.27 49.00
N SER Q 61 -14.84 -44.06 49.92
CA SER Q 61 -13.77 -45.04 49.66
C SER Q 61 -14.30 -46.25 48.89
N PHE Q 62 -13.53 -46.72 47.90
CA PHE Q 62 -13.89 -47.87 47.06
C PHE Q 62 -13.53 -49.20 47.69
N TYR Q 63 -14.31 -50.26 47.34
CA TYR Q 63 -14.09 -51.63 47.82
C TYR Q 63 -14.42 -52.66 46.74
N ILE Q 64 -13.59 -53.71 46.63
CA ILE Q 64 -13.73 -54.79 45.64
C ILE Q 64 -13.25 -56.14 46.23
N LEU Q 65 -13.96 -57.25 45.90
CA LEU Q 65 -13.67 -58.60 46.40
C LEU Q 65 -13.31 -59.60 45.29
N ALA Q 66 -12.14 -60.23 45.41
CA ALA Q 66 -11.66 -61.25 44.48
C ALA Q 66 -11.77 -62.62 45.13
N HIS Q 67 -12.37 -63.60 44.43
CA HIS Q 67 -12.56 -64.95 44.94
C HIS Q 67 -12.28 -66.05 43.92
N THR Q 68 -11.75 -67.19 44.39
CA THR Q 68 -11.42 -68.36 43.59
C THR Q 68 -11.58 -69.67 44.38
N GLU Q 69 -11.99 -70.75 43.69
CA GLU Q 69 -12.16 -72.08 44.29
C GLU Q 69 -10.79 -72.74 44.50
N PHE Q 70 -10.55 -73.29 45.70
CA PHE Q 70 -9.26 -73.92 46.04
C PHE Q 70 -9.38 -75.05 47.07
N THR Q 71 -8.39 -75.96 47.07
CA THR Q 71 -8.30 -77.07 48.02
C THR Q 71 -7.08 -76.81 48.93
N PRO Q 72 -7.30 -76.43 50.22
CA PRO Q 72 -6.16 -76.11 51.09
C PRO Q 72 -5.32 -77.31 51.55
N THR Q 73 -3.99 -77.09 51.61
CA THR Q 73 -2.96 -78.04 52.05
C THR Q 73 -1.84 -77.26 52.76
N GLU Q 74 -1.17 -77.90 53.75
CA GLU Q 74 -0.07 -77.29 54.52
C GLU Q 74 1.15 -76.94 53.68
N THR Q 75 1.43 -77.74 52.63
CA THR Q 75 2.56 -77.56 51.71
C THR Q 75 2.35 -76.34 50.79
N ASP Q 76 1.13 -76.17 50.23
CA ASP Q 76 0.79 -75.07 49.32
C ASP Q 76 0.69 -73.71 50.01
N THR Q 77 1.35 -72.71 49.41
CA THR Q 77 1.40 -71.33 49.89
C THR Q 77 0.44 -70.45 49.08
N TYR Q 78 -0.37 -69.62 49.77
CA TYR Q 78 -1.30 -68.70 49.13
C TYR Q 78 -1.05 -67.26 49.56
N ALA Q 79 -1.11 -66.33 48.60
CA ALA Q 79 -0.87 -64.89 48.79
C ALA Q 79 -1.65 -64.06 47.76
N CYS Q 80 -1.56 -62.71 47.84
CA CYS Q 80 -2.26 -61.83 46.89
C CYS Q 80 -1.50 -60.54 46.58
N ARG Q 81 -1.44 -60.21 45.28
CA ARG Q 81 -0.76 -59.04 44.73
C ARG Q 81 -1.75 -57.89 44.48
N VAL Q 82 -1.58 -56.77 45.21
CA VAL Q 82 -2.42 -55.57 45.09
C VAL Q 82 -1.54 -54.38 44.68
N LYS Q 83 -1.91 -53.69 43.59
CA LYS Q 83 -1.20 -52.52 43.08
C LYS Q 83 -2.12 -51.29 43.00
N HIS Q 84 -1.66 -50.16 43.57
CA HIS Q 84 -2.36 -48.88 43.63
C HIS Q 84 -1.36 -47.72 43.47
N ALA Q 85 -1.88 -46.50 43.18
CA ALA Q 85 -1.10 -45.27 42.98
C ALA Q 85 -0.43 -44.76 44.27
N SER Q 86 -0.93 -45.17 45.45
CA SER Q 86 -0.42 -44.74 46.75
C SER Q 86 0.95 -45.33 47.13
N MET Q 87 1.27 -46.56 46.66
CA MET Q 87 2.55 -47.20 46.97
C MET Q 87 3.42 -47.44 45.72
N ALA Q 88 4.74 -47.54 45.92
CA ALA Q 88 5.77 -47.70 44.91
C ALA Q 88 5.78 -49.05 44.19
N GLU Q 89 5.55 -50.16 44.92
CA GLU Q 89 5.57 -51.53 44.39
C GLU Q 89 4.27 -52.26 44.72
N PRO Q 90 3.84 -53.28 43.93
CA PRO Q 90 2.60 -54.00 44.32
C PRO Q 90 2.79 -54.80 45.61
N LYS Q 91 1.92 -54.52 46.61
CA LYS Q 91 1.95 -55.16 47.93
C LYS Q 91 1.52 -56.63 47.87
N THR Q 92 2.25 -57.51 48.59
CA THR Q 92 1.96 -58.94 48.67
C THR Q 92 1.60 -59.29 50.12
N VAL Q 93 0.37 -59.81 50.33
CA VAL Q 93 -0.13 -60.19 51.65
C VAL Q 93 -0.26 -61.72 51.76
N TYR Q 94 0.47 -62.31 52.73
CA TYR Q 94 0.55 -63.75 53.03
C TYR Q 94 -0.73 -64.25 53.73
N TRP Q 95 -1.17 -65.48 53.38
CA TRP Q 95 -2.36 -66.12 53.96
C TRP Q 95 -2.04 -67.20 55.00
N ASP Q 96 -2.81 -67.20 56.12
CA ASP Q 96 -2.69 -68.16 57.22
C ASP Q 96 -4.07 -68.64 57.67
N ARG Q 97 -4.12 -69.81 58.35
CA ARG Q 97 -5.34 -70.44 58.89
C ARG Q 97 -6.01 -69.54 59.94
N ASP Q 98 -5.20 -68.94 60.82
CA ASP Q 98 -5.62 -68.05 61.91
C ASP Q 98 -5.73 -66.57 61.49
N MET Q 99 -5.78 -66.31 60.17
CA MET Q 99 -5.90 -64.97 59.59
C MET Q 99 -7.03 -64.89 58.56
CA ALA R 1 -35.86 -45.72 40.77
C ALA R 1 -34.84 -44.61 41.00
N SER R 2 -33.91 -44.44 40.04
CA SER R 2 -32.86 -43.42 40.10
C SER R 2 -33.40 -42.01 39.83
N ASN R 3 -32.63 -40.99 40.24
CA ASN R 3 -32.98 -39.57 40.07
C ASN R 3 -32.08 -38.90 39.03
N GLU R 4 -32.61 -37.89 38.33
CA GLU R 4 -31.87 -37.08 37.37
C GLU R 4 -31.54 -35.74 38.02
N ASN R 5 -30.25 -35.37 38.04
CA ASN R 5 -29.79 -34.13 38.64
C ASN R 5 -30.18 -32.92 37.79
N MET R 6 -30.46 -31.79 38.44
CA MET R 6 -30.86 -30.56 37.78
C MET R 6 -29.64 -29.77 37.28
N GLU R 7 -29.35 -28.60 37.87
CA GLU R 7 -28.23 -27.75 37.48
C GLU R 7 -26.89 -28.41 37.83
N THR R 8 -25.90 -28.20 36.96
CA THR R 8 -24.53 -28.71 37.12
C THR R 8 -23.79 -27.93 38.21
N MET R 9 -22.64 -28.48 38.65
CA MET R 9 -21.79 -27.87 39.69
C MET R 9 -21.12 -26.59 39.21
N GLN S 1 -2.93 -18.71 27.47
CA GLN S 1 -4.33 -18.31 27.56
C GLN S 1 -5.19 -18.97 26.47
N GLN S 2 -6.50 -19.17 26.76
CA GLN S 2 -7.47 -19.80 25.85
C GLN S 2 -8.16 -18.77 24.93
N GLN S 3 -7.40 -17.76 24.48
CA GLN S 3 -7.90 -16.69 23.61
C GLN S 3 -7.76 -17.01 22.12
N VAL S 4 -8.70 -16.47 21.32
CA VAL S 4 -8.73 -16.61 19.86
C VAL S 4 -8.69 -15.19 19.27
N ARG S 5 -7.59 -14.84 18.58
CA ARG S 5 -7.40 -13.52 18.00
C ARG S 5 -7.65 -13.49 16.50
N GLN S 6 -8.46 -12.53 16.04
CA GLN S 6 -8.77 -12.35 14.62
C GLN S 6 -8.19 -11.04 14.11
N SER S 7 -7.44 -11.12 12.99
CA SER S 7 -6.80 -9.97 12.36
C SER S 7 -7.14 -9.87 10.87
N PRO S 8 -7.53 -8.68 10.35
CA PRO S 8 -7.72 -7.40 11.06
C PRO S 8 -9.12 -7.25 11.63
N GLN S 9 -9.42 -6.09 12.26
CA GLN S 9 -10.74 -5.83 12.84
C GLN S 9 -11.77 -5.60 11.72
N SER S 10 -11.37 -4.87 10.67
CA SER S 10 -12.19 -4.56 9.50
C SER S 10 -11.34 -4.64 8.23
N LEU S 11 -11.95 -5.06 7.11
CA LEU S 11 -11.26 -5.19 5.83
C LEU S 11 -12.15 -4.76 4.66
N THR S 12 -11.59 -3.94 3.76
CA THR S 12 -12.29 -3.45 2.56
C THR S 12 -11.53 -3.92 1.32
N VAL S 13 -12.22 -4.70 0.47
CA VAL S 13 -11.66 -5.24 -0.77
C VAL S 13 -12.54 -4.91 -1.97
N TRP S 14 -11.94 -4.83 -3.18
CA TRP S 14 -12.65 -4.55 -4.42
C TRP S 14 -13.30 -5.84 -4.94
N GLU S 15 -14.32 -5.71 -5.80
CA GLU S 15 -15.05 -6.86 -6.37
C GLU S 15 -14.14 -7.69 -7.30
N GLY S 16 -14.06 -9.00 -7.04
CA GLY S 16 -13.25 -9.93 -7.80
C GLY S 16 -11.90 -10.26 -7.17
N GLU S 17 -11.46 -9.45 -6.18
CA GLU S 17 -10.19 -9.63 -5.48
C GLU S 17 -10.28 -10.76 -4.45
N THR S 18 -9.12 -11.17 -3.89
CA THR S 18 -9.04 -12.22 -2.87
C THR S 18 -8.98 -11.60 -1.48
N ALA S 19 -9.94 -11.96 -0.61
CA ALA S 19 -10.02 -11.47 0.76
C ALA S 19 -9.37 -12.45 1.73
N ILE S 20 -8.30 -12.00 2.41
CA ILE S 20 -7.56 -12.81 3.37
C ILE S 20 -7.95 -12.41 4.80
N LEU S 21 -8.57 -13.36 5.53
CA LEU S 21 -9.04 -13.15 6.90
C LEU S 21 -8.24 -14.03 7.86
N ASN S 22 -7.22 -13.44 8.51
CA ASN S 22 -6.34 -14.16 9.42
C ASN S 22 -6.92 -14.37 10.82
N CYS S 23 -6.43 -15.43 11.50
CA CYS S 23 -6.82 -15.83 12.85
C CYS S 23 -5.68 -16.60 13.52
N SER S 24 -5.53 -16.44 14.85
CA SER S 24 -4.47 -17.09 15.63
C SER S 24 -4.93 -17.55 17.02
N TYR S 25 -4.35 -18.66 17.49
CA TYR S 25 -4.65 -19.27 18.79
C TYR S 25 -3.36 -19.60 19.58
N GLU S 26 -3.48 -19.88 20.88
CA GLU S 26 -2.34 -20.20 21.75
C GLU S 26 -2.36 -21.63 22.31
N ASP S 27 -3.55 -22.13 22.70
CA ASP S 27 -3.73 -23.46 23.27
C ASP S 27 -3.65 -24.57 22.22
N SER S 28 -2.69 -25.50 22.40
CA SER S 28 -2.44 -26.65 21.52
C SER S 28 -3.60 -27.65 21.52
N THR S 29 -4.41 -27.65 22.61
CA THR S 29 -5.56 -28.53 22.85
C THR S 29 -6.69 -28.36 21.80
N PHE S 30 -6.80 -27.17 21.16
CA PHE S 30 -7.82 -26.87 20.15
C PHE S 30 -7.63 -27.72 18.90
N ASN S 31 -8.70 -28.43 18.49
CA ASN S 31 -8.69 -29.33 17.34
C ASN S 31 -9.69 -28.96 16.24
N TYR S 32 -10.87 -28.44 16.60
CA TYR S 32 -11.92 -28.05 15.67
C TYR S 32 -11.98 -26.54 15.46
N PHE S 33 -12.02 -26.08 14.20
CA PHE S 33 -12.04 -24.66 13.87
C PHE S 33 -13.15 -24.24 12.88
N PRO S 34 -14.38 -24.00 13.37
CA PRO S 34 -15.44 -23.56 12.45
C PRO S 34 -15.49 -22.04 12.24
N TRP S 35 -15.87 -21.61 11.03
CA TRP S 35 -16.01 -20.20 10.67
C TRP S 35 -17.49 -19.88 10.50
N TYR S 36 -17.95 -18.85 11.23
CA TYR S 36 -19.34 -18.40 11.21
C TYR S 36 -19.48 -17.04 10.52
N GLN S 37 -20.46 -16.93 9.62
CA GLN S 37 -20.76 -15.74 8.83
C GLN S 37 -22.03 -15.08 9.38
N GLN S 38 -21.97 -13.78 9.70
CA GLN S 38 -23.10 -13.01 10.23
C GLN S 38 -23.46 -11.81 9.36
N PHE S 39 -24.73 -11.77 8.88
CA PHE S 39 -25.29 -10.69 8.08
C PHE S 39 -26.13 -9.74 8.97
N PRO S 40 -26.18 -8.41 8.69
CA PRO S 40 -26.99 -7.51 9.54
C PRO S 40 -28.46 -7.90 9.65
N GLY S 41 -28.94 -7.98 10.88
CA GLY S 41 -30.33 -8.35 11.17
C GLY S 41 -30.49 -9.81 11.54
N GLU S 42 -29.55 -10.67 11.13
CA GLU S 42 -29.62 -12.10 11.46
C GLU S 42 -28.40 -12.56 12.27
N GLY S 43 -28.51 -13.75 12.84
CA GLY S 43 -27.46 -14.36 13.66
C GLY S 43 -26.40 -15.07 12.87
N PRO S 44 -25.26 -15.46 13.50
CA PRO S 44 -24.19 -16.14 12.77
C PRO S 44 -24.59 -17.53 12.26
N ALA S 45 -24.11 -17.88 11.05
CA ALA S 45 -24.38 -19.17 10.42
C ALA S 45 -23.08 -19.82 9.97
N LEU S 46 -22.97 -21.15 10.15
CA LEU S 46 -21.79 -21.94 9.77
C LEU S 46 -21.51 -21.83 8.27
N LEU S 47 -20.27 -21.48 7.92
CA LEU S 47 -19.82 -21.31 6.55
C LEU S 47 -18.91 -22.48 6.14
N ILE S 48 -17.79 -22.67 6.84
CA ILE S 48 -16.79 -23.70 6.58
C ILE S 48 -16.03 -24.04 7.88
N SER S 49 -15.63 -25.32 8.05
CA SER S 49 -14.90 -25.80 9.23
C SER S 49 -13.70 -26.65 8.86
N ILE S 50 -12.71 -26.74 9.77
CA ILE S 50 -11.48 -27.53 9.59
C ILE S 50 -11.07 -28.22 10.90
N ARG S 51 -10.42 -29.39 10.77
CA ARG S 51 -9.88 -30.18 11.88
C ARG S 51 -8.36 -29.97 11.97
N SER S 52 -7.76 -30.35 13.12
CA SER S 52 -6.31 -30.23 13.35
C SER S 52 -5.47 -31.13 12.43
N VAL S 53 -6.05 -32.26 11.99
CA VAL S 53 -5.40 -33.22 11.08
C VAL S 53 -5.27 -32.65 9.65
N SER S 54 -6.29 -31.92 9.16
CA SER S 54 -6.31 -31.31 7.84
C SER S 54 -5.48 -30.01 7.80
N ASP S 55 -5.20 -29.50 6.58
CA ASP S 55 -4.42 -28.27 6.40
C ASP S 55 -4.92 -27.38 5.26
N LYS S 56 -6.09 -27.71 4.65
CA LYS S 56 -6.65 -26.92 3.55
C LYS S 56 -8.17 -26.72 3.67
N LYS S 57 -8.98 -27.71 3.21
CA LYS S 57 -10.46 -27.72 3.18
C LYS S 57 -11.03 -26.59 2.31
N GLU S 58 -11.44 -26.92 1.07
CA GLU S 58 -12.00 -25.95 0.14
C GLU S 58 -13.43 -26.31 -0.29
N ASP S 59 -14.33 -25.31 -0.22
CA ASP S 59 -15.74 -25.45 -0.59
C ASP S 59 -16.17 -24.29 -1.49
N GLY S 60 -15.77 -24.40 -2.76
CA GLY S 60 -16.07 -23.41 -3.79
C GLY S 60 -15.09 -22.26 -3.78
N ARG S 61 -15.59 -21.07 -3.42
CA ARG S 61 -14.79 -19.83 -3.36
C ARG S 61 -14.10 -19.66 -2.00
N PHE S 62 -14.61 -20.35 -0.96
CA PHE S 62 -14.08 -20.28 0.41
C PHE S 62 -13.09 -21.41 0.70
N THR S 63 -11.87 -21.03 1.13
CA THR S 63 -10.77 -21.95 1.46
C THR S 63 -10.08 -21.47 2.75
N ILE S 64 -9.86 -22.39 3.70
CA ILE S 64 -9.28 -22.06 4.99
C ILE S 64 -7.74 -21.97 4.96
N PHE S 65 -7.00 -23.11 4.87
CA PHE S 65 -5.54 -23.24 4.98
C PHE S 65 -5.18 -23.15 6.47
N PHE S 66 -4.69 -24.27 7.04
CA PHE S 66 -4.35 -24.38 8.46
C PHE S 66 -2.86 -24.67 8.68
N ASN S 67 -2.29 -24.12 9.79
CA ASN S 67 -0.90 -24.34 10.15
C ASN S 67 -0.81 -24.64 11.65
N LYS S 68 -0.54 -25.91 12.00
CA LYS S 68 -0.45 -26.38 13.38
C LYS S 68 0.84 -25.89 14.08
N ARG S 69 1.93 -25.76 13.31
CA ARG S 69 3.25 -25.31 13.80
C ARG S 69 3.21 -23.85 14.29
N GLU S 70 2.74 -22.93 13.44
CA GLU S 70 2.65 -21.50 13.72
C GLU S 70 1.36 -21.13 14.50
N LYS S 71 0.44 -22.11 14.68
CA LYS S 71 -0.86 -21.97 15.36
C LYS S 71 -1.71 -20.83 14.72
N LYS S 72 -1.67 -20.75 13.37
CA LYS S 72 -2.37 -19.74 12.60
C LYS S 72 -3.35 -20.34 11.61
N LEU S 73 -4.48 -19.64 11.44
CA LEU S 73 -5.61 -19.93 10.56
C LEU S 73 -5.74 -18.81 9.53
N SER S 74 -6.43 -19.09 8.43
CA SER S 74 -6.69 -18.12 7.36
C SER S 74 -8.08 -18.38 6.77
N LEU S 75 -8.61 -17.41 6.01
CA LEU S 75 -9.90 -17.54 5.34
C LEU S 75 -9.83 -16.78 4.02
N HIS S 76 -9.50 -17.51 2.95
CA HIS S 76 -9.36 -16.95 1.61
C HIS S 76 -10.68 -17.02 0.86
N ILE S 77 -11.12 -15.87 0.33
CA ILE S 77 -12.36 -15.77 -0.45
C ILE S 77 -12.00 -15.43 -1.90
N THR S 78 -12.07 -16.44 -2.78
CA THR S 78 -11.77 -16.35 -4.21
C THR S 78 -12.89 -15.55 -4.89
N ASP S 79 -12.52 -14.51 -5.68
CA ASP S 79 -13.43 -13.62 -6.41
C ASP S 79 -14.54 -13.06 -5.51
N SER S 80 -14.16 -12.12 -4.62
CA SER S 80 -15.06 -11.49 -3.64
C SER S 80 -16.20 -10.73 -4.30
N GLN S 81 -17.44 -11.09 -3.95
CA GLN S 81 -18.65 -10.43 -4.46
C GLN S 81 -19.32 -9.59 -3.35
N PRO S 82 -20.12 -8.53 -3.68
CA PRO S 82 -20.76 -7.72 -2.61
C PRO S 82 -21.68 -8.49 -1.66
N GLY S 83 -22.14 -9.67 -2.09
CA GLY S 83 -22.98 -10.56 -1.30
C GLY S 83 -22.24 -11.21 -0.14
N ASP S 84 -20.89 -11.17 -0.17
CA ASP S 84 -20.02 -11.73 0.86
C ASP S 84 -19.74 -10.72 1.99
N SER S 85 -20.16 -9.44 1.82
CA SER S 85 -19.97 -8.38 2.80
C SER S 85 -20.73 -8.68 4.08
N ALA S 86 -20.03 -9.29 5.05
CA ALA S 86 -20.56 -9.71 6.34
C ALA S 86 -19.45 -9.76 7.40
N THR S 87 -19.84 -9.97 8.68
CA THR S 87 -18.90 -10.10 9.79
C THR S 87 -18.57 -11.59 9.95
N TYR S 88 -17.28 -11.94 9.84
CA TYR S 88 -16.81 -13.32 9.94
C TYR S 88 -16.16 -13.59 11.28
N PHE S 89 -16.67 -14.61 11.99
CA PHE S 89 -16.17 -15.03 13.30
C PHE S 89 -15.51 -16.39 13.20
N CYS S 90 -14.31 -16.50 13.76
CA CYS S 90 -13.62 -17.79 13.82
C CYS S 90 -13.81 -18.36 15.21
N ALA S 91 -14.20 -19.63 15.28
CA ALA S 91 -14.41 -20.33 16.55
C ALA S 91 -13.38 -21.44 16.72
N ALA S 92 -13.20 -21.91 17.97
CA ALA S 92 -12.26 -22.96 18.33
C ALA S 92 -12.86 -23.90 19.36
N SER S 93 -12.55 -25.21 19.23
CA SER S 93 -13.04 -26.25 20.13
C SER S 93 -11.97 -27.27 20.49
N GLU S 94 -12.01 -27.76 21.73
CA GLU S 94 -11.12 -28.79 22.27
C GLU S 94 -11.98 -30.02 22.66
N THR S 95 -11.34 -31.20 22.81
CA THR S 95 -12.03 -32.45 23.18
C THR S 95 -12.72 -32.34 24.55
N SER S 96 -12.08 -31.66 25.52
CA SER S 96 -12.60 -31.44 26.88
C SER S 96 -13.53 -30.22 26.93
N GLY S 97 -14.63 -30.31 26.20
CA GLY S 97 -15.64 -29.25 26.11
C GLY S 97 -15.97 -28.90 24.68
N SER S 98 -16.17 -29.95 23.84
CA SER S 98 -16.50 -29.87 22.41
C SER S 98 -17.78 -29.07 22.13
N TRP S 99 -18.69 -29.03 23.12
CA TRP S 99 -19.95 -28.28 23.05
C TRP S 99 -19.72 -26.76 23.04
N GLN S 100 -18.64 -26.32 23.72
CA GLN S 100 -18.29 -24.90 23.85
C GLN S 100 -17.42 -24.40 22.71
N LEU S 101 -17.84 -23.28 22.10
CA LEU S 101 -17.13 -22.61 21.02
C LEU S 101 -16.52 -21.33 21.55
N ILE S 102 -15.20 -21.16 21.36
CA ILE S 102 -14.51 -19.96 21.78
C ILE S 102 -14.33 -19.09 20.53
N PHE S 103 -15.18 -18.06 20.40
CA PHE S 103 -15.21 -17.15 19.27
C PHE S 103 -14.15 -16.06 19.35
N GLY S 104 -13.68 -15.62 18.18
CA GLY S 104 -12.70 -14.56 18.05
C GLY S 104 -13.38 -13.21 17.90
N SER S 105 -12.59 -12.11 17.97
CA SER S 105 -13.02 -10.71 17.86
C SER S 105 -13.99 -10.46 16.68
N GLY S 106 -13.71 -11.10 15.54
CA GLY S 106 -14.53 -10.97 14.34
C GLY S 106 -13.96 -9.97 13.36
N THR S 107 -14.16 -10.23 12.05
CA THR S 107 -13.69 -9.36 10.97
C THR S 107 -14.87 -8.98 10.08
N THR S 108 -15.18 -7.68 10.04
CA THR S 108 -16.25 -7.16 9.18
C THR S 108 -15.68 -6.82 7.80
N VAL S 109 -16.04 -7.64 6.79
CA VAL S 109 -15.58 -7.44 5.43
C VAL S 109 -16.59 -6.59 4.65
N SER S 110 -16.07 -5.74 3.75
CA SER S 110 -16.88 -4.85 2.92
C SER S 110 -16.34 -4.92 1.50
N VAL S 111 -17.05 -5.67 0.64
CA VAL S 111 -16.68 -5.85 -0.76
C VAL S 111 -17.26 -4.70 -1.58
N SER S 112 -16.38 -3.77 -1.99
CA SER S 112 -16.75 -2.58 -2.77
C SER S 112 -17.20 -2.98 -4.18
N PRO S 113 -18.48 -2.76 -4.54
CA PRO S 113 -18.96 -3.13 -5.88
C PRO S 113 -18.45 -2.18 -6.96
N ASN S 114 -18.09 -2.72 -8.12
CA ASN S 114 -17.60 -1.92 -9.24
C ASN S 114 -18.75 -1.34 -10.07
N ILE S 115 -18.72 -0.02 -10.30
CA ILE S 115 -19.72 0.70 -11.10
C ILE S 115 -19.25 0.76 -12.55
N GLN S 116 -20.16 0.40 -13.49
CA GLN S 116 -19.88 0.38 -14.92
C GLN S 116 -19.70 1.78 -15.51
N ASN S 117 -20.66 2.68 -15.25
CA ASN S 117 -20.64 4.06 -15.76
C ASN S 117 -20.81 5.08 -14.61
N PRO S 118 -19.71 5.56 -14.00
CA PRO S 118 -19.85 6.51 -12.88
C PRO S 118 -20.02 7.97 -13.29
N ASP S 119 -21.04 8.63 -12.71
CA ASP S 119 -21.35 10.05 -12.93
C ASP S 119 -21.32 10.79 -11.58
N PRO S 120 -20.12 11.17 -11.05
CA PRO S 120 -20.08 11.88 -9.75
C PRO S 120 -20.69 13.28 -9.82
N ALA S 121 -21.76 13.51 -9.02
CA ALA S 121 -22.47 14.79 -8.95
C ALA S 121 -23.24 14.94 -7.63
N VAL S 122 -23.23 16.15 -7.05
CA VAL S 122 -23.94 16.46 -5.81
C VAL S 122 -25.24 17.25 -6.13
N TYR S 123 -26.38 16.78 -5.58
CA TYR S 123 -27.70 17.36 -5.83
C TYR S 123 -28.37 17.87 -4.55
N GLN S 124 -29.22 18.91 -4.68
CA GLN S 124 -29.97 19.50 -3.58
C GLN S 124 -31.41 18.96 -3.59
N LEU S 125 -31.90 18.56 -2.41
CA LEU S 125 -33.24 18.00 -2.21
C LEU S 125 -34.03 18.85 -1.23
N ARG S 126 -35.23 19.28 -1.64
CA ARG S 126 -36.12 20.10 -0.82
C ARG S 126 -37.35 19.29 -0.35
N ASP S 127 -38.45 19.98 0.04
CA ASP S 127 -39.73 19.45 0.50
C ASP S 127 -39.67 18.81 1.89
N SER S 128 -40.60 19.21 2.76
CA SER S 128 -40.80 18.72 4.13
C SER S 128 -42.27 18.98 4.59
N LYS S 129 -42.79 20.24 4.61
CA LYS S 129 -42.16 21.54 4.33
C LYS S 129 -42.24 22.41 5.59
N SER S 130 -41.33 22.15 6.54
CA SER S 130 -41.31 22.83 7.84
C SER S 130 -40.03 23.61 8.16
N SER S 131 -38.87 22.93 8.20
CA SER S 131 -37.57 23.48 8.57
C SER S 131 -37.02 24.60 7.63
N ASP S 132 -36.86 24.41 6.28
CA ASP S 132 -37.16 23.25 5.42
C ASP S 132 -35.99 22.27 5.39
N LYS S 133 -34.75 22.78 5.59
CA LYS S 133 -33.47 22.06 5.61
C LYS S 133 -33.18 21.32 4.30
N SER S 134 -32.36 21.93 3.43
CA SER S 134 -31.97 21.36 2.15
C SER S 134 -30.97 20.21 2.36
N VAL S 135 -31.30 19.02 1.83
CA VAL S 135 -30.49 17.81 1.92
C VAL S 135 -29.61 17.71 0.68
N CYS S 136 -28.29 17.51 0.89
CA CYS S 136 -27.31 17.35 -0.19
C CYS S 136 -26.98 15.89 -0.39
N LEU S 137 -27.01 15.42 -1.65
CA LEU S 137 -26.76 14.02 -1.99
C LEU S 137 -25.66 13.86 -3.02
N PHE S 138 -24.58 13.16 -2.62
CA PHE S 138 -23.45 12.85 -3.48
C PHE S 138 -23.62 11.39 -3.91
N THR S 139 -23.95 11.17 -5.21
CA THR S 139 -24.23 9.84 -5.75
C THR S 139 -23.51 9.55 -7.09
N ASP S 140 -23.61 8.28 -7.55
CA ASP S 140 -23.06 7.69 -8.78
C ASP S 140 -21.53 7.83 -8.88
N PHE S 141 -20.84 7.80 -7.72
CA PHE S 141 -19.38 7.88 -7.63
C PHE S 141 -18.75 6.50 -7.50
N ASP S 142 -17.51 6.38 -8.01
CA ASP S 142 -16.71 5.15 -8.03
C ASP S 142 -16.23 4.73 -6.64
N SER S 143 -15.86 3.43 -6.50
CA SER S 143 -15.35 2.82 -5.27
C SER S 143 -14.02 3.39 -4.78
N GLN S 144 -13.20 3.93 -5.71
CA GLN S 144 -11.89 4.53 -5.40
C GLN S 144 -11.99 5.80 -4.55
N THR S 145 -13.13 6.53 -4.67
CA THR S 145 -13.44 7.74 -3.91
C THR S 145 -13.81 7.33 -2.48
N ASN S 146 -13.38 8.11 -1.48
CA ASN S 146 -13.67 7.85 -0.06
C ASN S 146 -14.32 9.04 0.63
N VAL S 147 -15.51 8.83 1.22
CA VAL S 147 -16.25 9.87 1.93
C VAL S 147 -15.68 10.06 3.35
N SER S 148 -15.46 11.33 3.75
CA SER S 148 -14.91 11.68 5.06
C SER S 148 -15.92 12.41 5.94
N GLN S 149 -15.73 12.32 7.26
CA GLN S 149 -16.58 12.94 8.30
C GLN S 149 -16.48 14.47 8.23
N SER S 150 -17.60 15.15 8.56
CA SER S 150 -17.71 16.61 8.55
C SER S 150 -16.84 17.28 9.61
N LYS S 151 -16.20 18.41 9.24
CA LYS S 151 -15.35 19.21 10.12
C LYS S 151 -16.22 20.08 11.03
N ASP S 152 -17.33 20.62 10.48
CA ASP S 152 -18.29 21.47 11.18
C ASP S 152 -19.18 20.61 12.10
N SER S 153 -19.49 21.14 13.30
CA SER S 153 -20.33 20.46 14.29
C SER S 153 -21.81 20.41 13.90
N ASP S 154 -22.32 21.51 13.29
CA ASP S 154 -23.72 21.64 12.87
C ASP S 154 -24.05 20.77 11.63
N VAL S 155 -23.03 20.48 10.78
CA VAL S 155 -23.18 19.69 9.56
C VAL S 155 -23.10 18.19 9.86
N TYR S 156 -24.11 17.42 9.40
CA TYR S 156 -24.19 15.97 9.58
C TYR S 156 -23.97 15.26 8.24
N ILE S 157 -22.98 14.35 8.17
CA ILE S 157 -22.64 13.59 6.97
C ILE S 157 -22.66 12.08 7.26
N THR S 158 -23.45 11.32 6.48
CA THR S 158 -23.56 9.87 6.60
C THR S 158 -22.47 9.17 5.79
N ASP S 159 -22.06 7.97 6.24
CA ASP S 159 -21.03 7.18 5.58
C ASP S 159 -21.56 6.55 4.27
N LYS S 160 -20.64 6.06 3.42
CA LYS S 160 -20.89 5.43 2.13
C LYS S 160 -21.85 4.24 2.24
N CYS S 161 -22.88 4.20 1.37
CA CYS S 161 -23.83 3.07 1.39
C CYS S 161 -24.25 2.64 -0.01
N VAL S 162 -24.18 1.35 -0.32
CA VAL S 162 -24.48 0.85 -1.66
C VAL S 162 -25.98 0.65 -1.94
N LEU S 163 -26.45 1.09 -3.13
CA LEU S 163 -27.82 0.94 -3.62
C LEU S 163 -27.79 0.04 -4.85
N ASP S 164 -28.60 -1.03 -4.86
CA ASP S 164 -28.69 -1.96 -5.99
C ASP S 164 -30.15 -2.09 -6.40
N MET S 165 -30.42 -2.02 -7.71
CA MET S 165 -31.79 -2.12 -8.26
C MET S 165 -31.87 -3.19 -9.37
N ARG S 166 -32.83 -4.13 -9.22
CA ARG S 166 -33.01 -5.23 -10.18
C ARG S 166 -33.75 -4.78 -11.45
N SER S 167 -33.01 -4.07 -12.30
CA SER S 167 -33.43 -3.54 -13.60
C SER S 167 -32.20 -3.55 -14.51
N MET S 168 -31.02 -3.34 -13.90
CA MET S 168 -29.69 -3.35 -14.51
C MET S 168 -28.64 -3.65 -13.43
N ASP S 169 -27.52 -4.26 -13.82
CA ASP S 169 -26.43 -4.61 -12.89
C ASP S 169 -25.57 -3.38 -12.49
N PHE S 170 -26.25 -2.27 -12.12
CA PHE S 170 -25.64 -1.01 -11.70
C PHE S 170 -25.77 -0.80 -10.20
N LYS S 171 -24.62 -0.77 -9.49
CA LYS S 171 -24.55 -0.57 -8.04
C LYS S 171 -24.13 0.88 -7.75
N SER S 172 -25.10 1.74 -7.43
CA SER S 172 -24.89 3.16 -7.16
C SER S 172 -24.55 3.44 -5.69
N ASN S 173 -23.41 4.11 -5.45
CA ASN S 173 -22.94 4.51 -4.12
C ASN S 173 -23.54 5.87 -3.78
N SER S 174 -23.92 6.09 -2.50
CA SER S 174 -24.51 7.36 -2.07
C SER S 174 -24.11 7.81 -0.67
N ALA S 175 -24.10 9.14 -0.45
CA ALA S 175 -23.79 9.81 0.82
C ALA S 175 -24.73 11.01 1.01
N VAL S 176 -25.33 11.14 2.21
CA VAL S 176 -26.28 12.21 2.55
C VAL S 176 -25.65 13.23 3.50
N ALA S 177 -25.84 14.53 3.20
CA ALA S 177 -25.34 15.66 3.99
C ALA S 177 -26.48 16.64 4.30
N TRP S 178 -26.61 17.04 5.58
CA TRP S 178 -27.64 18.00 6.01
C TRP S 178 -27.22 18.84 7.22
N SER S 179 -27.71 20.08 7.29
CA SER S 179 -27.42 21.03 8.37
C SER S 179 -28.68 21.79 8.78
N ASN S 180 -28.75 22.18 10.06
CA ASN S 180 -29.88 22.92 10.65
C ASN S 180 -29.96 24.37 10.16
N LYS S 181 -28.79 25.02 9.98
CA LYS S 181 -28.66 26.40 9.51
C LYS S 181 -29.04 26.60 8.03
N SER S 182 -29.51 27.81 7.69
CA SER S 182 -29.90 28.19 6.33
C SER S 182 -28.69 28.36 5.42
N ASP S 183 -27.61 28.98 5.92
CA ASP S 183 -26.36 29.20 5.20
C ASP S 183 -25.58 27.88 5.08
N PHE S 184 -25.97 27.05 4.09
CA PHE S 184 -25.38 25.73 3.82
C PHE S 184 -25.51 25.41 2.33
N ALA S 185 -24.40 25.52 1.58
CA ALA S 185 -24.33 25.28 0.14
C ALA S 185 -23.80 23.90 -0.23
N CYS S 186 -24.17 23.40 -1.42
CA CYS S 186 -23.79 22.11 -1.96
C CYS S 186 -22.30 22.02 -2.31
N ALA S 187 -21.71 23.14 -2.78
CA ALA S 187 -20.31 23.25 -3.18
C ALA S 187 -19.32 23.07 -2.02
N ASN S 188 -19.69 23.52 -0.81
CA ASN S 188 -18.85 23.42 0.39
C ASN S 188 -19.30 22.32 1.36
N ALA S 189 -20.31 21.50 0.96
CA ALA S 189 -20.86 20.40 1.75
C ALA S 189 -19.83 19.28 2.00
N PHE S 190 -19.17 18.81 0.92
CA PHE S 190 -18.15 17.76 0.99
C PHE S 190 -16.74 18.32 0.73
N ASN S 191 -16.39 19.41 1.45
CA ASN S 191 -15.09 20.08 1.33
C ASN S 191 -13.96 19.24 1.95
N ASN S 192 -14.21 18.66 3.14
CA ASN S 192 -13.25 17.82 3.88
C ASN S 192 -12.95 16.49 3.17
N SER S 193 -13.97 15.92 2.49
CA SER S 193 -13.86 14.66 1.75
C SER S 193 -13.07 14.87 0.45
N ILE S 194 -12.44 13.79 -0.07
CA ILE S 194 -11.66 13.84 -1.31
C ILE S 194 -12.59 14.10 -2.51
N ILE S 195 -12.47 15.30 -3.10
CA ILE S 195 -13.28 15.75 -4.24
C ILE S 195 -12.90 15.00 -5.54
N PRO S 196 -13.89 14.56 -6.35
CA PRO S 196 -13.55 13.84 -7.59
C PRO S 196 -12.92 14.72 -8.67
N GLU S 197 -12.35 14.08 -9.71
CA GLU S 197 -11.68 14.71 -10.86
C GLU S 197 -12.52 15.80 -11.54
N ASP S 198 -13.80 15.50 -11.86
CA ASP S 198 -14.74 16.43 -12.50
C ASP S 198 -16.17 16.09 -12.10
N THR S 199 -16.66 16.73 -11.03
CA THR S 199 -18.01 16.53 -10.50
C THR S 199 -18.92 17.70 -10.92
N PHE S 200 -20.07 17.37 -11.54
CA PHE S 200 -21.03 18.36 -12.03
C PHE S 200 -21.84 19.01 -10.90
N PHE S 201 -21.95 20.35 -10.95
CA PHE S 201 -22.69 21.14 -9.96
C PHE S 201 -23.84 21.92 -10.59
N PRO S 202 -25.05 21.93 -9.97
CA PRO S 202 -26.15 22.73 -10.53
C PRO S 202 -26.14 24.15 -9.95
N SER S 203 -27.30 24.84 -9.91
CA SER S 203 -27.39 26.20 -9.36
C SER S 203 -28.68 26.45 -8.51
N THR T 3 -35.79 -23.27 11.62
CA THR T 3 -35.27 -21.96 11.99
C THR T 3 -35.48 -21.69 13.48
N VAL T 4 -34.55 -20.95 14.10
CA VAL T 4 -34.59 -20.55 15.51
C VAL T 4 -35.10 -19.11 15.63
N LYS T 5 -36.22 -18.93 16.37
CA LYS T 5 -36.93 -17.67 16.55
C LYS T 5 -36.54 -16.93 17.83
N GLN T 6 -36.52 -15.58 17.76
CA GLN T 6 -36.22 -14.66 18.87
C GLN T 6 -37.05 -13.37 18.71
N ASN T 7 -37.88 -13.06 19.70
CA ASN T 7 -38.74 -11.87 19.72
C ASN T 7 -38.77 -11.21 21.11
N PRO T 8 -38.67 -9.87 21.22
CA PRO T 8 -38.53 -8.87 20.14
C PRO T 8 -37.08 -8.66 19.67
N ARG T 9 -36.87 -7.94 18.55
CA ARG T 9 -35.53 -7.65 18.01
C ARG T 9 -34.83 -6.58 18.85
N TYR T 10 -35.62 -5.71 19.49
CA TYR T 10 -35.18 -4.59 20.32
C TYR T 10 -35.94 -4.60 21.62
N LYS T 11 -35.24 -4.35 22.74
CA LYS T 11 -35.86 -4.30 24.06
C LYS T 11 -35.22 -3.23 24.95
N LEU T 12 -36.05 -2.50 25.69
CA LEU T 12 -35.63 -1.45 26.62
C LEU T 12 -36.26 -1.65 27.97
N ALA T 13 -35.47 -1.44 29.04
CA ALA T 13 -35.94 -1.60 30.41
C ALA T 13 -35.25 -0.64 31.39
N ARG T 14 -35.96 -0.27 32.47
CA ARG T 14 -35.46 0.60 33.52
C ARG T 14 -34.55 -0.19 34.48
N VAL T 15 -33.67 0.52 35.20
CA VAL T 15 -32.76 -0.08 36.18
C VAL T 15 -33.55 -0.59 37.39
N GLY T 16 -33.39 -1.87 37.69
CA GLY T 16 -34.07 -2.53 38.80
C GLY T 16 -35.31 -3.32 38.42
N LYS T 17 -35.68 -3.30 37.13
CA LYS T 17 -36.85 -3.99 36.60
C LYS T 17 -36.52 -5.36 36.00
N PRO T 18 -37.40 -6.39 36.14
CA PRO T 18 -37.08 -7.71 35.57
C PRO T 18 -37.21 -7.78 34.05
N VAL T 19 -36.26 -8.48 33.39
CA VAL T 19 -36.21 -8.66 31.93
C VAL T 19 -36.27 -10.16 31.61
N ASN T 20 -37.15 -10.56 30.67
CA ASN T 20 -37.31 -11.95 30.25
C ASN T 20 -37.26 -12.06 28.72
N LEU T 21 -36.28 -12.80 28.19
CA LEU T 21 -36.10 -13.02 26.74
C LEU T 21 -36.45 -14.46 26.38
N ILE T 22 -37.29 -14.63 25.36
CA ILE T 22 -37.77 -15.94 24.89
C ILE T 22 -37.05 -16.39 23.61
N CYS T 23 -36.83 -17.71 23.48
CA CYS T 23 -36.17 -18.36 22.35
C CYS T 23 -36.96 -19.60 21.93
N SER T 24 -37.20 -19.76 20.61
CA SER T 24 -37.96 -20.89 20.07
C SER T 24 -37.17 -21.71 19.06
N GLN T 25 -37.34 -23.05 19.11
CA GLN T 25 -36.70 -24.03 18.23
C GLN T 25 -37.68 -25.18 17.92
N THR T 26 -37.93 -25.46 16.63
CA THR T 26 -38.86 -26.50 16.18
C THR T 26 -38.13 -27.68 15.54
N MET T 27 -36.80 -27.71 15.65
CA MET T 27 -35.90 -28.74 15.10
C MET T 27 -35.71 -29.96 16.02
N ASN T 28 -36.34 -29.94 17.22
CA ASN T 28 -36.29 -30.98 18.27
C ASN T 28 -34.84 -31.22 18.77
N HIS T 29 -34.06 -30.13 18.87
CA HIS T 29 -32.66 -30.16 19.31
C HIS T 29 -32.52 -30.33 20.82
N ASP T 30 -31.49 -31.08 21.25
CA ASP T 30 -31.20 -31.35 22.66
C ASP T 30 -30.55 -30.18 23.38
N THR T 31 -29.69 -29.41 22.69
CA THR T 31 -28.95 -28.30 23.29
C THR T 31 -29.42 -26.92 22.80
N MET T 32 -29.64 -25.99 23.75
CA MET T 32 -30.03 -24.61 23.50
C MET T 32 -29.12 -23.68 24.30
N TYR T 33 -28.34 -22.85 23.59
CA TYR T 33 -27.35 -21.93 24.15
C TYR T 33 -27.85 -20.48 24.24
N TRP T 34 -27.27 -19.70 25.17
CA TRP T 34 -27.54 -18.28 25.36
C TRP T 34 -26.20 -17.54 25.41
N TYR T 35 -26.03 -16.55 24.52
CA TYR T 35 -24.83 -15.74 24.38
C TYR T 35 -25.09 -14.26 24.62
N GLN T 36 -24.03 -13.51 25.00
CA GLN T 36 -24.04 -12.07 25.18
C GLN T 36 -23.06 -11.49 24.16
N LYS T 37 -23.54 -10.56 23.34
CA LYS T 37 -22.75 -9.91 22.30
C LYS T 37 -22.70 -8.40 22.50
N LYS T 38 -21.48 -7.89 22.78
CA LYS T 38 -21.19 -6.47 22.98
C LYS T 38 -20.47 -5.94 21.72
N PRO T 39 -20.64 -4.65 21.32
CA PRO T 39 -19.97 -4.16 20.10
C PRO T 39 -18.45 -4.34 20.09
N ASN T 40 -17.92 -4.79 18.93
CA ASN T 40 -16.50 -5.07 18.63
C ASN T 40 -15.91 -6.16 19.55
N GLN T 41 -16.79 -7.04 20.09
CA GLN T 41 -16.43 -8.14 20.98
C GLN T 41 -17.06 -9.45 20.50
N ALA T 42 -16.41 -10.58 20.80
CA ALA T 42 -16.86 -11.93 20.45
C ALA T 42 -18.09 -12.33 21.29
N PRO T 43 -19.02 -13.18 20.77
CA PRO T 43 -20.16 -13.60 21.60
C PRO T 43 -19.69 -14.45 22.77
N LYS T 44 -20.02 -14.01 23.99
CA LYS T 44 -19.64 -14.67 25.24
C LYS T 44 -20.74 -15.63 25.67
N LEU T 45 -20.38 -16.90 25.92
CA LEU T 45 -21.33 -17.91 26.36
C LEU T 45 -21.74 -17.64 27.80
N LEU T 46 -23.04 -17.47 28.01
CA LEU T 46 -23.64 -17.19 29.31
C LEU T 46 -24.03 -18.50 29.99
N LEU T 47 -24.91 -19.27 29.33
CA LEU T 47 -25.44 -20.54 29.82
C LEU T 47 -26.03 -21.37 28.68
N PHE T 48 -26.23 -22.67 28.94
CA PHE T 48 -26.86 -23.58 27.99
C PHE T 48 -27.74 -24.61 28.69
N TYR T 49 -28.66 -25.23 27.93
CA TYR T 49 -29.56 -26.24 28.44
C TYR T 49 -29.46 -27.51 27.60
N TYR T 50 -28.98 -28.61 28.20
CA TYR T 50 -28.97 -29.90 27.51
C TYR T 50 -30.16 -30.65 28.09
N ASP T 51 -31.21 -30.85 27.27
CA ASP T 51 -32.47 -31.52 27.65
C ASP T 51 -33.10 -30.75 28.84
N LYS T 52 -32.96 -31.28 30.07
CA LYS T 52 -33.48 -30.66 31.29
C LYS T 52 -32.35 -30.11 32.18
N ILE T 53 -31.08 -30.46 31.84
CA ILE T 53 -29.87 -30.06 32.57
C ILE T 53 -29.44 -28.64 32.21
N LEU T 54 -29.29 -27.77 33.22
CA LEU T 54 -28.85 -26.39 33.08
C LEU T 54 -27.37 -26.25 33.47
N ASN T 55 -26.60 -25.51 32.67
CA ASN T 55 -25.20 -25.21 32.96
C ASN T 55 -24.98 -23.72 32.79
N ARG T 56 -24.56 -23.05 33.86
CA ARG T 56 -24.25 -21.62 33.89
C ARG T 56 -22.76 -21.42 34.11
N GLU T 57 -22.15 -20.53 33.33
CA GLU T 57 -20.72 -20.23 33.42
C GLU T 57 -20.37 -19.51 34.72
N ALA T 58 -19.26 -19.94 35.36
CA ALA T 58 -18.74 -19.46 36.64
C ALA T 58 -18.58 -17.94 36.75
N ASP T 59 -18.12 -17.28 35.67
CA ASP T 59 -17.93 -15.83 35.62
C ASP T 59 -19.24 -15.04 35.61
N THR T 60 -20.35 -15.68 35.21
CA THR T 60 -21.66 -15.05 35.22
C THR T 60 -22.49 -15.67 36.38
N PHE T 61 -23.52 -16.50 36.08
CA PHE T 61 -24.47 -17.21 36.96
C PHE T 61 -25.24 -16.28 37.92
N GLU T 62 -24.54 -15.47 38.75
CA GLU T 62 -25.12 -14.50 39.68
C GLU T 62 -25.87 -13.40 38.94
N LYS T 63 -25.60 -13.23 37.62
CA LYS T 63 -26.20 -12.21 36.76
C LYS T 63 -27.35 -12.72 35.90
N PHE T 64 -27.34 -14.03 35.55
CA PHE T 64 -28.36 -14.59 34.66
C PHE T 64 -29.01 -15.87 35.18
N GLN T 65 -30.32 -15.99 34.95
CA GLN T 65 -31.15 -17.16 35.28
C GLN T 65 -31.78 -17.70 34.00
N SER T 66 -32.12 -19.00 33.97
CA SER T 66 -32.71 -19.61 32.79
C SER T 66 -33.76 -20.67 33.11
N SER T 67 -34.72 -20.85 32.18
CA SER T 67 -35.80 -21.83 32.30
C SER T 67 -36.09 -22.49 30.96
N ARG T 68 -36.36 -23.80 30.98
CA ARG T 68 -36.70 -24.60 29.81
C ARG T 68 -37.89 -25.52 30.16
N PRO T 69 -39.15 -25.05 29.93
CA PRO T 69 -40.32 -25.87 30.29
C PRO T 69 -40.50 -27.09 29.39
N ASN T 70 -40.12 -26.95 28.10
CA ASN T 70 -40.18 -27.99 27.07
C ASN T 70 -39.00 -27.84 26.11
N ASN T 71 -38.78 -28.86 25.25
CA ASN T 71 -37.71 -28.92 24.26
C ASN T 71 -37.68 -27.69 23.31
N SER T 72 -38.86 -27.17 22.93
CA SER T 72 -39.02 -26.06 22.00
C SER T 72 -38.65 -24.68 22.55
N PHE T 73 -39.12 -24.32 23.77
CA PHE T 73 -38.89 -23.00 24.34
C PHE T 73 -37.81 -22.95 25.40
N CYS T 74 -37.02 -21.85 25.41
CA CYS T 74 -35.95 -21.56 26.36
C CYS T 74 -35.93 -20.06 26.69
N SER T 75 -35.91 -19.72 27.98
CA SER T 75 -35.92 -18.33 28.42
C SER T 75 -34.67 -17.89 29.18
N LEU T 76 -34.33 -16.60 29.06
CA LEU T 76 -33.22 -15.95 29.75
C LEU T 76 -33.81 -14.85 30.64
N TYR T 77 -33.63 -14.99 31.97
CA TYR T 77 -34.17 -14.06 32.96
C TYR T 77 -33.10 -13.21 33.64
N ILE T 78 -33.35 -11.89 33.69
CA ILE T 78 -32.48 -10.88 34.31
C ILE T 78 -33.26 -10.21 35.45
N GLY T 79 -32.72 -10.34 36.66
CA GLY T 79 -33.30 -9.76 37.87
C GLY T 79 -32.25 -9.41 38.89
N SER T 80 -31.94 -8.11 39.10
CA SER T 80 -32.54 -6.96 38.43
C SER T 80 -31.62 -6.36 37.36
N ALA T 81 -32.20 -5.65 36.37
CA ALA T 81 -31.46 -5.02 35.27
C ALA T 81 -30.65 -3.80 35.71
N GLY T 82 -29.45 -3.68 35.12
CA GLY T 82 -28.50 -2.60 35.35
C GLY T 82 -27.71 -2.30 34.10
N LEU T 83 -27.15 -1.08 34.00
CA LEU T 83 -26.36 -0.52 32.89
C LEU T 83 -25.41 -1.51 32.17
N GLU T 84 -24.80 -2.45 32.92
CA GLU T 84 -23.87 -3.46 32.42
C GLU T 84 -24.52 -4.52 31.50
N TYR T 85 -25.84 -4.77 31.67
CA TYR T 85 -26.61 -5.74 30.87
C TYR T 85 -26.89 -5.27 29.43
N SER T 86 -26.69 -3.96 29.16
CA SER T 86 -26.93 -3.37 27.83
C SER T 86 -26.04 -3.98 26.74
N ALA T 87 -26.60 -4.96 26.01
CA ALA T 87 -25.95 -5.71 24.93
C ALA T 87 -26.97 -6.53 24.11
N MET T 88 -26.53 -7.11 22.98
CA MET T 88 -27.37 -7.98 22.14
C MET T 88 -27.27 -9.40 22.71
N TYR T 89 -28.41 -10.06 22.89
CA TYR T 89 -28.45 -11.42 23.41
C TYR T 89 -28.87 -12.41 22.33
N LEU T 90 -27.91 -13.25 21.92
CA LEU T 90 -28.10 -14.26 20.88
C LEU T 90 -28.42 -15.62 21.47
N CYS T 91 -29.38 -16.32 20.86
CA CYS T 91 -29.79 -17.66 21.26
C CYS T 91 -29.35 -18.64 20.18
N ALA T 92 -28.73 -19.77 20.58
CA ALA T 92 -28.25 -20.79 19.66
C ALA T 92 -28.88 -22.14 19.95
N SER T 93 -28.88 -23.04 18.95
CA SER T 93 -29.45 -24.39 19.06
C SER T 93 -28.54 -25.41 18.39
N SER T 94 -28.42 -26.61 18.99
CA SER T 94 -27.60 -27.70 18.48
C SER T 94 -28.24 -29.07 18.76
N ARG T 95 -28.10 -30.00 17.78
CA ARG T 95 -28.62 -31.38 17.83
C ARG T 95 -28.04 -32.17 18.99
N ASP T 96 -26.76 -31.94 19.28
CA ASP T 96 -25.99 -32.65 20.31
C ASP T 96 -25.25 -31.70 21.26
N LEU T 97 -24.45 -32.29 22.17
CA LEU T 97 -23.60 -31.57 23.10
C LEU T 97 -22.15 -31.87 22.65
N GLY T 98 -21.78 -31.30 21.51
CA GLY T 98 -20.46 -31.50 20.92
C GLY T 98 -20.13 -30.60 19.74
N ARG T 99 -19.30 -31.14 18.82
CA ARG T 99 -18.79 -30.48 17.61
C ARG T 99 -19.84 -30.05 16.58
N ASP T 100 -21.01 -30.72 16.54
CA ASP T 100 -22.07 -30.42 15.57
C ASP T 100 -22.55 -28.98 15.62
N THR T 101 -22.89 -28.44 14.44
CA THR T 101 -23.35 -27.09 14.10
C THR T 101 -24.27 -26.42 15.14
N GLN T 102 -24.05 -25.11 15.36
CA GLN T 102 -24.84 -24.26 16.24
C GLN T 102 -25.64 -23.29 15.37
N TYR T 103 -26.97 -23.37 15.43
CA TYR T 103 -27.89 -22.54 14.66
C TYR T 103 -28.32 -21.36 15.52
N PHE T 104 -27.98 -20.13 15.11
CA PHE T 104 -28.26 -18.90 15.85
C PHE T 104 -29.52 -18.18 15.41
N GLY T 105 -30.20 -17.57 16.38
CA GLY T 105 -31.39 -16.77 16.16
C GLY T 105 -31.03 -15.35 15.74
N PRO T 106 -32.02 -14.48 15.42
CA PRO T 106 -31.67 -13.11 15.00
C PRO T 106 -31.06 -12.23 16.09
N GLY T 107 -31.39 -12.52 17.35
CA GLY T 107 -30.89 -11.79 18.50
C GLY T 107 -31.81 -10.70 19.02
N THR T 108 -31.66 -10.37 20.31
CA THR T 108 -32.45 -9.34 20.99
C THR T 108 -31.50 -8.26 21.52
N ARG T 109 -31.53 -7.06 20.91
CA ARG T 109 -30.68 -5.95 21.36
C ARG T 109 -31.34 -5.26 22.55
N LEU T 110 -30.77 -5.45 23.74
CA LEU T 110 -31.29 -4.89 24.99
C LEU T 110 -30.48 -3.68 25.43
N THR T 111 -31.19 -2.59 25.80
CA THR T 111 -30.59 -1.37 26.34
C THR T 111 -31.27 -1.06 27.68
N VAL T 112 -30.44 -0.96 28.73
CA VAL T 112 -30.87 -0.66 30.10
C VAL T 112 -30.47 0.79 30.42
N LEU T 113 -31.45 1.60 30.85
CA LEU T 113 -31.24 3.02 31.17
C LEU T 113 -31.69 3.32 32.60
N GLU T 114 -31.01 4.27 33.28
CA GLU T 114 -31.32 4.68 34.66
C GLU T 114 -32.71 5.34 34.76
N ASP T 115 -33.16 6.00 33.67
CA ASP T 115 -34.45 6.66 33.54
C ASP T 115 -34.91 6.67 32.08
N LEU T 116 -36.23 6.60 31.87
CA LEU T 116 -36.84 6.59 30.54
C LEU T 116 -37.29 7.99 30.08
N LYS T 117 -36.81 9.03 30.79
CA LYS T 117 -37.11 10.45 30.52
C LYS T 117 -36.43 10.94 29.23
N ASN T 118 -35.29 10.33 28.85
CA ASN T 118 -34.54 10.68 27.64
C ASN T 118 -35.04 9.93 26.38
N VAL T 119 -36.03 9.03 26.55
CA VAL T 119 -36.61 8.25 25.45
C VAL T 119 -37.51 9.15 24.60
N PHE T 120 -37.25 9.22 23.28
CA PHE T 120 -37.99 10.06 22.34
C PHE T 120 -38.34 9.36 21.02
N PRO T 121 -39.57 9.54 20.48
CA PRO T 121 -39.90 8.91 19.18
C PRO T 121 -39.25 9.65 17.99
N PRO T 122 -39.08 9.02 16.81
CA PRO T 122 -38.44 9.75 15.69
C PRO T 122 -39.36 10.69 14.94
N GLU T 123 -38.75 11.67 14.25
CA GLU T 123 -39.43 12.63 13.39
C GLU T 123 -39.01 12.24 11.96
N VAL T 124 -39.96 11.70 11.19
CA VAL T 124 -39.72 11.21 9.84
C VAL T 124 -40.09 12.27 8.79
N ALA T 125 -39.16 12.55 7.85
CA ALA T 125 -39.34 13.51 6.77
C ALA T 125 -38.80 12.99 5.44
N VAL T 126 -39.58 13.16 4.36
CA VAL T 126 -39.20 12.76 3.01
C VAL T 126 -38.69 13.96 2.21
N PHE T 127 -37.66 13.74 1.40
CA PHE T 127 -37.04 14.77 0.57
C PHE T 127 -37.12 14.33 -0.89
N GLU T 128 -37.86 15.13 -1.69
CA GLU T 128 -38.13 14.90 -3.10
C GLU T 128 -36.86 15.00 -3.96
N PRO T 129 -36.67 14.11 -4.96
CA PRO T 129 -35.45 14.16 -5.78
C PRO T 129 -35.30 15.45 -6.57
N SER T 130 -34.03 15.84 -6.84
CA SER T 130 -33.67 17.05 -7.58
C SER T 130 -34.12 16.96 -9.03
N GLU T 131 -34.52 18.11 -9.61
CA GLU T 131 -34.93 18.21 -11.02
C GLU T 131 -33.72 17.99 -11.93
N ALA T 132 -32.52 18.39 -11.44
CA ALA T 132 -31.23 18.24 -12.12
C ALA T 132 -30.80 16.78 -12.16
N GLU T 133 -31.18 16.00 -11.13
CA GLU T 133 -30.86 14.57 -11.01
C GLU T 133 -31.55 13.75 -12.08
N ILE T 134 -32.82 14.09 -12.40
CA ILE T 134 -33.63 13.43 -13.42
C ILE T 134 -33.11 13.79 -14.82
N SER T 135 -32.70 15.07 -15.01
CA SER T 135 -32.17 15.57 -16.28
C SER T 135 -30.63 15.57 -16.33
N HIS T 136 -30.03 14.39 -16.07
CA HIS T 136 -28.59 14.10 -16.07
C HIS T 136 -28.43 12.58 -16.13
N THR T 137 -29.18 11.87 -15.29
CA THR T 137 -29.26 10.41 -15.18
C THR T 137 -30.75 10.05 -15.19
N GLN T 138 -31.15 9.00 -15.91
CA GLN T 138 -32.55 8.61 -16.00
C GLN T 138 -33.04 7.84 -14.76
N LYS T 139 -32.81 8.43 -13.58
CA LYS T 139 -33.17 7.92 -12.25
C LYS T 139 -33.49 9.07 -11.28
N ALA T 140 -34.35 8.80 -10.29
CA ALA T 140 -34.76 9.76 -9.27
C ALA T 140 -34.55 9.18 -7.86
N THR T 141 -33.68 9.81 -7.05
CA THR T 141 -33.35 9.36 -5.69
C THR T 141 -34.06 10.19 -4.62
N LEU T 142 -35.03 9.57 -3.92
CA LEU T 142 -35.75 10.21 -2.81
C LEU T 142 -35.14 9.80 -1.48
N VAL T 143 -34.84 10.80 -0.64
CA VAL T 143 -34.15 10.63 0.64
C VAL T 143 -35.09 10.76 1.84
N CYS T 144 -35.06 9.77 2.73
CA CYS T 144 -35.83 9.78 3.97
C CYS T 144 -34.94 10.18 5.13
N LEU T 145 -35.50 10.82 6.16
CA LEU T 145 -34.76 11.25 7.34
C LEU T 145 -35.51 11.07 8.65
N ALA T 146 -35.04 10.14 9.49
CA ALA T 146 -35.59 9.86 10.82
C ALA T 146 -34.65 10.53 11.81
N THR T 147 -35.13 11.59 12.50
CA THR T 147 -34.31 12.36 13.44
C THR T 147 -34.93 12.48 14.83
N GLY T 148 -34.06 12.72 15.83
CA GLY T 148 -34.43 12.91 17.22
C GLY T 148 -35.02 11.72 17.94
N PHE T 149 -34.45 10.52 17.71
CA PHE T 149 -34.93 9.31 18.38
C PHE T 149 -33.92 8.75 19.37
N TYR T 150 -34.43 8.23 20.49
CA TYR T 150 -33.63 7.61 21.55
C TYR T 150 -34.39 6.45 22.18
N PRO T 151 -33.82 5.23 22.24
CA PRO T 151 -32.48 4.84 21.76
C PRO T 151 -32.48 4.40 20.29
N ASP T 152 -31.35 3.84 19.81
CA ASP T 152 -31.21 3.34 18.44
C ASP T 152 -31.99 2.00 18.29
N HIS T 153 -33.33 2.10 18.34
CA HIS T 153 -34.26 0.97 18.24
C HIS T 153 -35.22 1.26 17.07
N VAL T 154 -34.67 1.39 15.85
CA VAL T 154 -35.45 1.73 14.66
C VAL T 154 -35.33 0.70 13.51
N GLU T 155 -36.42 0.55 12.75
CA GLU T 155 -36.50 -0.32 11.58
C GLU T 155 -37.11 0.48 10.43
N LEU T 156 -36.26 0.95 9.52
CA LEU T 156 -36.70 1.75 8.37
C LEU T 156 -37.16 0.87 7.22
N SER T 157 -38.28 1.26 6.60
CA SER T 157 -38.88 0.55 5.46
C SER T 157 -39.46 1.51 4.42
N TRP T 158 -39.39 1.11 3.14
CA TRP T 158 -39.92 1.86 2.01
C TRP T 158 -41.14 1.13 1.43
N TRP T 159 -42.26 1.86 1.29
CA TRP T 159 -43.53 1.35 0.78
C TRP T 159 -43.96 2.20 -0.42
N VAL T 160 -44.08 1.62 -1.62
CA VAL T 160 -44.46 2.48 -2.73
C VAL T 160 -46.02 2.61 -2.74
N ASN T 161 -46.72 1.91 -3.63
CA ASN T 161 -48.19 1.93 -3.70
C ASN T 161 -48.81 0.87 -2.77
N GLY T 162 -48.61 1.06 -1.47
CA GLY T 162 -49.11 0.21 -0.41
C GLY T 162 -48.44 -1.15 -0.27
N LYS T 163 -47.22 -1.29 -0.82
CA LYS T 163 -46.44 -2.54 -0.76
C LYS T 163 -44.98 -2.27 -0.46
N GLU T 164 -44.39 -3.09 0.44
CA GLU T 164 -43.00 -2.98 0.86
C GLU T 164 -42.04 -3.28 -0.30
N VAL T 165 -41.12 -2.35 -0.55
CA VAL T 165 -40.14 -2.42 -1.63
C VAL T 165 -38.71 -2.54 -1.05
N HIS T 166 -37.94 -3.50 -1.60
CA HIS T 166 -36.55 -3.77 -1.22
C HIS T 166 -35.66 -3.54 -2.45
N SER T 167 -36.31 -3.58 -3.63
CA SER T 167 -35.79 -3.45 -5.01
C SER T 167 -34.64 -2.48 -5.19
N GLY T 168 -34.79 -1.23 -4.75
CA GLY T 168 -33.78 -0.19 -4.89
C GLY T 168 -33.64 0.66 -3.66
N VAL T 169 -33.45 0.01 -2.49
CA VAL T 169 -33.34 0.64 -1.18
C VAL T 169 -31.90 0.61 -0.67
N CYS T 170 -31.52 1.65 0.10
CA CYS T 170 -30.19 1.83 0.66
C CYS T 170 -30.30 2.62 1.98
N THR T 171 -30.20 1.91 3.11
CA THR T 171 -30.29 2.49 4.46
C THR T 171 -28.95 2.35 5.18
N ASP T 172 -28.58 3.37 5.98
CA ASP T 172 -27.33 3.40 6.76
C ASP T 172 -27.25 2.22 7.75
N PRO T 173 -26.09 1.54 7.84
CA PRO T 173 -25.99 0.41 8.79
C PRO T 173 -25.99 0.86 10.26
N GLN T 174 -25.40 2.04 10.54
CA GLN T 174 -25.33 2.66 11.86
C GLN T 174 -25.79 4.12 11.81
N PRO T 175 -26.58 4.61 12.81
CA PRO T 175 -27.03 6.00 12.77
C PRO T 175 -25.98 7.02 13.24
N LEU T 176 -26.29 8.31 13.08
CA LEU T 176 -25.43 9.42 13.48
C LEU T 176 -25.96 10.08 14.76
N LYS T 177 -25.05 10.56 15.61
CA LYS T 177 -25.40 11.24 16.86
C LYS T 177 -25.60 12.74 16.61
N GLU T 178 -26.74 13.28 17.08
CA GLU T 178 -27.07 14.70 16.99
C GLU T 178 -26.40 15.35 18.20
N GLN T 179 -25.18 15.87 17.98
CA GLN T 179 -24.26 16.46 18.96
C GLN T 179 -23.57 15.35 19.79
N PRO T 180 -22.46 14.78 19.28
CA PRO T 180 -21.75 13.70 20.00
C PRO T 180 -20.83 14.17 21.14
N ALA T 181 -20.94 15.44 21.53
CA ALA T 181 -20.16 16.04 22.61
C ALA T 181 -20.68 15.64 23.99
N LEU T 182 -22.01 15.47 24.13
CA LEU T 182 -22.69 15.13 25.38
C LEU T 182 -23.31 13.73 25.36
N ASN T 183 -23.36 13.06 26.53
CA ASN T 183 -23.96 11.73 26.67
C ASN T 183 -25.49 11.82 26.58
N ASP T 184 -26.16 10.67 26.28
CA ASP T 184 -27.61 10.54 26.08
C ASP T 184 -28.09 11.38 24.88
N SER T 185 -27.23 11.42 23.83
CA SER T 185 -27.46 12.14 22.58
C SER T 185 -28.48 11.39 21.72
N ARG T 186 -29.43 12.14 21.13
CA ARG T 186 -30.47 11.60 20.25
C ARG T 186 -29.87 11.21 18.89
N TYR T 187 -30.41 10.17 18.26
CA TYR T 187 -29.88 9.64 16.99
C TYR T 187 -30.61 10.14 15.75
N ALA T 188 -29.94 10.05 14.59
CA ALA T 188 -30.44 10.44 13.27
C ALA T 188 -30.04 9.37 12.23
N LEU T 189 -31.01 8.96 11.40
CA LEU T 189 -30.80 7.94 10.36
C LEU T 189 -31.39 8.39 9.03
N SER T 190 -30.70 8.07 7.93
CA SER T 190 -31.14 8.40 6.57
C SER T 190 -31.22 7.16 5.67
N SER T 191 -32.09 7.22 4.64
CA SER T 191 -32.30 6.14 3.68
C SER T 191 -32.59 6.71 2.29
N ARG T 192 -32.20 5.96 1.25
CA ARG T 192 -32.36 6.36 -0.14
C ARG T 192 -33.12 5.32 -0.97
N LEU T 193 -33.99 5.79 -1.87
CA LEU T 193 -34.77 4.96 -2.79
C LEU T 193 -34.64 5.54 -4.20
N ARG T 194 -34.08 4.75 -5.13
CA ARG T 194 -33.88 5.16 -6.51
C ARG T 194 -34.85 4.46 -7.47
N VAL T 195 -35.71 5.26 -8.11
CA VAL T 195 -36.70 4.81 -9.10
C VAL T 195 -36.36 5.37 -10.48
N SER T 196 -36.95 4.84 -11.56
CA SER T 196 -36.71 5.29 -12.94
C SER T 196 -37.30 6.68 -13.22
N ALA T 197 -36.86 7.31 -14.34
CA ALA T 197 -37.34 8.62 -14.79
C ALA T 197 -38.60 8.51 -15.68
N THR T 198 -39.42 7.49 -15.41
CA THR T 198 -40.71 7.18 -16.04
C THR T 198 -41.68 7.10 -14.87
N PHE T 199 -41.20 6.53 -13.75
CA PHE T 199 -41.87 6.39 -12.46
C PHE T 199 -41.63 7.72 -11.71
N TRP T 200 -42.32 7.95 -10.57
CA TRP T 200 -42.24 9.17 -9.75
C TRP T 200 -42.93 10.38 -10.41
N GLN T 201 -42.73 10.56 -11.74
CA GLN T 201 -43.32 11.63 -12.55
C GLN T 201 -44.73 11.27 -12.99
N ASN T 202 -45.60 12.31 -13.13
CA ASN T 202 -47.02 12.36 -13.55
C ASN T 202 -48.01 12.57 -12.35
N PRO T 203 -48.15 11.72 -11.29
CA PRO T 203 -47.42 10.50 -10.93
C PRO T 203 -48.05 9.19 -11.53
N ARG T 204 -49.09 8.50 -10.97
CA ARG T 204 -49.84 8.65 -9.73
C ARG T 204 -49.37 7.61 -8.69
N ASN T 205 -48.04 7.54 -8.51
CA ASN T 205 -47.34 6.64 -7.59
C ASN T 205 -47.10 7.34 -6.27
N HIS T 206 -47.56 6.70 -5.18
CA HIS T 206 -47.40 7.19 -3.81
C HIS T 206 -46.07 6.68 -3.25
N PHE T 207 -45.39 7.49 -2.43
CA PHE T 207 -44.11 7.11 -1.83
C PHE T 207 -44.16 7.29 -0.33
N ARG T 208 -43.88 6.21 0.41
CA ARG T 208 -43.95 6.24 1.87
C ARG T 208 -42.73 5.65 2.57
N CYS T 209 -42.14 6.41 3.51
CA CYS T 209 -41.00 5.97 4.31
C CYS T 209 -41.51 5.69 5.73
N GLN T 210 -41.68 4.41 6.07
CA GLN T 210 -42.16 4.00 7.39
C GLN T 210 -41.00 3.68 8.31
N VAL T 211 -41.04 4.20 9.54
CA VAL T 211 -40.03 3.91 10.55
C VAL T 211 -40.70 3.27 11.76
N GLN T 212 -40.34 2.00 12.04
CA GLN T 212 -40.85 1.25 13.18
C GLN T 212 -39.95 1.57 14.37
N PHE T 213 -40.51 2.24 15.38
CA PHE T 213 -39.80 2.61 16.60
C PHE T 213 -40.16 1.68 17.73
N TYR T 214 -39.17 1.33 18.56
CA TYR T 214 -39.34 0.47 19.72
C TYR T 214 -39.07 1.29 20.98
N GLY T 215 -40.12 1.49 21.77
CA GLY T 215 -40.07 2.27 23.00
C GLY T 215 -40.76 1.60 24.17
N LEU T 216 -41.53 2.40 24.92
CA LEU T 216 -42.27 1.97 26.11
C LEU T 216 -43.45 1.05 25.78
N SER T 217 -43.81 0.19 26.75
CA SER T 217 -44.93 -0.75 26.65
C SER T 217 -46.09 -0.26 27.54
N GLU T 218 -47.24 -0.96 27.50
CA GLU T 218 -48.43 -0.61 28.29
C GLU T 218 -48.18 -0.75 29.79
N ASN T 219 -47.35 -1.77 30.18
CA ASN T 219 -46.97 -2.06 31.57
C ASN T 219 -46.06 -0.96 32.15
N ASP T 220 -45.27 -0.29 31.29
CA ASP T 220 -44.33 0.78 31.69
C ASP T 220 -45.09 2.05 32.12
N GLU T 221 -44.69 2.65 33.25
CA GLU T 221 -45.35 3.86 33.75
C GLU T 221 -44.82 5.13 33.07
N TRP T 222 -45.70 6.13 32.89
CA TRP T 222 -45.35 7.40 32.26
C TRP T 222 -46.10 8.59 32.87
N THR T 223 -45.37 9.43 33.62
CA THR T 223 -45.87 10.65 34.26
C THR T 223 -44.78 11.72 34.19
N GLN T 224 -45.02 12.77 33.39
CA GLN T 224 -44.06 13.87 33.19
C GLN T 224 -44.67 15.29 33.36
N ASP T 225 -45.86 15.65 32.80
CA ASP T 225 -46.80 14.83 32.01
C ASP T 225 -46.77 15.21 30.52
N ARG T 226 -46.01 14.44 29.73
CA ARG T 226 -45.84 14.63 28.28
C ARG T 226 -46.34 13.38 27.53
N ALA T 227 -46.28 13.39 26.18
CA ALA T 227 -46.71 12.26 25.35
C ALA T 227 -45.77 11.06 25.55
N LYS T 228 -46.37 9.88 25.83
CA LYS T 228 -45.66 8.62 26.06
C LYS T 228 -44.90 8.14 24.83
N PRO T 229 -43.57 7.89 24.92
CA PRO T 229 -42.84 7.43 23.73
C PRO T 229 -42.95 5.92 23.55
N VAL T 230 -44.16 5.45 23.26
CA VAL T 230 -44.50 4.04 23.06
C VAL T 230 -43.99 3.50 21.72
N THR T 231 -44.07 2.17 21.54
CA THR T 231 -43.70 1.46 20.31
C THR T 231 -44.69 1.90 19.23
N GLN T 232 -44.22 2.67 18.24
CA GLN T 232 -45.07 3.24 17.19
C GLN T 232 -44.41 3.28 15.81
N ILE T 233 -45.24 3.50 14.77
CA ILE T 233 -44.81 3.64 13.39
C ILE T 233 -45.00 5.11 12.99
N VAL T 234 -43.90 5.77 12.60
CA VAL T 234 -43.88 7.17 12.16
C VAL T 234 -43.51 7.16 10.68
N SER T 235 -44.33 7.83 9.83
CA SER T 235 -44.09 7.86 8.39
C SER T 235 -44.21 9.26 7.77
N ALA T 236 -43.63 9.41 6.57
CA ALA T 236 -43.64 10.63 5.75
C ALA T 236 -44.03 10.23 4.33
N GLU T 237 -44.94 10.98 3.69
CA GLU T 237 -45.46 10.67 2.36
C GLU T 237 -45.08 11.68 1.28
N ALA T 238 -44.97 11.20 0.01
CA ALA T 238 -44.63 11.99 -1.18
C ALA T 238 -45.37 11.45 -2.43
N TRP T 239 -45.43 12.25 -3.52
CA TRP T 239 -46.11 11.86 -4.75
C TRP T 239 -45.30 12.07 -6.04
N GLY T 240 -45.02 13.32 -6.39
CA GLY T 240 -44.28 13.67 -7.60
C GLY T 240 -45.05 14.42 -8.67
N ARG T 241 -44.32 15.00 -9.63
CA ARG T 241 -44.87 15.78 -10.74
C ARG T 241 -44.44 15.15 -12.07
#